data_9FEK
#
_entry.id   9FEK
#
_cell.length_a   98.965
_cell.length_b   164.791
_cell.length_c   143.965
_cell.angle_alpha   90.00
_cell.angle_beta   90.03
_cell.angle_gamma   90.00
#
_symmetry.space_group_name_H-M   'P 1 21 1'
#
loop_
_entity.id
_entity.type
_entity.pdbx_description
1 polymer 'Putative agmatinase 2'
2 non-polymer 'SULFATE ION'
3 non-polymer 'MANGANESE (II) ION'
4 non-polymer 'NICKEL (II) ION'
5 water water
#
_entity_poly.entity_id   1
_entity_poly.type   'polypeptide(L)'
_entity_poly.pdbx_seq_one_letter_code
;GPMAKKRTYQGKVPLHDNYGPEAKYAVEAEALLPTTKFEEEIARGLELGLPGADSIKDRRIPTFSRGELPHFAGINTFIK
APYVEDVRKCGQYDVAILGAPFDGGTTYRAGTRFGPQGIRKISALYGTYSFELGVDLRESVSICDVGDIFTIPGNIEKTF
DQVSKGVGHVFASGAFPVVLGGDHSLGFATVRGVAQHLNGKKLGILHFDRHVDTQDTDLDERMHTTPWFHATNIPNVPAK
NLVQIGIGGWQAPRPGVKAGRERQTTIMTVTDCVEMGIENAAKQALEVAFDGVDAVWLSFDVDCLDAAFVPGTGWPEPGG
FLPREVLKFLQIIADTKPLAGMEIVECAPPYDAAEITSLMATRVICDVLACQVRSGHLGNRKKR
;
_entity_poly.pdbx_strand_id   A,B,C,D,E,F,G,H,I,J,K,L
#
# COMPACT_ATOMS: atom_id res chain seq x y z
N LYS A 6 -57.85 26.96 -7.08
CA LYS A 6 -57.55 25.53 -7.23
C LYS A 6 -58.78 24.77 -7.69
N ARG A 7 -58.83 23.47 -7.39
CA ARG A 7 -59.90 22.60 -7.89
C ARG A 7 -61.02 22.53 -6.86
N THR A 8 -62.13 23.19 -7.14
CA THR A 8 -63.27 23.22 -6.25
C THR A 8 -64.54 22.92 -7.03
N TYR A 9 -65.60 22.61 -6.28
CA TYR A 9 -66.95 22.53 -6.83
C TYR A 9 -67.25 23.79 -7.64
N GLN A 10 -67.83 23.61 -8.83
CA GLN A 10 -68.11 24.72 -9.73
C GLN A 10 -69.57 25.10 -9.85
N GLY A 11 -70.48 24.35 -9.23
CA GLY A 11 -71.89 24.64 -9.35
C GLY A 11 -72.51 24.24 -10.67
N LYS A 12 -71.78 23.51 -11.51
CA LYS A 12 -72.34 23.07 -12.79
C LYS A 12 -73.28 21.88 -12.61
N VAL A 13 -72.98 21.01 -11.67
CA VAL A 13 -73.80 19.86 -11.33
C VAL A 13 -74.34 20.07 -9.92
N PRO A 14 -75.64 20.24 -9.73
CA PRO A 14 -76.16 20.48 -8.37
C PRO A 14 -75.85 19.32 -7.44
N LEU A 15 -75.33 19.65 -6.26
CA LEU A 15 -74.97 18.68 -5.23
C LEU A 15 -75.32 19.22 -3.86
N HIS A 16 -75.69 18.32 -2.96
CA HIS A 16 -75.97 18.69 -1.56
C HIS A 16 -74.70 19.20 -0.88
N ASP A 17 -74.85 19.80 0.30
CA ASP A 17 -73.72 20.49 0.97
C ASP A 17 -73.00 19.67 2.03
N ASN A 18 -73.33 18.40 2.19
CA ASN A 18 -72.70 17.54 3.23
C ASN A 18 -71.37 16.97 2.72
N TYR A 19 -71.06 17.13 1.44
CA TYR A 19 -69.78 16.66 0.88
C TYR A 19 -68.60 17.47 1.39
N GLY A 20 -67.47 16.82 1.62
CA GLY A 20 -66.24 17.53 1.84
C GLY A 20 -65.86 18.28 0.58
N PRO A 21 -64.97 19.28 0.69
CA PRO A 21 -64.68 20.12 -0.50
C PRO A 21 -64.05 19.36 -1.66
N GLU A 22 -63.05 18.52 -1.37
CA GLU A 22 -62.43 17.73 -2.43
C GLU A 22 -63.43 16.74 -3.01
N ALA A 23 -64.21 16.08 -2.14
CA ALA A 23 -65.22 15.14 -2.62
C ALA A 23 -66.23 15.83 -3.53
N LYS A 24 -66.62 17.06 -3.17
CA LYS A 24 -67.63 17.78 -3.94
C LYS A 24 -67.10 18.12 -5.33
N TYR A 25 -65.85 18.62 -5.39
CA TYR A 25 -65.19 18.76 -6.67
C TYR A 25 -65.21 17.45 -7.46
N ALA A 26 -64.86 16.36 -6.79
CA ALA A 26 -64.68 15.08 -7.47
C ALA A 26 -65.99 14.54 -8.02
N VAL A 27 -67.05 14.60 -7.22
CA VAL A 27 -68.33 14.02 -7.66
C VAL A 27 -68.88 14.79 -8.85
N GLU A 28 -68.78 16.12 -8.81
CA GLU A 28 -69.18 16.92 -9.96
C GLU A 28 -68.30 16.63 -11.17
N ALA A 29 -66.98 16.57 -10.97
CA ALA A 29 -66.07 16.38 -12.10
C ALA A 29 -66.38 15.09 -12.83
N GLU A 30 -66.67 14.02 -12.09
CA GLU A 30 -66.95 12.74 -12.72
C GLU A 30 -68.17 12.86 -13.63
N ALA A 31 -69.21 13.58 -13.17
CA ALA A 31 -70.45 13.70 -13.92
C ALA A 31 -70.24 14.38 -15.27
N LEU A 32 -69.15 15.13 -15.44
CA LEU A 32 -68.89 15.86 -16.66
C LEU A 32 -67.91 15.16 -17.59
N LEU A 33 -67.35 14.04 -17.16
CA LEU A 33 -66.37 13.30 -17.99
C LEU A 33 -67.10 12.55 -19.10
N PRO A 34 -66.50 12.41 -20.29
CA PRO A 34 -67.11 11.66 -21.36
C PRO A 34 -66.93 10.14 -21.19
N THR A 35 -67.56 9.33 -22.04
CA THR A 35 -67.50 7.86 -21.98
C THR A 35 -67.13 7.29 -23.35
N THR A 36 -66.67 8.11 -24.29
CA THR A 36 -66.43 7.65 -25.66
C THR A 36 -65.39 6.54 -25.71
N LYS A 37 -64.25 6.74 -25.05
CA LYS A 37 -63.17 5.77 -25.16
C LYS A 37 -63.49 4.50 -24.39
N PHE A 38 -64.24 4.61 -23.30
CA PHE A 38 -64.78 3.42 -22.65
C PHE A 38 -65.61 2.59 -23.64
N GLU A 39 -66.55 3.24 -24.33
CA GLU A 39 -67.40 2.52 -25.28
C GLU A 39 -66.58 1.88 -26.39
N GLU A 40 -65.54 2.56 -26.85
CA GLU A 40 -64.68 1.98 -27.88
C GLU A 40 -63.93 0.75 -27.37
N GLU A 41 -63.39 0.81 -26.15
CA GLU A 41 -62.70 -0.35 -25.60
C GLU A 41 -63.66 -1.53 -25.44
N ILE A 42 -64.88 -1.28 -25.00
CA ILE A 42 -65.85 -2.36 -24.88
C ILE A 42 -66.11 -3.02 -26.23
N ALA A 43 -66.36 -2.21 -27.26
CA ALA A 43 -66.65 -2.76 -28.58
C ALA A 43 -65.47 -3.54 -29.13
N ARG A 44 -64.25 -3.02 -28.95
CA ARG A 44 -63.04 -3.70 -29.40
C ARG A 44 -62.87 -5.04 -28.68
N GLY A 45 -63.15 -5.06 -27.38
CA GLY A 45 -62.98 -6.29 -26.62
C GLY A 45 -63.92 -7.39 -27.06
N LEU A 46 -65.16 -7.03 -27.37
CA LEU A 46 -66.10 -8.04 -27.84
C LEU A 46 -65.71 -8.59 -29.21
N GLU A 47 -65.12 -7.75 -30.05
CA GLU A 47 -64.66 -8.23 -31.35
C GLU A 47 -63.46 -9.14 -31.18
N LEU A 48 -62.43 -8.68 -30.45
CA LEU A 48 -61.17 -9.41 -30.38
C LEU A 48 -61.22 -10.58 -29.41
N GLY A 49 -62.09 -10.52 -28.41
CA GLY A 49 -62.15 -11.53 -27.38
C GLY A 49 -63.39 -12.38 -27.39
N LEU A 50 -64.24 -12.16 -28.40
CA LEU A 50 -65.50 -12.85 -28.62
C LEU A 50 -66.60 -12.36 -27.69
N PRO A 51 -67.86 -12.41 -28.10
CA PRO A 51 -68.93 -12.19 -27.12
C PRO A 51 -68.81 -13.19 -25.98
N GLY A 52 -69.18 -12.75 -24.79
CA GLY A 52 -69.21 -13.63 -23.64
C GLY A 52 -70.23 -14.73 -23.82
N ALA A 53 -70.14 -15.74 -22.94
CA ALA A 53 -71.06 -16.86 -22.98
C ALA A 53 -72.49 -16.39 -22.70
N ASP A 54 -73.45 -17.24 -23.09
CA ASP A 54 -74.86 -16.87 -23.03
C ASP A 54 -75.34 -16.58 -21.60
N SER A 55 -74.74 -17.21 -20.60
CA SER A 55 -75.17 -17.02 -19.21
C SER A 55 -74.69 -15.71 -18.62
N ILE A 56 -73.79 -14.99 -19.29
CA ILE A 56 -73.32 -13.69 -18.81
C ILE A 56 -74.40 -12.64 -19.11
N LYS A 57 -74.84 -11.93 -18.08
CA LYS A 57 -75.94 -11.00 -18.28
C LYS A 57 -75.44 -9.67 -18.84
N ASP A 58 -74.30 -9.20 -18.36
CA ASP A 58 -73.68 -7.97 -18.86
C ASP A 58 -73.07 -8.23 -20.23
N ARG A 59 -73.70 -7.70 -21.27
CA ARG A 59 -73.25 -8.02 -22.64
C ARG A 59 -72.02 -7.22 -23.07
N ARG A 60 -71.44 -6.43 -22.16
CA ARG A 60 -70.14 -5.81 -22.39
C ARG A 60 -68.99 -6.77 -22.13
N ILE A 61 -69.24 -7.96 -21.61
CA ILE A 61 -68.19 -8.86 -21.14
C ILE A 61 -67.86 -9.84 -22.26
N PRO A 62 -66.61 -9.90 -22.71
CA PRO A 62 -66.21 -10.87 -23.73
C PRO A 62 -65.88 -12.23 -23.10
N THR A 63 -65.58 -13.21 -23.96
CA THR A 63 -65.09 -14.49 -23.47
C THR A 63 -63.66 -14.36 -22.94
N PHE A 64 -62.78 -13.74 -23.73
CA PHE A 64 -61.41 -13.46 -23.34
C PHE A 64 -61.25 -12.02 -22.88
N SER A 65 -60.54 -11.84 -21.77
CA SER A 65 -60.28 -10.50 -21.23
C SER A 65 -59.46 -9.67 -22.22
N ARG A 66 -59.98 -8.47 -22.56
CA ARG A 66 -59.36 -7.65 -23.61
C ARG A 66 -59.46 -6.16 -23.35
N GLY A 67 -59.47 -5.75 -22.11
CA GLY A 67 -59.28 -4.35 -21.76
C GLY A 67 -58.93 -4.25 -20.29
N GLU A 68 -59.56 -3.29 -19.61
CA GLU A 68 -59.28 -3.08 -18.19
C GLU A 68 -59.60 -4.32 -17.38
N LEU A 69 -60.71 -5.02 -17.68
CA LEU A 69 -61.26 -6.01 -16.76
C LEU A 69 -61.08 -7.44 -17.24
N PRO A 70 -60.91 -8.40 -16.31
CA PRO A 70 -60.72 -8.19 -14.86
C PRO A 70 -59.35 -7.63 -14.53
N HIS A 71 -59.22 -6.97 -13.37
CA HIS A 71 -57.95 -6.38 -12.98
C HIS A 71 -56.88 -7.44 -12.74
N PHE A 72 -57.28 -8.62 -12.28
CA PHE A 72 -56.30 -9.67 -12.01
C PHE A 72 -55.92 -10.45 -13.25
N ALA A 73 -56.49 -10.13 -14.40
CA ALA A 73 -56.25 -10.87 -15.63
C ALA A 73 -55.46 -10.04 -16.62
N GLY A 74 -54.90 -10.75 -17.60
CA GLY A 74 -54.38 -10.11 -18.80
C GLY A 74 -52.87 -9.97 -18.77
N ILE A 75 -52.31 -9.75 -19.96
CA ILE A 75 -50.84 -9.56 -20.12
C ILE A 75 -50.51 -8.26 -19.41
N ASN A 76 -49.40 -8.22 -18.67
CA ASN A 76 -49.12 -7.05 -17.81
C ASN A 76 -48.29 -5.97 -18.48
N THR A 77 -48.94 -5.04 -19.17
CA THR A 77 -48.31 -3.79 -19.64
C THR A 77 -48.63 -2.78 -18.54
N PHE A 78 -47.96 -1.65 -18.49
CA PHE A 78 -48.31 -0.61 -17.51
C PHE A 78 -49.76 -0.15 -17.73
N ILE A 79 -50.55 -0.17 -16.64
CA ILE A 79 -51.98 0.09 -16.61
C ILE A 79 -52.68 -0.46 -17.85
N LYS A 80 -52.24 -1.64 -18.31
CA LYS A 80 -52.86 -2.36 -19.42
C LYS A 80 -52.90 -1.52 -20.70
N ALA A 81 -51.95 -0.61 -20.85
CA ALA A 81 -51.82 0.14 -22.08
C ALA A 81 -51.37 -0.79 -23.21
N PRO A 82 -51.65 -0.42 -24.46
CA PRO A 82 -51.22 -1.28 -25.57
C PRO A 82 -49.70 -1.37 -25.65
N TYR A 83 -49.23 -2.59 -25.91
CA TYR A 83 -47.82 -2.84 -26.20
C TYR A 83 -47.50 -2.42 -27.63
N VAL A 84 -46.55 -1.51 -27.81
CA VAL A 84 -46.15 -1.04 -29.13
C VAL A 84 -44.82 -1.72 -29.45
N GLU A 85 -44.90 -2.81 -30.20
CA GLU A 85 -43.73 -3.61 -30.51
C GLU A 85 -42.77 -2.85 -31.42
N ASP A 86 -43.30 -2.09 -32.36
CA ASP A 86 -42.50 -1.32 -33.32
C ASP A 86 -42.27 0.06 -32.70
N VAL A 87 -41.11 0.24 -32.08
CA VAL A 87 -40.92 1.42 -31.23
C VAL A 87 -40.91 2.70 -32.06
N ARG A 88 -40.74 2.60 -33.39
CA ARG A 88 -40.84 3.78 -34.23
C ARG A 88 -42.24 4.37 -34.28
N LYS A 89 -43.25 3.67 -33.76
CA LYS A 89 -44.62 4.18 -33.71
C LYS A 89 -44.95 4.90 -32.41
N CYS A 90 -44.01 4.99 -31.47
CA CYS A 90 -44.34 5.56 -30.16
C CYS A 90 -44.78 7.02 -30.23
N GLY A 91 -44.40 7.74 -31.28
CA GLY A 91 -44.84 9.11 -31.44
C GLY A 91 -46.31 9.26 -31.75
N GLN A 92 -47.00 8.17 -32.04
CA GLN A 92 -48.45 8.20 -32.24
C GLN A 92 -49.22 8.34 -30.93
N TYR A 93 -48.52 8.32 -29.79
CA TYR A 93 -49.15 8.33 -28.48
C TYR A 93 -48.71 9.55 -27.69
N ASP A 94 -49.63 10.05 -26.84
CA ASP A 94 -49.30 11.18 -25.99
C ASP A 94 -48.22 10.82 -24.98
N VAL A 95 -48.26 9.58 -24.48
CA VAL A 95 -47.39 9.11 -23.41
C VAL A 95 -46.82 7.76 -23.81
N ALA A 96 -45.52 7.56 -23.58
CA ALA A 96 -44.89 6.25 -23.80
C ALA A 96 -44.19 5.82 -22.51
N ILE A 97 -44.56 4.66 -22.00
CA ILE A 97 -43.90 4.03 -20.87
C ILE A 97 -42.77 3.18 -21.41
N LEU A 98 -41.58 3.29 -20.81
CA LEU A 98 -40.51 2.37 -21.14
C LEU A 98 -39.76 2.00 -19.87
N GLY A 99 -39.21 0.79 -19.84
CA GLY A 99 -38.47 0.31 -18.70
C GLY A 99 -36.96 0.32 -18.96
N ALA A 100 -36.21 0.48 -17.87
CA ALA A 100 -34.75 0.42 -17.90
C ALA A 100 -34.32 -0.57 -16.83
N PRO A 101 -34.42 -1.88 -17.10
CA PRO A 101 -34.15 -2.89 -16.07
C PRO A 101 -32.68 -3.10 -15.80
N PHE A 102 -32.14 -2.35 -14.83
CA PHE A 102 -30.71 -2.33 -14.57
C PHE A 102 -30.44 -2.03 -13.11
N ASP A 103 -29.54 -2.80 -12.49
CA ASP A 103 -29.12 -2.52 -11.14
C ASP A 103 -27.60 -2.59 -10.96
N GLY A 104 -26.84 -2.48 -12.05
CA GLY A 104 -25.39 -2.41 -11.91
C GLY A 104 -24.86 -1.12 -11.31
N GLY A 105 -25.71 -0.12 -11.14
CA GLY A 105 -25.35 1.10 -10.47
C GLY A 105 -25.61 1.12 -8.98
N THR A 106 -26.03 0.00 -8.39
CA THR A 106 -26.41 -0.02 -6.98
C THR A 106 -25.21 -0.27 -6.08
N THR A 107 -25.14 0.50 -4.99
CA THR A 107 -24.02 0.41 -4.05
C THR A 107 -24.36 -0.40 -2.80
N TYR A 108 -25.60 -0.84 -2.64
CA TYR A 108 -25.95 -1.75 -1.52
C TYR A 108 -26.72 -2.95 -2.09
N ARG A 109 -28.06 -2.93 -2.05
CA ARG A 109 -28.83 -4.02 -2.63
C ARG A 109 -29.02 -3.85 -4.14
N ALA A 110 -29.02 -4.97 -4.87
CA ALA A 110 -29.54 -5.00 -6.22
C ALA A 110 -31.03 -5.36 -6.14
N GLY A 111 -31.64 -5.68 -7.29
CA GLY A 111 -33.04 -6.05 -7.36
C GLY A 111 -33.90 -5.08 -8.16
N THR A 112 -33.48 -3.82 -8.30
CA THR A 112 -34.26 -2.87 -9.07
C THR A 112 -34.21 -3.14 -10.57
N ARG A 113 -33.47 -4.14 -11.04
CA ARG A 113 -33.64 -4.56 -12.42
C ARG A 113 -35.08 -5.02 -12.66
N PHE A 114 -35.75 -5.49 -11.61
CA PHE A 114 -37.14 -5.92 -11.74
C PHE A 114 -38.14 -4.82 -11.43
N GLY A 115 -37.69 -3.59 -11.19
CA GLY A 115 -38.56 -2.46 -10.97
C GLY A 115 -39.65 -2.33 -12.03
N PRO A 116 -39.26 -2.33 -13.30
CA PRO A 116 -40.26 -2.20 -14.37
C PRO A 116 -41.31 -3.29 -14.34
N GLN A 117 -40.91 -4.54 -14.13
CA GLN A 117 -41.85 -5.65 -14.09
C GLN A 117 -42.79 -5.52 -12.89
N GLY A 118 -42.25 -5.15 -11.73
CA GLY A 118 -43.08 -5.02 -10.55
C GLY A 118 -44.07 -3.88 -10.63
N ILE A 119 -43.64 -2.74 -11.17
CA ILE A 119 -44.56 -1.63 -11.37
C ILE A 119 -45.66 -2.01 -12.37
N ARG A 120 -45.27 -2.61 -13.50
CA ARG A 120 -46.29 -3.04 -14.46
C ARG A 120 -47.30 -3.98 -13.79
N LYS A 121 -46.80 -4.95 -13.03
CA LYS A 121 -47.66 -5.98 -12.46
C LYS A 121 -48.75 -5.37 -11.57
N ILE A 122 -48.33 -4.55 -10.59
CA ILE A 122 -49.30 -4.02 -9.62
C ILE A 122 -50.16 -2.92 -10.23
N SER A 123 -49.70 -2.30 -11.34
CA SER A 123 -50.49 -1.25 -11.97
C SER A 123 -51.81 -1.76 -12.51
N ALA A 124 -51.96 -3.08 -12.72
CA ALA A 124 -53.23 -3.64 -13.15
C ALA A 124 -54.35 -3.42 -12.12
N LEU A 125 -54.00 -3.22 -10.85
CA LEU A 125 -55.01 -3.02 -9.81
C LEU A 125 -55.82 -1.77 -10.08
N TYR A 126 -55.23 -0.78 -10.75
CA TYR A 126 -55.84 0.52 -10.93
C TYR A 126 -56.88 0.52 -12.03
N GLY A 127 -57.93 1.31 -11.83
CA GLY A 127 -58.78 1.76 -12.91
C GLY A 127 -58.12 2.87 -13.69
N THR A 128 -58.86 3.44 -14.64
CA THR A 128 -58.33 4.51 -15.48
C THR A 128 -58.64 5.91 -14.92
N TYR A 129 -59.30 5.99 -13.77
CA TYR A 129 -59.93 7.22 -13.30
C TYR A 129 -59.52 7.50 -11.86
N SER A 130 -59.14 8.76 -11.60
CA SER A 130 -58.80 9.24 -10.27
C SER A 130 -59.94 10.06 -9.69
N PHE A 131 -60.44 9.64 -8.53
CA PHE A 131 -61.57 10.33 -7.90
C PHE A 131 -61.23 11.77 -7.58
N GLU A 132 -60.23 12.00 -6.72
CA GLU A 132 -60.00 13.36 -6.25
C GLU A 132 -59.39 14.27 -7.30
N LEU A 133 -58.69 13.72 -8.30
CA LEU A 133 -58.15 14.55 -9.35
C LEU A 133 -59.13 14.81 -10.47
N GLY A 134 -60.23 14.05 -10.55
CA GLY A 134 -61.26 14.28 -11.54
C GLY A 134 -60.80 14.06 -12.96
N VAL A 135 -60.03 13.02 -13.21
CA VAL A 135 -59.43 12.74 -14.50
C VAL A 135 -59.64 11.27 -14.83
N ASP A 136 -60.01 11.01 -16.08
CA ASP A 136 -60.08 9.65 -16.62
C ASP A 136 -59.06 9.59 -17.75
N LEU A 137 -57.91 8.96 -17.47
CA LEU A 137 -56.83 8.91 -18.47
C LEU A 137 -57.29 8.23 -19.75
N ARG A 138 -58.17 7.23 -19.65
CA ARG A 138 -58.64 6.54 -20.84
C ARG A 138 -59.34 7.50 -21.80
N GLU A 139 -59.98 8.54 -21.27
CA GLU A 139 -60.72 9.47 -22.11
C GLU A 139 -59.87 10.63 -22.60
N SER A 140 -58.76 10.95 -21.93
CA SER A 140 -58.08 12.22 -22.15
C SER A 140 -56.66 12.12 -22.69
N VAL A 141 -56.04 10.94 -22.68
CA VAL A 141 -54.69 10.80 -23.21
C VAL A 141 -54.50 9.40 -23.77
N SER A 142 -53.63 9.28 -24.77
CA SER A 142 -53.26 7.99 -25.33
C SER A 142 -51.94 7.58 -24.71
N ILE A 143 -51.89 6.37 -24.16
CA ILE A 143 -50.72 5.84 -23.49
C ILE A 143 -50.33 4.52 -24.14
N CYS A 144 -49.05 4.33 -24.39
CA CYS A 144 -48.53 3.06 -24.87
C CYS A 144 -47.41 2.60 -23.97
N ASP A 145 -47.09 1.31 -24.08
CA ASP A 145 -45.95 0.71 -23.39
C ASP A 145 -45.05 0.13 -24.47
N VAL A 146 -43.82 0.64 -24.57
CA VAL A 146 -42.85 0.15 -25.56
C VAL A 146 -41.90 -0.89 -24.98
N GLY A 147 -42.16 -1.36 -23.77
CA GLY A 147 -41.33 -2.38 -23.19
C GLY A 147 -40.08 -1.83 -22.55
N ASP A 148 -38.99 -2.59 -22.65
CA ASP A 148 -37.78 -2.30 -21.92
C ASP A 148 -36.59 -2.04 -22.85
N ILE A 149 -35.72 -1.12 -22.41
CA ILE A 149 -34.38 -1.02 -22.96
C ILE A 149 -33.62 -2.34 -22.76
N PHE A 150 -32.88 -2.75 -23.77
CA PHE A 150 -31.96 -3.89 -23.67
C PHE A 150 -30.75 -3.40 -22.89
N THR A 151 -30.76 -3.62 -21.59
CA THR A 151 -29.69 -3.18 -20.71
C THR A 151 -28.57 -4.22 -20.71
N ILE A 152 -27.43 -3.80 -20.17
CA ILE A 152 -26.17 -4.54 -20.23
C ILE A 152 -25.66 -4.66 -18.79
N PRO A 153 -26.05 -5.72 -18.08
CA PRO A 153 -25.73 -5.80 -16.64
C PRO A 153 -24.25 -5.73 -16.32
N GLY A 154 -23.39 -6.24 -17.20
CA GLY A 154 -21.97 -6.25 -16.93
C GLY A 154 -21.24 -4.96 -17.16
N ASN A 155 -21.92 -3.92 -17.67
CA ASN A 155 -21.25 -2.71 -18.10
C ASN A 155 -22.21 -1.53 -18.01
N ILE A 156 -22.03 -0.71 -16.97
CA ILE A 156 -22.89 0.45 -16.76
C ILE A 156 -22.75 1.47 -17.89
N GLU A 157 -21.55 1.63 -18.47
CA GLU A 157 -21.40 2.61 -19.55
C GLU A 157 -22.16 2.19 -20.80
N LYS A 158 -22.07 0.91 -21.18
CA LYS A 158 -22.88 0.43 -22.30
C LYS A 158 -24.38 0.56 -22.00
N THR A 159 -24.77 0.31 -20.74
CA THR A 159 -26.16 0.49 -20.36
C THR A 159 -26.60 1.94 -20.52
N PHE A 160 -25.75 2.89 -20.10
CA PHE A 160 -26.06 4.30 -20.30
C PHE A 160 -26.31 4.59 -21.78
N ASP A 161 -25.46 4.06 -22.65
CA ASP A 161 -25.58 4.33 -24.08
C ASP A 161 -26.90 3.79 -24.61
N GLN A 162 -27.29 2.61 -24.17
CA GLN A 162 -28.57 2.06 -24.57
C GLN A 162 -29.73 2.90 -24.07
N VAL A 163 -29.66 3.37 -22.83
CA VAL A 163 -30.77 4.12 -22.26
C VAL A 163 -30.88 5.50 -22.88
N SER A 164 -29.75 6.19 -23.06
CA SER A 164 -29.76 7.49 -23.74
C SER A 164 -30.36 7.40 -25.13
N LYS A 165 -30.02 6.35 -25.87
CA LYS A 165 -30.53 6.20 -27.24
C LYS A 165 -32.03 5.93 -27.24
N GLY A 166 -32.49 5.02 -26.36
CA GLY A 166 -33.90 4.70 -26.33
C GLY A 166 -34.75 5.85 -25.81
N VAL A 167 -34.34 6.44 -24.70
CA VAL A 167 -35.10 7.57 -24.15
C VAL A 167 -35.06 8.75 -25.10
N GLY A 168 -33.89 9.03 -25.68
CA GLY A 168 -33.80 10.07 -26.71
C GLY A 168 -34.75 9.83 -27.87
N HIS A 169 -34.84 8.58 -28.31
CA HIS A 169 -35.78 8.23 -29.38
C HIS A 169 -37.21 8.57 -28.98
N VAL A 170 -37.62 8.13 -27.77
CA VAL A 170 -38.99 8.37 -27.34
C VAL A 170 -39.25 9.88 -27.16
N PHE A 171 -38.29 10.59 -26.56
CA PHE A 171 -38.50 12.01 -26.33
C PHE A 171 -38.57 12.78 -27.65
N ALA A 172 -37.72 12.43 -28.60
CA ALA A 172 -37.72 13.09 -29.90
C ALA A 172 -38.98 12.82 -30.68
N SER A 173 -39.69 11.72 -30.38
CA SER A 173 -40.90 11.38 -31.11
C SER A 173 -42.08 12.28 -30.75
N GLY A 174 -41.99 13.02 -29.65
CA GLY A 174 -43.08 13.84 -29.17
C GLY A 174 -43.88 13.25 -28.03
N ALA A 175 -43.75 11.93 -27.80
CA ALA A 175 -44.39 11.29 -26.67
C ALA A 175 -43.74 11.70 -25.35
N PHE A 176 -44.55 11.82 -24.32
CA PHE A 176 -44.07 12.10 -22.97
C PHE A 176 -43.45 10.82 -22.43
N PRO A 177 -42.16 10.78 -22.14
CA PRO A 177 -41.54 9.52 -21.68
C PRO A 177 -41.72 9.35 -20.17
N VAL A 178 -42.17 8.16 -19.78
CA VAL A 178 -42.17 7.71 -18.40
C VAL A 178 -41.22 6.53 -18.31
N VAL A 179 -40.09 6.72 -17.64
CA VAL A 179 -39.03 5.72 -17.54
C VAL A 179 -39.17 5.00 -16.21
N LEU A 180 -39.35 3.68 -16.25
CA LEU A 180 -39.40 2.85 -15.06
C LEU A 180 -38.01 2.29 -14.83
N GLY A 181 -37.37 2.70 -13.74
CA GLY A 181 -36.09 2.16 -13.36
C GLY A 181 -36.23 0.92 -12.48
N GLY A 182 -35.11 0.27 -12.18
CA GLY A 182 -33.77 0.68 -12.55
C GLY A 182 -33.19 1.65 -11.53
N ASP A 183 -31.88 1.61 -11.34
CA ASP A 183 -31.29 2.41 -10.27
C ASP A 183 -31.02 3.83 -10.75
N HIS A 184 -30.75 4.73 -9.80
CA HIS A 184 -30.67 6.18 -10.08
C HIS A 184 -29.49 6.55 -10.97
N SER A 185 -28.53 5.66 -11.18
CA SER A 185 -27.48 6.01 -12.14
C SER A 185 -28.08 6.34 -13.50
N LEU A 186 -29.23 5.73 -13.80
CA LEU A 186 -29.85 5.92 -15.11
C LEU A 186 -30.31 7.35 -15.32
N GLY A 187 -30.49 8.12 -14.24
CA GLY A 187 -30.87 9.53 -14.41
C GLY A 187 -29.89 10.31 -15.26
N PHE A 188 -28.60 9.96 -15.18
CA PHE A 188 -27.63 10.57 -16.09
C PHE A 188 -27.95 10.24 -17.55
N ALA A 189 -28.20 8.95 -17.84
CA ALA A 189 -28.40 8.53 -19.21
C ALA A 189 -29.71 9.07 -19.79
N THR A 190 -30.76 9.14 -18.97
CA THR A 190 -32.03 9.65 -19.47
C THR A 190 -31.91 11.14 -19.78
N VAL A 191 -31.36 11.91 -18.83
CA VAL A 191 -31.18 13.34 -19.03
C VAL A 191 -30.26 13.59 -20.22
N ARG A 192 -29.18 12.81 -20.34
CA ARG A 192 -28.28 12.97 -21.48
C ARG A 192 -29.00 12.78 -22.81
N GLY A 193 -29.85 11.75 -22.91
CA GLY A 193 -30.62 11.55 -24.12
C GLY A 193 -31.60 12.67 -24.39
N VAL A 194 -32.28 13.15 -23.35
CA VAL A 194 -33.26 14.22 -23.55
C VAL A 194 -32.56 15.51 -23.97
N ALA A 195 -31.44 15.83 -23.31
CA ALA A 195 -30.74 17.08 -23.58
C ALA A 195 -30.19 17.11 -25.01
N GLN A 196 -29.92 15.95 -25.61
CA GLN A 196 -29.47 15.87 -26.99
C GLN A 196 -30.53 16.30 -27.99
N HIS A 197 -31.79 16.43 -27.57
CA HIS A 197 -32.88 16.76 -28.49
C HIS A 197 -33.61 18.04 -28.09
N LEU A 198 -32.92 18.95 -27.42
CA LEU A 198 -33.50 20.23 -27.02
C LEU A 198 -33.01 21.37 -27.90
N ASN A 199 -32.23 21.09 -28.92
CA ASN A 199 -31.74 22.14 -29.84
C ASN A 199 -31.00 23.19 -29.01
N GLY A 200 -30.25 22.78 -27.99
CA GLY A 200 -29.39 23.68 -27.21
C GLY A 200 -30.10 24.40 -26.08
N LYS A 201 -31.41 24.27 -26.02
CA LYS A 201 -32.17 24.91 -24.92
C LYS A 201 -31.78 24.21 -23.61
N LYS A 202 -32.00 24.86 -22.49
CA LYS A 202 -31.54 24.32 -21.19
C LYS A 202 -32.58 23.38 -20.59
N LEU A 203 -32.13 22.49 -19.72
CA LEU A 203 -32.98 21.51 -19.03
C LEU A 203 -32.75 21.63 -17.54
N GLY A 204 -33.83 21.92 -16.79
CA GLY A 204 -33.80 21.82 -15.35
C GLY A 204 -34.23 20.45 -14.86
N ILE A 205 -34.02 20.20 -13.57
CA ILE A 205 -34.27 18.89 -12.98
C ILE A 205 -34.92 19.06 -11.62
N LEU A 206 -36.06 18.40 -11.43
CA LEU A 206 -36.70 18.30 -10.13
C LEU A 206 -36.38 16.89 -9.62
N HIS A 207 -35.54 16.82 -8.57
CA HIS A 207 -34.97 15.58 -8.06
C HIS A 207 -35.51 15.30 -6.67
N PHE A 208 -36.30 14.22 -6.54
CA PHE A 208 -36.81 13.76 -5.25
C PHE A 208 -35.97 12.58 -4.78
N ASP A 209 -35.38 12.74 -3.61
CA ASP A 209 -34.45 11.72 -3.13
C ASP A 209 -33.90 12.07 -1.76
N ARG A 210 -33.61 11.08 -0.95
CA ARG A 210 -32.82 11.37 0.24
C ARG A 210 -31.35 11.56 -0.14
N HIS A 211 -30.95 11.02 -1.27
CA HIS A 211 -29.53 11.01 -1.66
C HIS A 211 -29.23 12.12 -2.67
N VAL A 212 -28.08 12.73 -2.49
CA VAL A 212 -27.68 13.89 -3.30
C VAL A 212 -27.27 13.46 -4.72
N ASP A 213 -26.67 12.29 -4.87
CA ASP A 213 -26.38 11.69 -6.21
C ASP A 213 -25.55 12.65 -7.06
N THR A 214 -24.59 13.30 -6.46
CA THR A 214 -23.79 14.32 -7.13
C THR A 214 -22.28 14.15 -6.94
N GLN A 215 -21.78 12.92 -6.77
CA GLN A 215 -20.32 12.64 -6.68
C GLN A 215 -19.85 12.18 -8.06
N ASP A 216 -18.54 12.15 -8.27
CA ASP A 216 -17.97 11.80 -9.59
C ASP A 216 -17.99 10.28 -9.78
N THR A 217 -17.32 9.54 -8.93
CA THR A 217 -17.21 8.07 -9.08
C THR A 217 -17.49 7.38 -7.77
N ASP A 218 -18.03 6.18 -7.84
CA ASP A 218 -18.31 5.35 -6.65
C ASP A 218 -17.95 3.92 -7.07
N LEU A 219 -17.17 3.25 -6.25
CA LEU A 219 -16.65 1.93 -6.61
C LEU A 219 -16.13 1.95 -8.04
N ASP A 220 -15.41 3.04 -8.37
CA ASP A 220 -14.68 3.20 -9.66
C ASP A 220 -15.57 3.38 -10.88
N GLU A 221 -16.85 3.68 -10.71
CA GLU A 221 -17.80 3.81 -11.86
C GLU A 221 -18.82 4.91 -11.59
N ARG A 222 -19.55 5.31 -12.63
CA ARG A 222 -20.58 6.37 -12.52
C ARG A 222 -21.85 5.70 -11.99
N MET A 223 -21.84 5.38 -10.71
CA MET A 223 -22.95 4.62 -10.08
C MET A 223 -24.12 5.56 -9.67
N HIS A 224 -25.13 5.05 -8.97
CA HIS A 224 -26.36 5.82 -8.66
C HIS A 224 -26.07 7.02 -7.75
N THR A 225 -24.86 7.13 -7.23
CA THR A 225 -24.44 8.25 -6.36
C THR A 225 -23.81 9.36 -7.20
N THR A 226 -23.72 9.17 -8.52
CA THR A 226 -23.01 10.12 -9.43
C THR A 226 -23.81 10.69 -10.60
N PRO A 227 -25.09 10.36 -10.83
CA PRO A 227 -25.76 10.75 -12.07
C PRO A 227 -25.78 12.26 -12.32
N TRP A 228 -26.03 13.05 -11.29
CA TRP A 228 -26.21 14.51 -11.46
C TRP A 228 -24.87 15.21 -11.55
N PHE A 229 -23.77 14.66 -11.09
CA PHE A 229 -22.44 15.25 -11.31
C PHE A 229 -22.22 15.24 -12.82
N HIS A 230 -22.45 14.09 -13.44
CA HIS A 230 -22.17 13.91 -14.88
C HIS A 230 -23.25 14.64 -15.72
N ALA A 231 -24.50 14.63 -15.28
CA ALA A 231 -25.55 15.28 -16.06
C ALA A 231 -25.32 16.78 -16.12
N THR A 232 -24.94 17.40 -15.00
CA THR A 232 -24.73 18.85 -14.97
C THR A 232 -23.40 19.27 -15.57
N ASN A 233 -22.56 18.31 -15.98
CA ASN A 233 -21.44 18.62 -16.88
C ASN A 233 -21.89 18.84 -18.32
N ILE A 234 -23.10 18.41 -18.68
CA ILE A 234 -23.58 18.64 -20.05
C ILE A 234 -23.86 20.13 -20.24
N PRO A 235 -23.40 20.74 -21.33
CA PRO A 235 -23.50 22.21 -21.45
C PRO A 235 -24.89 22.79 -21.23
N ASN A 236 -25.96 22.14 -21.70
CA ASN A 236 -27.30 22.70 -21.57
C ASN A 236 -28.09 22.09 -20.41
N VAL A 237 -27.41 21.56 -19.40
CA VAL A 237 -28.03 21.09 -18.17
C VAL A 237 -27.42 21.88 -17.01
N PRO A 238 -28.01 23.01 -16.62
CA PRO A 238 -27.39 23.85 -15.59
C PRO A 238 -27.64 23.34 -14.16
N ALA A 239 -26.56 23.22 -13.39
CA ALA A 239 -26.66 22.75 -12.02
C ALA A 239 -27.49 23.68 -11.15
N LYS A 240 -27.51 24.98 -11.47
CA LYS A 240 -28.34 25.91 -10.71
C LYS A 240 -29.83 25.60 -10.84
N ASN A 241 -30.23 24.85 -11.85
CA ASN A 241 -31.61 24.46 -12.04
C ASN A 241 -31.89 23.03 -11.58
N LEU A 242 -30.93 22.41 -10.88
CA LEU A 242 -31.14 21.13 -10.23
C LEU A 242 -31.63 21.38 -8.81
N VAL A 243 -32.88 20.99 -8.54
CA VAL A 243 -33.51 21.19 -7.24
C VAL A 243 -33.66 19.84 -6.59
N GLN A 244 -33.06 19.68 -5.42
CA GLN A 244 -32.93 18.39 -4.75
C GLN A 244 -33.83 18.41 -3.53
N ILE A 245 -34.88 17.59 -3.58
CA ILE A 245 -36.00 17.69 -2.66
C ILE A 245 -36.00 16.44 -1.80
N GLY A 246 -35.71 16.61 -0.51
CA GLY A 246 -35.77 15.53 0.46
C GLY A 246 -34.44 15.04 0.98
N ILE A 247 -33.33 15.70 0.63
CA ILE A 247 -32.00 15.23 1.03
C ILE A 247 -31.91 15.10 2.54
N GLY A 248 -31.39 13.97 3.02
CA GLY A 248 -31.13 13.81 4.43
C GLY A 248 -30.73 12.39 4.76
N GLY A 249 -30.40 12.19 6.04
CA GLY A 249 -30.06 10.87 6.54
C GLY A 249 -28.59 10.61 6.58
N TRP A 250 -28.20 9.33 6.51
CA TRP A 250 -26.81 8.90 6.68
C TRP A 250 -26.21 8.35 5.39
N GLN A 251 -26.85 8.62 4.28
CA GLN A 251 -26.41 8.07 2.98
C GLN A 251 -26.20 9.18 1.95
N ALA A 252 -26.14 10.46 2.32
CA ALA A 252 -25.80 11.52 1.38
C ALA A 252 -24.28 11.71 1.49
N PRO A 253 -23.49 11.16 0.57
CA PRO A 253 -22.04 11.14 0.78
C PRO A 253 -21.42 12.53 0.73
N ARG A 254 -20.40 12.72 1.56
CA ARG A 254 -19.73 14.02 1.62
C ARG A 254 -19.22 14.50 0.27
N PRO A 255 -18.56 13.68 -0.57
CA PRO A 255 -18.14 14.19 -1.87
C PRO A 255 -19.28 14.68 -2.73
N GLY A 256 -20.46 14.05 -2.61
CA GLY A 256 -21.62 14.56 -3.34
C GLY A 256 -22.09 15.90 -2.81
N VAL A 257 -22.06 16.07 -1.49
CA VAL A 257 -22.49 17.35 -0.91
C VAL A 257 -21.55 18.46 -1.37
N LYS A 258 -20.24 18.20 -1.32
CA LYS A 258 -19.26 19.18 -1.75
C LYS A 258 -19.48 19.60 -3.20
N ALA A 259 -19.61 18.63 -4.11
CA ALA A 259 -19.77 18.98 -5.52
C ALA A 259 -21.05 19.78 -5.74
N GLY A 260 -22.14 19.40 -5.07
CA GLY A 260 -23.36 20.16 -5.21
C GLY A 260 -23.24 21.59 -4.71
N ARG A 261 -22.50 21.78 -3.62
CA ARG A 261 -22.24 23.13 -3.11
C ARG A 261 -21.49 23.95 -4.15
N GLU A 262 -20.42 23.39 -4.71
CA GLU A 262 -19.60 24.10 -5.69
C GLU A 262 -20.41 24.48 -6.92
N ARG A 263 -21.33 23.61 -7.32
CA ARG A 263 -22.13 23.83 -8.53
C ARG A 263 -23.41 24.60 -8.23
N GLN A 264 -23.73 24.84 -6.96
CA GLN A 264 -24.85 25.67 -6.53
C GLN A 264 -26.19 25.04 -6.89
N THR A 265 -26.32 23.73 -6.68
CA THR A 265 -27.65 23.15 -6.69
C THR A 265 -28.45 23.68 -5.51
N THR A 266 -29.76 23.49 -5.55
CA THR A 266 -30.64 23.85 -4.45
C THR A 266 -31.05 22.58 -3.73
N ILE A 267 -31.00 22.61 -2.39
CA ILE A 267 -31.40 21.50 -1.55
C ILE A 267 -32.44 21.97 -0.54
N MET A 268 -33.42 21.10 -0.30
CA MET A 268 -34.51 21.31 0.65
C MET A 268 -34.67 19.97 1.34
N THR A 269 -34.42 19.90 2.65
CA THR A 269 -34.60 18.64 3.35
C THR A 269 -36.09 18.34 3.53
N VAL A 270 -36.39 17.10 3.96
CA VAL A 270 -37.77 16.75 4.29
C VAL A 270 -38.30 17.71 5.36
N THR A 271 -37.52 17.92 6.41
CA THR A 271 -37.95 18.83 7.47
C THR A 271 -38.15 20.24 6.94
N ASP A 272 -37.26 20.71 6.06
CA ASP A 272 -37.46 22.02 5.45
C ASP A 272 -38.82 22.10 4.78
N CYS A 273 -39.14 21.09 3.96
CA CYS A 273 -40.36 21.13 3.16
C CYS A 273 -41.60 21.08 4.05
N VAL A 274 -41.60 20.20 5.05
CA VAL A 274 -42.79 20.07 5.88
C VAL A 274 -42.95 21.29 6.78
N GLU A 275 -41.85 21.85 7.29
CA GLU A 275 -41.96 23.02 8.17
C GLU A 275 -42.45 24.25 7.41
N MET A 276 -42.01 24.43 6.16
CA MET A 276 -42.45 25.61 5.41
C MET A 276 -43.85 25.44 4.84
N GLY A 277 -44.33 24.20 4.76
CA GLY A 277 -45.58 23.88 4.11
C GLY A 277 -45.32 23.33 2.72
N ILE A 278 -45.98 22.23 2.36
CA ILE A 278 -45.70 21.62 1.06
C ILE A 278 -46.04 22.58 -0.07
N GLU A 279 -47.13 23.34 0.06
CA GLU A 279 -47.49 24.25 -1.02
C GLU A 279 -46.38 25.28 -1.24
N ASN A 280 -45.83 25.83 -0.16
CA ASN A 280 -44.71 26.76 -0.27
C ASN A 280 -43.46 26.07 -0.81
N ALA A 281 -43.22 24.84 -0.38
CA ALA A 281 -42.04 24.12 -0.84
C ALA A 281 -42.11 23.87 -2.35
N ALA A 282 -43.30 23.53 -2.85
CA ALA A 282 -43.46 23.29 -4.28
C ALA A 282 -43.27 24.58 -5.08
N LYS A 283 -43.77 25.71 -4.57
CA LYS A 283 -43.58 26.98 -5.25
C LYS A 283 -42.10 27.32 -5.37
N GLN A 284 -41.36 27.16 -4.27
CA GLN A 284 -39.93 27.46 -4.26
C GLN A 284 -39.18 26.54 -5.23
N ALA A 285 -39.50 25.23 -5.20
CA ALA A 285 -38.83 24.30 -6.09
C ALA A 285 -39.12 24.61 -7.55
N LEU A 286 -40.38 24.91 -7.88
CA LEU A 286 -40.71 25.30 -9.24
C LEU A 286 -39.96 26.55 -9.67
N GLU A 287 -39.90 27.56 -8.80
CA GLU A 287 -39.29 28.83 -9.20
C GLU A 287 -37.82 28.63 -9.56
N VAL A 288 -37.12 27.81 -8.79
CA VAL A 288 -35.71 27.54 -9.04
C VAL A 288 -35.52 26.66 -10.27
N ALA A 289 -36.27 25.56 -10.36
CA ALA A 289 -36.05 24.64 -11.46
C ALA A 289 -36.34 25.28 -12.82
N PHE A 290 -37.38 26.11 -12.90
CA PHE A 290 -37.80 26.70 -14.15
C PHE A 290 -37.21 28.09 -14.39
N ASP A 291 -36.30 28.55 -13.54
CA ASP A 291 -35.71 29.88 -13.68
C ASP A 291 -34.84 29.95 -14.92
N GLY A 292 -35.34 30.62 -15.96
CA GLY A 292 -34.59 30.77 -17.18
C GLY A 292 -34.53 29.53 -18.05
N VAL A 293 -35.45 28.59 -17.84
CA VAL A 293 -35.50 27.36 -18.62
C VAL A 293 -36.96 26.98 -18.80
N ASP A 294 -37.28 26.39 -19.94
CA ASP A 294 -38.64 25.91 -20.20
C ASP A 294 -38.83 24.42 -19.96
N ALA A 295 -37.80 23.62 -20.25
CA ALA A 295 -37.91 22.17 -20.11
C ALA A 295 -37.35 21.73 -18.76
N VAL A 296 -38.13 20.93 -18.03
CA VAL A 296 -37.71 20.40 -16.75
C VAL A 296 -38.02 18.92 -16.71
N TRP A 297 -37.07 18.14 -16.20
CA TRP A 297 -37.16 16.71 -16.08
C TRP A 297 -37.45 16.35 -14.63
N LEU A 298 -38.39 15.43 -14.41
CA LEU A 298 -38.73 14.96 -13.07
C LEU A 298 -38.04 13.63 -12.82
N SER A 299 -37.17 13.60 -11.82
CA SER A 299 -36.49 12.38 -11.41
C SER A 299 -36.92 12.02 -10.00
N PHE A 300 -37.69 10.94 -9.86
CA PHE A 300 -38.28 10.57 -8.58
C PHE A 300 -37.68 9.25 -8.10
N ASP A 301 -36.95 9.31 -7.00
CA ASP A 301 -36.40 8.12 -6.34
C ASP A 301 -37.41 7.70 -5.27
N VAL A 302 -37.90 6.46 -5.33
CA VAL A 302 -38.91 6.05 -4.37
C VAL A 302 -38.38 6.14 -2.93
N ASP A 303 -37.09 6.18 -2.76
CA ASP A 303 -36.50 6.19 -1.40
C ASP A 303 -36.75 7.52 -0.68
N CYS A 304 -37.28 8.54 -1.35
CA CYS A 304 -37.57 9.77 -0.61
C CYS A 304 -38.74 9.60 0.34
N LEU A 305 -39.57 8.57 0.14
CA LEU A 305 -40.56 8.19 1.13
C LEU A 305 -39.88 7.53 2.33
N ASP A 306 -40.45 7.69 3.51
CA ASP A 306 -40.00 6.93 4.66
C ASP A 306 -39.96 5.44 4.31
N ALA A 307 -38.91 4.76 4.81
CA ALA A 307 -38.67 3.37 4.46
C ALA A 307 -39.92 2.50 4.60
N ALA A 308 -40.77 2.77 5.59
CA ALA A 308 -41.93 1.91 5.82
C ALA A 308 -42.90 1.92 4.65
N PHE A 309 -42.93 2.99 3.85
CA PHE A 309 -43.79 3.05 2.68
C PHE A 309 -43.14 2.48 1.43
N VAL A 310 -41.82 2.31 1.44
CA VAL A 310 -41.09 1.86 0.26
C VAL A 310 -40.04 0.85 0.70
N PRO A 311 -40.44 -0.24 1.38
CA PRO A 311 -39.44 -1.19 1.86
C PRO A 311 -38.66 -1.83 0.73
N GLY A 312 -39.27 -1.90 -0.47
CA GLY A 312 -38.65 -2.50 -1.62
C GLY A 312 -37.75 -1.54 -2.37
N THR A 313 -36.60 -1.23 -1.77
CA THR A 313 -35.62 -0.32 -2.34
C THR A 313 -34.24 -0.71 -1.83
N GLY A 314 -33.19 -0.27 -2.54
CA GLY A 314 -31.81 -0.66 -2.18
C GLY A 314 -31.17 0.20 -1.11
N TRP A 315 -31.64 1.42 -0.89
CA TRP A 315 -31.05 2.37 0.08
C TRP A 315 -32.16 3.03 0.88
N PRO A 316 -32.92 2.25 1.64
CA PRO A 316 -34.01 2.79 2.44
C PRO A 316 -33.50 3.70 3.57
N GLU A 317 -34.29 4.67 3.99
CA GLU A 317 -33.91 5.61 5.07
C GLU A 317 -35.13 6.05 5.89
N PRO A 318 -35.06 6.03 7.22
CA PRO A 318 -36.14 6.60 8.02
C PRO A 318 -36.20 8.12 7.89
N GLY A 319 -37.35 8.68 8.25
CA GLY A 319 -37.49 10.12 8.30
C GLY A 319 -37.78 10.79 6.97
N GLY A 320 -38.26 10.04 5.99
CA GLY A 320 -38.61 10.61 4.71
C GLY A 320 -39.99 11.21 4.69
N PHE A 321 -40.44 11.50 3.47
CA PHE A 321 -41.78 12.03 3.27
C PHE A 321 -42.83 10.98 3.61
N LEU A 322 -43.99 11.45 4.03
CA LEU A 322 -45.19 10.62 4.06
C LEU A 322 -45.90 10.74 2.71
N PRO A 323 -46.70 9.72 2.34
CA PRO A 323 -47.30 9.73 0.99
C PRO A 323 -48.12 10.97 0.68
N ARG A 324 -48.98 11.42 1.58
CA ARG A 324 -49.81 12.58 1.26
C ARG A 324 -48.95 13.83 1.07
N GLU A 325 -47.83 13.92 1.78
CA GLU A 325 -46.93 15.06 1.57
C GLU A 325 -46.34 15.06 0.16
N VAL A 326 -45.73 13.95 -0.25
CA VAL A 326 -45.06 13.94 -1.54
C VAL A 326 -46.06 13.94 -2.69
N LEU A 327 -47.24 13.32 -2.52
CA LEU A 327 -48.22 13.34 -3.60
C LEU A 327 -48.78 14.74 -3.82
N LYS A 328 -49.02 15.49 -2.75
CA LYS A 328 -49.40 16.90 -2.91
C LYS A 328 -48.30 17.69 -3.61
N PHE A 329 -47.05 17.49 -3.20
CA PHE A 329 -45.91 18.14 -3.83
C PHE A 329 -45.90 17.90 -5.33
N LEU A 330 -46.05 16.64 -5.74
CA LEU A 330 -46.04 16.29 -7.15
C LEU A 330 -47.24 16.86 -7.89
N GLN A 331 -48.41 16.84 -7.26
CA GLN A 331 -49.61 17.36 -7.89
C GLN A 331 -49.50 18.84 -8.19
N ILE A 332 -48.93 19.61 -7.26
CA ILE A 332 -48.73 21.04 -7.49
C ILE A 332 -47.74 21.27 -8.63
N ILE A 333 -46.61 20.54 -8.59
CA ILE A 333 -45.65 20.64 -9.69
C ILE A 333 -46.33 20.36 -11.02
N ALA A 334 -46.99 19.21 -11.12
CA ALA A 334 -47.52 18.74 -12.39
C ALA A 334 -48.76 19.51 -12.85
N ASP A 335 -49.45 20.19 -11.93
CA ASP A 335 -50.53 21.09 -12.33
C ASP A 335 -50.00 22.42 -12.84
N THR A 336 -48.88 22.89 -12.29
CA THR A 336 -48.45 24.26 -12.53
C THR A 336 -47.64 24.41 -13.80
N LYS A 337 -46.84 23.41 -14.16
CA LYS A 337 -45.90 23.53 -15.27
C LYS A 337 -45.94 22.27 -16.12
N PRO A 338 -45.64 22.40 -17.41
CA PRO A 338 -45.39 21.20 -18.23
C PRO A 338 -44.04 20.59 -17.87
N LEU A 339 -43.95 19.27 -17.99
CA LEU A 339 -42.73 18.53 -17.75
C LEU A 339 -42.25 17.90 -19.05
N ALA A 340 -40.94 17.78 -19.18
CA ALA A 340 -40.36 17.15 -20.35
C ALA A 340 -40.55 15.64 -20.33
N GLY A 341 -40.71 15.08 -19.15
CA GLY A 341 -40.76 13.64 -18.97
C GLY A 341 -40.47 13.32 -17.51
N MET A 342 -40.47 12.03 -17.20
CA MET A 342 -40.18 11.64 -15.83
C MET A 342 -39.57 10.25 -15.80
N GLU A 343 -38.87 9.99 -14.71
CA GLU A 343 -38.39 8.65 -14.40
C GLU A 343 -38.72 8.38 -12.94
N ILE A 344 -39.06 7.13 -12.62
CA ILE A 344 -39.25 6.71 -11.25
C ILE A 344 -38.29 5.55 -11.02
N VAL A 345 -37.38 5.73 -10.07
CA VAL A 345 -36.24 4.82 -9.94
C VAL A 345 -36.15 4.21 -8.55
N GLU A 346 -35.39 3.11 -8.48
CA GLU A 346 -35.00 2.42 -7.22
C GLU A 346 -36.06 1.48 -6.66
N CYS A 347 -37.14 1.23 -7.36
CA CYS A 347 -38.06 0.20 -6.89
C CYS A 347 -37.39 -1.17 -7.05
N ALA A 348 -37.31 -1.94 -5.96
CA ALA A 348 -36.65 -3.25 -5.94
C ALA A 348 -37.60 -4.33 -5.44
N PRO A 349 -38.32 -5.00 -6.35
CA PRO A 349 -39.40 -5.92 -5.96
C PRO A 349 -38.94 -7.07 -5.07
N PRO A 350 -37.71 -7.57 -5.21
CA PRO A 350 -37.28 -8.66 -4.31
C PRO A 350 -37.33 -8.31 -2.85
N TYR A 351 -37.35 -7.03 -2.49
CA TYR A 351 -37.43 -6.58 -1.11
C TYR A 351 -38.79 -6.01 -0.76
N ASP A 352 -39.78 -6.23 -1.62
N ASP A 352 -39.76 -6.11 -1.64
CA ASP A 352 -41.11 -5.61 -1.60
CA ASP A 352 -41.00 -5.36 -1.46
C ASP A 352 -42.19 -6.70 -1.57
C ASP A 352 -41.96 -6.17 -0.61
N ALA A 353 -42.38 -7.36 -0.43
N ALA A 353 -42.62 -5.49 0.30
CA ALA A 353 -43.19 -8.58 -0.44
CA ALA A 353 -43.60 -6.10 1.20
C ALA A 353 -44.65 -8.32 -0.81
C ALA A 353 -44.95 -5.96 0.51
N ALA A 354 -45.25 -7.23 -0.31
N ALA A 354 -45.43 -7.05 -0.09
CA ALA A 354 -46.66 -6.93 -0.56
CA ALA A 354 -46.75 -7.08 -0.72
C ALA A 354 -46.84 -5.92 -1.69
C ALA A 354 -46.89 -5.97 -1.76
N GLU A 355 -45.79 -5.66 -2.45
CA GLU A 355 -45.82 -4.79 -3.63
C GLU A 355 -46.23 -3.35 -3.32
N ILE A 356 -46.11 -2.91 -2.06
CA ILE A 356 -46.51 -1.53 -1.77
C ILE A 356 -45.54 -0.49 -2.33
N THR A 357 -44.28 -0.86 -2.55
CA THR A 357 -43.36 0.08 -3.17
C THR A 357 -43.70 0.26 -4.64
N SER A 358 -43.94 -0.85 -5.36
CA SER A 358 -44.36 -0.72 -6.74
C SER A 358 -45.68 0.02 -6.85
N LEU A 359 -46.56 -0.18 -5.86
CA LEU A 359 -47.83 0.54 -5.81
C LEU A 359 -47.60 2.04 -5.71
N MET A 360 -46.72 2.45 -4.80
CA MET A 360 -46.41 3.87 -4.67
C MET A 360 -45.89 4.45 -5.97
N ALA A 361 -45.01 3.73 -6.64
CA ALA A 361 -44.44 4.21 -7.89
C ALA A 361 -45.52 4.40 -8.94
N THR A 362 -46.43 3.41 -9.05
CA THR A 362 -47.55 3.52 -9.97
C THR A 362 -48.39 4.75 -9.65
N ARG A 363 -48.65 4.98 -8.38
CA ARG A 363 -49.46 6.11 -7.96
C ARG A 363 -48.81 7.43 -8.35
N VAL A 364 -47.50 7.54 -8.15
CA VAL A 364 -46.77 8.77 -8.49
C VAL A 364 -46.92 9.04 -9.98
N ILE A 365 -46.69 8.02 -10.81
CA ILE A 365 -46.81 8.20 -12.26
C ILE A 365 -48.22 8.69 -12.61
N CYS A 366 -49.23 7.99 -12.12
CA CYS A 366 -50.61 8.29 -12.53
C CYS A 366 -51.05 9.66 -12.05
N ASP A 367 -50.69 10.05 -10.82
CA ASP A 367 -51.05 11.39 -10.35
C ASP A 367 -50.35 12.46 -11.20
N VAL A 368 -49.09 12.25 -11.56
CA VAL A 368 -48.38 13.23 -12.39
C VAL A 368 -49.03 13.33 -13.76
N LEU A 369 -49.33 12.19 -14.39
CA LEU A 369 -49.98 12.23 -15.69
C LEU A 369 -51.34 12.90 -15.62
N ALA A 370 -52.13 12.56 -14.59
CA ALA A 370 -53.46 13.14 -14.47
C ALA A 370 -53.38 14.66 -14.31
N CYS A 371 -52.42 15.14 -13.53
CA CYS A 371 -52.34 16.58 -13.30
C CYS A 371 -51.82 17.30 -14.56
N GLN A 372 -50.85 16.71 -15.25
CA GLN A 372 -50.42 17.24 -16.54
C GLN A 372 -51.61 17.36 -17.49
N VAL A 373 -52.52 16.37 -17.45
CA VAL A 373 -53.64 16.36 -18.39
C VAL A 373 -54.67 17.42 -18.02
N ARG A 374 -55.11 17.42 -16.77
CA ARG A 374 -56.19 18.34 -16.38
C ARG A 374 -55.74 19.80 -16.45
N SER A 375 -54.43 20.06 -16.41
CA SER A 375 -53.91 21.42 -16.45
C SER A 375 -53.46 21.81 -17.85
N GLY A 376 -53.73 20.99 -18.87
CA GLY A 376 -53.49 21.36 -20.25
C GLY A 376 -52.08 21.14 -20.76
N HIS A 377 -51.22 20.46 -20.00
CA HIS A 377 -49.84 20.25 -20.40
C HIS A 377 -49.65 18.95 -21.19
N LEU A 378 -50.65 18.08 -21.24
CA LEU A 378 -50.53 16.78 -21.88
C LEU A 378 -51.89 16.41 -22.43
N GLY A 379 -51.90 15.79 -23.61
CA GLY A 379 -53.14 15.48 -24.29
C GLY A 379 -53.64 16.69 -25.05
N LYS B 6 -49.63 -57.25 6.04
CA LYS B 6 -49.65 -56.40 4.86
C LYS B 6 -51.09 -56.00 4.52
N ARG B 7 -51.26 -54.80 3.97
CA ARG B 7 -52.58 -54.26 3.63
C ARG B 7 -52.79 -54.43 2.14
N THR B 8 -53.62 -55.41 1.76
CA THR B 8 -53.84 -55.69 0.36
C THR B 8 -55.35 -55.80 0.10
N TYR B 9 -55.69 -55.72 -1.18
CA TYR B 9 -57.09 -55.94 -1.62
C TYR B 9 -57.52 -57.31 -1.09
N GLN B 10 -58.76 -57.42 -0.67
CA GLN B 10 -59.24 -58.63 -0.02
C GLN B 10 -60.27 -59.38 -0.85
N GLY B 11 -60.85 -58.75 -1.87
CA GLY B 11 -61.90 -59.37 -2.69
C GLY B 11 -63.26 -59.27 -2.01
N LYS B 12 -63.41 -58.38 -1.04
CA LYS B 12 -64.71 -58.19 -0.34
C LYS B 12 -65.58 -57.26 -1.16
N VAL B 13 -64.97 -56.30 -1.84
CA VAL B 13 -65.69 -55.35 -2.72
C VAL B 13 -65.15 -55.54 -4.13
N PRO B 14 -65.93 -56.03 -5.11
CA PRO B 14 -65.41 -56.27 -6.47
C PRO B 14 -64.80 -55.02 -7.07
N LEU B 15 -63.59 -55.14 -7.63
CA LEU B 15 -62.89 -54.01 -8.27
C LEU B 15 -62.20 -54.51 -9.54
N HIS B 16 -62.06 -53.64 -10.54
CA HIS B 16 -61.37 -53.98 -11.80
C HIS B 16 -59.88 -54.17 -11.52
N ASP B 17 -59.10 -54.59 -12.51
CA ASP B 17 -57.68 -54.97 -12.32
C ASP B 17 -56.65 -53.90 -12.73
N ASN B 18 -57.09 -52.70 -13.07
CA ASN B 18 -56.18 -51.62 -13.51
C ASN B 18 -55.73 -50.76 -12.33
N TYR B 19 -56.29 -50.98 -11.15
CA TYR B 19 -55.85 -50.25 -9.93
C TYR B 19 -54.45 -50.69 -9.53
N GLY B 20 -53.68 -49.74 -9.00
CA GLY B 20 -52.38 -50.08 -8.40
C GLY B 20 -52.66 -50.81 -7.09
N PRO B 21 -51.69 -51.54 -6.54
CA PRO B 21 -51.96 -52.38 -5.37
C PRO B 21 -52.47 -51.60 -4.15
N GLU B 22 -51.80 -50.50 -3.80
CA GLU B 22 -52.23 -49.64 -2.65
C GLU B 22 -53.62 -49.04 -2.95
N ALA B 23 -53.85 -48.59 -4.18
CA ALA B 23 -55.13 -47.96 -4.57
C ALA B 23 -56.27 -48.97 -4.46
N LYS B 24 -56.01 -50.21 -4.86
CA LYS B 24 -57.04 -51.28 -4.82
C LYS B 24 -57.44 -51.53 -3.37
N TYR B 25 -56.46 -51.64 -2.49
CA TYR B 25 -56.71 -51.84 -1.05
C TYR B 25 -57.48 -50.65 -0.52
N ALA B 26 -57.11 -49.45 -0.96
CA ALA B 26 -57.71 -48.19 -0.46
C ALA B 26 -59.16 -48.03 -0.92
N VAL B 27 -59.42 -48.28 -2.20
CA VAL B 27 -60.78 -48.09 -2.77
C VAL B 27 -61.75 -49.07 -2.10
N GLU B 28 -61.31 -50.30 -1.90
CA GLU B 28 -62.14 -51.31 -1.20
C GLU B 28 -62.29 -50.89 0.25
N ALA B 29 -61.19 -50.51 0.92
CA ALA B 29 -61.28 -50.19 2.33
C ALA B 29 -62.28 -49.07 2.60
N GLU B 30 -62.31 -48.05 1.73
CA GLU B 30 -63.26 -46.96 1.93
C GLU B 30 -64.69 -47.47 1.86
N ALA B 31 -64.96 -48.39 0.93
CA ALA B 31 -66.31 -48.89 0.75
C ALA B 31 -66.80 -49.66 1.97
N LEU B 32 -65.91 -50.07 2.85
CA LEU B 32 -66.27 -50.84 4.04
C LEU B 32 -66.36 -49.98 5.30
N LEU B 33 -65.97 -48.70 5.23
CA LEU B 33 -66.00 -47.85 6.42
C LEU B 33 -67.42 -47.40 6.74
N PRO B 34 -67.75 -47.26 8.02
CA PRO B 34 -69.07 -46.73 8.39
C PRO B 34 -69.14 -45.23 8.21
N THR B 35 -70.36 -44.70 8.34
CA THR B 35 -70.64 -43.27 8.25
C THR B 35 -71.39 -42.76 9.47
N THR B 36 -71.49 -43.57 10.54
CA THR B 36 -72.26 -43.18 11.72
C THR B 36 -71.82 -41.86 12.30
N LYS B 37 -70.51 -41.68 12.51
CA LYS B 37 -70.06 -40.49 13.22
C LYS B 37 -70.18 -39.26 12.33
N PHE B 38 -69.97 -39.44 11.02
CA PHE B 38 -70.24 -38.37 10.06
C PHE B 38 -71.67 -37.86 10.20
N GLU B 39 -72.64 -38.78 10.17
CA GLU B 39 -74.04 -38.39 10.29
C GLU B 39 -74.32 -37.68 11.61
N GLU B 40 -73.71 -38.15 12.71
CA GLU B 40 -73.88 -37.45 13.98
C GLU B 40 -73.33 -36.03 13.93
N GLU B 41 -72.16 -35.85 13.30
CA GLU B 41 -71.59 -34.51 13.20
C GLU B 41 -72.50 -33.61 12.36
N ILE B 42 -73.05 -34.13 11.26
CA ILE B 42 -73.96 -33.32 10.45
C ILE B 42 -75.14 -32.86 11.29
N ALA B 43 -75.78 -33.78 12.01
CA ALA B 43 -76.94 -33.43 12.83
C ALA B 43 -76.58 -32.41 13.91
N ARG B 44 -75.46 -32.63 14.59
CA ARG B 44 -75.03 -31.69 15.63
C ARG B 44 -74.80 -30.30 15.04
N GLY B 45 -74.19 -30.25 13.86
CA GLY B 45 -73.90 -28.96 13.25
C GLY B 45 -75.15 -28.18 12.91
N LEU B 46 -76.19 -28.86 12.41
CA LEU B 46 -77.43 -28.17 12.08
C LEU B 46 -78.14 -27.68 13.34
N GLU B 47 -78.08 -28.45 14.42
CA GLU B 47 -78.64 -27.98 15.69
C GLU B 47 -77.91 -26.75 16.20
N LEU B 48 -76.58 -26.85 16.33
CA LEU B 48 -75.82 -25.81 17.02
C LEU B 48 -75.50 -24.63 16.11
N GLY B 49 -75.42 -24.85 14.80
CA GLY B 49 -75.11 -23.78 13.87
C GLY B 49 -76.28 -23.27 13.07
N LEU B 50 -77.49 -23.77 13.33
CA LEU B 50 -78.71 -23.46 12.61
C LEU B 50 -78.70 -24.14 11.24
N PRO B 51 -79.87 -24.49 10.70
CA PRO B 51 -79.93 -24.89 9.30
C PRO B 51 -79.49 -23.75 8.38
N GLY B 52 -78.91 -24.12 7.25
CA GLY B 52 -78.47 -23.15 6.28
C GLY B 52 -79.65 -22.42 5.64
N ALA B 53 -79.30 -21.36 4.90
CA ALA B 53 -80.29 -20.56 4.22
C ALA B 53 -81.07 -21.38 3.18
N ASP B 54 -82.21 -20.83 2.76
CA ASP B 54 -83.10 -21.57 1.86
C ASP B 54 -82.45 -21.83 0.50
N SER B 55 -81.53 -20.96 0.08
CA SER B 55 -80.90 -21.12 -1.23
C SER B 55 -79.87 -22.24 -1.25
N ILE B 56 -79.50 -22.78 -0.09
CA ILE B 56 -78.50 -23.88 0.02
C ILE B 56 -79.22 -25.19 -0.30
N LYS B 57 -78.77 -25.90 -1.32
CA LYS B 57 -79.44 -27.15 -1.78
C LYS B 57 -79.06 -28.30 -0.85
N ASP B 58 -77.78 -28.36 -0.47
CA ASP B 58 -77.27 -29.42 0.44
C ASP B 58 -77.79 -29.13 1.84
N ARG B 59 -78.75 -29.93 2.30
CA ARG B 59 -79.39 -29.64 3.59
C ARG B 59 -78.57 -30.13 4.77
N ARG B 60 -77.39 -30.65 4.52
CA ARG B 60 -76.40 -30.93 5.56
C ARG B 60 -75.62 -29.68 5.98
N ILE B 61 -75.81 -28.55 5.31
CA ILE B 61 -74.98 -27.36 5.50
C ILE B 61 -75.67 -26.44 6.49
N PRO B 62 -75.02 -26.08 7.61
CA PRO B 62 -75.60 -25.12 8.56
C PRO B 62 -75.32 -23.67 8.15
N THR B 63 -75.86 -22.74 8.94
CA THR B 63 -75.55 -21.34 8.70
C THR B 63 -74.15 -21.02 9.23
N PHE B 64 -73.85 -21.49 10.44
CA PHE B 64 -72.55 -21.35 11.06
C PHE B 64 -71.76 -22.65 10.92
N SER B 65 -70.50 -22.53 10.50
CA SER B 65 -69.63 -23.70 10.40
C SER B 65 -69.48 -24.37 11.74
N ARG B 66 -69.80 -25.66 11.81
CA ARG B 66 -69.76 -26.46 13.02
C ARG B 66 -69.37 -27.88 12.60
N GLY B 67 -68.08 -28.16 12.65
CA GLY B 67 -67.56 -29.43 12.19
C GLY B 67 -66.42 -29.28 11.19
N GLU B 68 -66.28 -30.28 10.31
CA GLU B 68 -65.14 -30.29 9.40
C GLU B 68 -65.14 -29.11 8.44
N LEU B 69 -66.32 -28.80 7.85
CA LEU B 69 -66.37 -27.88 6.71
C LEU B 69 -66.94 -26.51 7.08
N PRO B 70 -66.52 -25.45 6.40
CA PRO B 70 -65.43 -25.43 5.39
C PRO B 70 -64.06 -25.56 6.05
N HIS B 71 -63.09 -26.12 5.33
CA HIS B 71 -61.76 -26.30 5.90
C HIS B 71 -61.09 -24.99 6.26
N PHE B 72 -61.39 -23.92 5.51
CA PHE B 72 -60.78 -22.61 5.78
C PHE B 72 -61.47 -21.86 6.91
N ALA B 73 -62.49 -22.44 7.51
CA ALA B 73 -63.29 -21.77 8.53
C ALA B 73 -63.09 -22.44 9.88
N GLY B 74 -63.48 -21.70 10.92
CA GLY B 74 -63.69 -22.30 12.22
C GLY B 74 -62.55 -22.03 13.17
N ILE B 75 -62.84 -22.28 14.44
CA ILE B 75 -61.82 -22.15 15.48
C ILE B 75 -60.80 -23.27 15.29
N ASN B 76 -59.51 -22.91 15.35
CA ASN B 76 -58.45 -23.88 15.00
C ASN B 76 -58.00 -24.76 16.16
N THR B 77 -58.70 -25.86 16.41
CA THR B 77 -58.23 -26.91 17.33
C THR B 77 -57.44 -27.86 16.41
N PHE B 78 -56.66 -28.79 16.92
CA PHE B 78 -55.97 -29.76 16.05
C PHE B 78 -57.02 -30.57 15.28
N ILE B 79 -56.93 -30.62 13.96
CA ILE B 79 -57.89 -31.24 13.05
C ILE B 79 -59.33 -31.00 13.52
N LYS B 80 -59.59 -29.81 14.06
CA LYS B 80 -60.92 -29.40 14.49
C LYS B 80 -61.54 -30.39 15.47
N ALA B 81 -60.71 -31.07 16.26
CA ALA B 81 -61.21 -31.85 17.37
C ALA B 81 -61.85 -30.94 18.42
N PRO B 82 -62.77 -31.47 19.23
CA PRO B 82 -63.37 -30.64 20.28
C PRO B 82 -62.33 -30.17 21.28
N TYR B 83 -62.43 -28.91 21.66
CA TYR B 83 -61.66 -28.33 22.75
C TYR B 83 -62.25 -28.80 24.08
N VAL B 84 -61.42 -29.43 24.91
CA VAL B 84 -61.84 -29.88 26.22
C VAL B 84 -61.25 -28.93 27.24
N GLU B 85 -62.06 -27.93 27.60
CA GLU B 85 -61.64 -26.90 28.53
C GLU B 85 -61.34 -27.46 29.91
N ASP B 86 -62.13 -28.45 30.35
CA ASP B 86 -61.92 -29.08 31.66
C ASP B 86 -60.95 -30.26 31.46
N VAL B 87 -59.68 -30.05 31.81
CA VAL B 87 -58.68 -31.04 31.45
C VAL B 87 -58.86 -32.31 32.28
N ARG B 88 -59.62 -32.24 33.38
CA ARG B 88 -59.96 -33.44 34.14
C ARG B 88 -60.82 -34.42 33.35
N LYS B 89 -61.41 -33.99 32.22
CA LYS B 89 -62.23 -34.86 31.39
C LYS B 89 -61.47 -35.51 30.24
N CYS B 90 -60.16 -35.31 30.15
CA CYS B 90 -59.42 -35.80 28.98
C CYS B 90 -59.41 -37.32 28.89
N GLY B 91 -59.58 -38.01 30.02
CA GLY B 91 -59.66 -39.46 30.02
C GLY B 91 -60.85 -40.00 29.26
N GLN B 92 -61.83 -39.16 28.93
CA GLN B 92 -62.99 -39.59 28.18
C GLN B 92 -62.70 -39.79 26.70
N TYR B 93 -61.47 -39.47 26.25
CA TYR B 93 -61.12 -39.54 24.85
C TYR B 93 -59.99 -40.54 24.66
N ASP B 94 -59.96 -41.15 23.48
CA ASP B 94 -58.89 -42.09 23.15
C ASP B 94 -57.56 -41.38 23.02
N VAL B 95 -57.59 -40.17 22.45
CA VAL B 95 -56.41 -39.38 22.12
C VAL B 95 -56.63 -37.96 22.61
N ALA B 96 -55.62 -37.39 23.26
CA ALA B 96 -55.66 -36.00 23.71
C ALA B 96 -54.45 -35.28 23.15
N ILE B 97 -54.71 -34.21 22.37
CA ILE B 97 -53.67 -33.33 21.86
C ILE B 97 -53.41 -32.25 22.89
N LEU B 98 -52.14 -31.98 23.18
CA LEU B 98 -51.76 -30.85 24.02
C LEU B 98 -50.50 -30.23 23.46
N GLY B 99 -50.40 -28.92 23.60
CA GLY B 99 -49.24 -28.18 23.15
C GLY B 99 -48.33 -27.78 24.30
N ALA B 100 -47.05 -27.64 23.99
CA ALA B 100 -46.03 -27.17 24.92
C ALA B 100 -45.29 -26.02 24.26
N PRO B 101 -45.89 -24.81 24.27
CA PRO B 101 -45.29 -23.68 23.55
C PRO B 101 -44.08 -23.08 24.24
N PHE B 102 -42.90 -23.60 23.92
CA PHE B 102 -41.68 -23.21 24.61
C PHE B 102 -40.50 -23.28 23.65
N ASP B 103 -39.64 -22.26 23.70
CA ASP B 103 -38.40 -22.30 22.94
C ASP B 103 -37.21 -21.76 23.75
N GLY B 104 -37.29 -21.80 25.07
CA GLY B 104 -36.14 -21.43 25.88
C GLY B 104 -35.02 -22.42 25.87
N GLY B 105 -35.26 -23.61 25.34
CA GLY B 105 -34.25 -24.63 25.18
C GLY B 105 -33.53 -24.60 23.86
N THR B 106 -33.78 -23.59 23.03
CA THR B 106 -33.18 -23.55 21.69
C THR B 106 -31.80 -22.91 21.73
N THR B 107 -30.85 -23.54 21.01
CA THR B 107 -29.48 -23.05 20.98
C THR B 107 -29.15 -22.24 19.73
N TYR B 108 -30.07 -22.17 18.75
CA TYR B 108 -29.90 -21.23 17.65
C TYR B 108 -31.14 -20.36 17.49
N ARG B 109 -32.06 -20.71 16.59
CA ARG B 109 -33.28 -19.92 16.43
C ARG B 109 -34.33 -20.28 17.46
N ALA B 110 -35.06 -19.28 17.94
CA ALA B 110 -36.30 -19.49 18.67
C ALA B 110 -37.45 -19.51 17.67
N GLY B 111 -38.68 -19.47 18.17
CA GLY B 111 -39.85 -19.51 17.32
C GLY B 111 -40.69 -20.77 17.44
N THR B 112 -40.12 -21.87 17.93
CA THR B 112 -40.92 -23.07 18.11
C THR B 112 -41.94 -22.95 19.25
N ARG B 113 -41.95 -21.84 19.99
CA ARG B 113 -43.06 -21.58 20.91
C ARG B 113 -44.38 -21.52 20.16
N PHE B 114 -44.35 -21.22 18.87
CA PHE B 114 -45.57 -21.16 18.05
C PHE B 114 -45.81 -22.46 17.28
N GLY B 115 -44.99 -23.49 17.47
CA GLY B 115 -45.21 -24.78 16.87
C GLY B 115 -46.63 -25.30 17.03
N PRO B 116 -47.16 -25.31 18.26
CA PRO B 116 -48.53 -25.82 18.45
C PRO B 116 -49.57 -25.05 17.66
N GLN B 117 -49.47 -23.72 17.63
CA GLN B 117 -50.41 -22.90 16.89
C GLN B 117 -50.30 -23.15 15.39
N GLY B 118 -49.07 -23.25 14.87
CA GLY B 118 -48.90 -23.48 13.44
C GLY B 118 -49.41 -24.83 12.99
N ILE B 119 -49.18 -25.86 13.80
CA ILE B 119 -49.68 -27.19 13.48
C ILE B 119 -51.21 -27.20 13.53
N ARG B 120 -51.78 -26.61 14.57
CA ARG B 120 -53.24 -26.55 14.63
C ARG B 120 -53.81 -25.84 13.42
N LYS B 121 -53.22 -24.70 13.05
CA LYS B 121 -53.76 -23.91 11.95
C LYS B 121 -53.81 -24.72 10.66
N ILE B 122 -52.66 -25.23 10.22
CA ILE B 122 -52.64 -25.92 8.94
C ILE B 122 -53.40 -27.24 8.99
N SER B 123 -53.58 -27.83 10.19
CA SER B 123 -54.27 -29.11 10.28
C SER B 123 -55.73 -29.01 9.84
N ALA B 124 -56.28 -27.80 9.74
CA ALA B 124 -57.65 -27.65 9.21
C ALA B 124 -57.76 -28.08 7.76
N LEU B 125 -56.64 -28.08 7.03
CA LEU B 125 -56.68 -28.44 5.61
C LEU B 125 -57.15 -29.87 5.42
N TYR B 126 -56.91 -30.73 6.40
CA TYR B 126 -57.12 -32.16 6.27
C TYR B 126 -58.58 -32.55 6.44
N GLY B 127 -58.99 -33.61 5.73
CA GLY B 127 -60.19 -34.34 6.08
C GLY B 127 -59.90 -35.27 7.23
N THR B 128 -60.85 -36.16 7.50
CA THR B 128 -60.72 -37.10 8.60
C THR B 128 -60.23 -38.47 8.14
N TYR B 129 -59.99 -38.62 6.86
CA TYR B 129 -59.80 -39.94 6.23
C TYR B 129 -58.51 -39.96 5.41
N SER B 130 -57.75 -41.04 5.56
CA SER B 130 -56.55 -41.27 4.78
C SER B 130 -56.84 -42.30 3.70
N PHE B 131 -56.63 -41.90 2.43
CA PHE B 131 -56.90 -42.80 1.31
C PHE B 131 -56.07 -44.08 1.42
N GLU B 132 -54.74 -43.96 1.41
CA GLU B 132 -53.93 -45.17 1.30
C GLU B 132 -53.84 -45.95 2.61
N LEU B 133 -54.09 -45.33 3.76
CA LEU B 133 -54.13 -46.11 4.99
C LEU B 133 -55.50 -46.74 5.24
N GLY B 134 -56.54 -46.25 4.58
CA GLY B 134 -57.87 -46.85 4.71
C GLY B 134 -58.51 -46.62 6.06
N VAL B 135 -58.32 -45.45 6.65
CA VAL B 135 -58.76 -45.16 8.00
C VAL B 135 -59.53 -43.84 8.00
N ASP B 136 -60.66 -43.81 8.69
CA ASP B 136 -61.41 -42.58 8.92
C ASP B 136 -61.39 -42.33 10.43
N LEU B 137 -60.51 -41.42 10.87
CA LEU B 137 -60.38 -41.17 12.31
C LEU B 137 -61.71 -40.77 12.94
N ARG B 138 -62.55 -40.04 12.21
CA ARG B 138 -63.82 -39.60 12.79
C ARG B 138 -64.67 -40.79 13.20
N GLU B 139 -64.56 -41.91 12.47
CA GLU B 139 -65.37 -43.08 12.74
C GLU B 139 -64.78 -44.04 13.76
N SER B 140 -63.46 -43.99 14.00
CA SER B 140 -62.78 -45.07 14.71
C SER B 140 -62.07 -44.67 15.99
N VAL B 141 -61.95 -43.37 16.31
CA VAL B 141 -61.23 -42.95 17.51
C VAL B 141 -61.77 -41.59 17.95
N SER B 142 -61.81 -41.37 19.26
CA SER B 142 -62.21 -40.09 19.83
C SER B 142 -60.96 -39.29 20.12
N ILE B 143 -60.91 -38.06 19.60
CA ILE B 143 -59.77 -37.15 19.75
C ILE B 143 -60.27 -35.86 20.37
N CYS B 144 -59.52 -35.34 21.34
CA CYS B 144 -59.78 -34.03 21.90
C CYS B 144 -58.49 -33.22 21.91
N ASP B 145 -58.65 -31.91 22.04
CA ASP B 145 -57.56 -30.94 22.11
C ASP B 145 -57.71 -30.23 23.45
N VAL B 146 -56.75 -30.40 24.35
CA VAL B 146 -56.82 -29.78 25.68
C VAL B 146 -56.02 -28.48 25.73
N GLY B 147 -55.65 -27.93 24.58
CA GLY B 147 -54.94 -26.67 24.56
C GLY B 147 -53.48 -26.81 24.94
N ASP B 148 -52.95 -25.83 25.64
CA ASP B 148 -51.52 -25.71 25.86
C ASP B 148 -51.15 -25.69 27.34
N ILE B 149 -50.04 -26.36 27.67
CA ILE B 149 -49.32 -26.14 28.92
C ILE B 149 -48.97 -24.65 29.07
N PHE B 150 -49.14 -24.14 30.30
CA PHE B 150 -48.71 -22.80 30.69
C PHE B 150 -47.19 -22.85 30.89
N THR B 151 -46.46 -22.51 29.83
CA THR B 151 -45.01 -22.59 29.89
C THR B 151 -44.43 -21.32 30.49
N ILE B 152 -43.15 -21.40 30.86
CA ILE B 152 -42.44 -20.39 31.64
C ILE B 152 -41.19 -19.99 30.86
N PRO B 153 -41.30 -19.01 29.95
CA PRO B 153 -40.19 -18.73 29.02
C PRO B 153 -38.89 -18.40 29.70
N GLY B 154 -38.92 -17.77 30.85
CA GLY B 154 -37.71 -17.35 31.52
C GLY B 154 -37.02 -18.39 32.37
N ASN B 155 -37.54 -19.61 32.44
CA ASN B 155 -37.03 -20.62 33.36
C ASN B 155 -37.36 -22.00 32.81
N ILE B 156 -36.35 -22.63 32.19
CA ILE B 156 -36.56 -23.94 31.58
C ILE B 156 -36.96 -24.99 32.62
N GLU B 157 -36.42 -24.88 33.85
CA GLU B 157 -36.75 -25.89 34.86
C GLU B 157 -38.20 -25.80 35.31
N LYS B 158 -38.71 -24.58 35.51
CA LYS B 158 -40.13 -24.44 35.82
C LYS B 158 -40.99 -24.92 34.66
N THR B 159 -40.54 -24.67 33.42
CA THR B 159 -41.27 -25.20 32.26
C THR B 159 -41.30 -26.71 32.28
N PHE B 160 -40.16 -27.36 32.55
CA PHE B 160 -40.14 -28.81 32.64
C PHE B 160 -41.17 -29.32 33.66
N ASP B 161 -41.24 -28.68 34.82
CA ASP B 161 -42.17 -29.13 35.86
C ASP B 161 -43.62 -29.02 35.38
N GLN B 162 -43.97 -27.91 34.74
CA GLN B 162 -45.30 -27.73 34.19
C GLN B 162 -45.60 -28.81 33.15
N VAL B 163 -44.66 -29.07 32.25
CA VAL B 163 -44.89 -30.04 31.18
C VAL B 163 -45.03 -31.45 31.75
N SER B 164 -44.13 -31.83 32.67
CA SER B 164 -44.24 -33.13 33.33
C SER B 164 -45.57 -33.32 34.02
N LYS B 165 -46.06 -32.28 34.69
CA LYS B 165 -47.32 -32.40 35.41
C LYS B 165 -48.50 -32.56 34.45
N GLY B 166 -48.53 -31.76 33.38
CA GLY B 166 -49.65 -31.86 32.45
C GLY B 166 -49.61 -33.11 31.62
N VAL B 167 -48.43 -33.47 31.10
CA VAL B 167 -48.33 -34.71 30.33
C VAL B 167 -48.58 -35.92 31.22
N GLY B 168 -48.05 -35.89 32.44
CA GLY B 168 -48.36 -36.95 33.39
C GLY B 168 -49.85 -37.11 33.61
N HIS B 169 -50.54 -35.98 33.79
CA HIS B 169 -51.99 -36.01 33.98
C HIS B 169 -52.69 -36.67 32.78
N VAL B 170 -52.37 -36.23 31.57
CA VAL B 170 -53.01 -36.78 30.39
C VAL B 170 -52.70 -38.27 30.27
N PHE B 171 -51.44 -38.64 30.45
CA PHE B 171 -51.06 -40.04 30.30
C PHE B 171 -51.75 -40.92 31.34
N ALA B 172 -51.82 -40.44 32.59
CA ALA B 172 -52.43 -41.21 33.66
C ALA B 172 -53.93 -41.41 33.42
N SER B 173 -54.55 -40.51 32.65
CA SER B 173 -55.97 -40.58 32.39
C SER B 173 -56.36 -41.69 31.45
N GLY B 174 -55.40 -42.29 30.74
CA GLY B 174 -55.66 -43.31 29.77
C GLY B 174 -55.66 -42.83 28.34
N ALA B 175 -55.78 -41.52 28.13
CA ALA B 175 -55.72 -40.98 26.78
C ALA B 175 -54.31 -41.06 26.24
N PHE B 176 -54.20 -41.33 24.94
CA PHE B 176 -52.93 -41.32 24.22
C PHE B 176 -52.50 -39.88 24.03
N PRO B 177 -51.40 -39.44 24.65
CA PRO B 177 -51.01 -38.02 24.55
C PRO B 177 -50.26 -37.77 23.25
N VAL B 178 -50.65 -36.69 22.55
CA VAL B 178 -49.88 -36.17 21.42
C VAL B 178 -49.41 -34.77 21.82
N VAL B 179 -48.11 -34.63 22.06
CA VAL B 179 -47.56 -33.37 22.53
C VAL B 179 -47.01 -32.61 21.34
N LEU B 180 -47.54 -31.40 21.12
CA LEU B 180 -47.02 -30.50 20.09
C LEU B 180 -45.98 -29.58 20.70
N GLY B 181 -44.74 -29.70 20.26
CA GLY B 181 -43.70 -28.79 20.71
C GLY B 181 -43.63 -27.52 19.85
N GLY B 182 -42.76 -26.60 20.26
CA GLY B 182 -41.89 -26.68 21.42
C GLY B 182 -40.56 -27.35 21.08
N ASP B 183 -39.48 -26.96 21.74
CA ASP B 183 -38.13 -27.48 21.41
C ASP B 183 -37.94 -28.87 22.02
N HIS B 184 -36.86 -29.58 21.64
CA HIS B 184 -36.62 -30.98 22.04
C HIS B 184 -36.19 -31.06 23.52
N SER B 185 -35.88 -29.96 24.19
CA SER B 185 -35.60 -29.99 25.66
C SER B 185 -36.80 -30.62 26.34
N LEU B 186 -37.98 -30.38 25.80
CA LEU B 186 -39.25 -30.83 26.41
C LEU B 186 -39.33 -32.36 26.42
N GLY B 187 -38.61 -33.07 25.57
CA GLY B 187 -38.57 -34.53 25.58
C GLY B 187 -38.21 -35.08 26.96
N PHE B 188 -37.33 -34.42 27.69
CA PHE B 188 -37.03 -34.82 29.06
C PHE B 188 -38.27 -34.74 29.94
N ALA B 189 -38.98 -33.62 29.85
CA ALA B 189 -40.10 -33.37 30.76
C ALA B 189 -41.28 -34.27 30.43
N THR B 190 -41.53 -34.53 29.14
CA THR B 190 -42.63 -35.41 28.77
C THR B 190 -42.36 -36.82 29.25
N VAL B 191 -41.16 -37.34 28.97
CA VAL B 191 -40.79 -38.69 29.41
C VAL B 191 -40.77 -38.77 30.92
N ARG B 192 -40.28 -37.73 31.59
CA ARG B 192 -40.30 -37.74 33.06
C ARG B 192 -41.72 -37.85 33.59
N GLY B 193 -42.65 -37.11 32.99
CA GLY B 193 -44.04 -37.20 33.41
C GLY B 193 -44.66 -38.56 33.15
N VAL B 194 -44.39 -39.13 31.97
CA VAL B 194 -44.88 -40.47 31.68
C VAL B 194 -44.27 -41.49 32.65
N ALA B 195 -42.95 -41.46 32.80
CA ALA B 195 -42.28 -42.44 33.65
C ALA B 195 -42.79 -42.40 35.09
N GLN B 196 -43.21 -41.23 35.57
CA GLN B 196 -43.80 -41.10 36.89
C GLN B 196 -45.04 -41.96 37.08
N HIS B 197 -45.71 -42.35 36.01
CA HIS B 197 -46.98 -43.07 36.11
C HIS B 197 -46.91 -44.47 35.52
N LEU B 198 -45.72 -45.04 35.37
CA LEU B 198 -45.55 -46.40 34.89
C LEU B 198 -45.40 -47.41 36.00
N ASN B 199 -45.42 -46.97 37.27
CA ASN B 199 -45.34 -47.91 38.40
C ASN B 199 -44.19 -48.86 38.25
N GLY B 200 -43.01 -48.32 37.96
CA GLY B 200 -41.80 -49.11 37.86
C GLY B 200 -41.55 -49.80 36.54
N LYS B 201 -42.55 -49.88 35.67
CA LYS B 201 -42.33 -50.44 34.34
C LYS B 201 -41.38 -49.54 33.55
N LYS B 202 -40.71 -50.16 32.57
CA LYS B 202 -39.62 -49.51 31.84
C LYS B 202 -40.16 -48.87 30.55
N LEU B 203 -39.44 -47.85 30.09
CA LEU B 203 -39.86 -47.05 28.94
C LEU B 203 -38.72 -46.98 27.94
N GLY B 204 -38.97 -47.47 26.72
CA GLY B 204 -38.05 -47.23 25.62
C GLY B 204 -38.42 -45.97 24.85
N ILE B 205 -37.52 -45.54 23.98
CA ILE B 205 -37.70 -44.29 23.25
C ILE B 205 -37.26 -44.47 21.80
N LEU B 206 -38.18 -44.17 20.88
CA LEU B 206 -37.87 -44.12 19.43
C LEU B 206 -37.64 -42.64 19.13
N HIS B 207 -36.42 -42.21 18.91
CA HIS B 207 -36.09 -40.78 18.78
C HIS B 207 -35.69 -40.45 17.34
N PHE B 208 -36.49 -39.76 16.57
CA PHE B 208 -36.16 -39.35 15.18
C PHE B 208 -35.51 -37.97 15.23
N ASP B 209 -34.28 -37.85 14.73
CA ASP B 209 -33.53 -36.59 14.84
C ASP B 209 -32.18 -36.71 14.14
N ARG B 210 -31.63 -35.60 13.68
CA ARG B 210 -30.25 -35.56 13.16
C ARG B 210 -29.32 -35.33 14.36
N HIS B 211 -29.87 -34.90 15.50
CA HIS B 211 -29.08 -34.51 16.69
C HIS B 211 -29.25 -35.53 17.82
N VAL B 212 -28.16 -35.87 18.49
CA VAL B 212 -28.14 -36.92 19.56
C VAL B 212 -28.88 -36.43 20.81
N ASP B 213 -28.81 -35.15 21.15
CA ASP B 213 -29.61 -34.60 22.28
C ASP B 213 -29.29 -35.37 23.56
N THR B 214 -28.02 -35.72 23.74
CA THR B 214 -27.62 -36.54 24.87
C THR B 214 -26.43 -35.97 25.68
N GLN B 215 -26.23 -34.66 25.71
CA GLN B 215 -25.20 -34.09 26.57
C GLN B 215 -25.81 -33.54 27.86
N ASP B 216 -24.93 -33.24 28.83
CA ASP B 216 -25.39 -32.88 30.17
C ASP B 216 -25.98 -31.47 30.21
N THR B 217 -25.15 -30.46 29.92
CA THR B 217 -25.63 -29.09 29.88
C THR B 217 -25.16 -28.42 28.61
N ASP B 218 -25.86 -27.34 28.26
CA ASP B 218 -25.56 -26.53 27.08
C ASP B 218 -25.92 -25.10 27.45
N LEU B 219 -24.96 -24.17 27.30
CA LEU B 219 -25.15 -22.80 27.77
C LEU B 219 -25.66 -22.80 29.22
N ASP B 220 -25.13 -23.72 30.03
CA ASP B 220 -25.32 -23.83 31.46
C ASP B 220 -26.69 -24.34 31.87
N GLU B 221 -27.50 -24.87 30.95
CA GLU B 221 -28.84 -25.34 31.28
C GLU B 221 -29.13 -26.62 30.51
N ARG B 222 -30.27 -27.23 30.83
CA ARG B 222 -30.65 -28.52 30.25
C ARG B 222 -31.46 -28.27 28.97
N MET B 223 -30.75 -27.82 27.95
CA MET B 223 -31.36 -27.32 26.72
C MET B 223 -31.67 -28.49 25.78
N HIS B 224 -32.14 -28.20 24.56
CA HIS B 224 -32.63 -29.26 23.62
C HIS B 224 -31.52 -30.25 23.21
N THR B 225 -30.26 -29.97 23.54
CA THR B 225 -29.13 -30.88 23.26
C THR B 225 -28.95 -31.83 24.44
N THR B 226 -29.77 -31.76 25.49
CA THR B 226 -29.56 -32.57 26.71
C THR B 226 -30.72 -33.47 27.13
N PRO B 227 -31.91 -33.49 26.48
CA PRO B 227 -33.07 -34.17 27.05
C PRO B 227 -32.86 -35.65 27.39
N TRP B 228 -32.14 -36.39 26.57
CA TRP B 228 -32.02 -37.86 26.76
C TRP B 228 -30.93 -38.21 27.73
N PHE B 229 -29.97 -37.34 28.02
CA PHE B 229 -28.96 -37.54 29.09
C PHE B 229 -29.73 -37.60 30.41
N HIS B 230 -30.65 -36.67 30.62
CA HIS B 230 -31.38 -36.60 31.87
C HIS B 230 -32.55 -37.55 31.91
N ALA B 231 -33.20 -37.82 30.77
CA ALA B 231 -34.27 -38.82 30.76
C ALA B 231 -33.73 -40.20 31.10
N THR B 232 -32.58 -40.58 30.55
CA THR B 232 -32.04 -41.91 30.83
C THR B 232 -31.36 -42.01 32.20
N ASN B 233 -31.25 -40.90 32.94
CA ASN B 233 -30.91 -40.98 34.36
C ASN B 233 -32.09 -41.46 35.20
N ILE B 234 -33.32 -41.42 34.67
CA ILE B 234 -34.47 -41.90 35.44
C ILE B 234 -34.40 -43.42 35.55
N PRO B 235 -34.64 -43.99 36.73
CA PRO B 235 -34.34 -45.43 36.90
C PRO B 235 -35.05 -46.35 35.92
N ASN B 236 -36.29 -46.03 35.51
CA ASN B 236 -37.04 -46.92 34.63
C ASN B 236 -37.04 -46.43 33.17
N VAL B 237 -36.06 -45.63 32.78
CA VAL B 237 -35.83 -45.23 31.39
C VAL B 237 -34.44 -45.69 30.96
N PRO B 238 -34.30 -46.92 30.46
CA PRO B 238 -32.96 -47.45 30.14
C PRO B 238 -32.38 -46.89 28.84
N ALA B 239 -31.11 -46.47 28.89
CA ALA B 239 -30.48 -45.85 27.73
C ALA B 239 -30.28 -46.85 26.60
N LYS B 240 -30.07 -48.13 26.91
CA LYS B 240 -29.99 -49.15 25.87
C LYS B 240 -31.26 -49.29 25.04
N ASN B 241 -32.39 -48.74 25.50
CA ASN B 241 -33.63 -48.76 24.74
C ASN B 241 -33.93 -47.42 24.09
N LEU B 242 -32.97 -46.50 24.08
CA LEU B 242 -33.08 -45.26 23.34
C LEU B 242 -32.49 -45.50 21.96
N VAL B 243 -33.35 -45.48 20.95
CA VAL B 243 -32.96 -45.72 19.56
C VAL B 243 -33.01 -44.37 18.84
N GLN B 244 -31.88 -43.96 18.29
CA GLN B 244 -31.70 -42.62 17.72
C GLN B 244 -31.59 -42.78 16.21
N ILE B 245 -32.60 -42.30 15.50
CA ILE B 245 -32.83 -42.62 14.09
C ILE B 245 -32.62 -41.34 13.30
N GLY B 246 -31.54 -41.32 12.50
CA GLY B 246 -31.27 -40.21 11.61
C GLY B 246 -30.09 -39.33 11.99
N ILE B 247 -29.32 -39.72 12.97
CA ILE B 247 -28.24 -38.87 13.49
C ILE B 247 -27.25 -38.57 12.36
N GLY B 248 -26.83 -37.32 12.22
CA GLY B 248 -25.80 -36.96 11.26
C GLY B 248 -25.73 -35.46 11.07
N GLY B 249 -24.73 -35.05 10.29
CA GLY B 249 -24.52 -33.65 9.99
C GLY B 249 -23.47 -32.99 10.87
N TRP B 250 -23.58 -31.67 11.04
CA TRP B 250 -22.58 -30.87 11.74
C TRP B 250 -23.11 -30.31 13.05
N GLN B 251 -24.21 -30.83 13.57
CA GLN B 251 -24.85 -30.30 14.79
C GLN B 251 -25.07 -31.41 15.84
N ALA B 252 -24.43 -32.56 15.72
CA ALA B 252 -24.48 -33.63 16.74
C ALA B 252 -23.26 -33.37 17.63
N PRO B 253 -23.39 -32.69 18.78
CA PRO B 253 -22.19 -32.25 19.52
C PRO B 253 -21.41 -33.42 20.10
N ARG B 254 -20.08 -33.24 20.16
CA ARG B 254 -19.21 -34.29 20.67
C ARG B 254 -19.53 -34.71 22.10
N PRO B 255 -19.82 -33.82 23.06
CA PRO B 255 -20.18 -34.31 24.40
C PRO B 255 -21.42 -35.18 24.39
N GLY B 256 -22.34 -34.96 23.45
CA GLY B 256 -23.51 -35.82 23.35
C GLY B 256 -23.17 -37.18 22.77
N VAL B 257 -22.28 -37.21 21.78
CA VAL B 257 -21.87 -38.49 21.20
C VAL B 257 -21.18 -39.33 22.25
N LYS B 258 -20.31 -38.70 23.04
CA LYS B 258 -19.57 -39.41 24.07
C LYS B 258 -20.51 -40.02 25.09
N ALA B 259 -21.46 -39.23 25.58
CA ALA B 259 -22.36 -39.72 26.62
C ALA B 259 -23.26 -40.83 26.10
N GLY B 260 -23.73 -40.71 24.86
CA GLY B 260 -24.51 -41.79 24.28
C GLY B 260 -23.70 -43.06 24.13
N ARG B 261 -22.43 -42.93 23.75
CA ARG B 261 -21.55 -44.09 23.66
C ARG B 261 -21.42 -44.77 25.01
N GLU B 262 -21.15 -43.98 26.07
CA GLU B 262 -20.98 -44.54 27.41
C GLU B 262 -22.24 -45.25 27.87
N ARG B 263 -23.41 -44.74 27.49
CA ARG B 263 -24.69 -45.29 27.91
C ARG B 263 -25.25 -46.31 26.95
N GLN B 264 -24.57 -46.56 25.82
CA GLN B 264 -24.93 -47.60 24.88
C GLN B 264 -26.31 -47.38 24.27
N THR B 265 -26.62 -46.14 23.91
CA THR B 265 -27.74 -45.92 23.02
C THR B 265 -27.42 -46.54 21.66
N THR B 266 -28.46 -46.73 20.84
CA THR B 266 -28.32 -47.22 19.48
C THR B 266 -28.55 -46.05 18.52
N ILE B 267 -27.66 -45.92 17.53
CA ILE B 267 -27.75 -44.88 16.51
C ILE B 267 -27.78 -45.53 15.15
N MET B 268 -28.69 -45.06 14.28
CA MET B 268 -28.71 -45.40 12.86
C MET B 268 -28.80 -44.09 12.10
N THR B 269 -27.82 -43.82 11.24
CA THR B 269 -27.85 -42.59 10.45
C THR B 269 -28.90 -42.70 9.35
N VAL B 270 -29.18 -41.56 8.69
CA VAL B 270 -30.07 -41.58 7.55
C VAL B 270 -29.54 -42.54 6.50
N THR B 271 -28.25 -42.41 6.17
CA THR B 271 -27.66 -43.30 5.16
C THR B 271 -27.73 -44.76 5.59
N ASP B 272 -27.54 -45.04 6.89
CA ASP B 272 -27.71 -46.42 7.35
C ASP B 272 -29.10 -46.94 7.04
N CYS B 273 -30.13 -46.14 7.34
CA CYS B 273 -31.51 -46.60 7.17
C CYS B 273 -31.85 -46.77 5.69
N VAL B 274 -31.48 -45.81 4.87
CA VAL B 274 -31.81 -45.89 3.44
C VAL B 274 -31.06 -47.03 2.78
N GLU B 275 -29.79 -47.23 3.14
CA GLU B 275 -29.01 -48.31 2.52
C GLU B 275 -29.53 -49.68 2.93
N MET B 276 -29.94 -49.86 4.19
CA MET B 276 -30.41 -51.19 4.63
C MET B 276 -31.85 -51.46 4.15
N GLY B 277 -32.59 -50.40 3.80
CA GLY B 277 -33.98 -50.51 3.47
C GLY B 277 -34.85 -50.08 4.64
N ILE B 278 -35.85 -49.24 4.38
CA ILE B 278 -36.64 -48.69 5.49
C ILE B 278 -37.36 -49.81 6.24
N GLU B 279 -37.90 -50.80 5.53
CA GLU B 279 -38.56 -51.91 6.22
C GLU B 279 -37.60 -52.59 7.20
N ASN B 280 -36.37 -52.85 6.77
CA ASN B 280 -35.39 -53.47 7.66
C ASN B 280 -34.98 -52.53 8.78
N ALA B 281 -34.80 -51.25 8.48
CA ALA B 281 -34.47 -50.29 9.53
C ALA B 281 -35.54 -50.26 10.61
N ALA B 282 -36.81 -50.26 10.21
CA ALA B 282 -37.89 -50.20 11.18
C ALA B 282 -37.90 -51.44 12.06
N LYS B 283 -37.66 -52.60 11.47
CA LYS B 283 -37.60 -53.84 12.25
C LYS B 283 -36.49 -53.78 13.30
N GLN B 284 -35.32 -53.31 12.90
CA GLN B 284 -34.19 -53.20 13.80
C GLN B 284 -34.48 -52.19 14.93
N ALA B 285 -35.03 -51.02 14.58
CA ALA B 285 -35.35 -50.03 15.59
C ALA B 285 -36.39 -50.56 16.59
N LEU B 286 -37.43 -51.22 16.10
CA LEU B 286 -38.46 -51.75 17.00
C LEU B 286 -37.86 -52.79 17.94
N GLU B 287 -37.06 -53.70 17.38
CA GLU B 287 -36.37 -54.74 18.17
C GLU B 287 -35.61 -54.15 19.33
N VAL B 288 -34.83 -53.09 19.07
CA VAL B 288 -33.99 -52.51 20.13
C VAL B 288 -34.83 -51.71 21.12
N ALA B 289 -35.79 -50.93 20.62
CA ALA B 289 -36.55 -50.06 21.52
C ALA B 289 -37.43 -50.87 22.46
N PHE B 290 -38.01 -51.96 21.98
CA PHE B 290 -38.93 -52.76 22.78
C PHE B 290 -38.25 -53.92 23.51
N ASP B 291 -36.93 -54.05 23.43
CA ASP B 291 -36.22 -55.17 24.03
C ASP B 291 -36.33 -55.09 25.55
N GLY B 292 -37.19 -55.93 26.13
CA GLY B 292 -37.30 -56.02 27.56
C GLY B 292 -37.96 -54.85 28.24
N VAL B 293 -38.82 -54.12 27.52
CA VAL B 293 -39.54 -53.01 28.14
C VAL B 293 -41.02 -53.10 27.78
N ASP B 294 -41.80 -52.42 28.62
CA ASP B 294 -43.27 -52.48 28.56
C ASP B 294 -43.90 -51.50 27.59
N ALA B 295 -43.26 -50.37 27.36
CA ALA B 295 -43.87 -49.28 26.61
C ALA B 295 -42.78 -48.47 25.92
N VAL B 296 -43.14 -47.82 24.83
CA VAL B 296 -42.17 -47.01 24.05
C VAL B 296 -42.79 -45.65 23.73
N TRP B 297 -42.01 -44.62 23.85
CA TRP B 297 -42.39 -43.25 23.59
C TRP B 297 -41.78 -42.84 22.26
N LEU B 298 -42.58 -42.20 21.40
CA LEU B 298 -42.13 -41.73 20.11
C LEU B 298 -41.82 -40.24 20.23
N SER B 299 -40.54 -39.88 20.05
CA SER B 299 -40.09 -38.46 20.06
C SER B 299 -39.62 -38.10 18.66
N PHE B 300 -40.37 -37.30 17.92
CA PHE B 300 -40.10 -36.99 16.53
C PHE B 300 -39.71 -35.53 16.38
N ASP B 301 -38.47 -35.30 16.00
CA ASP B 301 -37.97 -33.94 15.70
C ASP B 301 -38.19 -33.72 14.19
N VAL B 302 -38.87 -32.64 13.82
CA VAL B 302 -39.11 -32.42 12.40
C VAL B 302 -37.80 -32.19 11.63
N ASP B 303 -36.72 -31.90 12.33
CA ASP B 303 -35.42 -31.64 11.68
C ASP B 303 -34.88 -32.93 11.05
N CYS B 304 -35.41 -34.10 11.38
CA CYS B 304 -34.84 -35.31 10.78
C CYS B 304 -35.13 -35.38 9.29
N LEU B 305 -36.10 -34.62 8.81
CA LEU B 305 -36.31 -34.43 7.39
C LEU B 305 -35.30 -33.44 6.82
N ASP B 306 -34.91 -33.69 5.57
CA ASP B 306 -34.07 -32.73 4.87
C ASP B 306 -34.66 -31.33 4.97
N ALA B 307 -33.79 -30.36 5.21
CA ALA B 307 -34.17 -28.98 5.44
C ALA B 307 -35.24 -28.46 4.48
N ALA B 308 -35.18 -28.85 3.21
CA ALA B 308 -36.11 -28.31 2.22
C ALA B 308 -37.56 -28.66 2.53
N PHE B 309 -37.79 -29.77 3.22
CA PHE B 309 -39.14 -30.16 3.61
C PHE B 309 -39.58 -29.55 4.93
N VAL B 310 -38.62 -29.06 5.73
CA VAL B 310 -38.94 -28.54 7.06
C VAL B 310 -38.16 -27.25 7.27
N PRO B 311 -38.32 -26.26 6.40
CA PRO B 311 -37.54 -25.02 6.57
C PRO B 311 -37.83 -24.31 7.89
N GLY B 312 -39.04 -24.50 8.43
CA GLY B 312 -39.44 -23.85 9.66
C GLY B 312 -39.00 -24.60 10.90
N THR B 313 -37.70 -24.56 11.20
CA THR B 313 -37.11 -25.25 12.37
C THR B 313 -35.86 -24.48 12.79
N GLY B 314 -35.44 -24.59 14.04
CA GLY B 314 -34.30 -23.80 14.56
C GLY B 314 -32.95 -24.40 14.21
N TRP B 315 -32.90 -25.68 13.84
CA TRP B 315 -31.62 -26.39 13.57
C TRP B 315 -31.77 -27.29 12.34
N PRO B 316 -31.97 -26.68 11.16
CA PRO B 316 -32.12 -27.43 9.93
C PRO B 316 -30.79 -28.02 9.46
N GLU B 317 -30.85 -29.13 8.74
CA GLU B 317 -29.66 -29.81 8.24
C GLU B 317 -29.95 -30.48 6.90
N PRO B 318 -29.06 -30.34 5.92
CA PRO B 318 -29.22 -31.11 4.68
C PRO B 318 -28.95 -32.59 4.89
N GLY B 319 -29.40 -33.38 3.92
CA GLY B 319 -29.10 -34.80 3.93
C GLY B 319 -29.96 -35.63 4.83
N GLY B 320 -31.13 -35.12 5.21
CA GLY B 320 -32.03 -35.85 6.07
C GLY B 320 -32.94 -36.79 5.28
N PHE B 321 -33.94 -37.32 5.98
CA PHE B 321 -34.89 -38.21 5.34
C PHE B 321 -35.73 -37.46 4.30
N LEU B 322 -36.19 -38.19 3.30
CA LEU B 322 -37.26 -37.71 2.42
C LEU B 322 -38.61 -38.13 3.01
N PRO B 323 -39.67 -37.37 2.69
CA PRO B 323 -40.97 -37.65 3.33
C PRO B 323 -41.45 -39.08 3.19
N ARG B 324 -41.38 -39.67 1.99
CA ARG B 324 -41.90 -41.03 1.84
C ARG B 324 -41.07 -42.04 2.62
N GLU B 325 -39.79 -41.75 2.86
CA GLU B 325 -38.96 -42.65 3.66
C GLU B 325 -39.39 -42.62 5.12
N VAL B 326 -39.52 -41.42 5.70
CA VAL B 326 -39.84 -41.35 7.12
C VAL B 326 -41.29 -41.71 7.38
N LEU B 327 -42.19 -41.45 6.42
CA LEU B 327 -43.58 -41.83 6.62
C LEU B 327 -43.74 -43.36 6.57
N LYS B 328 -42.99 -44.04 5.70
CA LYS B 328 -43.01 -45.49 5.74
C LYS B 328 -42.48 -46.00 7.07
N PHE B 329 -41.34 -45.47 7.51
CA PHE B 329 -40.74 -45.83 8.79
C PHE B 329 -41.77 -45.72 9.91
N LEU B 330 -42.46 -44.59 9.98
CA LEU B 330 -43.42 -44.35 11.04
C LEU B 330 -44.63 -45.26 10.93
N GLN B 331 -45.09 -45.52 9.70
CA GLN B 331 -46.25 -46.39 9.53
C GLN B 331 -45.96 -47.80 10.02
N ILE B 332 -44.77 -48.31 9.73
CA ILE B 332 -44.40 -49.66 10.17
C ILE B 332 -44.32 -49.71 11.68
N ILE B 333 -43.68 -48.72 12.30
CA ILE B 333 -43.63 -48.65 13.76
C ILE B 333 -45.04 -48.68 14.33
N ALA B 334 -45.89 -47.76 13.87
CA ALA B 334 -47.21 -47.58 14.48
C ALA B 334 -48.19 -48.68 14.10
N ASP B 335 -47.92 -49.45 13.04
CA ASP B 335 -48.74 -50.64 12.78
C ASP B 335 -48.31 -51.82 13.64
N THR B 336 -47.02 -51.92 13.95
CA THR B 336 -46.47 -53.14 14.53
C THR B 336 -46.61 -53.19 16.06
N LYS B 337 -46.56 -52.05 16.73
CA LYS B 337 -46.50 -52.02 18.18
C LYS B 337 -47.40 -50.91 18.70
N PRO B 338 -47.94 -51.09 19.90
CA PRO B 338 -48.59 -49.96 20.58
C PRO B 338 -47.53 -48.98 21.07
N LEU B 339 -47.91 -47.70 21.11
CA LEU B 339 -47.05 -46.64 21.62
C LEU B 339 -47.68 -46.03 22.85
N ALA B 340 -46.82 -45.60 23.79
CA ALA B 340 -47.28 -44.95 25.01
C ALA B 340 -47.73 -43.51 24.75
N GLY B 341 -47.26 -42.92 23.66
CA GLY B 341 -47.56 -41.54 23.35
C GLY B 341 -46.50 -41.01 22.40
N MET B 342 -46.66 -39.75 22.03
CA MET B 342 -45.73 -39.19 21.06
C MET B 342 -45.65 -37.69 21.27
N GLU B 343 -44.51 -37.16 20.84
CA GLU B 343 -44.28 -35.70 20.80
C GLU B 343 -43.73 -35.35 19.42
N ILE B 344 -44.11 -34.22 18.85
CA ILE B 344 -43.60 -33.73 17.54
C ILE B 344 -42.97 -32.38 17.85
N VAL B 345 -41.64 -32.26 17.77
CA VAL B 345 -40.97 -31.03 18.28
C VAL B 345 -40.20 -30.24 17.23
N GLU B 346 -39.93 -28.98 17.54
CA GLU B 346 -39.03 -28.10 16.76
C GLU B 346 -39.73 -27.44 15.57
N CYS B 347 -41.03 -27.59 15.39
CA CYS B 347 -41.67 -26.79 14.36
C CYS B 347 -41.66 -25.31 14.75
N ALA B 348 -41.13 -24.46 13.87
CA ALA B 348 -40.94 -23.04 14.16
C ALA B 348 -41.62 -22.21 13.07
N PRO B 349 -42.88 -21.86 13.25
CA PRO B 349 -43.66 -21.21 12.18
C PRO B 349 -43.03 -19.92 11.66
N PRO B 350 -42.33 -19.11 12.48
CA PRO B 350 -41.75 -17.87 11.97
C PRO B 350 -40.74 -18.10 10.81
N TYR B 351 -40.20 -19.30 10.67
CA TYR B 351 -39.29 -19.62 9.59
C TYR B 351 -39.93 -20.50 8.51
N ASP B 352 -41.28 -20.61 8.55
N ASP B 352 -41.22 -20.72 8.59
CA ASP B 352 -42.05 -21.56 7.76
CA ASP B 352 -41.82 -21.74 7.74
C ASP B 352 -43.13 -20.84 6.94
C ASP B 352 -42.22 -21.13 6.40
N ALA B 353 -42.73 -20.03 5.95
N ALA B 353 -41.92 -21.84 5.33
CA ALA B 353 -43.71 -19.10 5.39
CA ALA B 353 -42.27 -21.43 3.99
C ALA B 353 -44.85 -19.82 4.64
C ALA B 353 -43.65 -22.01 3.68
N ALA B 354 -44.59 -20.97 4.04
N ALA B 354 -44.66 -21.15 3.69
CA ALA B 354 -45.61 -21.71 3.29
CA ALA B 354 -46.00 -21.57 3.31
C ALA B 354 -46.32 -22.77 4.12
C ALA B 354 -46.51 -22.72 4.17
N GLU B 355 -46.05 -22.80 5.43
CA GLU B 355 -46.58 -23.76 6.40
C GLU B 355 -46.29 -25.21 6.07
N ILE B 356 -45.31 -25.51 5.21
CA ILE B 356 -45.07 -26.91 4.88
C ILE B 356 -44.44 -27.70 6.02
N THR B 357 -43.76 -27.04 6.96
CA THR B 357 -43.21 -27.74 8.12
C THR B 357 -44.32 -28.17 9.06
N SER B 358 -45.24 -27.26 9.37
CA SER B 358 -46.40 -27.61 10.19
C SER B 358 -47.27 -28.64 9.47
N LEU B 359 -47.29 -28.61 8.14
CA LEU B 359 -48.01 -29.63 7.37
C LEU B 359 -47.36 -30.99 7.56
N MET B 360 -46.02 -31.04 7.47
CA MET B 360 -45.33 -32.31 7.70
C MET B 360 -45.62 -32.85 9.10
N ALA B 361 -45.60 -31.96 10.10
CA ALA B 361 -45.85 -32.40 11.47
C ALA B 361 -47.25 -32.98 11.60
N THR B 362 -48.23 -32.31 10.99
CA THR B 362 -49.62 -32.79 11.04
C THR B 362 -49.74 -34.15 10.37
N ARG B 363 -49.11 -34.31 9.21
CA ARG B 363 -49.16 -35.61 8.53
C ARG B 363 -48.53 -36.71 9.37
N VAL B 364 -47.40 -36.44 10.03
CA VAL B 364 -46.77 -37.45 10.88
C VAL B 364 -47.75 -37.89 11.97
N ILE B 365 -48.39 -36.93 12.63
CA ILE B 365 -49.32 -37.28 13.70
C ILE B 365 -50.45 -38.15 13.17
N CYS B 366 -51.07 -37.73 12.06
CA CYS B 366 -52.26 -38.43 11.59
C CYS B 366 -51.92 -39.81 11.05
N ASP B 367 -50.75 -39.97 10.41
CA ASP B 367 -50.34 -41.30 9.98
C ASP B 367 -50.08 -42.23 11.16
N VAL B 368 -49.39 -41.74 12.20
CA VAL B 368 -49.17 -42.56 13.39
C VAL B 368 -50.50 -42.98 14.01
N LEU B 369 -51.38 -42.01 14.24
CA LEU B 369 -52.68 -42.32 14.84
C LEU B 369 -53.44 -43.35 14.00
N ALA B 370 -53.48 -43.13 12.67
CA ALA B 370 -54.25 -44.02 11.81
C ALA B 370 -53.72 -45.45 11.85
N CYS B 371 -52.39 -45.60 11.92
CA CYS B 371 -51.80 -46.93 11.97
C CYS B 371 -52.03 -47.57 13.34
N GLN B 372 -51.97 -46.79 14.41
CA GLN B 372 -52.31 -47.32 15.72
C GLN B 372 -53.74 -47.84 15.74
N VAL B 373 -54.65 -47.11 15.09
CA VAL B 373 -56.06 -47.47 15.11
C VAL B 373 -56.31 -48.73 14.28
N ARG B 374 -55.87 -48.72 13.02
CA ARG B 374 -56.18 -49.85 12.14
C ARG B 374 -55.54 -51.15 12.62
N SER B 375 -54.44 -51.06 13.36
CA SER B 375 -53.72 -52.22 13.88
C SER B 375 -54.16 -52.61 15.29
N GLY B 376 -55.20 -51.99 15.81
CA GLY B 376 -55.77 -52.39 17.08
C GLY B 376 -55.09 -51.88 18.32
N HIS B 377 -54.23 -50.88 18.22
CA HIS B 377 -53.51 -50.36 19.37
C HIS B 377 -54.16 -49.14 20.00
N LEU B 378 -55.17 -48.57 19.35
CA LEU B 378 -55.83 -47.35 19.79
C LEU B 378 -57.27 -47.43 19.31
N GLY B 379 -58.20 -46.95 20.12
CA GLY B 379 -59.60 -47.00 19.76
C GLY B 379 -60.21 -48.36 20.10
N LYS C 6 -34.97 -45.02 -25.72
CA LYS C 6 -35.27 -44.78 -27.14
C LYS C 6 -34.42 -43.66 -27.74
N ARG C 7 -34.06 -42.66 -26.95
CA ARG C 7 -33.24 -41.53 -27.41
C ARG C 7 -31.80 -41.78 -26.99
N THR C 8 -30.99 -42.24 -27.92
CA THR C 8 -29.58 -42.50 -27.65
C THR C 8 -28.72 -41.89 -28.75
N TYR C 9 -27.44 -41.72 -28.42
CA TYR C 9 -26.43 -41.33 -29.39
C TYR C 9 -26.51 -42.19 -30.64
N GLN C 10 -26.46 -41.54 -31.79
CA GLN C 10 -26.66 -42.19 -33.08
C GLN C 10 -25.38 -42.40 -33.87
N GLY C 11 -24.29 -41.74 -33.49
CA GLY C 11 -23.08 -41.77 -34.28
C GLY C 11 -23.09 -40.85 -35.49
N LYS C 12 -24.09 -39.99 -35.63
CA LYS C 12 -24.12 -39.06 -36.76
C LYS C 12 -23.15 -37.92 -36.55
N VAL C 13 -22.96 -37.48 -35.30
CA VAL C 13 -21.99 -36.41 -34.94
C VAL C 13 -20.94 -37.07 -34.07
N PRO C 14 -19.74 -37.40 -34.59
CA PRO C 14 -18.72 -38.09 -33.81
C PRO C 14 -18.43 -37.39 -32.47
N LEU C 15 -18.47 -38.15 -31.36
CA LEU C 15 -18.24 -37.60 -30.00
C LEU C 15 -17.33 -38.54 -29.21
N HIS C 16 -16.52 -38.01 -28.29
CA HIS C 16 -15.68 -38.83 -27.42
C HIS C 16 -16.55 -39.69 -26.49
N ASP C 17 -15.90 -40.63 -25.81
CA ASP C 17 -16.56 -41.71 -25.09
C ASP C 17 -16.82 -41.41 -23.62
N ASN C 18 -16.44 -40.23 -23.13
CA ASN C 18 -16.57 -39.94 -21.71
C ASN C 18 -17.90 -39.27 -21.34
N TYR C 19 -18.75 -38.97 -22.34
CA TYR C 19 -20.08 -38.45 -22.07
C TYR C 19 -20.95 -39.49 -21.39
N GLY C 20 -21.82 -39.04 -20.49
CA GLY C 20 -22.92 -39.88 -20.04
C GLY C 20 -23.87 -40.13 -21.19
N PRO C 21 -24.69 -41.20 -21.09
CA PRO C 21 -25.55 -41.54 -22.25
C PRO C 21 -26.55 -40.47 -22.62
N GLU C 22 -27.21 -39.86 -21.62
CA GLU C 22 -28.15 -38.78 -21.94
C GLU C 22 -27.40 -37.58 -22.50
N ALA C 23 -26.26 -37.24 -21.90
CA ALA C 23 -25.47 -36.12 -22.41
C ALA C 23 -25.01 -36.37 -23.83
N LYS C 24 -24.65 -37.61 -24.14
CA LYS C 24 -24.13 -37.90 -25.47
C LYS C 24 -25.22 -37.73 -26.51
N TYR C 25 -26.42 -38.26 -26.22
CA TYR C 25 -27.57 -37.98 -27.07
C TYR C 25 -27.78 -36.48 -27.24
N ALA C 26 -27.74 -35.74 -26.12
CA ALA C 26 -28.08 -34.32 -26.14
C ALA C 26 -27.08 -33.50 -26.93
N VAL C 27 -25.78 -33.77 -26.77
CA VAL C 27 -24.77 -32.98 -27.46
C VAL C 27 -24.87 -33.22 -28.97
N GLU C 28 -25.08 -34.47 -29.38
CA GLU C 28 -25.28 -34.76 -30.79
C GLU C 28 -26.54 -34.10 -31.32
N ALA C 29 -27.63 -34.18 -30.56
CA ALA C 29 -28.90 -33.63 -31.02
C ALA C 29 -28.80 -32.14 -31.26
N GLU C 30 -28.11 -31.42 -30.36
CA GLU C 30 -28.00 -29.97 -30.52
C GLU C 30 -27.32 -29.64 -31.84
N ALA C 31 -26.27 -30.38 -32.18
CA ALA C 31 -25.49 -30.10 -33.38
C ALA C 31 -26.29 -30.27 -34.66
N LEU C 32 -27.42 -31.00 -34.59
CA LEU C 32 -28.27 -31.24 -35.75
C LEU C 32 -29.47 -30.30 -35.83
N LEU C 33 -29.64 -29.40 -34.87
CA LEU C 33 -30.79 -28.51 -34.88
C LEU C 33 -30.53 -27.29 -35.78
N PRO C 34 -31.55 -26.82 -36.48
CA PRO C 34 -31.38 -25.61 -37.31
C PRO C 34 -31.31 -24.36 -36.44
N THR C 35 -30.97 -23.24 -37.09
CA THR C 35 -30.93 -21.93 -36.44
C THR C 35 -31.77 -20.90 -37.19
N THR C 36 -32.55 -21.31 -38.17
CA THR C 36 -33.32 -20.38 -38.99
C THR C 36 -34.19 -19.44 -38.17
N LYS C 37 -35.00 -19.98 -37.25
CA LYS C 37 -35.92 -19.13 -36.51
C LYS C 37 -35.20 -18.24 -35.50
N PHE C 38 -34.07 -18.70 -34.96
CA PHE C 38 -33.23 -17.81 -34.16
C PHE C 38 -32.85 -16.58 -34.96
N GLU C 39 -32.27 -16.80 -36.15
CA GLU C 39 -31.83 -15.71 -36.99
C GLU C 39 -32.98 -14.78 -37.35
N GLU C 40 -34.17 -15.33 -37.63
CA GLU C 40 -35.31 -14.48 -37.93
C GLU C 40 -35.68 -13.59 -36.76
N GLU C 41 -35.67 -14.14 -35.54
CA GLU C 41 -36.02 -13.35 -34.36
C GLU C 41 -34.99 -12.24 -34.13
N ILE C 42 -33.71 -12.55 -34.32
CA ILE C 42 -32.68 -11.51 -34.19
C ILE C 42 -32.94 -10.40 -35.19
N ALA C 43 -33.21 -10.74 -36.45
CA ALA C 43 -33.39 -9.72 -37.48
C ALA C 43 -34.62 -8.87 -37.18
N ARG C 44 -35.74 -9.52 -36.83
CA ARG C 44 -36.95 -8.80 -36.47
C ARG C 44 -36.71 -7.88 -35.27
N GLY C 45 -36.01 -8.36 -34.26
CA GLY C 45 -35.75 -7.54 -33.08
C GLY C 45 -35.02 -6.23 -33.40
N LEU C 46 -34.01 -6.31 -34.25
CA LEU C 46 -33.28 -5.09 -34.63
C LEU C 46 -34.18 -4.14 -35.39
N GLU C 47 -35.07 -4.67 -36.23
CA GLU C 47 -35.99 -3.82 -36.98
C GLU C 47 -36.96 -3.11 -36.05
N LEU C 48 -37.56 -3.85 -35.12
CA LEU C 48 -38.57 -3.29 -34.23
C LEU C 48 -37.96 -2.48 -33.09
N GLY C 49 -36.74 -2.86 -32.64
CA GLY C 49 -36.15 -2.28 -31.45
C GLY C 49 -35.00 -1.32 -31.66
N LEU C 50 -34.70 -1.02 -32.94
CA LEU C 50 -33.60 -0.14 -33.33
C LEU C 50 -32.26 -0.85 -33.20
N PRO C 51 -31.28 -0.49 -34.01
CA PRO C 51 -29.93 -1.00 -33.75
C PRO C 51 -29.46 -0.59 -32.36
N GLY C 52 -28.64 -1.43 -31.76
CA GLY C 52 -28.06 -1.09 -30.47
C GLY C 52 -27.16 0.12 -30.57
N ALA C 53 -26.84 0.70 -29.41
CA ALA C 53 -25.91 1.82 -29.37
C ALA C 53 -24.55 1.44 -29.96
N ASP C 54 -23.80 2.46 -30.37
CA ASP C 54 -22.53 2.21 -31.04
C ASP C 54 -21.55 1.41 -30.19
N SER C 55 -21.60 1.56 -28.86
CA SER C 55 -20.64 0.90 -27.99
C SER C 55 -20.90 -0.60 -27.84
N ILE C 56 -22.06 -1.08 -28.28
CA ILE C 56 -22.40 -2.50 -28.14
C ILE C 56 -21.66 -3.29 -29.23
N LYS C 57 -20.85 -4.25 -28.82
CA LYS C 57 -20.05 -5.00 -29.79
C LYS C 57 -20.90 -6.03 -30.53
N ASP C 58 -21.78 -6.73 -29.79
CA ASP C 58 -22.66 -7.74 -30.39
C ASP C 58 -23.77 -7.02 -31.14
N ARG C 59 -23.66 -6.97 -32.46
CA ARG C 59 -24.60 -6.19 -33.27
C ARG C 59 -25.95 -6.88 -33.43
N ARG C 60 -26.15 -8.05 -32.82
CA ARG C 60 -27.48 -8.67 -32.71
C ARG C 60 -28.36 -8.00 -31.66
N ILE C 61 -27.83 -7.08 -30.87
CA ILE C 61 -28.51 -6.49 -29.73
C ILE C 61 -29.19 -5.20 -30.15
N PRO C 62 -30.52 -5.08 -30.01
CA PRO C 62 -31.21 -3.82 -30.34
C PRO C 62 -31.11 -2.83 -29.18
N THR C 63 -31.64 -1.64 -29.40
CA THR C 63 -31.75 -0.68 -28.30
C THR C 63 -32.82 -1.13 -27.31
N PHE C 64 -33.98 -1.55 -27.83
CA PHE C 64 -35.10 -2.03 -27.02
C PHE C 64 -35.17 -3.55 -27.10
N SER C 65 -35.33 -4.21 -25.95
CA SER C 65 -35.48 -5.65 -25.92
C SER C 65 -36.71 -6.10 -26.70
N ARG C 66 -36.48 -6.99 -27.68
CA ARG C 66 -37.50 -7.48 -28.61
C ARG C 66 -37.14 -8.93 -28.97
N GLY C 67 -37.53 -9.85 -28.12
CA GLY C 67 -37.22 -11.24 -28.28
C GLY C 67 -36.84 -11.85 -26.94
N GLU C 68 -36.07 -12.94 -27.02
CA GLU C 68 -35.74 -13.69 -25.82
C GLU C 68 -35.01 -12.84 -24.80
N LEU C 69 -34.04 -12.00 -25.25
CA LEU C 69 -33.10 -11.38 -24.33
C LEU C 69 -33.37 -9.90 -24.10
N PRO C 70 -33.05 -9.38 -22.90
CA PRO C 70 -32.60 -10.13 -21.71
C PRO C 70 -33.76 -10.89 -21.07
N HIS C 71 -33.48 -12.00 -20.36
CA HIS C 71 -34.54 -12.78 -19.74
C HIS C 71 -35.30 -11.98 -18.71
N PHE C 72 -34.63 -11.07 -18.01
CA PHE C 72 -35.27 -10.29 -16.95
C PHE C 72 -36.07 -9.10 -17.49
N ALA C 73 -36.12 -8.94 -18.81
CA ALA C 73 -36.76 -7.80 -19.44
C ALA C 73 -37.95 -8.23 -20.28
N GLY C 74 -38.76 -7.24 -20.64
CA GLY C 74 -39.81 -7.44 -21.61
C GLY C 74 -41.16 -7.69 -20.96
N ILE C 75 -42.19 -7.64 -21.79
CA ILE C 75 -43.59 -7.89 -21.34
C ILE C 75 -43.70 -9.40 -21.14
N ASN C 76 -44.34 -9.83 -20.07
CA ASN C 76 -44.33 -11.26 -19.71
C ASN C 76 -45.47 -12.05 -20.36
N THR C 77 -45.29 -12.50 -21.58
CA THR C 77 -46.21 -13.50 -22.19
C THR C 77 -45.56 -14.83 -21.81
N PHE C 78 -46.26 -15.95 -21.95
CA PHE C 78 -45.64 -17.24 -21.66
C PHE C 78 -44.44 -17.48 -22.59
N ILE C 79 -43.30 -17.80 -21.99
CA ILE C 79 -42.01 -17.93 -22.67
C ILE C 79 -41.83 -16.90 -23.78
N LYS C 80 -42.32 -15.69 -23.52
CA LYS C 80 -42.19 -14.54 -24.43
C LYS C 80 -42.71 -14.85 -25.83
N ALA C 81 -43.71 -15.70 -25.91
CA ALA C 81 -44.42 -15.92 -27.17
C ALA C 81 -45.19 -14.66 -27.57
N PRO C 82 -45.53 -14.54 -28.86
CA PRO C 82 -46.33 -13.38 -29.28
C PRO C 82 -47.70 -13.39 -28.63
N TYR C 83 -48.11 -12.22 -28.15
CA TYR C 83 -49.49 -11.99 -27.70
C TYR C 83 -50.39 -11.86 -28.92
N VAL C 84 -51.42 -12.67 -28.99
CA VAL C 84 -52.38 -12.64 -30.11
C VAL C 84 -53.64 -11.99 -29.57
N GLU C 85 -53.77 -10.69 -29.83
CA GLU C 85 -54.89 -9.92 -29.30
C GLU C 85 -56.21 -10.33 -29.96
N ASP C 86 -56.18 -10.68 -31.24
CA ASP C 86 -57.37 -11.11 -31.96
C ASP C 86 -57.44 -12.62 -31.82
N VAL C 87 -58.26 -13.10 -30.87
CA VAL C 87 -58.25 -14.53 -30.57
C VAL C 87 -58.80 -15.35 -31.73
N ARG C 88 -59.47 -14.72 -32.68
CA ARG C 88 -59.90 -15.41 -33.90
C ARG C 88 -58.72 -15.89 -34.74
N LYS C 89 -57.50 -15.42 -34.47
CA LYS C 89 -56.32 -15.82 -35.22
C LYS C 89 -55.53 -16.95 -34.57
N CYS C 90 -56.01 -17.49 -33.44
CA CYS C 90 -55.21 -18.47 -32.71
C CYS C 90 -54.96 -19.73 -33.53
N GLY C 91 -55.83 -20.04 -34.49
CA GLY C 91 -55.61 -21.20 -35.35
C GLY C 91 -54.37 -21.11 -36.23
N GLN C 92 -53.76 -19.94 -36.32
CA GLN C 92 -52.53 -19.77 -37.09
C GLN C 92 -51.31 -20.34 -36.37
N TYR C 93 -51.44 -20.79 -35.13
CA TYR C 93 -50.31 -21.25 -34.34
C TYR C 93 -50.48 -22.72 -33.98
N ASP C 94 -49.35 -23.43 -33.85
CA ASP C 94 -49.43 -24.83 -33.46
C ASP C 94 -49.94 -24.98 -32.04
N VAL C 95 -49.56 -24.06 -31.15
CA VAL C 95 -49.84 -24.11 -29.73
C VAL C 95 -50.38 -22.74 -29.31
N ALA C 96 -51.41 -22.74 -28.46
CA ALA C 96 -51.96 -21.49 -27.94
C ALA C 96 -52.06 -21.62 -26.43
N ILE C 97 -51.38 -20.73 -25.73
CA ILE C 97 -51.43 -20.65 -24.27
C ILE C 97 -52.61 -19.77 -23.89
N LEU C 98 -53.41 -20.19 -22.91
CA LEU C 98 -54.44 -19.32 -22.37
C LEU C 98 -54.56 -19.53 -20.88
N GLY C 99 -54.91 -18.48 -20.17
CA GLY C 99 -55.07 -18.53 -18.74
C GLY C 99 -56.54 -18.59 -18.35
N ALA C 100 -56.80 -19.18 -17.20
CA ALA C 100 -58.14 -19.22 -16.60
C ALA C 100 -58.00 -18.76 -15.16
N PRO C 101 -57.82 -17.46 -14.94
CA PRO C 101 -57.53 -16.95 -13.60
C PRO C 101 -58.73 -16.99 -12.67
N PHE C 102 -58.88 -18.10 -11.97
CA PHE C 102 -60.05 -18.34 -11.15
C PHE C 102 -59.71 -19.18 -9.92
N ASP C 103 -60.22 -18.77 -8.76
CA ASP C 103 -60.07 -19.57 -7.55
C ASP C 103 -61.35 -19.64 -6.73
N GLY C 104 -62.52 -19.41 -7.36
CA GLY C 104 -63.78 -19.62 -6.66
C GLY C 104 -64.13 -21.08 -6.40
N GLY C 105 -63.33 -21.99 -6.95
CA GLY C 105 -63.48 -23.40 -6.75
C GLY C 105 -62.65 -23.97 -5.63
N THR C 106 -61.88 -23.14 -4.92
CA THR C 106 -60.93 -23.64 -3.94
C THR C 106 -61.60 -23.85 -2.59
N THR C 107 -61.32 -24.99 -1.97
CA THR C 107 -61.91 -25.32 -0.66
C THR C 107 -61.02 -24.97 0.53
N TYR C 108 -59.76 -24.58 0.32
CA TYR C 108 -58.93 -24.12 1.43
C TYR C 108 -58.37 -22.76 1.09
N ARG C 109 -57.17 -22.69 0.52
CA ARG C 109 -56.58 -21.41 0.16
C ARG C 109 -57.01 -20.98 -1.23
N ALA C 110 -57.27 -19.69 -1.38
CA ALA C 110 -57.37 -19.06 -2.68
C ALA C 110 -55.97 -18.60 -3.12
N GLY C 111 -55.90 -17.86 -4.22
CA GLY C 111 -54.65 -17.36 -4.76
C GLY C 111 -54.28 -17.93 -6.12
N THR C 112 -54.89 -19.04 -6.52
CA THR C 112 -54.60 -19.58 -7.84
C THR C 112 -55.24 -18.76 -8.95
N ARG C 113 -56.02 -17.72 -8.65
CA ARG C 113 -56.40 -16.78 -9.70
C ARG C 113 -55.18 -16.14 -10.34
N PHE C 114 -54.05 -16.07 -9.62
CA PHE C 114 -52.82 -15.51 -10.15
C PHE C 114 -51.88 -16.55 -10.74
N GLY C 115 -52.29 -17.80 -10.79
CA GLY C 115 -51.46 -18.84 -11.37
C GLY C 115 -50.92 -18.50 -12.77
N PRO C 116 -51.84 -18.03 -13.64
CA PRO C 116 -51.34 -17.70 -15.01
C PRO C 116 -50.31 -16.61 -15.02
N GLN C 117 -50.49 -15.58 -14.20
CA GLN C 117 -49.53 -14.50 -14.13
C GLN C 117 -48.21 -14.97 -13.54
N GLY C 118 -48.25 -15.83 -12.53
CA GLY C 118 -47.01 -16.32 -11.95
C GLY C 118 -46.25 -17.24 -12.89
N ILE C 119 -46.96 -18.08 -13.63
CA ILE C 119 -46.31 -18.97 -14.57
C ILE C 119 -45.69 -18.15 -15.71
N ARG C 120 -46.46 -17.21 -16.28
CA ARG C 120 -45.91 -16.37 -17.34
C ARG C 120 -44.65 -15.64 -16.89
N LYS C 121 -44.68 -15.10 -15.67
CA LYS C 121 -43.57 -14.31 -15.16
C LYS C 121 -42.28 -15.13 -15.10
N ILE C 122 -42.32 -16.27 -14.39
CA ILE C 122 -41.10 -17.04 -14.23
C ILE C 122 -40.70 -17.74 -15.52
N SER C 123 -41.64 -17.91 -16.46
CA SER C 123 -41.30 -18.59 -17.70
C SER C 123 -40.26 -17.81 -18.52
N ALA C 124 -40.08 -16.52 -18.24
CA ALA C 124 -39.04 -15.75 -18.93
C ALA C 124 -37.63 -16.26 -18.62
N LEU C 125 -37.46 -16.96 -17.50
CA LEU C 125 -36.15 -17.47 -17.14
C LEU C 125 -35.64 -18.46 -18.17
N TYR C 126 -36.54 -19.15 -18.85
CA TYR C 126 -36.17 -20.23 -19.74
C TYR C 126 -35.69 -19.72 -21.09
N GLY C 127 -34.73 -20.46 -21.67
CA GLY C 127 -34.46 -20.38 -23.08
C GLY C 127 -35.48 -21.17 -23.85
N THR C 128 -35.24 -21.34 -25.15
CA THR C 128 -36.17 -22.04 -26.02
C THR C 128 -35.77 -23.48 -26.26
N TYR C 129 -34.70 -23.96 -25.63
CA TYR C 129 -34.05 -25.22 -25.98
C TYR C 129 -33.87 -26.07 -24.74
N SER C 130 -34.24 -27.35 -24.84
CA SER C 130 -34.01 -28.31 -23.77
C SER C 130 -32.79 -29.16 -24.11
N PHE C 131 -31.81 -29.17 -23.20
CA PHE C 131 -30.60 -29.97 -23.41
C PHE C 131 -30.93 -31.45 -23.54
N GLU C 132 -31.50 -32.05 -22.48
CA GLU C 132 -31.62 -33.51 -22.50
C GLU C 132 -32.72 -34.02 -23.42
N LEU C 133 -33.70 -33.19 -23.77
CA LEU C 133 -34.71 -33.63 -24.72
C LEU C 133 -34.31 -33.38 -26.17
N GLY C 134 -33.30 -32.55 -26.40
CA GLY C 134 -32.82 -32.31 -27.75
C GLY C 134 -33.82 -31.59 -28.62
N VAL C 135 -34.48 -30.57 -28.09
CA VAL C 135 -35.56 -29.89 -28.79
C VAL C 135 -35.39 -28.39 -28.62
N ASP C 136 -35.50 -27.65 -29.72
CA ASP C 136 -35.55 -26.20 -29.69
C ASP C 136 -36.93 -25.78 -30.15
N LEU C 137 -37.76 -25.33 -29.21
CA LEU C 137 -39.15 -25.00 -29.55
C LEU C 137 -39.21 -23.87 -30.56
N ARG C 138 -38.28 -22.92 -30.48
CA ARG C 138 -38.31 -21.79 -31.40
C ARG C 138 -38.19 -22.27 -32.83
N GLU C 139 -37.42 -23.32 -33.06
CA GLU C 139 -37.21 -23.82 -34.41
C GLU C 139 -38.34 -24.74 -34.89
N SER C 140 -39.06 -25.39 -33.98
CA SER C 140 -39.89 -26.55 -34.34
C SER C 140 -41.39 -26.36 -34.19
N VAL C 141 -41.87 -25.35 -33.46
CA VAL C 141 -43.30 -25.18 -33.25
C VAL C 141 -43.57 -23.69 -33.09
N SER C 142 -44.76 -23.27 -33.54
CA SER C 142 -45.20 -21.89 -33.37
C SER C 142 -46.11 -21.83 -32.14
N ILE C 143 -45.83 -20.90 -31.24
CA ILE C 143 -46.54 -20.78 -29.97
C ILE C 143 -47.05 -19.35 -29.85
N CYS C 144 -48.29 -19.20 -29.42
CA CYS C 144 -48.82 -17.89 -29.11
C CYS C 144 -49.45 -17.91 -27.73
N ASP C 145 -49.71 -16.71 -27.22
CA ASP C 145 -50.35 -16.48 -25.94
C ASP C 145 -51.56 -15.60 -26.20
N VAL C 146 -52.77 -16.14 -25.96
CA VAL C 146 -54.00 -15.38 -26.21
C VAL C 146 -54.52 -14.72 -24.94
N GLY C 147 -53.73 -14.66 -23.89
CA GLY C 147 -54.15 -13.99 -22.69
C GLY C 147 -55.06 -14.86 -21.86
N ASP C 148 -56.03 -14.20 -21.21
CA ASP C 148 -56.83 -14.86 -20.20
C ASP C 148 -58.32 -14.86 -20.53
N ILE C 149 -59.00 -15.94 -20.11
CA ILE C 149 -60.45 -15.97 -20.04
C ILE C 149 -60.93 -14.91 -19.07
N PHE C 150 -62.01 -14.23 -19.41
CA PHE C 150 -62.67 -13.28 -18.54
C PHE C 150 -63.49 -14.10 -17.55
N THR C 151 -62.87 -14.41 -16.42
CA THR C 151 -63.52 -15.23 -15.39
C THR C 151 -64.46 -14.40 -14.54
N ILE C 152 -65.32 -15.10 -13.79
CA ILE C 152 -66.40 -14.50 -13.01
C ILE C 152 -66.25 -14.97 -11.56
N PRO C 153 -65.50 -14.23 -10.74
CA PRO C 153 -65.18 -14.75 -9.39
C PRO C 153 -66.39 -15.03 -8.51
N GLY C 154 -67.49 -14.30 -8.68
CA GLY C 154 -68.66 -14.52 -7.85
C GLY C 154 -69.56 -15.68 -8.23
N ASN C 155 -69.27 -16.38 -9.34
CA ASN C 155 -70.20 -17.36 -9.86
C ASN C 155 -69.38 -18.42 -10.62
N ILE C 156 -69.21 -19.59 -10.01
CA ILE C 156 -68.42 -20.64 -10.63
C ILE C 156 -69.08 -21.15 -11.91
N GLU C 157 -70.41 -21.22 -11.95
CA GLU C 157 -71.09 -21.72 -13.15
C GLU C 157 -70.90 -20.79 -14.34
N LYS C 158 -71.00 -19.48 -14.14
CA LYS C 158 -70.71 -18.55 -15.21
C LYS C 158 -69.25 -18.67 -15.66
N THR C 159 -68.34 -18.87 -14.70
CA THR C 159 -66.93 -19.03 -15.05
C THR C 159 -66.74 -20.26 -15.93
N PHE C 160 -67.38 -21.39 -15.57
CA PHE C 160 -67.30 -22.59 -16.40
C PHE C 160 -67.72 -22.28 -17.83
N ASP C 161 -68.82 -21.53 -17.98
CA ASP C 161 -69.37 -21.24 -19.30
C ASP C 161 -68.40 -20.40 -20.11
N GLN C 162 -67.74 -19.42 -19.47
CA GLN C 162 -66.69 -18.66 -20.13
C GLN C 162 -65.53 -19.55 -20.55
N VAL C 163 -65.08 -20.41 -19.64
CA VAL C 163 -63.92 -21.25 -19.92
C VAL C 163 -64.23 -22.25 -21.01
N SER C 164 -65.41 -22.87 -20.97
CA SER C 164 -65.77 -23.83 -22.02
C SER C 164 -65.82 -23.17 -23.38
N LYS C 165 -66.32 -21.94 -23.45
CA LYS C 165 -66.41 -21.25 -24.72
C LYS C 165 -65.03 -20.89 -25.26
N GLY C 166 -64.17 -20.37 -24.39
CA GLY C 166 -62.84 -19.98 -24.82
C GLY C 166 -61.97 -21.16 -25.19
N VAL C 167 -61.95 -22.20 -24.34
CA VAL C 167 -61.12 -23.38 -24.62
C VAL C 167 -61.66 -24.14 -25.83
N GLY C 168 -62.97 -24.20 -25.95
CA GLY C 168 -63.58 -24.81 -27.13
C GLY C 168 -63.14 -24.10 -28.39
N HIS C 169 -63.15 -22.77 -28.36
CA HIS C 169 -62.72 -21.99 -29.51
C HIS C 169 -61.28 -22.31 -29.90
N VAL C 170 -60.36 -22.28 -28.92
CA VAL C 170 -58.96 -22.57 -29.20
C VAL C 170 -58.80 -23.99 -29.74
N PHE C 171 -59.42 -24.96 -29.11
CA PHE C 171 -59.29 -26.38 -29.52
C PHE C 171 -59.85 -26.57 -30.93
N ALA C 172 -60.96 -25.92 -31.21
CA ALA C 172 -61.64 -26.05 -32.51
C ALA C 172 -60.77 -25.43 -33.59
N SER C 173 -59.95 -24.44 -33.23
CA SER C 173 -59.11 -23.76 -34.23
C SER C 173 -58.00 -24.64 -34.75
N GLY C 174 -57.70 -25.76 -34.10
CA GLY C 174 -56.59 -26.62 -34.44
C GLY C 174 -55.36 -26.43 -33.56
N ALA C 175 -55.26 -25.30 -32.87
CA ALA C 175 -54.14 -25.07 -31.98
C ALA C 175 -54.21 -26.00 -30.77
N PHE C 176 -53.06 -26.49 -30.34
CA PHE C 176 -52.93 -27.31 -29.13
C PHE C 176 -53.10 -26.37 -27.93
N PRO C 177 -54.17 -26.50 -27.15
CA PRO C 177 -54.38 -25.56 -26.03
C PRO C 177 -53.55 -25.97 -24.81
N VAL C 178 -52.92 -24.97 -24.19
CA VAL C 178 -52.27 -25.12 -22.89
C VAL C 178 -53.00 -24.15 -21.97
N VAL C 179 -53.76 -24.68 -21.02
CA VAL C 179 -54.57 -23.87 -20.12
C VAL C 179 -53.84 -23.70 -18.80
N LEU C 180 -53.52 -22.46 -18.44
CA LEU C 180 -52.91 -22.14 -17.15
C LEU C 180 -54.04 -21.85 -16.17
N GLY C 181 -54.19 -22.67 -15.14
CA GLY C 181 -55.12 -22.36 -14.07
C GLY C 181 -54.50 -21.52 -12.97
N GLY C 182 -55.34 -21.14 -12.00
CA GLY C 182 -56.72 -21.51 -11.84
C GLY C 182 -56.89 -22.85 -11.12
N ASP C 183 -57.98 -23.04 -10.39
CA ASP C 183 -58.16 -24.27 -9.59
C ASP C 183 -58.66 -25.42 -10.48
N HIS C 184 -58.73 -26.63 -9.92
CA HIS C 184 -59.08 -27.85 -10.68
C HIS C 184 -60.57 -27.95 -11.00
N SER C 185 -61.41 -27.08 -10.48
CA SER C 185 -62.84 -27.05 -10.87
C SER C 185 -62.89 -26.83 -12.38
N LEU C 186 -61.94 -26.05 -12.87
CA LEU C 186 -61.90 -25.67 -14.30
C LEU C 186 -61.69 -26.92 -15.17
N GLY C 187 -61.17 -28.02 -14.64
CA GLY C 187 -61.01 -29.26 -15.41
C GLY C 187 -62.33 -29.68 -16.05
N PHE C 188 -63.45 -29.45 -15.36
CA PHE C 188 -64.75 -29.76 -15.93
C PHE C 188 -65.04 -28.89 -17.14
N ALA C 189 -64.76 -27.59 -17.03
CA ALA C 189 -65.12 -26.66 -18.08
C ALA C 189 -64.24 -26.80 -19.31
N THR C 190 -62.96 -27.15 -19.12
CA THR C 190 -62.07 -27.33 -20.26
C THR C 190 -62.44 -28.58 -21.03
N VAL C 191 -62.65 -29.69 -20.30
CA VAL C 191 -63.04 -30.94 -20.94
C VAL C 191 -64.40 -30.81 -21.61
N ARG C 192 -65.32 -30.10 -20.95
CA ARG C 192 -66.63 -29.88 -21.56
C ARG C 192 -66.50 -29.17 -22.90
N GLY C 193 -65.63 -28.18 -22.96
CA GLY C 193 -65.43 -27.43 -24.21
C GLY C 193 -64.79 -28.28 -25.27
N VAL C 194 -63.81 -29.09 -24.90
CA VAL C 194 -63.08 -29.94 -25.87
C VAL C 194 -64.05 -30.99 -26.40
N ALA C 195 -64.77 -31.65 -25.52
CA ALA C 195 -65.67 -32.76 -25.92
C ALA C 195 -66.77 -32.28 -26.86
N GLN C 196 -67.14 -31.01 -26.82
CA GLN C 196 -68.17 -30.44 -27.74
C GLN C 196 -67.62 -30.47 -29.17
N HIS C 197 -66.31 -30.57 -29.36
CA HIS C 197 -65.67 -30.47 -30.71
C HIS C 197 -64.96 -31.76 -31.13
N LEU C 198 -65.44 -32.93 -30.72
CA LEU C 198 -64.77 -34.23 -31.04
C LEU C 198 -65.62 -35.05 -32.03
N ASN C 199 -66.71 -34.49 -32.52
CA ASN C 199 -67.59 -35.17 -33.52
C ASN C 199 -68.11 -36.46 -32.89
N GLY C 200 -68.45 -36.42 -31.60
CA GLY C 200 -69.00 -37.58 -30.88
C GLY C 200 -67.95 -38.59 -30.50
N LYS C 201 -66.70 -38.43 -30.95
CA LYS C 201 -65.62 -39.32 -30.51
C LYS C 201 -65.38 -39.15 -29.01
N LYS C 202 -64.75 -40.16 -28.41
CA LYS C 202 -64.56 -40.19 -26.96
C LYS C 202 -63.25 -39.51 -26.53
N LEU C 203 -63.23 -39.08 -25.26
CA LEU C 203 -62.11 -38.35 -24.67
C LEU C 203 -61.68 -39.02 -23.37
N GLY C 204 -60.42 -39.48 -23.33
CA GLY C 204 -59.82 -39.96 -22.10
C GLY C 204 -59.14 -38.83 -21.36
N ILE C 205 -58.84 -39.08 -20.08
CA ILE C 205 -58.22 -38.09 -19.22
C ILE C 205 -57.06 -38.71 -18.43
N LEU C 206 -55.89 -38.12 -18.54
CA LEU C 206 -54.75 -38.42 -17.67
C LEU C 206 -54.71 -37.35 -16.58
N HIS C 207 -54.99 -37.77 -15.37
CA HIS C 207 -55.18 -36.83 -14.24
C HIS C 207 -54.09 -37.03 -13.23
N PHE C 208 -53.19 -36.11 -13.05
CA PHE C 208 -52.12 -36.11 -12.05
C PHE C 208 -52.56 -35.26 -10.86
N ASP C 209 -52.63 -35.89 -9.71
CA ASP C 209 -53.17 -35.21 -8.53
C ASP C 209 -53.10 -36.10 -7.31
N ARG C 210 -53.00 -35.50 -6.12
CA ARG C 210 -53.21 -36.28 -4.92
C ARG C 210 -54.71 -36.45 -4.65
N HIS C 211 -55.52 -35.59 -5.25
CA HIS C 211 -56.96 -35.54 -4.94
C HIS C 211 -57.77 -36.14 -6.09
N VAL C 212 -58.74 -36.93 -5.70
CA VAL C 212 -59.57 -37.69 -6.65
C VAL C 212 -60.46 -36.78 -7.50
N ASP C 213 -60.97 -35.69 -6.92
CA ASP C 213 -61.74 -34.66 -7.67
C ASP C 213 -62.96 -35.28 -8.35
N THR C 214 -63.59 -36.25 -7.70
CA THR C 214 -64.71 -36.99 -8.30
C THR C 214 -65.97 -37.03 -7.44
N GLN C 215 -66.22 -36.04 -6.60
CA GLN C 215 -67.48 -35.99 -5.87
C GLN C 215 -68.45 -35.03 -6.55
N ASP C 216 -69.72 -35.07 -6.12
CA ASP C 216 -70.76 -34.32 -6.82
C ASP C 216 -70.72 -32.83 -6.50
N THR C 217 -70.87 -32.46 -5.24
CA THR C 217 -70.79 -31.07 -4.84
C THR C 217 -69.89 -30.95 -3.61
N ASP C 218 -69.44 -29.72 -3.37
CA ASP C 218 -68.59 -29.43 -2.21
C ASP C 218 -68.93 -28.00 -1.83
N LEU C 219 -69.33 -27.78 -0.58
CA LEU C 219 -69.82 -26.47 -0.14
C LEU C 219 -70.90 -25.99 -1.11
N ASP C 220 -71.78 -26.92 -1.50
CA ASP C 220 -72.98 -26.68 -2.29
C ASP C 220 -72.72 -26.28 -3.74
N GLU C 221 -71.51 -26.42 -4.25
CA GLU C 221 -71.18 -26.03 -5.63
C GLU C 221 -70.23 -27.04 -6.24
N ARG C 222 -70.01 -26.90 -7.56
CA ARG C 222 -69.18 -27.82 -8.32
C ARG C 222 -67.72 -27.35 -8.29
N MET C 223 -67.13 -27.50 -7.11
CA MET C 223 -65.82 -26.95 -6.78
C MET C 223 -64.70 -27.87 -7.27
N HIS C 224 -63.45 -27.57 -6.89
CA HIS C 224 -62.25 -28.30 -7.42
C HIS C 224 -62.21 -29.77 -7.02
N THR C 225 -63.04 -30.19 -6.05
CA THR C 225 -63.17 -31.61 -5.72
C THR C 225 -64.19 -32.34 -6.58
N THR C 226 -64.82 -31.66 -7.54
CA THR C 226 -65.91 -32.27 -8.29
C THR C 226 -65.74 -32.38 -9.81
N PRO C 227 -64.69 -31.80 -10.42
CA PRO C 227 -64.68 -31.66 -11.87
C PRO C 227 -64.89 -32.97 -12.64
N TRP C 228 -64.32 -34.08 -12.20
CA TRP C 228 -64.36 -35.35 -12.99
C TRP C 228 -65.69 -36.05 -12.78
N PHE C 229 -66.39 -35.87 -11.69
CA PHE C 229 -67.77 -36.36 -11.55
C PHE C 229 -68.63 -35.80 -12.68
N HIS C 230 -68.55 -34.50 -12.91
CA HIS C 230 -69.38 -33.84 -13.92
C HIS C 230 -68.83 -34.01 -15.31
N ALA C 231 -67.50 -34.07 -15.46
CA ALA C 231 -66.93 -34.29 -16.79
C ALA C 231 -67.33 -35.67 -17.32
N THR C 232 -67.32 -36.68 -16.46
CA THR C 232 -67.61 -38.04 -16.92
C THR C 232 -69.10 -38.30 -17.03
N ASN C 233 -69.95 -37.37 -16.61
CA ASN C 233 -71.35 -37.41 -16.98
C ASN C 233 -71.60 -37.03 -18.44
N ILE C 234 -70.61 -36.42 -19.08
CA ILE C 234 -70.75 -36.06 -20.51
C ILE C 234 -70.74 -37.33 -21.34
N PRO C 235 -71.63 -37.48 -22.32
CA PRO C 235 -71.79 -38.79 -22.98
C PRO C 235 -70.52 -39.34 -23.60
N ASN C 236 -69.64 -38.50 -24.15
CA ASN C 236 -68.44 -38.96 -24.82
C ASN C 236 -67.17 -38.76 -23.98
N VAL C 237 -67.32 -38.68 -22.65
CA VAL C 237 -66.19 -38.69 -21.73
C VAL C 237 -66.33 -39.89 -20.81
N PRO C 238 -65.75 -41.03 -21.15
CA PRO C 238 -65.95 -42.26 -20.35
C PRO C 238 -65.07 -42.28 -19.10
N ALA C 239 -65.69 -42.53 -17.95
CA ALA C 239 -64.95 -42.62 -16.70
C ALA C 239 -63.93 -43.75 -16.69
N LYS C 240 -64.16 -44.81 -17.47
CA LYS C 240 -63.20 -45.90 -17.53
C LYS C 240 -61.88 -45.46 -18.16
N ASN C 241 -61.86 -44.33 -18.84
CA ASN C 241 -60.63 -43.80 -19.44
C ASN C 241 -60.05 -42.65 -18.64
N LEU C 242 -60.58 -42.42 -17.43
CA LEU C 242 -60.01 -41.46 -16.50
C LEU C 242 -58.99 -42.19 -15.63
N VAL C 243 -57.72 -41.84 -15.79
CA VAL C 243 -56.62 -42.46 -15.07
C VAL C 243 -56.10 -41.44 -14.07
N GLN C 244 -56.15 -41.79 -12.79
CA GLN C 244 -55.84 -40.87 -11.71
C GLN C 244 -54.52 -41.31 -11.08
N ILE C 245 -53.51 -40.44 -11.24
CA ILE C 245 -52.12 -40.77 -10.98
C ILE C 245 -51.66 -39.95 -9.79
N GLY C 246 -51.40 -40.60 -8.66
CA GLY C 246 -50.85 -39.97 -7.49
C GLY C 246 -51.77 -39.85 -6.31
N ILE C 247 -52.98 -40.41 -6.37
CA ILE C 247 -53.96 -40.22 -5.31
C ILE C 247 -53.42 -40.70 -3.98
N GLY C 248 -53.57 -39.87 -2.95
CA GLY C 248 -53.15 -40.28 -1.62
C GLY C 248 -53.21 -39.13 -0.64
N GLY C 249 -52.98 -39.48 0.62
CA GLY C 249 -52.96 -38.50 1.69
C GLY C 249 -54.26 -38.34 2.41
N TRP C 250 -54.49 -37.17 2.98
CA TRP C 250 -55.63 -36.94 3.87
C TRP C 250 -56.63 -35.97 3.28
N GLN C 251 -56.61 -35.77 1.97
CA GLN C 251 -57.51 -34.82 1.32
C GLN C 251 -58.20 -35.42 0.12
N ALA C 252 -58.21 -36.74 -0.02
CA ALA C 252 -59.00 -37.42 -1.03
C ALA C 252 -60.35 -37.76 -0.40
N PRO C 253 -61.39 -36.96 -0.62
CA PRO C 253 -62.62 -37.11 0.17
C PRO C 253 -63.33 -38.41 -0.13
N ARG C 254 -63.92 -39.00 0.92
CA ARG C 254 -64.63 -40.27 0.75
C ARG C 254 -65.72 -40.22 -0.32
N PRO C 255 -66.57 -39.19 -0.41
CA PRO C 255 -67.59 -39.21 -1.47
C PRO C 255 -66.98 -39.27 -2.86
N GLY C 256 -65.79 -38.68 -3.04
CA GLY C 256 -65.12 -38.77 -4.32
C GLY C 256 -64.59 -40.15 -4.60
N VAL C 257 -64.07 -40.83 -3.55
CA VAL C 257 -63.57 -42.19 -3.71
C VAL C 257 -64.72 -43.10 -4.14
N LYS C 258 -65.86 -42.97 -3.45
CA LYS C 258 -67.03 -43.80 -3.74
C LYS C 258 -67.48 -43.62 -5.18
N ALA C 259 -67.68 -42.37 -5.61
CA ALA C 259 -68.17 -42.14 -6.97
C ALA C 259 -67.18 -42.65 -8.01
N GLY C 260 -65.89 -42.44 -7.79
CA GLY C 260 -64.90 -42.97 -8.71
C GLY C 260 -64.95 -44.49 -8.78
N ARG C 261 -65.19 -45.13 -7.64
N ARG C 261 -65.21 -45.13 -7.64
CA ARG C 261 -65.31 -46.61 -7.62
CA ARG C 261 -65.31 -46.61 -7.62
C ARG C 261 -66.52 -47.03 -8.45
C ARG C 261 -66.51 -47.03 -8.46
N GLU C 262 -67.66 -46.37 -8.25
CA GLU C 262 -68.87 -46.74 -8.96
C GLU C 262 -68.69 -46.59 -10.46
N ARG C 263 -67.93 -45.56 -10.87
CA ARG C 263 -67.72 -45.25 -12.28
C ARG C 263 -66.52 -45.95 -12.88
N GLN C 264 -65.73 -46.65 -12.06
CA GLN C 264 -64.63 -47.50 -12.51
C GLN C 264 -63.50 -46.69 -13.16
N THR C 265 -63.13 -45.60 -12.50
CA THR C 265 -61.91 -44.87 -12.86
C THR C 265 -60.75 -45.74 -12.42
N THR C 266 -59.56 -45.51 -12.96
CA THR C 266 -58.35 -46.23 -12.54
C THR C 266 -57.56 -45.31 -11.61
N ILE C 267 -57.04 -45.81 -10.52
CA ILE C 267 -56.19 -45.02 -9.58
C ILE C 267 -54.87 -45.73 -9.32
N MET C 268 -53.77 -44.98 -9.39
CA MET C 268 -52.44 -45.46 -8.99
C MET C 268 -51.90 -44.43 -7.99
N THR C 269 -51.52 -44.90 -6.80
CA THR C 269 -50.96 -43.99 -5.82
C THR C 269 -49.49 -43.68 -6.17
N VAL C 270 -48.96 -42.66 -5.50
CA VAL C 270 -47.54 -42.36 -5.65
C VAL C 270 -46.71 -43.60 -5.38
N THR C 271 -46.95 -44.26 -4.25
CA THR C 271 -46.18 -45.45 -3.91
C THR C 271 -46.36 -46.54 -4.95
N ASP C 272 -47.59 -46.72 -5.46
CA ASP C 272 -47.80 -47.69 -6.53
C ASP C 272 -46.87 -47.43 -7.70
N CYS C 273 -46.80 -46.19 -8.15
CA CYS C 273 -46.02 -45.82 -9.36
C CYS C 273 -44.52 -46.01 -9.14
N VAL C 274 -44.00 -45.55 -8.02
CA VAL C 274 -42.54 -45.62 -7.74
C VAL C 274 -42.16 -47.08 -7.48
N GLU C 275 -43.04 -47.86 -6.86
CA GLU C 275 -42.75 -49.28 -6.56
C GLU C 275 -42.69 -50.07 -7.86
N MET C 276 -43.60 -49.81 -8.79
CA MET C 276 -43.64 -50.59 -10.04
C MET C 276 -42.58 -50.09 -11.03
N GLY C 277 -42.10 -48.86 -10.85
CA GLY C 277 -41.20 -48.24 -11.80
C GLY C 277 -41.97 -47.24 -12.66
N ILE C 278 -41.41 -46.05 -12.85
CA ILE C 278 -42.14 -45.02 -13.58
C ILE C 278 -42.40 -45.44 -15.01
N GLU C 279 -41.45 -46.12 -15.64
CA GLU C 279 -41.67 -46.59 -17.00
C GLU C 279 -42.88 -47.52 -17.06
N ASN C 280 -42.99 -48.43 -16.10
CA ASN C 280 -44.13 -49.34 -16.08
C ASN C 280 -45.41 -48.60 -15.72
N ALA C 281 -45.32 -47.65 -14.79
CA ALA C 281 -46.50 -46.86 -14.44
C ALA C 281 -47.05 -46.12 -15.65
N ALA C 282 -46.16 -45.52 -16.45
CA ALA C 282 -46.59 -44.78 -17.62
C ALA C 282 -47.25 -45.71 -18.64
N LYS C 283 -46.67 -46.89 -18.86
CA LYS C 283 -47.25 -47.85 -19.79
C LYS C 283 -48.67 -48.19 -19.38
N GLN C 284 -48.88 -48.47 -18.09
CA GLN C 284 -50.20 -48.83 -17.59
C GLN C 284 -51.18 -47.69 -17.75
N ALA C 285 -50.76 -46.47 -17.38
CA ALA C 285 -51.64 -45.31 -17.49
C ALA C 285 -52.03 -45.05 -18.95
N LEU C 286 -51.06 -45.11 -19.86
CA LEU C 286 -51.36 -44.90 -21.27
C LEU C 286 -52.30 -45.97 -21.79
N GLU C 287 -52.05 -47.22 -21.39
CA GLU C 287 -52.85 -48.33 -21.87
C GLU C 287 -54.31 -48.10 -21.52
N VAL C 288 -54.59 -47.68 -20.30
CA VAL C 288 -55.95 -47.45 -19.82
C VAL C 288 -56.58 -46.21 -20.45
N ALA C 289 -55.83 -45.09 -20.46
CA ALA C 289 -56.42 -43.83 -20.91
C ALA C 289 -56.81 -43.88 -22.38
N PHE C 290 -56.01 -44.55 -23.20
CA PHE C 290 -56.20 -44.61 -24.63
C PHE C 290 -56.97 -45.84 -25.08
N ASP C 291 -57.47 -46.65 -24.16
CA ASP C 291 -58.18 -47.89 -24.53
C ASP C 291 -59.49 -47.54 -25.22
N GLY C 292 -59.53 -47.73 -26.53
CA GLY C 292 -60.73 -47.45 -27.29
C GLY C 292 -61.05 -45.99 -27.48
N VAL C 293 -60.07 -45.11 -27.34
CA VAL C 293 -60.22 -43.69 -27.60
C VAL C 293 -58.93 -43.15 -28.19
N ASP C 294 -59.05 -42.17 -29.07
CA ASP C 294 -57.88 -41.55 -29.67
C ASP C 294 -57.48 -40.24 -28.99
N ALA C 295 -58.45 -39.48 -28.48
CA ALA C 295 -58.18 -38.17 -27.91
C ALA C 295 -58.09 -38.30 -26.40
N VAL C 296 -57.00 -37.79 -25.82
CA VAL C 296 -56.79 -37.80 -24.39
C VAL C 296 -56.36 -36.42 -23.95
N TRP C 297 -56.94 -35.96 -22.84
CA TRP C 297 -56.64 -34.67 -22.22
C TRP C 297 -55.78 -34.87 -21.00
N LEU C 298 -54.74 -34.03 -20.87
CA LEU C 298 -53.82 -34.09 -19.74
C LEU C 298 -54.20 -33.00 -18.74
N SER C 299 -54.56 -33.39 -17.52
CA SER C 299 -54.93 -32.45 -16.43
C SER C 299 -53.90 -32.63 -15.32
N PHE C 300 -53.00 -31.67 -15.16
CA PHE C 300 -51.89 -31.77 -14.23
C PHE C 300 -52.11 -30.80 -13.07
N ASP C 301 -52.27 -31.34 -11.87
CA ASP C 301 -52.38 -30.53 -10.64
C ASP C 301 -50.98 -30.46 -10.04
N VAL C 302 -50.47 -29.26 -9.80
CA VAL C 302 -49.11 -29.16 -9.27
C VAL C 302 -49.00 -29.79 -7.90
N ASP C 303 -50.12 -30.00 -7.22
CA ASP C 303 -50.09 -30.59 -5.86
C ASP C 303 -49.65 -32.06 -5.90
N CYS C 304 -49.52 -32.70 -7.06
CA CYS C 304 -49.07 -34.10 -7.07
C CYS C 304 -47.59 -34.20 -6.71
N LEU C 305 -46.84 -33.10 -6.82
CA LEU C 305 -45.48 -33.06 -6.28
C LEU C 305 -45.55 -32.97 -4.76
N ASP C 306 -44.55 -33.53 -4.10
CA ASP C 306 -44.41 -33.29 -2.66
C ASP C 306 -44.42 -31.81 -2.36
N ALA C 307 -45.11 -31.45 -1.26
CA ALA C 307 -45.35 -30.05 -0.93
C ALA C 307 -44.11 -29.19 -1.00
N ALA C 308 -42.95 -29.72 -0.67
CA ALA C 308 -41.75 -28.91 -0.63
C ALA C 308 -41.37 -28.37 -2.01
N PHE C 309 -41.74 -29.08 -3.07
CA PHE C 309 -41.45 -28.64 -4.43
C PHE C 309 -42.51 -27.70 -5.00
N VAL C 310 -43.67 -27.63 -4.36
CA VAL C 310 -44.81 -26.85 -4.86
C VAL C 310 -45.47 -26.17 -3.66
N PRO C 311 -44.73 -25.39 -2.88
CA PRO C 311 -45.36 -24.76 -1.70
C PRO C 311 -46.49 -23.82 -2.07
N GLY C 312 -46.47 -23.28 -3.28
CA GLY C 312 -47.47 -22.32 -3.71
C GLY C 312 -48.67 -22.98 -4.31
N THR C 313 -49.44 -23.66 -3.47
CA THR C 313 -50.63 -24.37 -3.90
C THR C 313 -51.62 -24.33 -2.73
N GLY C 314 -52.91 -24.45 -2.99
CA GLY C 314 -53.90 -24.31 -1.93
C GLY C 314 -54.15 -25.57 -1.15
N TRP C 315 -53.70 -26.73 -1.63
CA TRP C 315 -53.95 -28.04 -0.95
C TRP C 315 -52.68 -28.89 -1.02
N PRO C 316 -51.61 -28.43 -0.35
CA PRO C 316 -50.38 -29.18 -0.33
C PRO C 316 -50.46 -30.49 0.48
N GLU C 317 -49.63 -31.45 0.13
CA GLU C 317 -49.61 -32.76 0.82
C GLU C 317 -48.21 -33.35 0.79
N PRO C 318 -47.71 -33.86 1.92
CA PRO C 318 -46.44 -34.60 1.92
C PRO C 318 -46.59 -35.94 1.21
N GLY C 319 -45.45 -36.49 0.81
CA GLY C 319 -45.44 -37.83 0.27
C GLY C 319 -45.76 -37.93 -1.21
N GLY C 320 -45.69 -36.83 -1.94
CA GLY C 320 -45.99 -36.84 -3.36
C GLY C 320 -44.81 -37.27 -4.19
N PHE C 321 -44.96 -37.06 -5.50
CA PHE C 321 -43.87 -37.34 -6.43
C PHE C 321 -42.70 -36.41 -6.20
N LEU C 322 -41.51 -36.88 -6.54
CA LEU C 322 -40.33 -36.03 -6.69
C LEU C 322 -40.23 -35.58 -8.15
N PRO C 323 -39.59 -34.44 -8.42
CA PRO C 323 -39.62 -33.89 -9.79
C PRO C 323 -39.15 -34.84 -10.87
N ARG C 324 -38.02 -35.52 -10.66
CA ARG C 324 -37.51 -36.41 -11.69
C ARG C 324 -38.48 -37.55 -11.98
N GLU C 325 -39.24 -37.99 -10.97
CA GLU C 325 -40.22 -39.06 -11.15
C GLU C 325 -41.37 -38.62 -12.04
N VAL C 326 -41.97 -37.47 -11.73
CA VAL C 326 -43.12 -37.04 -12.52
C VAL C 326 -42.70 -36.50 -13.89
N LEU C 327 -41.52 -35.90 -13.99
CA LEU C 327 -41.08 -35.42 -15.29
C LEU C 327 -40.79 -36.59 -16.23
N LYS C 328 -40.22 -37.67 -15.71
CA LYS C 328 -40.04 -38.87 -16.53
C LYS C 328 -41.40 -39.41 -16.97
N PHE C 329 -42.35 -39.47 -16.03
CA PHE C 329 -43.70 -39.94 -16.32
C PHE C 329 -44.30 -39.14 -17.49
N LEU C 330 -44.24 -37.81 -17.38
CA LEU C 330 -44.81 -36.95 -18.42
C LEU C 330 -44.08 -37.11 -19.75
N GLN C 331 -42.75 -37.24 -19.72
CA GLN C 331 -41.98 -37.37 -20.94
C GLN C 331 -42.38 -38.63 -21.69
N ILE C 332 -42.55 -39.75 -20.97
CA ILE C 332 -42.97 -40.98 -21.61
C ILE C 332 -44.36 -40.83 -22.22
N ILE C 333 -45.31 -40.29 -21.45
CA ILE C 333 -46.63 -40.05 -21.99
C ILE C 333 -46.56 -39.24 -23.27
N ALA C 334 -45.86 -38.09 -23.22
CA ALA C 334 -45.91 -37.13 -24.32
C ALA C 334 -45.08 -37.57 -25.51
N ASP C 335 -44.13 -38.48 -25.31
CA ASP C 335 -43.41 -39.09 -26.43
C ASP C 335 -44.25 -40.16 -27.13
N THR C 336 -45.03 -40.92 -26.36
CA THR C 336 -45.68 -42.12 -26.86
C THR C 336 -46.97 -41.85 -27.62
N LYS C 337 -47.74 -40.84 -27.20
CA LYS C 337 -49.07 -40.63 -27.75
C LYS C 337 -49.29 -39.14 -27.98
N PRO C 338 -50.13 -38.80 -28.96
CA PRO C 338 -50.57 -37.40 -29.10
C PRO C 338 -51.56 -37.07 -27.99
N LEU C 339 -51.56 -35.80 -27.60
CA LEU C 339 -52.50 -35.29 -26.62
C LEU C 339 -53.41 -34.25 -27.27
N ALA C 340 -54.66 -34.19 -26.80
CA ALA C 340 -55.61 -33.22 -27.30
C ALA C 340 -55.37 -31.82 -26.75
N GLY C 341 -54.64 -31.73 -25.66
CA GLY C 341 -54.40 -30.47 -24.98
C GLY C 341 -54.07 -30.77 -23.53
N MET C 342 -53.76 -29.72 -22.79
CA MET C 342 -53.40 -29.91 -21.40
C MET C 342 -53.81 -28.68 -20.59
N GLU C 343 -53.91 -28.89 -19.28
CA GLU C 343 -54.10 -27.82 -18.33
C GLU C 343 -53.18 -28.08 -17.14
N ILE C 344 -52.62 -27.01 -16.59
CA ILE C 344 -51.81 -27.10 -15.37
C ILE C 344 -52.49 -26.19 -14.36
N VAL C 345 -52.91 -26.79 -13.24
CA VAL C 345 -53.77 -26.07 -12.29
C VAL C 345 -53.25 -26.05 -10.85
N GLU C 346 -53.79 -25.12 -10.08
CA GLU C 346 -53.58 -24.99 -8.61
C GLU C 346 -52.30 -24.23 -8.26
N CYS C 347 -51.58 -23.68 -9.23
CA CYS C 347 -50.46 -22.83 -8.86
C CYS C 347 -50.96 -21.56 -8.19
N ALA C 348 -50.47 -21.29 -6.96
CA ALA C 348 -50.97 -20.18 -6.15
C ALA C 348 -49.80 -19.29 -5.73
N PRO C 349 -49.45 -18.31 -6.55
CA PRO C 349 -48.25 -17.50 -6.32
C PRO C 349 -48.19 -16.82 -4.96
N PRO C 350 -49.31 -16.39 -4.36
CA PRO C 350 -49.22 -15.75 -3.04
C PRO C 350 -48.60 -16.63 -1.97
N TYR C 351 -48.55 -17.94 -2.17
CA TYR C 351 -47.95 -18.89 -1.23
C TYR C 351 -46.64 -19.44 -1.75
N ASP C 352 -46.09 -18.84 -2.80
N ASP C 352 -46.16 -18.96 -2.86
CA ASP C 352 -44.94 -19.34 -3.56
CA ASP C 352 -45.03 -19.59 -3.52
C ASP C 352 -43.80 -18.32 -3.54
C ASP C 352 -43.75 -19.03 -2.89
N ALA C 353 -43.08 -18.24 -2.43
N ALA C 353 -42.85 -19.92 -2.53
CA ALA C 353 -42.19 -17.10 -2.23
CA ALA C 353 -41.55 -19.54 -2.04
C ALA C 353 -41.11 -16.99 -3.30
C ALA C 353 -40.67 -19.33 -3.25
N ALA C 354 -40.36 -18.07 -3.60
CA ALA C 354 -39.33 -17.90 -4.61
C ALA C 354 -39.76 -18.44 -5.98
N GLU C 355 -41.07 -18.55 -6.21
CA GLU C 355 -41.63 -18.91 -7.52
C GLU C 355 -41.26 -20.31 -7.98
N ILE C 356 -40.89 -21.22 -7.08
CA ILE C 356 -40.50 -22.55 -7.54
C ILE C 356 -41.70 -23.38 -7.97
N THR C 357 -42.90 -23.06 -7.51
CA THR C 357 -44.09 -23.75 -7.98
C THR C 357 -44.42 -23.36 -9.42
N SER C 358 -44.43 -22.07 -9.71
CA SER C 358 -44.62 -21.63 -11.08
C SER C 358 -43.51 -22.13 -11.98
N LEU C 359 -42.29 -22.24 -11.46
CA LEU C 359 -41.18 -22.81 -12.20
C LEU C 359 -41.46 -24.27 -12.56
N MET C 360 -41.95 -25.04 -11.59
CA MET C 360 -42.34 -26.43 -11.87
C MET C 360 -43.41 -26.48 -12.95
N ALA C 361 -44.44 -25.63 -12.84
CA ALA C 361 -45.51 -25.64 -13.83
C ALA C 361 -44.96 -25.36 -15.21
N THR C 362 -44.10 -24.34 -15.32
CA THR C 362 -43.51 -24.00 -16.62
C THR C 362 -42.72 -25.18 -17.18
N ARG C 363 -41.90 -25.81 -16.34
CA ARG C 363 -41.11 -26.97 -16.77
C ARG C 363 -42.00 -28.09 -17.28
N VAL C 364 -43.12 -28.37 -16.59
CA VAL C 364 -44.04 -29.42 -17.05
C VAL C 364 -44.57 -29.12 -18.45
N ILE C 365 -45.06 -27.89 -18.65
CA ILE C 365 -45.53 -27.50 -19.98
C ILE C 365 -44.45 -27.73 -21.03
N CYS C 366 -43.24 -27.22 -20.77
CA CYS C 366 -42.20 -27.25 -21.79
C CYS C 366 -41.73 -28.67 -22.10
N ASP C 367 -41.59 -29.52 -21.08
CA ASP C 367 -41.21 -30.90 -21.36
C ASP C 367 -42.30 -31.60 -22.18
N VAL C 368 -43.58 -31.36 -21.86
CA VAL C 368 -44.66 -31.99 -22.61
C VAL C 368 -44.66 -31.51 -24.06
N LEU C 369 -44.54 -30.20 -24.25
CA LEU C 369 -44.49 -29.70 -25.62
C LEU C 369 -43.31 -30.25 -26.37
N ALA C 370 -42.13 -30.27 -25.74
CA ALA C 370 -40.92 -30.74 -26.41
C ALA C 370 -41.05 -32.20 -26.82
N CYS C 371 -41.65 -33.03 -25.96
CA CYS C 371 -41.81 -34.44 -26.28
C CYS C 371 -42.86 -34.65 -27.35
N GLN C 372 -43.93 -33.85 -27.34
CA GLN C 372 -44.91 -33.92 -28.42
C GLN C 372 -44.25 -33.57 -29.74
N VAL C 373 -43.36 -32.58 -29.74
CA VAL C 373 -42.74 -32.13 -30.97
C VAL C 373 -41.76 -33.18 -31.49
N ARG C 374 -40.85 -33.67 -30.62
CA ARG C 374 -39.81 -34.57 -31.11
C ARG C 374 -40.38 -35.92 -31.53
N SER C 375 -41.55 -36.29 -31.01
CA SER C 375 -42.16 -37.55 -31.35
C SER C 375 -43.20 -37.41 -32.46
N GLY C 376 -43.28 -36.24 -33.10
CA GLY C 376 -44.13 -36.06 -34.27
C GLY C 376 -45.61 -35.90 -33.99
N HIS C 377 -45.99 -35.52 -32.78
CA HIS C 377 -47.38 -35.30 -32.43
C HIS C 377 -47.79 -33.85 -32.52
N LEU C 378 -46.84 -32.94 -32.72
CA LEU C 378 -47.10 -31.51 -32.72
C LEU C 378 -46.03 -30.82 -33.55
N GLY C 379 -46.43 -29.80 -34.30
CA GLY C 379 -45.49 -29.02 -35.10
C GLY C 379 -44.99 -29.75 -36.33
N ARG D 7 -62.38 13.21 28.28
CA ARG D 7 -61.79 12.33 29.29
C ARG D 7 -60.54 12.94 29.89
N THR D 8 -60.68 13.46 31.12
CA THR D 8 -59.59 14.10 31.83
C THR D 8 -59.50 13.60 33.26
N TYR D 9 -58.31 13.78 33.83
CA TYR D 9 -58.07 13.52 35.24
C TYR D 9 -59.17 14.16 36.08
N GLN D 10 -59.65 13.43 37.09
CA GLN D 10 -60.83 13.87 37.78
C GLN D 10 -60.53 14.30 39.23
N GLY D 11 -59.31 14.09 39.70
CA GLY D 11 -58.96 14.41 41.07
C GLY D 11 -59.39 13.38 42.09
N LYS D 12 -59.93 12.25 41.65
CA LYS D 12 -60.37 11.21 42.58
C LYS D 12 -59.17 10.48 43.18
N VAL D 13 -58.14 10.26 42.38
CA VAL D 13 -56.89 9.63 42.81
C VAL D 13 -55.80 10.69 42.75
N PRO D 14 -55.18 11.05 43.87
CA PRO D 14 -54.12 12.08 43.83
C PRO D 14 -52.93 11.64 42.97
N LEU D 15 -52.52 12.50 42.06
CA LEU D 15 -51.38 12.24 41.19
C LEU D 15 -50.52 13.48 41.07
N HIS D 16 -49.22 13.26 40.88
CA HIS D 16 -48.28 14.37 40.68
C HIS D 16 -48.55 15.07 39.34
N ASP D 17 -47.84 16.18 39.12
CA ASP D 17 -48.19 17.13 38.07
C ASP D 17 -47.42 16.93 36.78
N ASN D 18 -46.51 15.97 36.72
CA ASN D 18 -45.66 15.82 35.55
C ASN D 18 -46.25 14.88 34.48
N TYR D 19 -47.38 14.25 34.77
CA TYR D 19 -48.05 13.41 33.78
C TYR D 19 -48.57 14.25 32.61
N GLY D 20 -48.49 13.68 31.41
CA GLY D 20 -49.22 14.23 30.28
C GLY D 20 -50.70 14.08 30.55
N PRO D 21 -51.54 14.87 29.87
CA PRO D 21 -52.98 14.87 30.21
C PRO D 21 -53.67 13.53 29.99
N GLU D 22 -53.42 12.89 28.85
CA GLU D 22 -54.00 11.56 28.62
C GLU D 22 -53.44 10.55 29.61
N ALA D 23 -52.13 10.62 29.89
CA ALA D 23 -51.54 9.70 30.85
C ALA D 23 -52.15 9.88 32.24
N LYS D 24 -52.43 11.12 32.62
CA LYS D 24 -52.98 11.38 33.95
C LYS D 24 -54.38 10.81 34.09
N TYR D 25 -55.21 11.04 33.09
CA TYR D 25 -56.51 10.37 33.04
C TYR D 25 -56.33 8.85 33.16
N ALA D 26 -55.40 8.29 32.38
CA ALA D 26 -55.26 6.84 32.31
C ALA D 26 -54.82 6.23 33.63
N VAL D 27 -53.85 6.86 34.30
CA VAL D 27 -53.33 6.28 35.53
C VAL D 27 -54.37 6.33 36.62
N GLU D 28 -55.13 7.42 36.71
CA GLU D 28 -56.24 7.49 37.64
C GLU D 28 -57.31 6.44 37.31
N ALA D 29 -57.67 6.34 36.02
CA ALA D 29 -58.77 5.45 35.63
C ALA D 29 -58.44 4.01 36.00
N GLU D 30 -57.18 3.59 35.80
CA GLU D 30 -56.83 2.21 36.14
C GLU D 30 -57.04 1.95 37.62
N ALA D 31 -56.70 2.92 38.47
CA ALA D 31 -56.81 2.73 39.91
C ALA D 31 -58.25 2.59 40.37
N LEU D 32 -59.21 2.99 39.55
CA LEU D 32 -60.62 2.86 39.86
C LEU D 32 -61.30 1.66 39.23
N LEU D 33 -60.57 0.85 38.45
CA LEU D 33 -61.21 -0.30 37.84
C LEU D 33 -61.30 -1.46 38.84
N PRO D 34 -62.37 -2.25 38.76
CA PRO D 34 -62.46 -3.44 39.60
C PRO D 34 -61.56 -4.56 39.10
N THR D 35 -61.48 -5.62 39.91
CA THR D 35 -60.71 -6.83 39.58
C THR D 35 -61.55 -8.09 39.73
N THR D 36 -62.86 -7.96 39.92
CA THR D 36 -63.73 -9.11 40.17
C THR D 36 -63.61 -10.17 39.07
N LYS D 37 -63.73 -9.74 37.81
CA LYS D 37 -63.75 -10.73 36.72
C LYS D 37 -62.37 -11.33 36.50
N PHE D 38 -61.31 -10.56 36.73
CA PHE D 38 -59.96 -11.12 36.74
C PHE D 38 -59.87 -12.27 37.73
N GLU D 39 -60.29 -12.05 38.98
CA GLU D 39 -60.19 -13.09 39.99
C GLU D 39 -61.04 -14.31 39.62
N GLU D 40 -62.20 -14.09 38.99
CA GLU D 40 -63.01 -15.23 38.54
C GLU D 40 -62.28 -16.03 37.47
N GLU D 41 -61.64 -15.35 36.50
CA GLU D 41 -60.87 -16.06 35.48
C GLU D 41 -59.73 -16.86 36.09
N ILE D 42 -59.01 -16.27 37.05
CA ILE D 42 -57.95 -17.01 37.73
C ILE D 42 -58.50 -18.27 38.38
N ALA D 43 -59.63 -18.14 39.11
CA ALA D 43 -60.21 -19.30 39.78
C ALA D 43 -60.65 -20.37 38.78
N ARG D 44 -61.30 -19.94 37.69
CA ARG D 44 -61.73 -20.90 36.69
C ARG D 44 -60.54 -21.61 36.05
N GLY D 45 -59.46 -20.86 35.78
CA GLY D 45 -58.30 -21.47 35.17
C GLY D 45 -57.64 -22.53 36.03
N LEU D 46 -57.51 -22.26 37.33
CA LEU D 46 -56.95 -23.27 38.23
C LEU D 46 -57.84 -24.52 38.32
N GLU D 47 -59.16 -24.32 38.32
CA GLU D 47 -60.05 -25.48 38.37
C GLU D 47 -59.94 -26.32 37.09
N LEU D 48 -60.02 -25.67 35.93
CA LEU D 48 -60.13 -26.39 34.67
C LEU D 48 -58.76 -26.80 34.12
N GLY D 49 -57.69 -26.09 34.47
CA GLY D 49 -56.38 -26.38 33.96
C GLY D 49 -55.41 -26.94 34.96
N LEU D 50 -55.92 -27.20 36.18
CA LEU D 50 -55.15 -27.70 37.31
C LEU D 50 -54.29 -26.59 37.90
N PRO D 51 -54.01 -26.64 39.21
CA PRO D 51 -52.97 -25.77 39.76
C PRO D 51 -51.62 -26.07 39.12
N GLY D 52 -50.81 -25.04 39.02
CA GLY D 52 -49.47 -25.21 38.49
C GLY D 52 -48.59 -26.08 39.38
N ALA D 53 -47.46 -26.48 38.81
CA ALA D 53 -46.47 -27.26 39.52
C ALA D 53 -45.99 -26.55 40.79
N ASP D 54 -45.43 -27.33 41.70
CA ASP D 54 -45.04 -26.80 43.01
C ASP D 54 -43.95 -25.74 42.92
N SER D 55 -43.11 -25.78 41.89
CA SER D 55 -42.03 -24.83 41.74
C SER D 55 -42.50 -23.46 41.23
N ILE D 56 -43.75 -23.34 40.82
CA ILE D 56 -44.30 -22.06 40.36
C ILE D 56 -44.68 -21.24 41.57
N LYS D 57 -44.11 -20.04 41.68
CA LYS D 57 -44.35 -19.23 42.88
C LYS D 57 -45.69 -18.50 42.78
N ASP D 58 -46.03 -18.00 41.60
CA ASP D 58 -47.31 -17.33 41.38
C ASP D 58 -48.43 -18.36 41.35
N ARG D 59 -49.23 -18.40 42.42
CA ARG D 59 -50.27 -19.40 42.58
C ARG D 59 -51.50 -19.13 41.74
N ARG D 60 -51.48 -18.07 40.93
CA ARG D 60 -52.52 -17.84 39.93
C ARG D 60 -52.30 -18.63 38.65
N ILE D 61 -51.17 -19.32 38.52
CA ILE D 61 -50.76 -19.95 37.27
C ILE D 61 -51.20 -21.41 37.29
N PRO D 62 -52.01 -21.85 36.32
CA PRO D 62 -52.39 -23.26 36.23
C PRO D 62 -51.32 -24.09 35.50
N THR D 63 -51.55 -25.40 35.45
CA THR D 63 -50.69 -26.25 34.63
C THR D 63 -50.97 -26.04 33.14
N PHE D 64 -52.25 -26.06 32.76
CA PHE D 64 -52.70 -25.80 31.40
C PHE D 64 -53.21 -24.36 31.29
N SER D 65 -52.73 -23.67 30.28
CA SER D 65 -53.20 -22.31 30.01
C SER D 65 -54.72 -22.29 29.77
N ARG D 66 -55.43 -21.43 30.53
CA ARG D 66 -56.89 -21.38 30.41
C ARG D 66 -57.51 -20.00 30.46
N GLY D 67 -56.75 -18.94 30.33
CA GLY D 67 -57.35 -17.63 30.17
C GLY D 67 -56.52 -16.74 29.26
N GLU D 68 -56.28 -15.51 29.71
CA GLU D 68 -55.44 -14.59 28.96
C GLU D 68 -54.04 -15.15 28.75
N LEU D 69 -53.44 -15.73 29.78
CA LEU D 69 -52.00 -15.99 29.76
C LEU D 69 -51.68 -17.47 29.55
N PRO D 70 -50.54 -17.77 28.88
CA PRO D 70 -49.64 -16.84 28.19
C PRO D 70 -50.24 -16.35 26.87
N HIS D 71 -49.84 -15.17 26.40
CA HIS D 71 -50.42 -14.64 25.18
C HIS D 71 -50.11 -15.50 23.97
N PHE D 72 -48.96 -16.15 23.95
CA PHE D 72 -48.55 -16.99 22.83
C PHE D 72 -49.18 -18.38 22.87
N ALA D 73 -50.00 -18.66 23.86
CA ALA D 73 -50.55 -19.97 24.06
C ALA D 73 -52.07 -19.96 23.85
N GLY D 74 -52.60 -21.16 23.65
CA GLY D 74 -54.02 -21.37 23.79
C GLY D 74 -54.74 -21.38 22.45
N ILE D 75 -55.99 -21.80 22.50
CA ILE D 75 -56.84 -21.81 21.33
C ILE D 75 -57.18 -20.38 20.95
N ASN D 76 -57.10 -20.09 19.65
CA ASN D 76 -57.27 -18.72 19.16
C ASN D 76 -58.72 -18.35 18.87
N THR D 77 -59.47 -17.92 19.87
CA THR D 77 -60.79 -17.28 19.68
C THR D 77 -60.41 -15.79 19.65
N PHE D 78 -61.29 -14.89 19.22
CA PHE D 78 -61.01 -13.44 19.25
C PHE D 78 -60.73 -13.01 20.69
N ILE D 79 -59.61 -12.36 20.96
CA ILE D 79 -59.11 -12.01 22.29
C ILE D 79 -59.41 -13.09 23.31
N LYS D 80 -59.27 -14.35 22.91
CA LYS D 80 -59.46 -15.51 23.79
C LYS D 80 -60.80 -15.46 24.52
N ALA D 81 -61.80 -14.85 23.89
CA ALA D 81 -63.16 -14.93 24.40
C ALA D 81 -63.66 -16.38 24.32
N PRO D 82 -64.64 -16.75 25.14
CA PRO D 82 -65.17 -18.12 25.07
C PRO D 82 -65.80 -18.40 23.71
N TYR D 83 -65.54 -19.60 23.20
CA TYR D 83 -66.23 -20.12 22.02
C TYR D 83 -67.62 -20.60 22.43
N VAL D 84 -68.65 -20.08 21.75
CA VAL D 84 -70.03 -20.46 22.01
C VAL D 84 -70.47 -21.35 20.86
N GLU D 85 -70.37 -22.67 21.09
CA GLU D 85 -70.68 -23.66 20.07
C GLU D 85 -72.16 -23.64 19.69
N ASP D 86 -73.04 -23.41 20.66
CA ASP D 86 -74.47 -23.36 20.40
C ASP D 86 -74.84 -21.92 20.11
N VAL D 87 -75.05 -21.59 18.84
CA VAL D 87 -75.18 -20.18 18.47
C VAL D 87 -76.49 -19.63 19.00
N ARG D 88 -77.43 -20.49 19.37
CA ARG D 88 -78.68 -20.05 19.98
C ARG D 88 -78.48 -19.40 21.34
N LYS D 89 -77.28 -19.50 21.91
CA LYS D 89 -76.96 -18.91 23.21
C LYS D 89 -76.22 -17.57 23.09
N CYS D 90 -76.01 -17.07 21.87
CA CYS D 90 -75.17 -15.89 21.71
C CYS D 90 -75.79 -14.66 22.39
N GLY D 91 -77.11 -14.63 22.54
CA GLY D 91 -77.76 -13.53 23.22
C GLY D 91 -77.45 -13.43 24.71
N GLN D 92 -76.80 -14.43 25.27
CA GLN D 92 -76.35 -14.37 26.65
C GLN D 92 -75.16 -13.42 26.84
N TYR D 93 -74.59 -12.91 25.75
CA TYR D 93 -73.39 -12.11 25.78
C TYR D 93 -73.69 -10.71 25.28
N ASP D 94 -72.94 -9.74 25.80
CA ASP D 94 -73.10 -8.36 25.34
C ASP D 94 -72.61 -8.20 23.89
N VAL D 95 -71.54 -8.90 23.53
CA VAL D 95 -70.87 -8.77 22.24
C VAL D 95 -70.63 -10.16 21.70
N ALA D 96 -70.88 -10.36 20.40
CA ALA D 96 -70.62 -11.64 19.76
C ALA D 96 -69.79 -11.41 18.50
N ILE D 97 -68.61 -12.04 18.48
CA ILE D 97 -67.71 -12.00 17.34
C ILE D 97 -68.11 -13.14 16.41
N LEU D 98 -68.21 -12.85 15.12
CA LEU D 98 -68.43 -13.90 14.14
C LEU D 98 -67.63 -13.57 12.89
N GLY D 99 -67.12 -14.59 12.24
CA GLY D 99 -66.36 -14.44 11.02
C GLY D 99 -67.18 -14.75 9.77
N ALA D 100 -66.84 -14.09 8.68
CA ALA D 100 -67.43 -14.32 7.37
C ALA D 100 -66.28 -14.57 6.40
N PRO D 101 -65.76 -15.80 6.37
CA PRO D 101 -64.57 -16.08 5.56
C PRO D 101 -64.87 -16.28 4.08
N PHE D 102 -64.87 -15.18 3.33
CA PHE D 102 -65.26 -15.18 1.94
C PHE D 102 -64.45 -14.16 1.16
N ASP D 103 -63.97 -14.56 -0.02
CA ASP D 103 -63.32 -13.62 -0.92
C ASP D 103 -63.78 -13.77 -2.37
N GLY D 104 -64.95 -14.35 -2.59
CA GLY D 104 -65.48 -14.43 -3.94
C GLY D 104 -65.99 -13.10 -4.48
N GLY D 105 -66.05 -12.06 -3.66
CA GLY D 105 -66.41 -10.74 -4.10
C GLY D 105 -65.22 -9.87 -4.47
N THR D 106 -64.01 -10.43 -4.49
CA THR D 106 -62.83 -9.61 -4.70
C THR D 106 -62.55 -9.47 -6.19
N THR D 107 -62.19 -8.25 -6.60
CA THR D 107 -61.90 -7.94 -8.00
C THR D 107 -60.40 -7.90 -8.31
N TYR D 108 -59.54 -7.96 -7.30
CA TYR D 108 -58.11 -8.13 -7.57
C TYR D 108 -57.55 -9.33 -6.82
N ARG D 109 -56.97 -9.12 -5.65
CA ARG D 109 -56.44 -10.24 -4.88
C ARG D 109 -57.53 -10.91 -4.03
N ALA D 110 -57.47 -12.23 -3.95
CA ALA D 110 -58.19 -12.98 -2.93
C ALA D 110 -57.30 -13.08 -1.68
N GLY D 111 -57.69 -13.90 -0.72
CA GLY D 111 -56.99 -14.04 0.54
C GLY D 111 -57.77 -13.58 1.76
N THR D 112 -58.74 -12.69 1.60
CA THR D 112 -59.48 -12.20 2.77
C THR D 112 -60.43 -13.27 3.33
N ARG D 113 -60.51 -14.45 2.72
CA ARG D 113 -61.22 -15.55 3.37
C ARG D 113 -60.56 -15.92 4.69
N PHE D 114 -59.27 -15.61 4.85
CA PHE D 114 -58.54 -15.87 6.08
C PHE D 114 -58.49 -14.68 7.02
N GLY D 115 -59.15 -13.57 6.69
CA GLY D 115 -59.21 -12.41 7.55
C GLY D 115 -59.59 -12.78 8.97
N PRO D 116 -60.71 -13.51 9.12
CA PRO D 116 -61.12 -13.88 10.49
C PRO D 116 -60.07 -14.67 11.25
N GLN D 117 -59.43 -15.64 10.59
CA GLN D 117 -58.40 -16.43 11.24
C GLN D 117 -57.20 -15.58 11.64
N GLY D 118 -56.80 -14.65 10.77
CA GLY D 118 -55.64 -13.83 11.06
C GLY D 118 -55.90 -12.80 12.16
N ILE D 119 -57.11 -12.25 12.18
CA ILE D 119 -57.46 -11.33 13.25
C ILE D 119 -57.52 -12.05 14.58
N ARG D 120 -58.18 -13.22 14.62
CA ARG D 120 -58.21 -13.99 15.86
C ARG D 120 -56.81 -14.33 16.35
N LYS D 121 -55.93 -14.72 15.43
CA LYS D 121 -54.59 -15.14 15.82
C LYS D 121 -53.82 -14.02 16.50
N ILE D 122 -53.68 -12.87 15.83
CA ILE D 122 -52.88 -11.80 16.40
C ILE D 122 -53.58 -11.15 17.61
N SER D 123 -54.90 -11.33 17.74
CA SER D 123 -55.62 -10.74 18.86
C SER D 123 -55.17 -11.30 20.21
N ALA D 124 -54.51 -12.45 20.23
CA ALA D 124 -53.98 -13.00 21.46
C ALA D 124 -52.92 -12.12 22.11
N LEU D 125 -52.26 -11.25 21.33
CA LEU D 125 -51.16 -10.39 21.82
C LEU D 125 -51.69 -9.36 22.80
N TYR D 126 -52.98 -9.06 22.76
CA TYR D 126 -53.54 -7.99 23.56
C TYR D 126 -53.91 -8.48 24.96
N GLY D 127 -53.73 -7.60 25.94
CA GLY D 127 -54.39 -7.74 27.22
C GLY D 127 -55.85 -7.34 27.09
N THR D 128 -56.53 -7.27 28.24
CA THR D 128 -57.94 -6.95 28.25
C THR D 128 -58.19 -5.46 28.49
N TYR D 129 -57.13 -4.67 28.63
CA TYR D 129 -57.20 -3.33 29.19
C TYR D 129 -56.50 -2.35 28.27
N SER D 130 -57.13 -1.20 28.03
CA SER D 130 -56.56 -0.12 27.26
C SER D 130 -56.10 0.99 28.19
N PHE D 131 -54.82 1.34 28.11
CA PHE D 131 -54.28 2.38 28.98
C PHE D 131 -54.96 3.72 28.76
N GLU D 132 -54.90 4.23 27.53
CA GLU D 132 -55.38 5.60 27.32
C GLU D 132 -56.90 5.73 27.28
N LEU D 133 -57.62 4.65 26.99
CA LEU D 133 -59.08 4.69 27.08
C LEU D 133 -59.61 4.41 28.48
N GLY D 134 -58.79 3.83 29.35
CA GLY D 134 -59.20 3.59 30.72
C GLY D 134 -60.29 2.54 30.85
N VAL D 135 -60.22 1.47 30.06
CA VAL D 135 -61.28 0.46 30.02
C VAL D 135 -60.64 -0.91 30.13
N ASP D 136 -61.23 -1.76 30.97
CA ASP D 136 -60.87 -3.17 31.07
C ASP D 136 -62.10 -3.94 30.59
N LEU D 137 -62.03 -4.46 29.35
CA LEU D 137 -63.16 -5.18 28.78
C LEU D 137 -63.53 -6.41 29.59
N ARG D 138 -62.55 -7.07 30.20
CA ARG D 138 -62.85 -8.25 31.01
C ARG D 138 -63.79 -7.90 32.16
N GLU D 139 -63.68 -6.70 32.72
CA GLU D 139 -64.52 -6.32 33.85
C GLU D 139 -65.88 -5.75 33.46
N SER D 140 -66.03 -5.21 32.25
CA SER D 140 -67.17 -4.36 31.93
C SER D 140 -68.12 -4.91 30.86
N VAL D 141 -67.75 -5.96 30.13
CA VAL D 141 -68.58 -6.44 29.04
C VAL D 141 -68.29 -7.92 28.84
N SER D 142 -69.32 -8.66 28.46
CA SER D 142 -69.20 -10.08 28.15
C SER D 142 -69.09 -10.25 26.65
N ILE D 143 -68.03 -10.93 26.21
CA ILE D 143 -67.72 -11.11 24.79
C ILE D 143 -67.65 -12.60 24.53
N CYS D 144 -68.26 -13.04 23.44
CA CYS D 144 -68.15 -14.42 22.99
C CYS D 144 -67.74 -14.42 21.52
N ASP D 145 -67.27 -15.58 21.08
CA ASP D 145 -66.89 -15.84 19.70
C ASP D 145 -67.72 -17.05 19.25
N VAL D 146 -68.57 -16.84 18.24
CA VAL D 146 -69.43 -17.91 17.72
C VAL D 146 -68.84 -18.56 16.47
N GLY D 147 -67.57 -18.31 16.19
CA GLY D 147 -66.96 -18.93 15.02
C GLY D 147 -67.35 -18.24 13.73
N ASP D 148 -67.46 -19.03 12.67
CA ASP D 148 -67.59 -18.53 11.30
C ASP D 148 -68.90 -18.94 10.65
N ILE D 149 -69.44 -18.03 9.83
CA ILE D 149 -70.45 -18.38 8.84
C ILE D 149 -69.90 -19.44 7.89
N PHE D 150 -70.77 -20.35 7.48
CA PHE D 150 -70.48 -21.37 6.49
C PHE D 150 -70.67 -20.70 5.14
N THR D 151 -69.59 -20.11 4.62
CA THR D 151 -69.64 -19.40 3.36
C THR D 151 -69.57 -20.37 2.18
N ILE D 152 -69.90 -19.84 1.00
CA ILE D 152 -70.07 -20.66 -0.21
C ILE D 152 -69.17 -20.05 -1.28
N PRO D 153 -67.91 -20.52 -1.40
CA PRO D 153 -66.94 -19.81 -2.27
C PRO D 153 -67.35 -19.72 -3.74
N GLY D 154 -68.11 -20.68 -4.25
CA GLY D 154 -68.49 -20.69 -5.64
C GLY D 154 -69.73 -19.92 -5.99
N ASN D 155 -70.35 -19.23 -5.04
CA ASN D 155 -71.64 -18.58 -5.31
C ASN D 155 -71.82 -17.43 -4.32
N ILE D 156 -71.59 -16.21 -4.81
CA ILE D 156 -71.66 -15.05 -3.93
C ILE D 156 -73.06 -14.86 -3.37
N GLU D 157 -74.10 -15.17 -4.17
CA GLU D 157 -75.47 -14.96 -3.70
C GLU D 157 -75.84 -15.89 -2.55
N LYS D 158 -75.44 -17.16 -2.64
CA LYS D 158 -75.64 -18.10 -1.55
C LYS D 158 -74.88 -17.67 -0.30
N THR D 159 -73.66 -17.16 -0.49
CA THR D 159 -72.90 -16.63 0.64
C THR D 159 -73.62 -15.47 1.31
N PHE D 160 -74.16 -14.54 0.51
CA PHE D 160 -74.94 -13.46 1.09
C PHE D 160 -76.09 -14.00 1.95
N ASP D 161 -76.79 -15.02 1.46
CA ASP D 161 -77.92 -15.56 2.21
C ASP D 161 -77.48 -16.16 3.54
N GLN D 162 -76.36 -16.90 3.54
CA GLN D 162 -75.79 -17.41 4.78
C GLN D 162 -75.42 -16.28 5.73
N VAL D 163 -74.74 -15.26 5.21
CA VAL D 163 -74.27 -14.18 6.07
C VAL D 163 -75.46 -13.36 6.60
N SER D 164 -76.47 -13.10 5.78
CA SER D 164 -77.64 -12.37 6.28
C SER D 164 -78.37 -13.17 7.36
N LYS D 165 -78.48 -14.49 7.18
CA LYS D 165 -79.18 -15.30 8.17
C LYS D 165 -78.42 -15.36 9.48
N GLY D 166 -77.10 -15.55 9.43
CA GLY D 166 -76.33 -15.62 10.67
C GLY D 166 -76.21 -14.29 11.37
N VAL D 167 -75.88 -13.22 10.63
CA VAL D 167 -75.79 -11.90 11.25
C VAL D 167 -77.14 -11.47 11.80
N GLY D 168 -78.21 -11.70 11.03
CA GLY D 168 -79.54 -11.39 11.55
C GLY D 168 -79.85 -12.11 12.84
N HIS D 169 -79.50 -13.41 12.91
CA HIS D 169 -79.68 -14.15 14.15
C HIS D 169 -78.94 -13.51 15.31
N VAL D 170 -77.65 -13.20 15.12
CA VAL D 170 -76.86 -12.61 16.20
C VAL D 170 -77.44 -11.25 16.58
N PHE D 171 -77.75 -10.41 15.60
CA PHE D 171 -78.29 -9.08 15.90
C PHE D 171 -79.63 -9.18 16.63
N ALA D 172 -80.49 -10.12 16.19
CA ALA D 172 -81.81 -10.28 16.81
C ALA D 172 -81.71 -10.77 18.25
N SER D 173 -80.60 -11.42 18.60
CA SER D 173 -80.40 -11.94 19.95
C SER D 173 -80.14 -10.86 20.98
N GLY D 174 -79.81 -9.65 20.55
CA GLY D 174 -79.45 -8.58 21.45
C GLY D 174 -77.95 -8.36 21.59
N ALA D 175 -77.13 -9.33 21.23
CA ALA D 175 -75.69 -9.15 21.26
C ALA D 175 -75.27 -8.17 20.19
N PHE D 176 -74.25 -7.38 20.50
CA PHE D 176 -73.61 -6.47 19.55
C PHE D 176 -72.76 -7.31 18.60
N PRO D 177 -73.10 -7.37 17.30
CA PRO D 177 -72.31 -8.20 16.38
C PRO D 177 -71.05 -7.48 15.92
N VAL D 178 -69.93 -8.19 15.95
CA VAL D 178 -68.69 -7.77 15.33
C VAL D 178 -68.38 -8.80 14.25
N VAL D 179 -68.47 -8.39 12.99
CA VAL D 179 -68.28 -9.29 11.86
C VAL D 179 -66.87 -9.13 11.33
N LEU D 180 -66.11 -10.23 11.29
CA LEU D 180 -64.77 -10.26 10.74
C LEU D 180 -64.87 -10.75 9.31
N GLY D 181 -64.55 -9.88 8.34
CA GLY D 181 -64.49 -10.26 6.95
C GLY D 181 -63.15 -10.82 6.58
N GLY D 182 -63.04 -11.31 5.34
CA GLY D 182 -64.08 -11.31 4.33
C GLY D 182 -64.10 -10.01 3.53
N ASP D 183 -64.53 -10.06 2.28
CA ASP D 183 -64.49 -8.87 1.40
C ASP D 183 -65.70 -7.99 1.66
N HIS D 184 -65.67 -6.76 1.15
CA HIS D 184 -66.72 -5.75 1.43
C HIS D 184 -68.02 -6.06 0.70
N SER D 185 -68.06 -7.06 -0.17
CA SER D 185 -69.34 -7.51 -0.77
C SER D 185 -70.25 -7.90 0.38
N LEU D 186 -69.68 -8.40 1.46
CA LEU D 186 -70.46 -8.93 2.61
C LEU D 186 -71.22 -7.81 3.32
N GLY D 187 -70.84 -6.55 3.14
CA GLY D 187 -71.53 -5.42 3.75
C GLY D 187 -72.98 -5.37 3.35
N PHE D 188 -73.30 -5.72 2.12
CA PHE D 188 -74.68 -5.83 1.70
C PHE D 188 -75.42 -6.86 2.54
N ALA D 189 -74.83 -8.04 2.69
CA ALA D 189 -75.48 -9.13 3.39
C ALA D 189 -75.63 -8.85 4.88
N THR D 190 -74.63 -8.23 5.49
CA THR D 190 -74.73 -7.95 6.91
C THR D 190 -75.81 -6.89 7.17
N VAL D 191 -75.80 -5.82 6.38
CA VAL D 191 -76.82 -4.78 6.54
C VAL D 191 -78.19 -5.33 6.20
N ARG D 192 -78.28 -6.19 5.17
CA ARG D 192 -79.57 -6.78 4.85
C ARG D 192 -80.12 -7.58 6.04
N GLY D 193 -79.26 -8.35 6.71
CA GLY D 193 -79.70 -9.13 7.85
C GLY D 193 -80.12 -8.26 9.03
N VAL D 194 -79.36 -7.21 9.29
CA VAL D 194 -79.70 -6.31 10.39
C VAL D 194 -81.01 -5.59 10.08
N ALA D 195 -81.16 -5.09 8.85
CA ALA D 195 -82.35 -4.33 8.50
C ALA D 195 -83.62 -5.15 8.65
N GLN D 196 -83.56 -6.46 8.37
CA GLN D 196 -84.73 -7.33 8.57
C GLN D 196 -85.23 -7.30 10.01
N HIS D 197 -84.38 -6.90 10.96
CA HIS D 197 -84.69 -7.02 12.38
C HIS D 197 -84.83 -5.68 13.08
N LEU D 198 -85.02 -4.60 12.33
CA LEU D 198 -85.19 -3.28 12.90
C LEU D 198 -86.65 -2.87 13.00
N ASN D 199 -87.57 -3.77 12.63
CA ASN D 199 -89.01 -3.49 12.75
C ASN D 199 -89.38 -2.22 12.01
N GLY D 200 -88.80 -2.06 10.81
CA GLY D 200 -89.06 -0.92 9.97
C GLY D 200 -88.26 0.32 10.27
N LYS D 201 -87.55 0.35 11.39
CA LYS D 201 -86.68 1.48 11.76
C LYS D 201 -85.57 1.66 10.72
N LYS D 202 -85.09 2.89 10.55
CA LYS D 202 -84.07 3.21 9.54
C LYS D 202 -82.65 2.95 10.05
N LEU D 203 -81.76 2.58 9.13
CA LEU D 203 -80.37 2.24 9.47
C LEU D 203 -79.39 3.08 8.66
N GLY D 204 -78.62 3.92 9.31
CA GLY D 204 -77.54 4.63 8.67
C GLY D 204 -76.28 3.79 8.61
N ILE D 205 -75.30 4.26 7.84
CA ILE D 205 -74.05 3.53 7.66
C ILE D 205 -72.88 4.50 7.72
N LEU D 206 -71.90 4.18 8.58
CA LEU D 206 -70.61 4.91 8.63
C LEU D 206 -69.62 3.99 7.90
N HIS D 207 -69.20 4.37 6.70
CA HIS D 207 -68.38 3.53 5.81
C HIS D 207 -66.97 4.09 5.66
N PHE D 208 -65.98 3.46 6.27
CA PHE D 208 -64.56 3.87 6.15
C PHE D 208 -63.93 3.09 5.00
N ASP D 209 -63.55 3.78 3.94
CA ASP D 209 -63.02 3.14 2.73
C ASP D 209 -62.44 4.14 1.74
N ARG D 210 -61.53 3.71 0.88
CA ARG D 210 -61.03 4.54 -0.24
C ARG D 210 -61.96 4.30 -1.43
N HIS D 211 -62.75 3.24 -1.41
CA HIS D 211 -63.63 2.85 -2.56
C HIS D 211 -65.10 3.09 -2.22
N VAL D 212 -65.83 3.63 -3.19
CA VAL D 212 -67.27 4.01 -3.01
C VAL D 212 -68.16 2.77 -2.87
N ASP D 213 -67.83 1.67 -3.53
CA ASP D 213 -68.56 0.40 -3.33
C ASP D 213 -70.05 0.62 -3.58
N THR D 214 -70.38 1.43 -4.55
CA THR D 214 -71.78 1.79 -4.83
C THR D 214 -72.22 1.56 -6.28
N GLN D 215 -71.60 0.64 -7.02
CA GLN D 215 -72.07 0.33 -8.36
C GLN D 215 -72.95 -0.92 -8.35
N ASP D 216 -73.61 -1.18 -9.49
CA ASP D 216 -74.62 -2.21 -9.55
C ASP D 216 -74.00 -3.61 -9.65
N THR D 217 -73.26 -3.88 -10.71
CA THR D 217 -72.56 -5.14 -10.86
C THR D 217 -71.11 -4.88 -11.23
N ASP D 218 -70.29 -5.92 -11.05
CA ASP D 218 -68.88 -5.90 -11.38
C ASP D 218 -68.50 -7.33 -11.77
N LEU D 219 -67.93 -7.50 -12.95
CA LEU D 219 -67.69 -8.86 -13.47
C LEU D 219 -68.97 -9.70 -13.34
N ASP D 220 -70.10 -9.07 -13.65
CA ASP D 220 -71.42 -9.68 -13.79
C ASP D 220 -72.05 -10.13 -12.47
N GLU D 221 -71.51 -9.70 -11.32
CA GLU D 221 -72.02 -10.11 -10.03
C GLU D 221 -71.97 -8.97 -9.04
N ARG D 222 -72.56 -9.18 -7.88
CA ARG D 222 -72.67 -8.16 -6.84
C ARG D 222 -71.46 -8.22 -5.92
N MET D 223 -70.32 -7.85 -6.49
CA MET D 223 -69.01 -7.96 -5.84
C MET D 223 -68.79 -6.82 -4.85
N HIS D 224 -67.55 -6.74 -4.31
CA HIS D 224 -67.20 -5.79 -3.23
C HIS D 224 -67.29 -4.33 -3.66
N THR D 225 -67.42 -4.06 -4.95
CA THR D 225 -67.66 -2.70 -5.43
C THR D 225 -69.14 -2.35 -5.48
N THR D 226 -70.04 -3.24 -5.05
CA THR D 226 -71.51 -3.03 -5.20
C THR D 226 -72.34 -3.07 -3.93
N PRO D 227 -71.78 -3.34 -2.73
CA PRO D 227 -72.62 -3.58 -1.57
C PRO D 227 -73.60 -2.48 -1.21
N TRP D 228 -73.21 -1.24 -1.40
CA TRP D 228 -74.04 -0.11 -0.94
C TRP D 228 -75.08 0.25 -1.97
N PHE D 229 -74.91 -0.10 -3.23
CA PHE D 229 -75.95 0.09 -4.26
C PHE D 229 -77.14 -0.77 -3.84
N HIS D 230 -76.89 -2.03 -3.49
CA HIS D 230 -77.97 -2.95 -3.17
C HIS D 230 -78.47 -2.79 -1.75
N ALA D 231 -77.61 -2.43 -0.80
CA ALA D 231 -78.07 -2.19 0.56
C ALA D 231 -79.03 -1.01 0.63
N THR D 232 -78.72 0.08 -0.07
CA THR D 232 -79.58 1.26 -0.03
C THR D 232 -80.83 1.11 -0.89
N ASN D 233 -80.97 0.02 -1.65
CA ASN D 233 -82.27 -0.34 -2.23
C ASN D 233 -83.23 -0.90 -1.19
N ILE D 234 -82.74 -1.33 -0.03
CA ILE D 234 -83.63 -1.84 1.01
C ILE D 234 -84.45 -0.67 1.56
N PRO D 235 -85.76 -0.84 1.77
CA PRO D 235 -86.60 0.33 2.09
C PRO D 235 -86.15 1.14 3.30
N ASN D 236 -85.67 0.48 4.35
CA ASN D 236 -85.29 1.15 5.63
C ASN D 236 -83.77 1.39 5.70
N VAL D 237 -83.06 1.40 4.57
CA VAL D 237 -81.65 1.76 4.54
C VAL D 237 -81.50 2.98 3.63
N PRO D 238 -81.59 4.21 4.19
CA PRO D 238 -81.54 5.42 3.37
C PRO D 238 -80.15 5.78 2.84
N ALA D 239 -80.00 5.99 1.54
CA ALA D 239 -78.70 6.35 0.99
C ALA D 239 -78.22 7.69 1.56
N LYS D 240 -79.14 8.59 1.91
CA LYS D 240 -78.74 9.88 2.46
C LYS D 240 -78.02 9.73 3.80
N ASN D 241 -78.19 8.60 4.48
CA ASN D 241 -77.52 8.35 5.75
C ASN D 241 -76.31 7.45 5.59
N LEU D 242 -75.86 7.25 4.35
CA LEU D 242 -74.62 6.52 4.07
C LEU D 242 -73.51 7.56 3.96
N VAL D 243 -72.61 7.56 4.94
CA VAL D 243 -71.50 8.51 5.01
C VAL D 243 -70.23 7.74 4.66
N GLN D 244 -69.58 8.16 3.57
CA GLN D 244 -68.42 7.48 3.02
C GLN D 244 -67.16 8.29 3.32
N ILE D 245 -66.35 7.75 4.24
CA ILE D 245 -65.17 8.45 4.79
C ILE D 245 -63.86 7.87 4.25
N GLY D 246 -63.10 8.64 3.48
CA GLY D 246 -61.77 8.26 3.00
C GLY D 246 -61.69 8.03 1.51
N ILE D 247 -62.78 8.28 0.78
CA ILE D 247 -62.85 7.99 -0.67
C ILE D 247 -61.72 8.71 -1.40
N GLY D 248 -60.96 7.99 -2.22
CA GLY D 248 -59.96 8.60 -3.06
C GLY D 248 -59.11 7.56 -3.75
N GLY D 249 -58.21 8.06 -4.60
CA GLY D 249 -57.28 7.21 -5.31
C GLY D 249 -57.75 6.85 -6.71
N TRP D 250 -57.26 5.72 -7.20
CA TRP D 250 -57.50 5.29 -8.58
C TRP D 250 -58.36 4.03 -8.65
N GLN D 251 -59.07 3.72 -7.58
CA GLN D 251 -59.90 2.49 -7.52
C GLN D 251 -61.32 2.82 -7.05
N ALA D 252 -61.77 4.08 -7.14
CA ALA D 252 -63.18 4.44 -6.87
C ALA D 252 -63.84 4.47 -8.25
N PRO D 253 -64.54 3.40 -8.68
CA PRO D 253 -64.99 3.31 -10.08
C PRO D 253 -66.06 4.35 -10.42
N ARG D 254 -66.00 4.83 -11.67
CA ARG D 254 -66.93 5.85 -12.12
C ARG D 254 -68.40 5.44 -11.97
N PRO D 255 -68.82 4.22 -12.34
CA PRO D 255 -70.24 3.86 -12.15
C PRO D 255 -70.68 3.90 -10.69
N GLY D 256 -69.76 3.61 -9.77
CA GLY D 256 -70.07 3.76 -8.36
C GLY D 256 -70.22 5.22 -7.95
N VAL D 257 -69.36 6.08 -8.46
CA VAL D 257 -69.47 7.51 -8.16
C VAL D 257 -70.80 8.06 -8.66
N LYS D 258 -71.18 7.69 -9.88
CA LYS D 258 -72.44 8.15 -10.45
C LYS D 258 -73.63 7.72 -9.61
N ALA D 259 -73.68 6.43 -9.23
CA ALA D 259 -74.83 5.93 -8.49
C ALA D 259 -74.91 6.56 -7.10
N GLY D 260 -73.77 6.81 -6.46
CA GLY D 260 -73.81 7.48 -5.18
C GLY D 260 -74.27 8.92 -5.28
N ARG D 261 -73.82 9.62 -6.33
CA ARG D 261 -74.33 10.97 -6.59
C ARG D 261 -75.84 10.97 -6.73
N GLU D 262 -76.37 10.07 -7.58
CA GLU D 262 -77.82 10.02 -7.80
C GLU D 262 -78.57 9.74 -6.50
N ARG D 263 -77.98 8.95 -5.60
CA ARG D 263 -78.62 8.56 -4.36
C ARG D 263 -78.31 9.51 -3.21
N GLN D 264 -77.42 10.48 -3.43
CA GLN D 264 -77.11 11.51 -2.45
C GLN D 264 -76.49 10.94 -1.18
N THR D 265 -75.51 10.03 -1.36
CA THR D 265 -74.64 9.69 -0.26
C THR D 265 -73.74 10.88 0.04
N THR D 266 -73.14 10.87 1.22
CA THR D 266 -72.15 11.88 1.59
C THR D 266 -70.77 11.26 1.50
N ILE D 267 -69.83 12.02 0.94
CA ILE D 267 -68.43 11.57 0.78
C ILE D 267 -67.50 12.65 1.36
N MET D 268 -66.53 12.25 2.15
CA MET D 268 -65.48 13.17 2.64
C MET D 268 -64.17 12.45 2.37
N THR D 269 -63.27 13.02 1.59
CA THR D 269 -62.01 12.35 1.24
C THR D 269 -61.07 12.37 2.45
N VAL D 270 -59.98 11.60 2.40
CA VAL D 270 -58.95 11.67 3.44
C VAL D 270 -58.46 13.10 3.61
N THR D 271 -58.15 13.76 2.50
CA THR D 271 -57.68 15.15 2.58
C THR D 271 -58.75 16.05 3.18
N ASP D 272 -60.01 15.86 2.82
CA ASP D 272 -61.09 16.63 3.45
C ASP D 272 -61.05 16.50 4.97
N CYS D 273 -60.94 15.27 5.46
CA CYS D 273 -60.98 15.05 6.90
C CYS D 273 -59.76 15.61 7.61
N VAL D 274 -58.58 15.41 7.02
CA VAL D 274 -57.36 15.85 7.69
C VAL D 274 -57.26 17.36 7.66
N GLU D 275 -57.69 17.99 6.58
CA GLU D 275 -57.61 19.45 6.53
C GLU D 275 -58.62 20.10 7.47
N MET D 276 -59.82 19.55 7.61
CA MET D 276 -60.84 20.19 8.47
C MET D 276 -60.55 19.87 9.94
N GLY D 277 -59.75 18.84 10.21
CA GLY D 277 -59.52 18.35 11.56
C GLY D 277 -60.39 17.15 11.85
N ILE D 278 -59.79 16.13 12.48
CA ILE D 278 -60.54 14.89 12.70
C ILE D 278 -61.74 15.12 13.60
N GLU D 279 -61.60 15.97 14.62
CA GLU D 279 -62.73 16.23 15.50
C GLU D 279 -63.89 16.85 14.72
N ASN D 280 -63.61 17.76 13.79
CA ASN D 280 -64.67 18.40 12.98
C ASN D 280 -65.26 17.37 12.02
N ALA D 281 -64.41 16.56 11.40
CA ALA D 281 -64.87 15.54 10.45
C ALA D 281 -65.80 14.55 11.14
N ALA D 282 -65.48 14.16 12.38
CA ALA D 282 -66.29 13.16 13.11
C ALA D 282 -67.66 13.77 13.45
N LYS D 283 -67.67 15.04 13.82
CA LYS D 283 -68.94 15.74 14.14
C LYS D 283 -69.84 15.71 12.91
N GLN D 284 -69.29 16.07 11.76
N GLN D 284 -69.27 16.10 11.76
CA GLN D 284 -70.07 16.15 10.51
CA GLN D 284 -70.08 16.15 10.51
C GLN D 284 -70.56 14.76 10.14
C GLN D 284 -70.58 14.75 10.19
N ALA D 285 -69.68 13.76 10.24
CA ALA D 285 -70.07 12.40 9.84
C ALA D 285 -71.21 11.89 10.74
N LEU D 286 -71.13 12.13 12.04
CA LEU D 286 -72.15 11.67 12.99
C LEU D 286 -73.46 12.39 12.68
N GLU D 287 -73.39 13.68 12.39
CA GLU D 287 -74.61 14.48 12.11
C GLU D 287 -75.34 13.89 10.92
N VAL D 288 -74.62 13.61 9.85
CA VAL D 288 -75.24 13.09 8.61
C VAL D 288 -75.73 11.65 8.84
N ALA D 289 -74.91 10.78 9.44
CA ALA D 289 -75.29 9.37 9.55
C ALA D 289 -76.51 9.18 10.44
N PHE D 290 -76.61 9.96 11.52
CA PHE D 290 -77.67 9.79 12.49
C PHE D 290 -78.85 10.73 12.27
N ASP D 291 -78.88 11.45 11.15
CA ASP D 291 -79.92 12.46 10.93
C ASP D 291 -81.24 11.73 10.67
N GLY D 292 -82.15 11.71 11.65
CA GLY D 292 -83.47 11.08 11.49
C GLY D 292 -83.40 9.57 11.61
N VAL D 293 -82.27 9.03 12.01
CA VAL D 293 -82.11 7.57 12.22
C VAL D 293 -81.49 7.35 13.60
N ASP D 294 -81.85 6.25 14.26
CA ASP D 294 -81.32 5.87 15.59
C ASP D 294 -80.22 4.84 15.43
N ALA D 295 -80.43 3.89 14.52
CA ALA D 295 -79.49 2.78 14.34
C ALA D 295 -78.50 3.10 13.23
N VAL D 296 -77.21 2.93 13.51
CA VAL D 296 -76.15 3.13 12.53
C VAL D 296 -75.19 1.96 12.61
N TRP D 297 -74.82 1.46 11.45
CA TRP D 297 -73.89 0.36 11.28
C TRP D 297 -72.54 0.91 10.88
N LEU D 298 -71.48 0.35 11.47
CA LEU D 298 -70.10 0.74 11.18
C LEU D 298 -69.47 -0.29 10.24
N SER D 299 -69.10 0.14 9.04
CA SER D 299 -68.47 -0.74 8.03
C SER D 299 -67.05 -0.24 7.79
N PHE D 300 -66.05 -0.91 8.34
CA PHE D 300 -64.65 -0.47 8.28
C PHE D 300 -63.82 -1.34 7.33
N ASP D 301 -63.39 -0.77 6.23
CA ASP D 301 -62.47 -1.44 5.31
C ASP D 301 -61.06 -1.07 5.79
N VAL D 302 -60.20 -2.05 6.00
CA VAL D 302 -58.82 -1.81 6.46
C VAL D 302 -58.07 -0.99 5.41
N ASP D 303 -58.53 -0.98 4.17
CA ASP D 303 -57.85 -0.28 3.07
C ASP D 303 -57.93 1.24 3.20
N CYS D 304 -58.75 1.76 4.10
CA CYS D 304 -58.87 3.22 4.30
C CYS D 304 -57.56 3.72 4.90
N LEU D 305 -56.75 2.88 5.56
CA LEU D 305 -55.42 3.27 5.97
C LEU D 305 -54.44 3.21 4.81
N ASP D 306 -53.45 4.10 4.83
CA ASP D 306 -52.37 4.03 3.87
C ASP D 306 -51.85 2.61 3.78
N ALA D 307 -51.56 2.18 2.54
CA ALA D 307 -51.14 0.81 2.27
C ALA D 307 -50.06 0.31 3.24
N ALA D 308 -49.12 1.17 3.61
CA ALA D 308 -47.99 0.73 4.44
C ALA D 308 -48.44 0.19 5.79
N PHE D 309 -49.58 0.65 6.31
CA PHE D 309 -50.09 0.15 7.58
C PHE D 309 -50.96 -1.09 7.41
N VAL D 310 -51.41 -1.37 6.19
CA VAL D 310 -52.35 -2.44 5.91
C VAL D 310 -51.92 -3.14 4.64
N PRO D 311 -50.68 -3.64 4.56
CA PRO D 311 -50.24 -4.26 3.31
C PRO D 311 -51.08 -5.50 2.98
N GLY D 312 -51.62 -6.15 4.01
CA GLY D 312 -52.41 -7.38 3.84
C GLY D 312 -53.84 -7.08 3.46
N THR D 313 -54.04 -6.60 2.24
CA THR D 313 -55.37 -6.30 1.73
C THR D 313 -55.37 -6.47 0.22
N GLY D 314 -56.55 -6.67 -0.35
CA GLY D 314 -56.64 -6.96 -1.78
C GLY D 314 -56.60 -5.74 -2.65
N TRP D 315 -56.90 -4.57 -2.12
CA TRP D 315 -56.97 -3.31 -2.92
C TRP D 315 -56.31 -2.17 -2.15
N PRO D 316 -55.00 -2.27 -1.91
CA PRO D 316 -54.27 -1.24 -1.20
C PRO D 316 -54.20 0.07 -1.99
N GLU D 317 -54.07 1.18 -1.28
CA GLU D 317 -53.97 2.50 -1.95
C GLU D 317 -53.10 3.45 -1.12
N PRO D 318 -52.15 4.17 -1.72
CA PRO D 318 -51.42 5.21 -1.00
C PRO D 318 -52.30 6.42 -0.70
N GLY D 319 -51.85 7.21 0.27
CA GLY D 319 -52.55 8.45 0.60
C GLY D 319 -53.72 8.28 1.53
N GLY D 320 -53.82 7.14 2.21
CA GLY D 320 -54.92 6.91 3.13
C GLY D 320 -54.70 7.58 4.48
N PHE D 321 -55.55 7.18 5.43
CA PHE D 321 -55.42 7.67 6.80
C PHE D 321 -54.16 7.12 7.46
N LEU D 322 -53.62 7.90 8.42
CA LEU D 322 -52.64 7.37 9.35
C LEU D 322 -53.35 6.81 10.58
N PRO D 323 -52.74 5.85 11.28
CA PRO D 323 -53.47 5.17 12.36
C PRO D 323 -54.05 6.10 13.42
N ARG D 324 -53.29 7.10 13.88
CA ARG D 324 -53.79 7.97 14.95
C ARG D 324 -54.96 8.82 14.46
N GLU D 325 -55.01 9.12 13.16
CA GLU D 325 -56.13 9.88 12.61
C GLU D 325 -57.40 9.04 12.66
N VAL D 326 -57.34 7.82 12.13
CA VAL D 326 -58.56 7.02 12.03
C VAL D 326 -58.99 6.50 13.39
N LEU D 327 -58.03 6.25 14.29
CA LEU D 327 -58.39 5.78 15.63
C LEU D 327 -59.07 6.88 16.43
N LYS D 328 -58.62 8.13 16.28
CA LYS D 328 -59.33 9.24 16.91
C LYS D 328 -60.73 9.37 16.34
N PHE D 329 -60.84 9.33 15.01
CA PHE D 329 -62.14 9.37 14.33
C PHE D 329 -63.08 8.33 14.92
N LEU D 330 -62.62 7.07 14.98
CA LEU D 330 -63.42 5.98 15.51
C LEU D 330 -63.80 6.18 16.97
N GLN D 331 -62.84 6.64 17.79
CA GLN D 331 -63.10 6.82 19.21
C GLN D 331 -64.20 7.85 19.43
N ILE D 332 -64.16 8.96 18.68
CA ILE D 332 -65.19 10.00 18.83
C ILE D 332 -66.56 9.44 18.43
N ILE D 333 -66.62 8.73 17.30
CA ILE D 333 -67.87 8.10 16.89
C ILE D 333 -68.41 7.21 18.02
N ALA D 334 -67.57 6.28 18.48
CA ALA D 334 -68.00 5.24 19.40
C ALA D 334 -68.21 5.75 20.80
N ASP D 335 -67.67 6.93 21.14
CA ASP D 335 -67.98 7.57 22.40
C ASP D 335 -69.31 8.32 22.34
N THR D 336 -69.62 8.91 21.18
CA THR D 336 -70.72 9.87 21.10
C THR D 336 -72.07 9.19 20.91
N LYS D 337 -72.12 8.10 20.14
CA LYS D 337 -73.38 7.48 19.76
C LYS D 337 -73.29 5.97 19.93
N PRO D 338 -74.42 5.32 20.23
CA PRO D 338 -74.47 3.85 20.17
C PRO D 338 -74.44 3.39 18.73
N LEU D 339 -73.88 2.21 18.52
CA LEU D 339 -73.81 1.59 17.20
C LEU D 339 -74.60 0.30 17.21
N ALA D 340 -75.21 -0.02 16.07
CA ALA D 340 -75.97 -1.25 15.95
C ALA D 340 -75.08 -2.48 15.80
N GLY D 341 -73.84 -2.27 15.37
CA GLY D 341 -72.92 -3.37 15.13
C GLY D 341 -71.82 -2.84 14.24
N MET D 342 -70.90 -3.74 13.90
CA MET D 342 -69.80 -3.29 13.06
C MET D 342 -69.25 -4.49 12.30
N GLU D 343 -68.59 -4.18 11.18
CA GLU D 343 -67.84 -5.17 10.43
C GLU D 343 -66.47 -4.58 10.10
N ILE D 344 -65.45 -5.43 10.10
CA ILE D 344 -64.08 -5.02 9.70
C ILE D 344 -63.71 -5.92 8.52
N VAL D 345 -63.58 -5.34 7.33
CA VAL D 345 -63.43 -6.19 6.12
C VAL D 345 -62.14 -5.98 5.34
N GLU D 346 -61.82 -6.93 4.47
CA GLU D 346 -60.70 -6.89 3.49
C GLU D 346 -59.33 -7.22 4.09
N CYS D 347 -59.24 -7.64 5.34
CA CYS D 347 -57.95 -8.13 5.82
C CYS D 347 -57.60 -9.42 5.11
N ALA D 348 -56.42 -9.46 4.50
CA ALA D 348 -55.96 -10.61 3.68
C ALA D 348 -54.62 -11.10 4.21
N PRO D 349 -54.63 -12.01 5.19
CA PRO D 349 -53.37 -12.45 5.81
C PRO D 349 -52.30 -12.97 4.82
N PRO D 350 -52.66 -13.56 3.68
CA PRO D 350 -51.64 -14.06 2.77
C PRO D 350 -50.72 -12.93 2.26
N TYR D 351 -51.16 -11.68 2.35
CA TYR D 351 -50.35 -10.51 1.92
C TYR D 351 -49.86 -9.73 3.16
N ASP D 352 -49.98 -10.30 4.35
CA ASP D 352 -49.67 -9.62 5.64
C ASP D 352 -48.54 -10.35 6.40
N ALA D 353 -47.32 -10.28 5.92
CA ALA D 353 -46.23 -11.09 6.55
C ALA D 353 -46.07 -10.91 8.07
N ALA D 354 -46.01 -9.70 8.62
CA ALA D 354 -45.79 -9.48 10.07
C ALA D 354 -47.14 -9.26 10.80
N GLU D 355 -48.24 -9.60 10.12
CA GLU D 355 -49.59 -9.53 10.82
C GLU D 355 -49.99 -8.12 11.24
N ILE D 356 -49.41 -7.07 10.65
CA ILE D 356 -49.70 -5.69 11.11
C ILE D 356 -51.08 -5.25 10.61
N THR D 357 -51.58 -5.84 9.53
CA THR D 357 -52.92 -5.53 9.01
C THR D 357 -53.96 -6.13 9.97
N SER D 358 -53.78 -7.39 10.35
CA SER D 358 -54.70 -8.03 11.30
C SER D 358 -54.57 -7.33 12.66
N LEU D 359 -53.39 -6.84 13.02
CA LEU D 359 -53.21 -6.09 14.26
C LEU D 359 -54.03 -4.80 14.25
N MET D 360 -53.96 -4.06 13.13
CA MET D 360 -54.76 -2.84 12.99
C MET D 360 -56.26 -3.17 13.14
N ALA D 361 -56.70 -4.23 12.50
CA ALA D 361 -58.12 -4.59 12.57
C ALA D 361 -58.52 -4.91 14.01
N THR D 362 -57.67 -5.65 14.73
CA THR D 362 -57.94 -5.95 16.13
C THR D 362 -58.03 -4.67 16.95
N ARG D 363 -57.10 -3.74 16.71
CA ARG D 363 -57.10 -2.48 17.44
C ARG D 363 -58.36 -1.69 17.18
N VAL D 364 -58.80 -1.63 15.92
CA VAL D 364 -60.04 -0.92 15.59
C VAL D 364 -61.22 -1.50 16.38
N ILE D 365 -61.35 -2.82 16.37
CA ILE D 365 -62.45 -3.46 17.10
C ILE D 365 -62.39 -3.11 18.57
N CYS D 366 -61.20 -3.27 19.18
CA CYS D 366 -61.10 -3.08 20.63
C CYS D 366 -61.35 -1.65 21.05
N ASP D 367 -60.84 -0.69 20.28
CA ASP D 367 -61.07 0.71 20.59
C ASP D 367 -62.54 1.07 20.47
N VAL D 368 -63.21 0.59 19.42
CA VAL D 368 -64.65 0.83 19.27
C VAL D 368 -65.42 0.25 20.45
N LEU D 369 -65.15 -1.02 20.78
CA LEU D 369 -65.85 -1.63 21.90
C LEU D 369 -65.57 -0.89 23.21
N ALA D 370 -64.31 -0.52 23.45
CA ALA D 370 -63.97 0.17 24.70
C ALA D 370 -64.70 1.50 24.82
N CYS D 371 -64.78 2.25 23.71
CA CYS D 371 -65.48 3.53 23.76
C CYS D 371 -66.98 3.36 23.92
N GLN D 372 -67.56 2.34 23.28
CA GLN D 372 -68.97 2.03 23.49
C GLN D 372 -69.24 1.75 24.96
N VAL D 373 -68.32 1.02 25.60
CA VAL D 373 -68.51 0.64 27.00
C VAL D 373 -68.41 1.86 27.91
N ARG D 374 -67.32 2.61 27.78
CA ARG D 374 -67.09 3.70 28.72
C ARG D 374 -68.10 4.82 28.56
N SER D 375 -68.77 4.90 27.42
CA SER D 375 -69.77 5.93 27.17
C SER D 375 -71.19 5.43 27.39
N GLY D 376 -71.35 4.22 27.91
CA GLY D 376 -72.65 3.71 28.32
C GLY D 376 -73.50 3.14 27.21
N HIS D 377 -72.92 2.86 26.06
CA HIS D 377 -73.67 2.32 24.93
C HIS D 377 -73.65 0.80 24.88
N LEU D 378 -72.78 0.15 25.65
CA LEU D 378 -72.62 -1.29 25.61
C LEU D 378 -72.21 -1.75 27.01
N GLY D 379 -72.79 -2.86 27.44
CA GLY D 379 -72.55 -3.35 28.78
C GLY D 379 -73.36 -2.55 29.80
N LYS E 6 -30.73 27.06 18.07
CA LYS E 6 -30.53 25.77 17.43
C LYS E 6 -29.43 25.85 16.36
N ARG E 7 -29.48 24.91 15.41
CA ARG E 7 -28.44 24.75 14.39
C ARG E 7 -28.89 25.47 13.12
N THR E 8 -28.27 26.60 12.83
CA THR E 8 -28.59 27.38 11.64
C THR E 8 -27.33 27.78 10.91
N TYR E 9 -27.52 28.12 9.63
CA TYR E 9 -26.47 28.69 8.81
C TYR E 9 -25.79 29.86 9.52
N GLN E 10 -24.46 29.88 9.47
CA GLN E 10 -23.68 30.84 10.23
C GLN E 10 -23.06 31.94 9.37
N GLY E 11 -23.01 31.77 8.06
CA GLY E 11 -22.34 32.71 7.20
C GLY E 11 -20.84 32.51 7.09
N LYS E 12 -20.31 31.45 7.70
CA LYS E 12 -18.88 31.15 7.52
C LYS E 12 -18.56 30.66 6.11
N VAL E 13 -19.46 29.92 5.49
CA VAL E 13 -19.30 29.46 4.11
C VAL E 13 -20.37 30.15 3.28
N PRO E 14 -20.02 31.06 2.37
CA PRO E 14 -21.04 31.74 1.56
C PRO E 14 -21.88 30.75 0.77
N LEU E 15 -23.20 30.96 0.81
CA LEU E 15 -24.15 30.09 0.13
C LEU E 15 -25.31 30.94 -0.40
N HIS E 16 -25.87 30.51 -1.53
CA HIS E 16 -27.01 31.19 -2.12
C HIS E 16 -28.25 31.05 -1.23
N ASP E 17 -29.32 31.76 -1.61
CA ASP E 17 -30.46 31.95 -0.73
C ASP E 17 -31.61 30.96 -0.96
N ASN E 18 -31.50 30.02 -1.89
CA ASN E 18 -32.59 29.09 -2.14
C ASN E 18 -32.49 27.76 -1.43
N TYR E 19 -31.49 27.57 -0.58
CA TYR E 19 -31.47 26.44 0.31
C TYR E 19 -32.60 26.55 1.34
N GLY E 20 -33.16 25.40 1.71
CA GLY E 20 -33.99 25.33 2.90
C GLY E 20 -33.11 25.54 4.11
N PRO E 21 -33.70 25.97 5.23
CA PRO E 21 -32.86 26.33 6.39
C PRO E 21 -31.98 25.19 6.91
N GLU E 22 -32.56 23.99 7.07
CA GLU E 22 -31.77 22.85 7.53
C GLU E 22 -30.72 22.47 6.50
N ALA E 23 -31.08 22.51 5.22
CA ALA E 23 -30.13 22.21 4.16
C ALA E 23 -28.98 23.21 4.14
N LYS E 24 -29.28 24.48 4.38
CA LYS E 24 -28.24 25.50 4.37
C LYS E 24 -27.25 25.28 5.50
N TYR E 25 -27.77 25.04 6.71
CA TYR E 25 -26.90 24.62 7.82
C TYR E 25 -26.05 23.42 7.42
N ALA E 26 -26.67 22.41 6.78
CA ALA E 26 -25.97 21.16 6.49
C ALA E 26 -24.85 21.36 5.48
N VAL E 27 -25.12 22.13 4.42
CA VAL E 27 -24.13 22.29 3.37
C VAL E 27 -22.93 23.07 3.90
N GLU E 28 -23.18 24.08 4.73
CA GLU E 28 -22.07 24.81 5.36
C GLU E 28 -21.29 23.89 6.30
N ALA E 29 -22.01 23.16 7.15
CA ALA E 29 -21.34 22.32 8.14
C ALA E 29 -20.40 21.31 7.46
N GLU E 30 -20.86 20.70 6.36
CA GLU E 30 -20.02 19.71 5.69
C GLU E 30 -18.71 20.33 5.23
N ALA E 31 -18.79 21.55 4.69
CA ALA E 31 -17.60 22.20 4.16
C ALA E 31 -16.56 22.47 5.23
N LEU E 32 -16.95 22.50 6.50
CA LEU E 32 -16.05 22.78 7.60
C LEU E 32 -15.53 21.51 8.28
N LEU E 33 -15.99 20.33 7.87
CA LEU E 33 -15.54 19.10 8.52
C LEU E 33 -14.16 18.67 7.99
N PRO E 34 -13.35 18.07 8.85
CA PRO E 34 -12.04 17.56 8.42
C PRO E 34 -12.17 16.26 7.62
N THR E 35 -11.04 15.85 7.03
CA THR E 35 -10.98 14.62 6.25
C THR E 35 -9.87 13.70 6.74
N THR E 36 -9.24 14.02 7.86
CA THR E 36 -8.06 13.28 8.35
C THR E 36 -8.33 11.78 8.52
N LYS E 37 -9.43 11.44 9.18
CA LYS E 37 -9.74 10.02 9.51
C LYS E 37 -10.15 9.28 8.24
N PHE E 38 -10.80 9.96 7.32
CA PHE E 38 -11.10 9.36 6.00
C PHE E 38 -9.77 8.98 5.34
N GLU E 39 -8.84 9.93 5.23
CA GLU E 39 -7.57 9.64 4.55
C GLU E 39 -6.84 8.49 5.23
N GLU E 40 -6.88 8.44 6.57
CA GLU E 40 -6.20 7.37 7.29
C GLU E 40 -6.79 6.01 6.95
N GLU E 41 -8.12 5.90 6.94
CA GLU E 41 -8.76 4.64 6.60
C GLU E 41 -8.41 4.20 5.18
N ILE E 42 -8.41 5.13 4.23
CA ILE E 42 -8.02 4.78 2.86
C ILE E 42 -6.63 4.19 2.84
N ALA E 43 -5.67 4.90 3.48
CA ALA E 43 -4.28 4.42 3.49
C ALA E 43 -4.17 3.06 4.16
N ARG E 44 -4.84 2.88 5.31
CA ARG E 44 -4.80 1.59 6.00
C ARG E 44 -5.39 0.49 5.14
N GLY E 45 -6.49 0.78 4.43
CA GLY E 45 -7.12 -0.25 3.63
C GLY E 45 -6.22 -0.79 2.54
N LEU E 46 -5.47 0.11 1.88
CA LEU E 46 -4.53 -0.32 0.85
C LEU E 46 -3.42 -1.17 1.44
N GLU E 47 -2.98 -0.83 2.65
CA GLU E 47 -1.94 -1.59 3.33
C GLU E 47 -2.42 -2.99 3.68
N LEU E 48 -3.63 -3.10 4.24
CA LEU E 48 -4.14 -4.39 4.68
C LEU E 48 -4.75 -5.20 3.52
N GLY E 49 -5.35 -4.53 2.54
CA GLY E 49 -6.07 -5.20 1.48
C GLY E 49 -5.41 -5.22 0.13
N LEU E 50 -4.15 -4.78 0.03
CA LEU E 50 -3.38 -4.72 -1.21
C LEU E 50 -3.86 -3.61 -2.13
N PRO E 51 -2.98 -3.04 -2.95
CA PRO E 51 -3.46 -2.16 -4.02
C PRO E 51 -4.44 -2.89 -4.93
N GLY E 52 -5.40 -2.14 -5.44
CA GLY E 52 -6.34 -2.71 -6.40
C GLY E 52 -5.65 -3.16 -7.68
N ALA E 53 -6.40 -3.95 -8.45
CA ALA E 53 -5.87 -4.41 -9.73
C ALA E 53 -5.55 -3.21 -10.64
N ASP E 54 -4.71 -3.46 -11.65
CA ASP E 54 -4.20 -2.38 -12.48
C ASP E 54 -5.30 -1.65 -13.25
N SER E 55 -6.40 -2.32 -13.56
CA SER E 55 -7.47 -1.69 -14.32
C SER E 55 -8.33 -0.75 -13.50
N ILE E 56 -8.15 -0.71 -12.18
CA ILE E 56 -8.95 0.16 -11.28
C ILE E 56 -8.37 1.58 -11.41
N LYS E 57 -9.18 2.55 -11.75
CA LYS E 57 -8.70 3.94 -12.00
C LYS E 57 -8.53 4.65 -10.65
N ASP E 58 -9.48 4.44 -9.75
CA ASP E 58 -9.44 5.05 -8.40
C ASP E 58 -8.43 4.27 -7.58
N ARG E 59 -7.25 4.85 -7.32
CA ARG E 59 -6.19 4.12 -6.65
C ARG E 59 -6.40 4.05 -5.13
N ARG E 60 -7.46 4.66 -4.62
CA ARG E 60 -7.88 4.48 -3.25
C ARG E 60 -8.53 3.13 -3.00
N ILE E 61 -8.74 2.32 -4.04
CA ILE E 61 -9.51 1.08 -3.94
C ILE E 61 -8.53 -0.09 -3.76
N PRO E 62 -8.66 -0.89 -2.71
CA PRO E 62 -7.81 -2.06 -2.56
C PRO E 62 -8.36 -3.28 -3.32
N THR E 63 -7.56 -4.34 -3.30
CA THR E 63 -8.05 -5.61 -3.84
C THR E 63 -9.11 -6.20 -2.92
N PHE E 64 -8.82 -6.24 -1.62
CA PHE E 64 -9.75 -6.72 -0.61
C PHE E 64 -10.41 -5.54 0.10
N SER E 65 -11.72 -5.66 0.31
CA SER E 65 -12.47 -4.62 0.99
C SER E 65 -12.01 -4.51 2.44
N ARG E 66 -11.59 -3.29 2.83
CA ARG E 66 -11.04 -3.02 4.15
C ARG E 66 -11.40 -1.58 4.50
N GLY E 67 -12.58 -1.41 5.08
CA GLY E 67 -13.08 -0.10 5.40
C GLY E 67 -14.55 0.01 5.07
N GLU E 68 -15.01 1.23 4.77
CA GLU E 68 -16.42 1.47 4.52
C GLU E 68 -16.91 0.73 3.29
N LEU E 69 -16.12 0.71 2.22
CA LEU E 69 -16.62 0.32 0.91
C LEU E 69 -16.12 -1.07 0.49
N PRO E 70 -16.93 -1.80 -0.27
CA PRO E 70 -18.33 -1.51 -0.63
C PRO E 70 -19.25 -1.73 0.57
N HIS E 71 -20.40 -1.07 0.58
CA HIS E 71 -21.36 -1.22 1.71
C HIS E 71 -21.86 -2.66 1.80
N PHE E 72 -22.04 -3.33 0.66
CA PHE E 72 -22.58 -4.69 0.66
C PHE E 72 -21.53 -5.74 0.99
N ALA E 73 -20.32 -5.33 1.32
CA ALA E 73 -19.21 -6.25 1.54
C ALA E 73 -18.70 -6.11 2.96
N GLY E 74 -17.94 -7.10 3.37
CA GLY E 74 -17.17 -7.02 4.60
C GLY E 74 -17.83 -7.76 5.75
N ILE E 75 -17.04 -7.96 6.80
CA ILE E 75 -17.50 -8.59 8.02
C ILE E 75 -18.38 -7.59 8.78
N ASN E 76 -19.54 -8.04 9.24
CA ASN E 76 -20.56 -7.10 9.74
C ASN E 76 -20.44 -6.86 11.23
N THR E 77 -19.57 -5.91 11.58
CA THR E 77 -19.62 -5.22 12.87
C THR E 77 -20.55 -4.02 12.74
N PHE E 78 -21.00 -3.48 13.87
CA PHE E 78 -21.86 -2.30 13.80
C PHE E 78 -21.14 -1.17 13.08
N ILE E 79 -21.80 -0.61 12.05
CA ILE E 79 -21.27 0.38 11.12
C ILE E 79 -19.80 0.11 10.81
N LYS E 80 -19.44 -1.17 10.68
CA LYS E 80 -18.10 -1.61 10.31
C LYS E 80 -17.02 -1.03 11.22
N ALA E 81 -17.38 -0.75 12.47
CA ALA E 81 -16.41 -0.40 13.48
C ALA E 81 -15.44 -1.56 13.70
N PRO E 82 -14.27 -1.29 14.25
CA PRO E 82 -13.34 -2.39 14.55
C PRO E 82 -13.89 -3.31 15.63
N TYR E 83 -13.70 -4.62 15.42
CA TYR E 83 -14.00 -5.63 16.43
C TYR E 83 -12.88 -5.65 17.46
N VAL E 84 -13.24 -5.49 18.74
CA VAL E 84 -12.24 -5.53 19.81
C VAL E 84 -12.39 -6.85 20.55
N GLU E 85 -11.58 -7.83 20.14
CA GLU E 85 -11.68 -9.18 20.67
C GLU E 85 -11.34 -9.22 22.15
N ASP E 86 -10.32 -8.47 22.56
CA ASP E 86 -9.93 -8.39 23.97
C ASP E 86 -10.79 -7.31 24.62
N VAL E 87 -11.84 -7.72 25.33
CA VAL E 87 -12.80 -6.75 25.83
C VAL E 87 -12.22 -5.88 26.93
N ARG E 88 -11.08 -6.26 27.50
CA ARG E 88 -10.36 -5.40 28.44
C ARG E 88 -9.82 -4.13 27.80
N LYS E 89 -9.80 -4.05 26.47
CA LYS E 89 -9.33 -2.86 25.76
C LYS E 89 -10.44 -1.88 25.38
N CYS E 90 -11.69 -2.19 25.74
CA CYS E 90 -12.80 -1.35 25.25
C CYS E 90 -12.67 0.10 25.73
N GLY E 91 -12.02 0.32 26.88
CA GLY E 91 -11.81 1.66 27.39
C GLY E 91 -10.97 2.56 26.50
N GLN E 92 -10.33 2.01 25.47
CA GLN E 92 -9.56 2.81 24.53
C GLN E 92 -10.43 3.55 23.53
N TYR E 93 -11.75 3.32 23.54
CA TYR E 93 -12.66 3.88 22.56
C TYR E 93 -13.70 4.76 23.25
N ASP E 94 -14.18 5.76 22.51
CA ASP E 94 -15.19 6.65 23.05
C ASP E 94 -16.53 5.94 23.22
N VAL E 95 -16.82 5.01 22.31
CA VAL E 95 -18.10 4.32 22.23
C VAL E 95 -17.82 2.85 22.04
N ALA E 96 -18.55 2.00 22.77
CA ALA E 96 -18.42 0.55 22.62
C ALA E 96 -19.81 -0.03 22.39
N ILE E 97 -19.99 -0.68 21.24
CA ILE E 97 -21.23 -1.39 20.89
C ILE E 97 -21.11 -2.81 21.45
N LEU E 98 -22.16 -3.27 22.15
CA LEU E 98 -22.22 -4.65 22.56
C LEU E 98 -23.65 -5.18 22.40
N GLY E 99 -23.74 -6.46 22.10
CA GLY E 99 -25.03 -7.11 21.94
C GLY E 99 -25.42 -7.93 23.15
N ALA E 100 -26.72 -8.10 23.33
CA ALA E 100 -27.27 -8.92 24.40
C ALA E 100 -28.32 -9.82 23.75
N PRO E 101 -27.88 -10.88 23.06
CA PRO E 101 -28.83 -11.68 22.25
C PRO E 101 -29.66 -12.63 23.08
N PHE E 102 -30.82 -12.14 23.52
CA PHE E 102 -31.66 -12.86 24.48
C PHE E 102 -33.13 -12.53 24.24
N ASP E 103 -33.97 -13.57 24.25
CA ASP E 103 -35.41 -13.37 24.13
C ASP E 103 -36.19 -14.28 25.10
N GLY E 104 -35.55 -14.75 26.16
CA GLY E 104 -36.26 -15.49 27.20
C GLY E 104 -37.18 -14.63 28.04
N GLY E 105 -37.12 -13.32 27.90
CA GLY E 105 -38.03 -12.42 28.58
C GLY E 105 -39.26 -12.02 27.81
N THR E 106 -39.46 -12.57 26.61
CA THR E 106 -40.56 -12.15 25.76
C THR E 106 -41.85 -12.88 26.13
N THR E 107 -42.95 -12.13 26.17
CA THR E 107 -44.25 -12.69 26.53
C THR E 107 -45.15 -12.99 25.33
N TYR E 108 -44.73 -12.63 24.12
CA TYR E 108 -45.46 -13.05 22.92
C TYR E 108 -44.49 -13.70 21.94
N ARG E 109 -44.00 -12.96 20.98
CA ARG E 109 -43.06 -13.52 19.99
C ARG E 109 -41.63 -13.45 20.48
N ALA E 110 -40.85 -14.49 20.21
CA ALA E 110 -39.40 -14.45 20.44
C ALA E 110 -38.78 -13.97 19.11
N GLY E 111 -37.47 -14.06 18.98
CA GLY E 111 -36.78 -13.61 17.79
C GLY E 111 -35.81 -12.47 18.02
N THR E 112 -36.02 -11.66 19.06
CA THR E 112 -35.10 -10.57 19.33
C THR E 112 -33.75 -11.05 19.82
N ARG E 113 -33.53 -12.37 20.01
CA ARG E 113 -32.16 -12.85 20.20
C ARG E 113 -31.28 -12.47 19.01
N PHE E 114 -31.88 -12.29 17.83
CA PHE E 114 -31.13 -11.91 16.63
C PHE E 114 -31.09 -10.41 16.39
N GLY E 115 -31.67 -9.62 17.28
CA GLY E 115 -31.63 -8.18 17.16
C GLY E 115 -30.25 -7.61 16.90
N PRO E 116 -29.25 -8.04 17.68
CA PRO E 116 -27.90 -7.50 17.47
C PRO E 116 -27.34 -7.83 16.11
N GLN E 117 -27.59 -9.05 15.64
CA GLN E 117 -27.11 -9.46 14.32
C GLN E 117 -27.81 -8.68 13.22
N GLY E 118 -29.13 -8.46 13.36
CA GLY E 118 -29.86 -7.76 12.33
C GLY E 118 -29.49 -6.29 12.27
N ILE E 119 -29.28 -5.68 13.43
CA ILE E 119 -28.88 -4.28 13.46
C ILE E 119 -27.51 -4.12 12.82
N ARG E 120 -26.56 -4.96 13.24
CA ARG E 120 -25.22 -4.90 12.65
C ARG E 120 -25.25 -5.08 11.13
N LYS E 121 -26.06 -6.03 10.66
CA LYS E 121 -26.10 -6.35 9.24
C LYS E 121 -26.55 -5.15 8.42
N ILE E 122 -27.68 -4.54 8.76
CA ILE E 122 -28.21 -3.42 7.94
C ILE E 122 -27.37 -2.15 8.17
N SER E 123 -26.63 -2.08 9.27
CA SER E 123 -25.78 -0.89 9.62
C SER E 123 -24.76 -0.60 8.52
N ALA E 124 -24.40 -1.59 7.72
CA ALA E 124 -23.41 -1.45 6.63
C ALA E 124 -23.91 -0.47 5.56
N LEU E 125 -25.22 -0.33 5.40
CA LEU E 125 -25.81 0.52 4.34
C LEU E 125 -25.38 1.97 4.58
N TYR E 126 -25.13 2.32 5.83
CA TYR E 126 -24.88 3.73 6.17
C TYR E 126 -23.44 4.20 5.94
N GLY E 127 -23.30 5.46 5.53
CA GLY E 127 -22.02 6.12 5.57
C GLY E 127 -21.70 6.55 6.99
N THR E 128 -20.63 7.33 7.12
CA THR E 128 -20.19 7.77 8.43
C THR E 128 -20.71 9.16 8.78
N TYR E 129 -21.48 9.78 7.88
CA TYR E 129 -21.80 11.20 7.93
C TYR E 129 -23.30 11.45 7.83
N SER E 130 -23.81 12.32 8.69
CA SER E 130 -25.21 12.71 8.66
C SER E 130 -25.32 14.12 8.05
N PHE E 131 -26.10 14.21 6.97
CA PHE E 131 -26.30 15.47 6.30
C PHE E 131 -26.90 16.52 7.23
N GLU E 132 -28.14 16.28 7.71
CA GLU E 132 -28.81 17.35 8.43
C GLU E 132 -28.24 17.59 9.81
N LEU E 133 -27.56 16.61 10.42
CA LEU E 133 -26.95 16.86 11.72
C LEU E 133 -25.56 17.46 11.61
N GLY E 134 -24.94 17.41 10.43
CA GLY E 134 -23.64 18.03 10.22
C GLY E 134 -22.50 17.37 10.95
N VAL E 135 -22.51 16.04 11.03
CA VAL E 135 -21.56 15.29 11.85
C VAL E 135 -20.98 14.14 11.03
N ASP E 136 -19.68 13.94 11.14
CA ASP E 136 -19.03 12.78 10.55
C ASP E 136 -18.43 11.99 11.71
N LEU E 137 -19.08 10.89 12.08
CA LEU E 137 -18.63 10.10 13.21
C LEU E 137 -17.19 9.63 13.01
N ARG E 138 -16.82 9.30 11.77
CA ARG E 138 -15.47 8.80 11.53
C ARG E 138 -14.41 9.82 11.93
N GLU E 139 -14.73 11.11 11.82
CA GLU E 139 -13.78 12.16 12.14
C GLU E 139 -13.80 12.57 13.61
N SER E 140 -14.91 12.31 14.33
CA SER E 140 -15.15 12.95 15.62
C SER E 140 -15.19 12.01 16.82
N VAL E 141 -15.28 10.69 16.62
CA VAL E 141 -15.43 9.78 17.74
C VAL E 141 -14.88 8.41 17.33
N SER E 142 -14.28 7.71 18.29
CA SER E 142 -13.79 6.36 18.09
C SER E 142 -14.84 5.38 18.58
N ILE E 143 -15.22 4.45 17.71
CA ILE E 143 -16.27 3.48 18.02
C ILE E 143 -15.68 2.09 17.84
N CYS E 144 -15.98 1.19 18.77
CA CYS E 144 -15.61 -0.21 18.65
C CYS E 144 -16.84 -1.10 18.86
N ASP E 145 -16.71 -2.34 18.44
CA ASP E 145 -17.72 -3.38 18.62
C ASP E 145 -17.07 -4.53 19.36
N VAL E 146 -17.55 -4.80 20.58
CA VAL E 146 -16.99 -5.88 21.40
C VAL E 146 -17.80 -7.16 21.30
N GLY E 147 -18.71 -7.26 20.34
CA GLY E 147 -19.48 -8.47 20.16
C GLY E 147 -20.58 -8.62 21.17
N ASP E 148 -20.83 -9.85 21.60
CA ASP E 148 -22.05 -10.15 22.34
C ASP E 148 -21.76 -10.70 23.73
N ILE E 149 -22.69 -10.40 24.64
CA ILE E 149 -22.77 -11.12 25.90
C ILE E 149 -23.10 -12.58 25.63
N PHE E 150 -22.51 -13.47 26.42
CA PHE E 150 -22.81 -14.90 26.41
C PHE E 150 -24.07 -15.05 27.24
N THR E 151 -25.22 -14.94 26.59
CA THR E 151 -26.52 -15.06 27.25
C THR E 151 -26.84 -16.53 27.52
N ILE E 152 -27.88 -16.73 28.34
CA ILE E 152 -28.25 -18.02 28.88
C ILE E 152 -29.73 -18.24 28.60
N PRO E 153 -30.11 -18.80 27.43
CA PRO E 153 -31.52 -18.78 27.04
C PRO E 153 -32.47 -19.46 28.01
N GLY E 154 -32.02 -20.48 28.74
CA GLY E 154 -32.85 -21.21 29.67
C GLY E 154 -33.06 -20.59 31.02
N ASN E 155 -32.38 -19.47 31.31
CA ASN E 155 -32.38 -18.91 32.68
C ASN E 155 -32.22 -17.41 32.58
N ILE E 156 -33.33 -16.69 32.79
CA ILE E 156 -33.30 -15.23 32.65
C ILE E 156 -32.42 -14.60 33.75
N GLU E 157 -32.39 -15.18 34.94
CA GLU E 157 -31.60 -14.61 36.03
C GLU E 157 -30.10 -14.73 35.75
N LYS E 158 -29.66 -15.89 35.26
CA LYS E 158 -28.27 -16.03 34.85
C LYS E 158 -27.94 -15.05 33.72
N THR E 159 -28.85 -14.89 32.75
CA THR E 159 -28.64 -13.92 31.69
C THR E 159 -28.48 -12.52 32.26
N PHE E 160 -29.34 -12.14 33.22
CA PHE E 160 -29.18 -10.82 33.85
C PHE E 160 -27.78 -10.69 34.43
N ASP E 161 -27.28 -11.73 35.10
CA ASP E 161 -25.98 -11.62 35.75
C ASP E 161 -24.87 -11.44 34.72
N GLN E 162 -24.96 -12.15 33.61
CA GLN E 162 -24.00 -11.96 32.52
C GLN E 162 -24.05 -10.55 31.97
N VAL E 163 -25.26 -10.04 31.74
CA VAL E 163 -25.39 -8.72 31.13
C VAL E 163 -24.93 -7.62 32.07
N SER E 164 -25.29 -7.71 33.35
CA SER E 164 -24.84 -6.71 34.31
C SER E 164 -23.32 -6.66 34.37
N LYS E 165 -22.67 -7.84 34.31
CA LYS E 165 -21.21 -7.89 34.42
C LYS E 165 -20.55 -7.30 33.17
N GLY E 166 -21.07 -7.64 32.00
CA GLY E 166 -20.47 -7.12 30.77
C GLY E 166 -20.71 -5.64 30.59
N VAL E 167 -21.96 -5.19 30.78
CA VAL E 167 -22.26 -3.76 30.67
C VAL E 167 -21.53 -2.97 31.74
N GLY E 168 -21.52 -3.46 32.97
CA GLY E 168 -20.78 -2.80 34.03
C GLY E 168 -19.31 -2.64 33.68
N HIS E 169 -18.70 -3.71 33.14
CA HIS E 169 -17.32 -3.61 32.68
C HIS E 169 -17.17 -2.50 31.64
N VAL E 170 -18.04 -2.47 30.63
CA VAL E 170 -17.87 -1.48 29.57
C VAL E 170 -18.08 -0.08 30.11
N PHE E 171 -19.12 0.11 30.94
CA PHE E 171 -19.39 1.43 31.49
C PHE E 171 -18.25 1.90 32.37
N ALA E 172 -17.71 1.02 33.19
CA ALA E 172 -16.61 1.36 34.09
C ALA E 172 -15.35 1.71 33.34
N SER E 173 -15.20 1.24 32.10
CA SER E 173 -14.02 1.54 31.30
C SER E 173 -13.99 2.97 30.79
N GLY E 174 -15.13 3.69 30.86
CA GLY E 174 -15.23 5.03 30.34
C GLY E 174 -15.77 5.12 28.93
N ALA E 175 -15.90 4.01 28.23
CA ALA E 175 -16.57 4.02 26.94
C ALA E 175 -18.08 4.15 27.13
N PHE E 176 -18.71 4.90 26.23
CA PHE E 176 -20.16 5.07 26.16
C PHE E 176 -20.78 3.77 25.66
N PRO E 177 -21.52 3.03 26.48
CA PRO E 177 -22.06 1.74 26.02
C PRO E 177 -23.31 1.92 25.19
N VAL E 178 -23.36 1.24 24.04
CA VAL E 178 -24.56 1.11 23.22
C VAL E 178 -24.90 -0.38 23.23
N VAL E 179 -25.99 -0.74 23.92
CA VAL E 179 -26.40 -2.13 24.09
C VAL E 179 -27.46 -2.45 23.04
N LEU E 180 -27.18 -3.45 22.21
CA LEU E 180 -28.15 -3.95 21.24
C LEU E 180 -28.90 -5.12 21.85
N GLY E 181 -30.21 -4.96 22.05
CA GLY E 181 -31.03 -6.06 22.51
C GLY E 181 -31.59 -6.89 21.36
N GLY E 182 -32.22 -8.02 21.71
CA GLY E 182 -32.52 -8.47 23.06
C GLY E 182 -33.80 -7.82 23.58
N ASP E 183 -34.55 -8.54 24.42
CA ASP E 183 -35.84 -8.03 24.88
C ASP E 183 -35.68 -7.09 26.07
N HIS E 184 -36.74 -6.34 26.38
CA HIS E 184 -36.64 -5.23 27.36
C HIS E 184 -36.40 -5.69 28.79
N SER E 185 -36.50 -6.97 29.08
CA SER E 185 -36.12 -7.40 30.43
C SER E 185 -34.67 -7.05 30.72
N LEU E 186 -33.84 -6.97 29.69
CA LEU E 186 -32.43 -6.67 29.84
C LEU E 186 -32.20 -5.27 30.40
N GLY E 187 -33.19 -4.37 30.29
CA GLY E 187 -33.04 -3.04 30.84
C GLY E 187 -32.77 -3.04 32.33
N PHE E 188 -33.30 -4.03 33.06
CA PHE E 188 -32.94 -4.18 34.47
C PHE E 188 -31.46 -4.50 34.61
N ALA E 189 -30.97 -5.46 33.83
CA ALA E 189 -29.60 -5.91 34.00
C ALA E 189 -28.60 -4.84 33.59
N THR E 190 -28.91 -4.08 32.53
CA THR E 190 -28.01 -3.03 32.10
C THR E 190 -27.95 -1.91 33.14
N VAL E 191 -29.11 -1.47 33.62
CA VAL E 191 -29.15 -0.43 34.63
C VAL E 191 -28.49 -0.90 35.92
N ARG E 192 -28.72 -2.16 36.29
CA ARG E 192 -28.11 -2.69 37.51
C ARG E 192 -26.59 -2.63 37.41
N GLY E 193 -26.04 -2.94 36.25
CA GLY E 193 -24.59 -2.90 36.09
C GLY E 193 -24.04 -1.48 36.07
N VAL E 194 -24.76 -0.56 35.43
CA VAL E 194 -24.33 0.84 35.41
C VAL E 194 -24.39 1.44 36.80
N ALA E 195 -25.50 1.20 37.51
CA ALA E 195 -25.69 1.79 38.83
C ALA E 195 -24.63 1.36 39.82
N GLN E 196 -24.04 0.17 39.61
CA GLN E 196 -22.98 -0.35 40.49
C GLN E 196 -21.71 0.50 40.38
N HIS E 197 -21.57 1.32 39.33
CA HIS E 197 -20.33 2.05 39.05
C HIS E 197 -20.54 3.56 39.03
N LEU E 198 -21.53 4.06 39.76
CA LEU E 198 -21.80 5.49 39.84
C LEU E 198 -21.32 6.09 41.15
N ASN E 199 -20.58 5.32 41.96
CA ASN E 199 -20.10 5.79 43.26
C ASN E 199 -21.23 6.36 44.09
N GLY E 200 -22.37 5.67 44.08
CA GLY E 200 -23.51 6.06 44.88
C GLY E 200 -24.38 7.15 44.30
N LYS E 201 -23.97 7.79 43.21
CA LYS E 201 -24.80 8.81 42.58
C LYS E 201 -26.03 8.16 41.94
N LYS E 202 -27.06 8.99 41.74
CA LYS E 202 -28.35 8.51 41.26
C LYS E 202 -28.35 8.38 39.74
N LEU E 203 -29.22 7.51 39.23
CA LEU E 203 -29.39 7.27 37.80
C LEU E 203 -30.84 7.47 37.41
N GLY E 204 -31.11 8.43 36.50
CA GLY E 204 -32.41 8.56 35.88
C GLY E 204 -32.52 7.72 34.61
N ILE E 205 -33.75 7.57 34.11
CA ILE E 205 -34.02 6.72 32.95
C ILE E 205 -35.03 7.41 32.04
N LEU E 206 -34.65 7.55 30.77
CA LEU E 206 -35.55 7.98 29.70
C LEU E 206 -35.99 6.71 28.96
N HIS E 207 -37.26 6.34 29.13
CA HIS E 207 -37.79 5.07 28.59
C HIS E 207 -38.78 5.34 27.45
N PHE E 208 -38.42 5.01 26.22
CA PHE E 208 -39.32 5.12 25.04
C PHE E 208 -39.96 3.75 24.84
N ASP E 209 -41.28 3.71 24.88
CA ASP E 209 -42.00 2.43 24.84
C ASP E 209 -43.51 2.67 24.86
N ARG E 210 -44.28 1.72 24.35
CA ARG E 210 -45.76 1.77 24.48
C ARG E 210 -46.11 1.05 25.78
N HIS E 211 -45.19 0.27 26.32
CA HIS E 211 -45.46 -0.58 27.50
C HIS E 211 -44.75 -0.07 28.75
N VAL E 212 -45.42 -0.10 29.89
CA VAL E 212 -44.90 0.47 31.17
C VAL E 212 -43.72 -0.37 31.71
N ASP E 213 -43.75 -1.68 31.55
CA ASP E 213 -42.61 -2.55 31.95
C ASP E 213 -42.30 -2.35 33.43
N THR E 214 -43.30 -2.16 34.25
CA THR E 214 -43.12 -1.85 35.67
C THR E 214 -43.88 -2.80 36.62
N GLN E 215 -44.17 -4.02 36.21
CA GLN E 215 -44.79 -5.00 37.11
C GLN E 215 -43.73 -5.92 37.71
N ASP E 216 -44.16 -6.69 38.73
CA ASP E 216 -43.21 -7.47 39.53
C ASP E 216 -42.77 -8.74 38.81
N THR E 217 -43.72 -9.60 38.45
CA THR E 217 -43.43 -10.82 37.72
C THR E 217 -44.44 -10.99 36.60
N ASP E 218 -44.07 -11.82 35.63
CA ASP E 218 -44.92 -12.12 34.47
C ASP E 218 -44.57 -13.55 34.08
N LEU E 219 -45.58 -14.43 34.05
CA LEU E 219 -45.33 -15.86 33.83
C LEU E 219 -44.27 -16.35 34.82
N ASP E 220 -44.34 -15.87 36.05
CA ASP E 220 -43.55 -16.29 37.21
C ASP E 220 -42.09 -15.85 37.16
N GLU E 221 -41.70 -14.96 36.27
CA GLU E 221 -40.32 -14.54 36.15
C GLU E 221 -40.24 -13.05 35.87
N ARG E 222 -39.04 -12.50 35.96
CA ARG E 222 -38.80 -11.07 35.78
C ARG E 222 -38.61 -10.77 34.28
N MET E 223 -39.72 -10.86 33.55
CA MET E 223 -39.71 -10.77 32.10
C MET E 223 -39.75 -9.30 31.64
N HIS E 224 -39.91 -9.08 30.33
CA HIS E 224 -39.77 -7.72 29.71
C HIS E 224 -40.82 -6.72 30.21
N THR E 225 -41.83 -7.17 30.92
CA THR E 225 -42.86 -6.31 31.50
C THR E 225 -42.44 -5.88 32.90
N THR E 226 -41.26 -6.29 33.37
CA THR E 226 -40.91 -6.07 34.77
C THR E 226 -39.63 -5.28 35.02
N PRO E 227 -38.84 -4.90 34.01
CA PRO E 227 -37.49 -4.43 34.33
C PRO E 227 -37.45 -3.22 35.25
N TRP E 228 -38.34 -2.25 35.07
CA TRP E 228 -38.24 -1.02 35.84
C TRP E 228 -38.80 -1.14 37.25
N PHE E 229 -39.67 -2.12 37.50
CA PHE E 229 -40.05 -2.46 38.87
C PHE E 229 -38.80 -2.82 39.68
N HIS E 230 -37.95 -3.67 39.10
CA HIS E 230 -36.76 -4.15 39.80
C HIS E 230 -35.61 -3.19 39.71
N ALA E 231 -35.50 -2.44 38.61
CA ALA E 231 -34.44 -1.43 38.53
C ALA E 231 -34.63 -0.34 39.59
N THR E 232 -35.86 0.14 39.74
CA THR E 232 -36.13 1.21 40.69
C THR E 232 -36.20 0.72 42.14
N ASN E 233 -36.09 -0.59 42.38
CA ASN E 233 -35.82 -1.08 43.72
C ASN E 233 -34.36 -0.87 44.13
N ILE E 234 -33.48 -0.61 43.17
CA ILE E 234 -32.08 -0.33 43.50
C ILE E 234 -31.98 1.01 44.21
N PRO E 235 -31.21 1.12 45.30
CA PRO E 235 -31.25 2.36 46.08
C PRO E 235 -30.94 3.63 45.32
N ASN E 236 -30.01 3.61 44.36
CA ASN E 236 -29.63 4.84 43.66
C ASN E 236 -30.27 4.95 42.28
N VAL E 237 -31.41 4.28 42.07
CA VAL E 237 -32.19 4.41 40.83
C VAL E 237 -33.58 4.90 41.21
N PRO E 238 -33.77 6.23 41.26
CA PRO E 238 -35.03 6.82 41.67
C PRO E 238 -36.17 6.72 40.65
N ALA E 239 -37.28 6.08 41.03
CA ALA E 239 -38.43 5.92 40.13
C ALA E 239 -39.03 7.27 39.73
N LYS E 240 -38.82 8.31 40.54
CA LYS E 240 -39.33 9.66 40.22
C LYS E 240 -38.57 10.23 39.02
N ASN E 241 -37.43 9.63 38.68
CA ASN E 241 -36.61 10.09 37.53
C ASN E 241 -36.78 9.11 36.37
N LEU E 242 -37.75 8.20 36.45
CA LEU E 242 -38.07 7.28 35.34
C LEU E 242 -39.16 7.97 34.54
N VAL E 243 -38.84 8.37 33.33
CA VAL E 243 -39.76 9.09 32.43
C VAL E 243 -40.13 8.15 31.30
N GLN E 244 -41.42 7.84 31.18
CA GLN E 244 -41.93 6.82 30.28
C GLN E 244 -42.67 7.51 29.14
N ILE E 245 -42.10 7.43 27.92
CA ILE E 245 -42.56 8.23 26.74
C ILE E 245 -43.17 7.32 25.67
N GLY E 246 -44.47 7.46 25.44
CA GLY E 246 -45.18 6.73 24.38
C GLY E 246 -46.17 5.70 24.92
N ILE E 247 -46.32 5.62 26.24
CA ILE E 247 -47.16 4.57 26.85
C ILE E 247 -48.56 4.61 26.23
N GLY E 248 -49.07 3.48 25.75
CA GLY E 248 -50.42 3.43 25.22
C GLY E 248 -50.72 2.09 24.59
N GLY E 249 -52.00 1.91 24.26
CA GLY E 249 -52.48 0.73 23.57
C GLY E 249 -53.08 -0.29 24.52
N TRP E 250 -53.06 -1.55 24.08
CA TRP E 250 -53.74 -2.64 24.78
C TRP E 250 -52.75 -3.60 25.45
N GLN E 251 -51.50 -3.17 25.58
CA GLN E 251 -50.42 -4.04 26.13
C GLN E 251 -49.65 -3.36 27.27
N ALA E 252 -50.20 -2.33 27.91
CA ALA E 252 -49.60 -1.74 29.13
C ALA E 252 -50.36 -2.43 30.28
N PRO E 253 -49.81 -3.47 30.92
CA PRO E 253 -50.60 -4.26 31.89
C PRO E 253 -50.97 -3.48 33.12
N ARG E 254 -52.16 -3.78 33.64
CA ARG E 254 -52.65 -3.06 34.82
C ARG E 254 -51.69 -3.13 36.00
N PRO E 255 -51.16 -4.29 36.40
CA PRO E 255 -50.24 -4.30 37.55
C PRO E 255 -49.02 -3.43 37.35
N GLY E 256 -48.55 -3.28 36.11
CA GLY E 256 -47.47 -2.34 35.85
C GLY E 256 -47.92 -0.90 36.02
N VAL E 257 -49.13 -0.57 35.57
CA VAL E 257 -49.62 0.78 35.74
C VAL E 257 -49.73 1.10 37.23
N LYS E 258 -50.19 0.13 38.02
CA LYS E 258 -50.42 0.41 39.44
C LYS E 258 -49.09 0.64 40.15
N ALA E 259 -48.11 -0.20 39.88
CA ALA E 259 -46.80 -0.05 40.52
C ALA E 259 -46.14 1.26 40.13
N GLY E 260 -46.24 1.65 38.87
CA GLY E 260 -45.66 2.92 38.45
C GLY E 260 -46.32 4.10 39.13
N ARG E 261 -47.64 4.04 39.28
CA ARG E 261 -48.36 5.07 40.02
C ARG E 261 -47.86 5.19 41.45
N GLU E 262 -47.75 4.05 42.15
CA GLU E 262 -47.29 4.05 43.53
C GLU E 262 -45.88 4.61 43.65
N ARG E 263 -45.04 4.42 42.63
CA ARG E 263 -43.61 4.85 42.68
C ARG E 263 -43.44 6.25 42.07
N GLN E 264 -44.50 6.79 41.51
CA GLN E 264 -44.50 8.18 40.97
C GLN E 264 -43.59 8.31 39.76
N THR E 265 -43.65 7.36 38.84
CA THR E 265 -42.95 7.51 37.54
C THR E 265 -43.74 8.56 36.78
N THR E 266 -43.17 9.13 35.75
CA THR E 266 -43.83 10.08 34.87
C THR E 266 -44.14 9.39 33.55
N ILE E 267 -45.39 9.53 33.08
CA ILE E 267 -45.83 8.96 31.81
C ILE E 267 -46.34 10.08 30.92
N MET E 268 -45.94 10.05 29.65
CA MET E 268 -46.51 10.88 28.61
C MET E 268 -46.87 9.96 27.47
N THR E 269 -48.15 9.95 27.07
CA THR E 269 -48.56 9.11 25.95
C THR E 269 -48.10 9.71 24.63
N VAL E 270 -48.16 8.91 23.57
CA VAL E 270 -47.86 9.43 22.23
C VAL E 270 -48.71 10.68 21.95
N THR E 271 -50.02 10.56 22.15
CA THR E 271 -50.89 11.72 21.90
C THR E 271 -50.52 12.90 22.78
N ASP E 272 -50.14 12.66 24.03
CA ASP E 272 -49.67 13.76 24.87
C ASP E 272 -48.51 14.49 24.21
N CYS E 273 -47.53 13.72 23.72
CA CYS E 273 -46.31 14.32 23.20
C CYS E 273 -46.59 15.08 21.90
N VAL E 274 -47.46 14.53 21.04
CA VAL E 274 -47.69 15.14 19.74
C VAL E 274 -48.56 16.37 19.90
N GLU E 275 -49.52 16.34 20.83
CA GLU E 275 -50.38 17.50 21.02
C GLU E 275 -49.62 18.66 21.65
N MET E 276 -48.72 18.38 22.60
CA MET E 276 -48.00 19.47 23.25
C MET E 276 -46.88 20.02 22.37
N GLY E 277 -46.43 19.22 21.40
CA GLY E 277 -45.30 19.59 20.56
C GLY E 277 -44.06 18.85 21.00
N ILE E 278 -43.36 18.22 20.06
CA ILE E 278 -42.25 17.37 20.42
C ILE E 278 -41.17 18.15 21.17
N GLU E 279 -40.90 19.38 20.75
CA GLU E 279 -39.93 20.22 21.45
C GLU E 279 -40.33 20.40 22.91
N ASN E 280 -41.62 20.67 23.16
CA ASN E 280 -42.08 20.83 24.55
C ASN E 280 -42.04 19.50 25.30
N ALA E 281 -42.38 18.40 24.61
CA ALA E 281 -42.33 17.09 25.25
C ALA E 281 -40.91 16.74 25.69
N ALA E 282 -39.92 17.06 24.85
CA ALA E 282 -38.53 16.74 25.19
C ALA E 282 -38.05 17.58 26.37
N LYS E 283 -38.43 18.86 26.39
CA LYS E 283 -38.10 19.72 27.53
C LYS E 283 -38.65 19.16 28.83
N GLN E 284 -39.92 18.75 28.84
CA GLN E 284 -40.56 18.20 30.02
C GLN E 284 -39.89 16.90 30.45
N ALA E 285 -39.63 16.00 29.48
CA ALA E 285 -38.98 14.73 29.81
C ALA E 285 -37.60 14.97 30.40
N LEU E 286 -36.83 15.90 29.83
CA LEU E 286 -35.49 16.18 30.33
C LEU E 286 -35.52 16.75 31.74
N GLU E 287 -36.43 17.71 31.99
CA GLU E 287 -36.53 18.29 33.33
C GLU E 287 -36.80 17.21 34.38
N VAL E 288 -37.70 16.27 34.09
CA VAL E 288 -38.07 15.22 35.07
C VAL E 288 -36.94 14.21 35.21
N ALA E 289 -36.35 13.76 34.12
CA ALA E 289 -35.34 12.71 34.20
C ALA E 289 -34.08 13.18 34.91
N PHE E 290 -33.68 14.42 34.67
CA PHE E 290 -32.44 14.96 35.21
C PHE E 290 -32.64 15.72 36.51
N ASP E 291 -33.84 15.70 37.07
CA ASP E 291 -34.14 16.48 38.29
C ASP E 291 -33.33 15.90 39.44
N GLY E 292 -32.23 16.54 39.81
CA GLY E 292 -31.42 16.10 40.96
C GLY E 292 -30.54 14.91 40.66
N VAL E 293 -30.29 14.60 39.41
CA VAL E 293 -29.36 13.51 39.01
C VAL E 293 -28.56 14.01 37.81
N ASP E 294 -27.33 13.54 37.65
CA ASP E 294 -26.49 13.90 36.48
C ASP E 294 -26.47 12.76 35.48
N ALA E 295 -26.55 11.50 35.93
CA ALA E 295 -26.47 10.37 35.01
C ALA E 295 -27.87 9.92 34.63
N VAL E 296 -28.11 9.78 33.34
CA VAL E 296 -29.39 9.33 32.81
C VAL E 296 -29.12 8.31 31.72
N TRP E 297 -29.85 7.19 31.78
CA TRP E 297 -29.76 6.09 30.84
C TRP E 297 -30.92 6.16 29.85
N LEU E 298 -30.61 5.94 28.58
CA LEU E 298 -31.63 5.96 27.52
C LEU E 298 -31.98 4.51 27.17
N SER E 299 -33.25 4.15 27.34
CA SER E 299 -33.75 2.82 27.02
C SER E 299 -34.81 2.94 25.95
N PHE E 300 -34.47 2.55 24.72
CA PHE E 300 -35.34 2.72 23.56
C PHE E 300 -35.89 1.38 23.07
N ASP E 301 -37.20 1.25 23.20
CA ASP E 301 -37.94 0.07 22.69
C ASP E 301 -38.42 0.46 21.29
N VAL E 302 -38.02 -0.30 20.29
CA VAL E 302 -38.42 0.01 18.92
C VAL E 302 -39.93 -0.03 18.76
N ASP E 303 -40.64 -0.68 19.66
CA ASP E 303 -42.11 -0.79 19.54
C ASP E 303 -42.79 0.57 19.76
N CYS E 304 -42.05 1.59 20.19
CA CYS E 304 -42.65 2.91 20.45
C CYS E 304 -43.03 3.52 19.11
N LEU E 305 -42.42 3.06 18.00
CA LEU E 305 -42.86 3.45 16.67
C LEU E 305 -44.15 2.73 16.34
N ASP E 306 -45.01 3.36 15.53
CA ASP E 306 -46.15 2.65 14.96
C ASP E 306 -45.70 1.37 14.28
N ALA E 307 -46.52 0.31 14.43
CA ALA E 307 -46.16 -1.03 13.96
C ALA E 307 -45.63 -1.03 12.53
N ALA E 308 -46.18 -0.20 11.64
CA ALA E 308 -45.79 -0.28 10.25
C ALA E 308 -44.32 0.08 10.05
N PHE E 309 -43.74 0.86 10.95
CA PHE E 309 -42.34 1.22 10.84
C PHE E 309 -41.41 0.23 11.50
N VAL E 310 -41.93 -0.65 12.36
CA VAL E 310 -41.14 -1.58 13.16
C VAL E 310 -41.87 -2.93 13.18
N PRO E 311 -42.19 -3.51 12.02
CA PRO E 311 -42.92 -4.79 11.98
C PRO E 311 -42.14 -5.90 12.72
N GLY E 312 -40.83 -5.77 12.76
CA GLY E 312 -39.96 -6.77 13.37
C GLY E 312 -39.81 -6.56 14.85
N THR E 313 -40.90 -6.72 15.59
CA THR E 313 -40.87 -6.64 17.06
C THR E 313 -41.82 -7.71 17.60
N GLY E 314 -41.69 -8.04 18.87
CA GLY E 314 -42.51 -9.10 19.47
C GLY E 314 -43.84 -8.61 20.00
N TRP E 315 -43.99 -7.29 20.20
CA TRP E 315 -45.23 -6.68 20.76
C TRP E 315 -45.53 -5.39 20.02
N PRO E 316 -45.90 -5.49 18.74
CA PRO E 316 -46.24 -4.32 17.95
C PRO E 316 -47.55 -3.68 18.38
N GLU E 317 -47.68 -2.38 18.15
CA GLU E 317 -48.92 -1.65 18.50
C GLU E 317 -49.18 -0.50 17.53
N PRO E 318 -50.40 -0.38 17.01
CA PRO E 318 -50.75 0.81 16.22
C PRO E 318 -50.74 2.07 17.09
N GLY E 319 -50.74 3.21 16.42
CA GLY E 319 -50.87 4.49 17.11
C GLY E 319 -49.63 5.00 17.80
N GLY E 320 -48.46 4.50 17.42
CA GLY E 320 -47.21 4.94 18.02
C GLY E 320 -46.66 6.19 17.35
N PHE E 321 -45.42 6.49 17.69
CA PHE E 321 -44.75 7.63 17.07
C PHE E 321 -44.54 7.39 15.59
N LEU E 322 -44.44 8.48 14.85
CA LEU E 322 -43.89 8.45 13.50
C LEU E 322 -42.39 8.74 13.56
N PRO E 323 -41.63 8.25 12.57
CA PRO E 323 -40.17 8.40 12.66
C PRO E 323 -39.69 9.82 12.89
N ARG E 324 -40.20 10.81 12.15
CA ARG E 324 -39.70 12.18 12.31
C ARG E 324 -40.00 12.71 13.71
N GLU E 325 -41.09 12.25 14.33
CA GLU E 325 -41.43 12.69 15.68
C GLU E 325 -40.40 12.19 16.69
N VAL E 326 -40.14 10.87 16.69
CA VAL E 326 -39.27 10.32 17.71
C VAL E 326 -37.82 10.68 17.44
N LEU E 327 -37.45 10.86 16.18
CA LEU E 327 -36.06 11.25 15.90
C LEU E 327 -35.79 12.67 16.39
N LYS E 328 -36.73 13.59 16.17
CA LYS E 328 -36.62 14.93 16.74
C LYS E 328 -36.53 14.89 18.26
N PHE E 329 -37.43 14.10 18.88
CA PHE E 329 -37.39 13.92 20.34
C PHE E 329 -35.99 13.50 20.78
N LEU E 330 -35.46 12.46 20.15
CA LEU E 330 -34.14 11.95 20.52
C LEU E 330 -33.05 12.99 20.27
N GLN E 331 -33.14 13.71 19.15
CA GLN E 331 -32.12 14.70 18.82
C GLN E 331 -32.05 15.78 19.89
N ILE E 332 -33.20 16.25 20.36
CA ILE E 332 -33.23 17.29 21.38
C ILE E 332 -32.64 16.76 22.68
N ILE E 333 -33.05 15.56 23.09
CA ILE E 333 -32.48 14.94 24.28
C ILE E 333 -30.96 14.86 24.17
N ALA E 334 -30.47 14.31 23.07
CA ALA E 334 -29.05 14.01 22.96
C ALA E 334 -28.20 15.23 22.67
N ASP E 335 -28.81 16.32 22.22
CA ASP E 335 -28.12 17.61 22.10
C ASP E 335 -28.05 18.34 23.44
N THR E 336 -29.08 18.19 24.27
CA THR E 336 -29.21 19.03 25.45
C THR E 336 -28.40 18.50 26.63
N LYS E 337 -28.31 17.18 26.77
CA LYS E 337 -27.71 16.61 27.98
C LYS E 337 -26.77 15.48 27.59
N PRO E 338 -25.74 15.23 28.40
CA PRO E 338 -24.99 13.97 28.27
C PRO E 338 -25.81 12.79 28.76
N LEU E 339 -25.59 11.64 28.14
CA LEU E 339 -26.21 10.39 28.55
C LEU E 339 -25.15 9.44 29.09
N ALA E 340 -25.54 8.59 30.03
CA ALA E 340 -24.63 7.60 30.57
C ALA E 340 -24.42 6.45 29.61
N GLY E 341 -25.34 6.27 28.67
CA GLY E 341 -25.33 5.13 27.76
C GLY E 341 -26.73 4.92 27.24
N MET E 342 -26.87 3.89 26.41
CA MET E 342 -28.16 3.63 25.79
C MET E 342 -28.28 2.16 25.44
N GLU E 343 -29.53 1.71 25.37
CA GLU E 343 -29.86 0.38 24.86
C GLU E 343 -31.04 0.55 23.90
N ILE E 344 -31.02 -0.22 22.82
CA ILE E 344 -32.11 -0.28 21.86
C ILE E 344 -32.57 -1.73 21.80
N VAL E 345 -33.82 -1.97 22.19
CA VAL E 345 -34.30 -3.32 22.48
C VAL E 345 -35.53 -3.67 21.65
N GLU E 346 -35.79 -4.99 21.58
CA GLU E 346 -37.02 -5.62 20.98
C GLU E 346 -36.99 -5.72 19.44
N CYS E 347 -35.89 -5.42 18.77
CA CYS E 347 -35.80 -5.72 17.35
C CYS E 347 -35.78 -7.23 17.14
N ALA E 348 -36.72 -7.74 16.35
CA ALA E 348 -36.88 -9.19 16.09
C ALA E 348 -36.79 -9.44 14.59
N PRO E 349 -35.57 -9.61 14.06
CA PRO E 349 -35.39 -9.79 12.62
C PRO E 349 -36.31 -10.85 11.95
N PRO E 350 -36.63 -11.97 12.60
CA PRO E 350 -37.46 -12.99 11.95
C PRO E 350 -38.84 -12.46 11.53
N TYR E 351 -39.27 -11.33 12.07
CA TYR E 351 -40.56 -10.69 11.70
C TYR E 351 -40.32 -9.38 10.96
N ASP E 352 -39.09 -9.19 10.47
N ASP E 352 -39.08 -9.18 10.52
CA ASP E 352 -38.67 -7.94 9.78
CA ASP E 352 -38.75 -7.86 9.96
C ASP E 352 -38.18 -8.26 8.36
C ASP E 352 -38.77 -7.88 8.44
N ALA E 353 -39.06 -8.44 7.40
N ALA E 353 -39.72 -7.18 7.84
CA ALA E 353 -38.64 -8.91 6.06
CA ALA E 353 -39.85 -7.07 6.38
C ALA E 353 -37.64 -7.99 5.34
C ALA E 353 -38.80 -6.12 5.84
N ALA E 354 -37.90 -6.68 5.22
N ALA E 354 -37.85 -6.60 5.05
CA ALA E 354 -37.03 -5.74 4.46
CA ALA E 354 -36.87 -5.72 4.38
C ALA E 354 -36.02 -5.05 5.38
C ALA E 354 -35.93 -5.04 5.38
N GLU E 355 -35.94 -5.60 6.64
CA GLU E 355 -34.98 -5.06 7.60
C GLU E 355 -35.24 -3.62 8.02
N ILE E 356 -36.47 -3.11 7.81
CA ILE E 356 -36.71 -1.70 8.14
C ILE E 356 -36.72 -1.46 9.65
N THR E 357 -37.01 -2.48 10.47
CA THR E 357 -36.93 -2.31 11.91
C THR E 357 -35.48 -2.17 12.36
N SER E 358 -34.60 -3.08 11.94
CA SER E 358 -33.18 -2.93 12.24
C SER E 358 -32.64 -1.61 11.70
N LEU E 359 -33.13 -1.18 10.55
CA LEU E 359 -32.73 0.12 9.97
C LEU E 359 -33.13 1.24 10.93
N MET E 360 -34.37 1.23 11.41
CA MET E 360 -34.81 2.24 12.38
C MET E 360 -33.88 2.26 13.60
N ALA E 361 -33.58 1.08 14.14
CA ALA E 361 -32.73 1.00 15.32
C ALA E 361 -31.34 1.59 15.05
N THR E 362 -30.77 1.28 13.89
CA THR E 362 -29.48 1.83 13.51
C THR E 362 -29.53 3.36 13.43
N ARG E 363 -30.58 3.89 12.83
CA ARG E 363 -30.73 5.34 12.73
C ARG E 363 -30.84 6.00 14.10
N VAL E 364 -31.59 5.38 15.02
CA VAL E 364 -31.72 5.92 16.39
C VAL E 364 -30.34 6.00 17.04
N ILE E 365 -29.56 4.92 16.95
CA ILE E 365 -28.22 4.94 17.54
C ILE E 365 -27.39 6.07 16.96
N CYS E 366 -27.34 6.15 15.62
CA CYS E 366 -26.44 7.10 14.99
C CYS E 366 -26.87 8.54 15.25
N ASP E 367 -28.18 8.82 15.24
CA ASP E 367 -28.61 10.18 15.55
C ASP E 367 -28.25 10.55 16.99
N VAL E 368 -28.42 9.62 17.92
CA VAL E 368 -28.08 9.91 19.31
C VAL E 368 -26.59 10.14 19.47
N LEU E 369 -25.77 9.26 18.88
CA LEU E 369 -24.32 9.46 18.96
C LEU E 369 -23.91 10.78 18.32
N ALA E 370 -24.46 11.10 17.15
CA ALA E 370 -24.08 12.31 16.44
C ALA E 370 -24.46 13.56 17.26
N CYS E 371 -25.61 13.54 17.91
CA CYS E 371 -26.01 14.69 18.71
C CYS E 371 -25.18 14.81 19.98
N GLN E 372 -24.82 13.67 20.59
CA GLN E 372 -23.90 13.72 21.71
C GLN E 372 -22.58 14.32 21.31
N VAL E 373 -22.10 13.99 20.12
CA VAL E 373 -20.79 14.49 19.61
C VAL E 373 -20.87 15.98 19.30
N ARG E 374 -21.83 16.42 18.54
CA ARG E 374 -21.90 17.82 18.08
C ARG E 374 -22.13 18.74 19.29
N SER E 375 -22.74 18.23 20.34
CA SER E 375 -23.09 19.04 21.53
C SER E 375 -22.01 18.92 22.60
N GLY E 376 -20.89 18.24 22.32
CA GLY E 376 -19.77 18.20 23.24
C GLY E 376 -19.88 17.20 24.38
N HIS E 377 -20.85 16.31 24.34
CA HIS E 377 -21.03 15.31 25.38
C HIS E 377 -20.25 14.04 25.13
N LEU E 378 -19.65 13.88 23.96
CA LEU E 378 -18.98 12.64 23.57
C LEU E 378 -17.90 13.00 22.57
N GLY E 379 -16.76 12.31 22.65
CA GLY E 379 -15.68 12.51 21.70
C GLY E 379 -14.96 13.84 21.86
N LYS F 6 -13.34 -48.82 3.03
CA LYS F 6 -13.68 -47.40 3.07
C LYS F 6 -13.66 -46.95 4.55
N ARG F 7 -14.64 -46.17 4.98
CA ARG F 7 -14.74 -45.73 6.38
C ARG F 7 -15.68 -46.67 7.12
N THR F 8 -15.10 -47.61 7.87
CA THR F 8 -15.86 -48.57 8.64
C THR F 8 -15.30 -48.65 10.05
N TYR F 9 -16.12 -49.21 10.94
CA TYR F 9 -15.69 -49.53 12.29
C TYR F 9 -14.41 -50.35 12.24
N GLN F 10 -13.46 -49.98 13.11
CA GLN F 10 -12.13 -50.58 13.11
C GLN F 10 -11.90 -51.54 14.26
N GLY F 11 -12.74 -51.54 15.28
CA GLY F 11 -12.53 -52.36 16.45
C GLY F 11 -11.56 -51.80 17.46
N LYS F 12 -11.15 -50.54 17.28
CA LYS F 12 -10.22 -49.88 18.19
C LYS F 12 -10.93 -49.44 19.47
N VAL F 13 -12.17 -49.00 19.34
CA VAL F 13 -13.01 -48.61 20.50
C VAL F 13 -14.16 -49.61 20.55
N PRO F 14 -14.22 -50.51 21.54
CA PRO F 14 -15.28 -51.51 21.57
C PRO F 14 -16.68 -50.89 21.59
N LEU F 15 -17.56 -51.34 20.70
CA LEU F 15 -18.95 -50.84 20.62
C LEU F 15 -19.93 -51.99 20.40
N HIS F 16 -21.14 -51.88 20.92
CA HIS F 16 -22.16 -52.89 20.71
C HIS F 16 -22.56 -52.94 19.23
N ASP F 17 -23.32 -53.98 18.88
CA ASP F 17 -23.52 -54.34 17.48
C ASP F 17 -24.90 -53.94 16.95
N ASN F 18 -25.61 -53.07 17.65
CA ASN F 18 -26.90 -52.58 17.16
C ASN F 18 -26.78 -51.25 16.42
N TYR F 19 -25.59 -50.66 16.40
CA TYR F 19 -25.34 -49.48 15.61
C TYR F 19 -25.46 -49.79 14.12
N GLY F 20 -25.96 -48.82 13.35
CA GLY F 20 -25.79 -48.86 11.92
C GLY F 20 -24.33 -48.78 11.57
N PRO F 21 -23.95 -49.19 10.35
CA PRO F 21 -22.51 -49.20 10.01
C PRO F 21 -21.87 -47.82 10.02
N GLU F 22 -22.51 -46.83 9.40
CA GLU F 22 -21.97 -45.48 9.40
C GLU F 22 -21.94 -44.91 10.82
N ALA F 23 -22.99 -45.18 11.60
CA ALA F 23 -23.02 -44.71 12.99
C ALA F 23 -21.90 -45.33 13.80
N LYS F 24 -21.62 -46.62 13.56
CA LYS F 24 -20.58 -47.30 14.33
C LYS F 24 -19.22 -46.72 14.04
N TYR F 25 -18.92 -46.52 12.75
CA TYR F 25 -17.72 -45.78 12.37
C TYR F 25 -17.67 -44.44 13.09
N ALA F 26 -18.79 -43.71 13.07
CA ALA F 26 -18.81 -42.35 13.60
C ALA F 26 -18.57 -42.33 15.10
N VAL F 27 -19.22 -43.22 15.85
CA VAL F 27 -19.08 -43.19 17.31
C VAL F 27 -17.66 -43.56 17.71
N GLU F 28 -17.06 -44.52 17.02
CA GLU F 28 -15.67 -44.88 17.28
C GLU F 28 -14.74 -43.73 16.96
N ALA F 29 -14.92 -43.11 15.79
CA ALA F 29 -14.03 -42.03 15.37
C ALA F 29 -14.05 -40.89 16.37
N GLU F 30 -15.23 -40.54 16.89
CA GLU F 30 -15.31 -39.44 17.83
C GLU F 30 -14.49 -39.75 19.08
N ALA F 31 -14.56 -40.98 19.56
CA ALA F 31 -13.85 -41.35 20.78
C ALA F 31 -12.35 -41.21 20.62
N LEU F 32 -11.84 -41.20 19.39
CA LEU F 32 -10.40 -41.11 19.15
C LEU F 32 -9.94 -39.69 18.84
N LEU F 33 -10.83 -38.71 18.77
CA LEU F 33 -10.43 -37.35 18.43
C LEU F 33 -9.85 -36.62 19.63
N PRO F 34 -8.87 -35.75 19.42
CA PRO F 34 -8.33 -34.95 20.52
C PRO F 34 -9.25 -33.81 20.92
N THR F 35 -8.86 -33.13 21.99
CA THR F 35 -9.61 -31.99 22.51
C THR F 35 -8.71 -30.79 22.72
N THR F 36 -7.46 -30.84 22.24
CA THR F 36 -6.48 -29.79 22.52
C THR F 36 -6.98 -28.42 22.08
N LYS F 37 -7.47 -28.32 20.84
CA LYS F 37 -7.83 -27.01 20.32
C LYS F 37 -9.11 -26.50 20.97
N PHE F 38 -10.01 -27.40 21.33
CA PHE F 38 -11.17 -27.01 22.15
C PHE F 38 -10.69 -26.35 23.45
N GLU F 39 -9.79 -27.01 24.17
CA GLU F 39 -9.31 -26.48 25.44
C GLU F 39 -8.63 -25.13 25.25
N GLU F 40 -7.86 -24.96 24.17
CA GLU F 40 -7.24 -23.67 23.89
C GLU F 40 -8.28 -22.59 23.64
N GLU F 41 -9.34 -22.92 22.89
CA GLU F 41 -10.38 -21.93 22.62
C GLU F 41 -11.08 -21.52 23.92
N ILE F 42 -11.36 -22.49 24.80
CA ILE F 42 -12.01 -22.17 26.07
C ILE F 42 -11.14 -21.23 26.88
N ALA F 43 -9.85 -21.51 26.96
CA ALA F 43 -8.95 -20.68 27.78
C ALA F 43 -8.87 -19.27 27.23
N ARG F 44 -8.76 -19.13 25.91
CA ARG F 44 -8.56 -17.80 25.30
C ARG F 44 -9.84 -17.01 25.47
N GLY F 45 -10.98 -17.69 25.39
CA GLY F 45 -12.29 -17.04 25.54
C GLY F 45 -12.48 -16.48 26.93
N LEU F 46 -11.99 -17.16 27.95
CA LEU F 46 -12.07 -16.62 29.30
C LEU F 46 -11.11 -15.45 29.50
N GLU F 47 -9.94 -15.49 28.85
CA GLU F 47 -9.03 -14.36 28.91
C GLU F 47 -9.66 -13.13 28.26
N LEU F 48 -10.11 -13.28 27.01
CA LEU F 48 -10.54 -12.15 26.21
C LEU F 48 -11.96 -11.71 26.52
N GLY F 49 -12.81 -12.63 26.99
CA GLY F 49 -14.20 -12.31 27.21
C GLY F 49 -14.61 -12.20 28.68
N LEU F 50 -13.62 -12.32 29.57
CA LEU F 50 -13.76 -12.29 31.03
C LEU F 50 -14.35 -13.59 31.54
N PRO F 51 -14.02 -14.00 32.77
CA PRO F 51 -14.76 -15.09 33.40
C PRO F 51 -16.25 -14.76 33.46
N GLY F 52 -17.08 -15.78 33.37
CA GLY F 52 -18.51 -15.58 33.50
C GLY F 52 -18.90 -15.14 34.90
N ALA F 53 -20.13 -14.65 35.01
CA ALA F 53 -20.66 -14.23 36.31
C ALA F 53 -20.65 -15.39 37.29
N ASP F 54 -20.73 -15.04 38.57
CA ASP F 54 -20.62 -16.04 39.63
C ASP F 54 -21.74 -17.08 39.57
N SER F 55 -22.93 -16.70 39.09
CA SER F 55 -24.03 -17.65 39.06
C SER F 55 -23.90 -18.71 37.96
N ILE F 56 -22.94 -18.57 37.06
CA ILE F 56 -22.75 -19.56 35.95
C ILE F 56 -22.01 -20.77 36.53
N LYS F 57 -22.59 -21.95 36.44
CA LYS F 57 -22.00 -23.18 37.04
C LYS F 57 -20.85 -23.65 36.14
N ASP F 58 -21.05 -23.60 34.84
CA ASP F 58 -20.04 -24.05 33.86
C ASP F 58 -18.95 -23.00 33.81
N ARG F 59 -17.77 -23.32 34.34
CA ARG F 59 -16.74 -22.29 34.39
C ARG F 59 -16.00 -22.12 33.07
N ARG F 60 -16.39 -22.87 32.02
CA ARG F 60 -15.90 -22.63 30.68
C ARG F 60 -16.55 -21.44 29.99
N ILE F 61 -17.56 -20.83 30.61
CA ILE F 61 -18.40 -19.83 29.96
C ILE F 61 -17.89 -18.45 30.34
N PRO F 62 -17.51 -17.61 29.37
CA PRO F 62 -17.08 -16.24 29.66
C PRO F 62 -18.28 -15.30 29.79
N THR F 63 -17.98 -14.05 30.16
CA THR F 63 -19.02 -13.02 30.13
C THR F 63 -19.41 -12.68 28.71
N PHE F 64 -18.42 -12.44 27.85
CA PHE F 64 -18.64 -12.11 26.44
C PHE F 64 -18.35 -13.33 25.59
N SER F 65 -19.23 -13.58 24.62
CA SER F 65 -19.06 -14.71 23.72
C SER F 65 -17.77 -14.56 22.91
N ARG F 66 -16.91 -15.57 22.99
CA ARG F 66 -15.61 -15.59 22.33
C ARG F 66 -15.32 -17.03 21.94
N GLY F 67 -15.69 -17.39 20.73
CA GLY F 67 -15.57 -18.76 20.28
C GLY F 67 -16.87 -19.29 19.72
N GLU F 68 -17.04 -20.61 19.76
CA GLU F 68 -18.19 -21.22 19.09
C GLU F 68 -19.51 -20.77 19.71
N LEU F 69 -19.58 -20.65 21.03
CA LEU F 69 -20.87 -20.54 21.69
C LEU F 69 -21.12 -19.13 22.23
N PRO F 70 -22.40 -18.70 22.26
CA PRO F 70 -23.57 -19.39 21.70
C PRO F 70 -23.59 -19.28 20.17
N HIS F 71 -24.27 -20.22 19.50
CA HIS F 71 -24.30 -20.22 18.04
C HIS F 71 -25.01 -18.99 17.48
N PHE F 72 -26.01 -18.47 18.19
CA PHE F 72 -26.76 -17.30 17.73
C PHE F 72 -26.05 -15.99 18.02
N ALA F 73 -24.89 -16.04 18.64
CA ALA F 73 -24.16 -14.86 19.06
C ALA F 73 -22.87 -14.72 18.25
N GLY F 74 -22.34 -13.50 18.26
CA GLY F 74 -21.01 -13.26 17.79
C GLY F 74 -20.96 -12.63 16.42
N ILE F 75 -19.82 -12.05 16.09
CA ILE F 75 -19.62 -11.42 14.77
C ILE F 75 -19.58 -12.58 13.77
N ASN F 76 -20.23 -12.41 12.62
CA ASN F 76 -20.39 -13.54 11.68
C ASN F 76 -19.25 -13.66 10.66
N THR F 77 -18.20 -14.39 11.01
CA THR F 77 -17.18 -14.82 10.04
C THR F 77 -17.65 -16.21 9.65
N PHE F 78 -17.15 -16.80 8.57
CA PHE F 78 -17.51 -18.17 8.22
C PHE F 78 -17.09 -19.12 9.34
N ILE F 79 -18.05 -19.93 9.78
CA ILE F 79 -17.98 -20.83 10.94
C ILE F 79 -17.18 -20.21 12.07
N LYS F 80 -17.36 -18.90 12.26
CA LYS F 80 -16.72 -18.15 13.35
C LYS F 80 -15.20 -18.28 13.35
N ALA F 81 -14.61 -18.55 12.19
CA ALA F 81 -13.16 -18.52 12.05
C ALA F 81 -12.62 -17.11 12.31
N PRO F 82 -11.34 -17.00 12.67
CA PRO F 82 -10.78 -15.67 12.90
C PRO F 82 -10.76 -14.84 11.63
N TYR F 83 -11.18 -13.58 11.77
CA TYR F 83 -11.01 -12.60 10.72
C TYR F 83 -9.55 -12.18 10.63
N VAL F 84 -8.96 -12.33 9.45
CA VAL F 84 -7.58 -11.94 9.21
C VAL F 84 -7.60 -10.65 8.41
N GLU F 85 -7.47 -9.52 9.12
CA GLU F 85 -7.59 -8.22 8.49
C GLU F 85 -6.41 -7.95 7.56
N ASP F 86 -5.21 -8.35 7.95
CA ASP F 86 -4.01 -8.21 7.11
C ASP F 86 -3.93 -9.43 6.20
N VAL F 87 -4.39 -9.27 4.96
CA VAL F 87 -4.56 -10.43 4.09
C VAL F 87 -3.21 -11.06 3.74
N ARG F 88 -2.10 -10.34 3.94
CA ARG F 88 -0.78 -10.91 3.72
C ARG F 88 -0.46 -12.05 4.69
N LYS F 89 -1.24 -12.23 5.75
CA LYS F 89 -1.02 -13.30 6.71
C LYS F 89 -1.82 -14.56 6.40
N CYS F 90 -2.60 -14.59 5.32
CA CYS F 90 -3.48 -15.73 5.06
C CYS F 90 -2.69 -17.03 4.89
N GLY F 91 -1.44 -16.95 4.45
CA GLY F 91 -0.61 -18.13 4.30
C GLY F 91 -0.29 -18.84 5.60
N GLN F 92 -0.54 -18.20 6.74
CA GLN F 92 -0.37 -18.84 8.04
C GLN F 92 -1.46 -19.87 8.34
N TYR F 93 -2.45 -20.01 7.46
CA TYR F 93 -3.60 -20.86 7.70
C TYR F 93 -3.69 -21.94 6.64
N ASP F 94 -4.23 -23.10 7.02
CA ASP F 94 -4.43 -24.17 6.06
C ASP F 94 -5.49 -23.80 5.03
N VAL F 95 -6.56 -23.13 5.49
CA VAL F 95 -7.70 -22.77 4.67
C VAL F 95 -7.97 -21.28 4.83
N ALA F 96 -8.33 -20.61 3.74
CA ALA F 96 -8.68 -19.20 3.79
C ALA F 96 -10.00 -19.01 3.04
N ILE F 97 -11.01 -18.51 3.76
CA ILE F 97 -12.32 -18.19 3.19
C ILE F 97 -12.26 -16.76 2.68
N LEU F 98 -12.74 -16.54 1.46
CA LEU F 98 -12.90 -15.19 0.93
C LEU F 98 -14.19 -15.10 0.14
N GLY F 99 -14.81 -13.92 0.18
CA GLY F 99 -16.04 -13.68 -0.55
C GLY F 99 -15.80 -12.85 -1.80
N ALA F 100 -16.64 -13.09 -2.78
CA ALA F 100 -16.65 -12.34 -4.04
C ALA F 100 -18.07 -11.83 -4.24
N PRO F 101 -18.46 -10.75 -3.53
CA PRO F 101 -19.85 -10.28 -3.59
C PRO F 101 -20.18 -9.53 -4.87
N PHE F 102 -20.63 -10.25 -5.88
CA PHE F 102 -20.86 -9.68 -7.21
C PHE F 102 -22.00 -10.38 -7.90
N ASP F 103 -22.90 -9.61 -8.51
CA ASP F 103 -23.95 -10.19 -9.33
C ASP F 103 -24.11 -9.47 -10.66
N GLY F 104 -23.09 -8.75 -11.11
CA GLY F 104 -23.17 -8.13 -12.43
C GLY F 104 -23.11 -9.11 -13.58
N GLY F 105 -22.77 -10.37 -13.33
CA GLY F 105 -22.75 -11.40 -14.32
C GLY F 105 -24.04 -12.18 -14.45
N THR F 106 -25.10 -11.78 -13.74
CA THR F 106 -26.33 -12.56 -13.74
C THR F 106 -27.24 -12.15 -14.88
N THR F 107 -27.80 -13.14 -15.57
CA THR F 107 -28.67 -12.92 -16.71
C THR F 107 -30.16 -13.00 -16.36
N TYR F 108 -30.51 -13.30 -15.10
CA TYR F 108 -31.91 -13.22 -14.67
C TYR F 108 -31.98 -12.45 -13.35
N ARG F 109 -32.05 -13.14 -12.22
CA ARG F 109 -32.09 -12.43 -10.94
C ARG F 109 -30.70 -12.04 -10.45
N ALA F 110 -30.61 -10.87 -9.82
CA ALA F 110 -29.44 -10.52 -9.04
C ALA F 110 -29.68 -10.96 -7.60
N GLY F 111 -28.82 -10.55 -6.68
CA GLY F 111 -28.94 -10.92 -5.29
C GLY F 111 -27.78 -11.75 -4.77
N THR F 112 -27.02 -12.40 -5.65
CA THR F 112 -25.90 -13.21 -5.19
C THR F 112 -24.72 -12.34 -4.77
N ARG F 113 -24.83 -11.01 -4.85
CA ARG F 113 -23.82 -10.19 -4.18
C ARG F 113 -23.82 -10.45 -2.69
N PHE F 114 -24.96 -10.86 -2.13
CA PHE F 114 -25.06 -11.13 -0.71
C PHE F 114 -24.81 -12.59 -0.37
N GLY F 115 -24.41 -13.41 -1.34
CA GLY F 115 -24.12 -14.81 -1.06
C GLY F 115 -23.11 -14.99 0.06
N PRO F 116 -21.98 -14.28 0.00
CA PRO F 116 -21.00 -14.43 1.07
C PRO F 116 -21.54 -14.10 2.45
N GLN F 117 -22.31 -13.02 2.55
CA GLN F 117 -22.91 -12.65 3.82
C GLN F 117 -23.89 -13.72 4.31
N GLY F 118 -24.76 -14.20 3.42
CA GLY F 118 -25.71 -15.22 3.79
C GLY F 118 -25.07 -16.52 4.24
N ILE F 119 -24.03 -16.96 3.52
CA ILE F 119 -23.34 -18.19 3.90
C ILE F 119 -22.66 -18.01 5.26
N ARG F 120 -21.99 -16.86 5.46
CA ARG F 120 -21.35 -16.63 6.76
C ARG F 120 -22.38 -16.65 7.88
N LYS F 121 -23.51 -15.99 7.67
CA LYS F 121 -24.52 -15.85 8.71
C LYS F 121 -25.01 -17.21 9.18
N ILE F 122 -25.49 -18.04 8.24
CA ILE F 122 -26.06 -19.33 8.63
C ILE F 122 -24.98 -20.30 9.08
N SER F 123 -23.73 -20.08 8.70
CA SER F 123 -22.69 -21.04 9.07
C SER F 123 -22.47 -21.06 10.58
N ALA F 124 -22.96 -20.07 11.31
CA ALA F 124 -22.83 -20.07 12.77
C ALA F 124 -23.62 -21.20 13.41
N LEU F 125 -24.64 -21.73 12.74
CA LEU F 125 -25.49 -22.80 13.30
C LEU F 125 -24.63 -24.04 13.53
N TYR F 126 -23.59 -24.25 12.76
CA TYR F 126 -22.82 -25.47 12.79
C TYR F 126 -21.85 -25.52 13.97
N GLY F 127 -21.66 -26.72 14.50
CA GLY F 127 -20.50 -27.02 15.32
C GLY F 127 -19.27 -27.18 14.44
N THR F 128 -18.18 -27.60 15.06
CA THR F 128 -16.92 -27.81 14.35
C THR F 128 -16.74 -29.27 13.90
N TYR F 129 -17.70 -30.13 14.19
CA TYR F 129 -17.52 -31.58 14.12
C TYR F 129 -18.62 -32.22 13.30
N SER F 130 -18.22 -33.08 12.36
CA SER F 130 -19.15 -33.85 11.54
C SER F 130 -19.25 -35.27 12.07
N PHE F 131 -20.47 -35.66 12.46
CA PHE F 131 -20.69 -36.99 13.02
C PHE F 131 -20.28 -38.08 12.04
N GLU F 132 -20.96 -38.17 10.88
CA GLU F 132 -20.74 -39.33 10.03
C GLU F 132 -19.40 -39.28 9.31
N LEU F 133 -18.78 -38.09 9.16
CA LEU F 133 -17.45 -38.04 8.58
C LEU F 133 -16.34 -38.25 9.60
N GLY F 134 -16.64 -38.09 10.88
CA GLY F 134 -15.66 -38.35 11.91
C GLY F 134 -14.52 -37.35 11.96
N VAL F 135 -14.81 -36.08 11.71
CA VAL F 135 -13.80 -35.02 11.63
C VAL F 135 -14.23 -33.86 12.50
N ASP F 136 -13.30 -33.36 13.30
CA ASP F 136 -13.47 -32.11 14.06
C ASP F 136 -12.50 -31.09 13.43
N LEU F 137 -13.05 -30.17 12.63
CA LEU F 137 -12.19 -29.21 11.94
C LEU F 137 -11.39 -28.38 12.94
N ARG F 138 -11.98 -28.05 14.09
CA ARG F 138 -11.27 -27.24 15.07
C ARG F 138 -9.95 -27.89 15.47
N GLU F 139 -9.91 -29.22 15.53
CA GLU F 139 -8.72 -29.94 15.97
C GLU F 139 -7.73 -30.21 14.84
N SER F 140 -8.18 -30.21 13.59
CA SER F 140 -7.40 -30.78 12.50
C SER F 140 -6.90 -29.79 11.46
N VAL F 141 -7.45 -28.58 11.41
CA VAL F 141 -7.11 -27.66 10.33
C VAL F 141 -7.31 -26.25 10.86
N SER F 142 -6.44 -25.35 10.41
CA SER F 142 -6.55 -23.94 10.75
C SER F 142 -7.27 -23.23 9.59
N ILE F 143 -8.31 -22.47 9.95
CA ILE F 143 -9.16 -21.79 8.97
C ILE F 143 -9.19 -20.32 9.33
N CYS F 144 -9.09 -19.46 8.33
CA CYS F 144 -9.28 -18.03 8.52
C CYS F 144 -10.25 -17.51 7.48
N ASP F 145 -10.80 -16.33 7.76
CA ASP F 145 -11.71 -15.61 6.89
C ASP F 145 -11.09 -14.26 6.60
N VAL F 146 -10.76 -14.00 5.33
CA VAL F 146 -10.09 -12.75 4.96
C VAL F 146 -11.09 -11.73 4.42
N GLY F 147 -12.38 -11.95 4.63
CA GLY F 147 -13.36 -10.99 4.17
C GLY F 147 -13.61 -11.10 2.69
N ASP F 148 -13.85 -9.96 2.07
CA ASP F 148 -14.38 -9.91 0.71
C ASP F 148 -13.45 -9.17 -0.24
N ILE F 149 -13.43 -9.66 -1.48
CA ILE F 149 -12.90 -8.89 -2.61
C ILE F 149 -13.70 -7.60 -2.77
N PHE F 150 -13.00 -6.49 -3.07
CA PHE F 150 -13.64 -5.22 -3.39
C PHE F 150 -14.09 -5.31 -4.85
N THR F 151 -15.32 -5.75 -5.04
CA THR F 151 -15.88 -5.94 -6.37
C THR F 151 -16.38 -4.60 -6.93
N ILE F 152 -16.64 -4.59 -8.23
CA ILE F 152 -16.93 -3.38 -9.00
C ILE F 152 -18.25 -3.62 -9.73
N PRO F 153 -19.39 -3.31 -9.08
CA PRO F 153 -20.69 -3.68 -9.67
C PRO F 153 -20.95 -3.14 -11.07
N GLY F 154 -20.34 -2.03 -11.44
CA GLY F 154 -20.59 -1.42 -12.73
C GLY F 154 -19.76 -1.95 -13.87
N ASN F 155 -18.84 -2.88 -13.59
CA ASN F 155 -17.86 -3.29 -14.59
C ASN F 155 -17.37 -4.71 -14.28
N ILE F 156 -17.88 -5.67 -15.05
CA ILE F 156 -17.56 -7.07 -14.80
C ILE F 156 -16.09 -7.34 -15.04
N GLU F 157 -15.48 -6.67 -16.03
CA GLU F 157 -14.07 -6.91 -16.33
C GLU F 157 -13.19 -6.43 -15.17
N LYS F 158 -13.46 -5.24 -14.64
CA LYS F 158 -12.70 -4.78 -13.47
C LYS F 158 -12.91 -5.72 -12.29
N THR F 159 -14.14 -6.21 -12.10
CA THR F 159 -14.38 -7.18 -11.04
C THR F 159 -13.55 -8.45 -11.24
N PHE F 160 -13.48 -8.96 -12.47
CA PHE F 160 -12.65 -10.14 -12.73
C PHE F 160 -11.20 -9.87 -12.31
N ASP F 161 -10.69 -8.70 -12.65
CA ASP F 161 -9.29 -8.38 -12.34
C ASP F 161 -9.06 -8.35 -10.83
N GLN F 162 -9.98 -7.75 -10.08
CA GLN F 162 -9.92 -7.78 -8.62
C GLN F 162 -9.96 -9.20 -8.08
N VAL F 163 -10.83 -10.04 -8.64
CA VAL F 163 -10.99 -11.38 -8.11
C VAL F 163 -9.78 -12.23 -8.44
N SER F 164 -9.32 -12.18 -9.69
CA SER F 164 -8.11 -12.90 -10.06
C SER F 164 -6.94 -12.53 -9.15
N LYS F 165 -6.81 -11.24 -8.82
CA LYS F 165 -5.68 -10.82 -7.97
C LYS F 165 -5.84 -11.35 -6.55
N GLY F 166 -7.03 -11.21 -5.97
CA GLY F 166 -7.23 -11.66 -4.60
C GLY F 166 -7.12 -13.16 -4.47
N VAL F 167 -7.79 -13.89 -5.35
CA VAL F 167 -7.74 -15.35 -5.29
C VAL F 167 -6.33 -15.86 -5.60
N GLY F 168 -5.68 -15.28 -6.62
CA GLY F 168 -4.30 -15.64 -6.88
C GLY F 168 -3.41 -15.42 -5.68
N HIS F 169 -3.58 -14.29 -4.99
CA HIS F 169 -2.81 -14.04 -3.77
C HIS F 169 -3.02 -15.14 -2.74
N VAL F 170 -4.28 -15.48 -2.48
CA VAL F 170 -4.57 -16.51 -1.47
C VAL F 170 -4.00 -17.85 -1.91
N PHE F 171 -4.23 -18.22 -3.16
CA PHE F 171 -3.73 -19.51 -3.64
C PHE F 171 -2.21 -19.56 -3.58
N ALA F 172 -1.54 -18.48 -3.97
CA ALA F 172 -0.07 -18.45 -3.96
C ALA F 172 0.49 -18.53 -2.55
N SER F 173 -0.30 -18.15 -1.55
CA SER F 173 0.15 -18.19 -0.16
C SER F 173 0.25 -19.59 0.40
N GLY F 174 -0.34 -20.59 -0.27
CA GLY F 174 -0.37 -21.95 0.23
C GLY F 174 -1.65 -22.34 0.95
N ALA F 175 -2.47 -21.37 1.32
CA ALA F 175 -3.76 -21.65 1.92
C ALA F 175 -4.73 -22.17 0.85
N PHE F 176 -5.57 -23.11 1.25
CA PHE F 176 -6.64 -23.66 0.41
C PHE F 176 -7.74 -22.63 0.30
N PRO F 177 -7.99 -22.05 -0.88
CA PRO F 177 -9.01 -21.00 -0.98
C PRO F 177 -10.40 -21.57 -1.10
N VAL F 178 -11.33 -21.04 -0.32
CA VAL F 178 -12.75 -21.28 -0.46
C VAL F 178 -13.37 -19.95 -0.85
N VAL F 179 -13.87 -19.84 -2.08
CA VAL F 179 -14.43 -18.60 -2.60
C VAL F 179 -15.95 -18.66 -2.49
N LEU F 180 -16.52 -17.73 -1.74
CA LEU F 180 -17.96 -17.60 -1.62
C LEU F 180 -18.43 -16.61 -2.67
N GLY F 181 -19.23 -17.09 -3.65
CA GLY F 181 -19.81 -16.21 -4.63
C GLY F 181 -21.14 -15.63 -4.17
N GLY F 182 -21.70 -14.74 -4.98
CA GLY F 182 -21.18 -14.30 -6.24
C GLY F 182 -21.63 -15.19 -7.38
N ASP F 183 -21.79 -14.61 -8.57
CA ASP F 183 -22.36 -15.38 -9.67
C ASP F 183 -21.25 -16.17 -10.37
N HIS F 184 -21.64 -17.16 -11.17
CA HIS F 184 -20.69 -18.10 -11.83
C HIS F 184 -19.74 -17.42 -12.82
N SER F 185 -20.00 -16.19 -13.26
CA SER F 185 -19.00 -15.54 -14.10
C SER F 185 -17.65 -15.49 -13.40
N LEU F 186 -17.66 -15.48 -12.07
CA LEU F 186 -16.43 -15.39 -11.31
C LEU F 186 -15.56 -16.62 -11.46
N GLY F 187 -16.13 -17.74 -11.91
CA GLY F 187 -15.32 -18.94 -12.13
C GLY F 187 -14.17 -18.69 -13.08
N PHE F 188 -14.40 -17.84 -14.08
CA PHE F 188 -13.31 -17.46 -14.97
C PHE F 188 -12.19 -16.76 -14.19
N ALA F 189 -12.57 -15.79 -13.36
CA ALA F 189 -11.57 -14.97 -12.69
C ALA F 189 -10.80 -15.75 -11.64
N THR F 190 -11.49 -16.67 -10.94
CA THR F 190 -10.81 -17.48 -9.93
C THR F 190 -9.82 -18.43 -10.58
N VAL F 191 -10.27 -19.15 -11.60
CA VAL F 191 -9.39 -20.07 -12.32
C VAL F 191 -8.24 -19.30 -12.97
N ARG F 192 -8.52 -18.15 -13.57
CA ARG F 192 -7.45 -17.35 -14.17
C ARG F 192 -6.37 -17.01 -13.14
N GLY F 193 -6.78 -16.61 -11.93
CA GLY F 193 -5.80 -16.28 -10.91
C GLY F 193 -5.02 -17.50 -10.42
N VAL F 194 -5.70 -18.64 -10.26
CA VAL F 194 -5.01 -19.85 -9.83
C VAL F 194 -4.04 -20.32 -10.91
N ALA F 195 -4.48 -20.30 -12.16
CA ALA F 195 -3.64 -20.80 -13.25
C ALA F 195 -2.38 -19.96 -13.39
N GLN F 196 -2.41 -18.69 -12.99
CA GLN F 196 -1.18 -17.91 -12.98
C GLN F 196 -0.08 -18.50 -12.12
N HIS F 197 -0.46 -19.26 -11.09
CA HIS F 197 0.49 -19.64 -10.04
C HIS F 197 0.74 -21.14 -10.01
N LEU F 198 0.65 -21.78 -11.17
CA LEU F 198 0.86 -23.22 -11.28
C LEU F 198 2.18 -23.55 -11.94
N ASN F 199 3.04 -22.56 -12.16
CA ASN F 199 4.33 -22.77 -12.83
C ASN F 199 4.15 -23.55 -14.12
N GLY F 200 3.16 -23.14 -14.92
CA GLY F 200 2.89 -23.75 -16.19
C GLY F 200 2.20 -25.08 -16.17
N LYS F 201 1.98 -25.67 -15.00
CA LYS F 201 1.28 -26.95 -14.91
C LYS F 201 -0.21 -26.75 -15.22
N LYS F 202 -0.89 -27.84 -15.56
CA LYS F 202 -2.25 -27.79 -16.07
C LYS F 202 -3.27 -27.88 -14.94
N LEU F 203 -4.44 -27.28 -15.16
CA LEU F 203 -5.53 -27.23 -14.19
C LEU F 203 -6.79 -27.83 -14.79
N GLY F 204 -7.31 -28.87 -14.13
CA GLY F 204 -8.62 -29.39 -14.47
C GLY F 204 -9.72 -28.76 -13.64
N ILE F 205 -10.95 -28.97 -14.06
CA ILE F 205 -12.10 -28.32 -13.40
C ILE F 205 -13.23 -29.33 -13.21
N LEU F 206 -13.68 -29.49 -11.97
CA LEU F 206 -14.90 -30.23 -11.66
C LEU F 206 -16.01 -29.20 -11.47
N HIS F 207 -16.91 -29.15 -12.44
CA HIS F 207 -17.98 -28.13 -12.49
C HIS F 207 -19.33 -28.76 -12.19
N PHE F 208 -19.98 -28.41 -11.10
CA PHE F 208 -21.34 -28.86 -10.75
C PHE F 208 -22.33 -27.75 -11.11
N ASP F 209 -23.27 -28.06 -11.99
CA ASP F 209 -24.17 -27.02 -12.51
C ASP F 209 -25.16 -27.65 -13.47
N ARG F 210 -26.34 -27.05 -13.62
CA ARG F 210 -27.31 -27.47 -14.64
C ARG F 210 -26.94 -26.73 -15.93
N HIS F 211 -26.14 -25.68 -15.81
CA HIS F 211 -25.79 -24.81 -16.97
C HIS F 211 -24.37 -25.07 -17.47
N VAL F 212 -24.19 -25.05 -18.79
CA VAL F 212 -22.88 -25.38 -19.42
C VAL F 212 -21.87 -24.24 -19.19
N ASP F 213 -22.31 -22.98 -19.20
CA ASP F 213 -21.43 -21.84 -18.86
C ASP F 213 -20.22 -21.81 -19.79
N THR F 214 -20.46 -22.13 -21.04
CA THR F 214 -19.36 -22.24 -22.02
C THR F 214 -19.59 -21.47 -23.32
N GLN F 215 -20.37 -20.39 -23.31
CA GLN F 215 -20.50 -19.55 -24.50
C GLN F 215 -19.60 -18.33 -24.41
N ASP F 216 -19.48 -17.61 -25.54
CA ASP F 216 -18.49 -16.52 -25.62
C ASP F 216 -18.97 -15.26 -24.90
N THR F 217 -20.09 -14.69 -25.33
CA THR F 217 -20.65 -13.52 -24.67
C THR F 217 -22.14 -13.70 -24.46
N ASP F 218 -22.69 -12.90 -23.55
CA ASP F 218 -24.11 -12.94 -23.17
C ASP F 218 -24.46 -11.52 -22.74
N LEU F 219 -25.45 -10.92 -23.39
CA LEU F 219 -25.76 -9.50 -23.21
C LEU F 219 -24.50 -8.63 -23.35
N ASP F 220 -23.65 -9.00 -24.32
CA ASP F 220 -22.46 -8.26 -24.73
C ASP F 220 -21.31 -8.32 -23.73
N GLU F 221 -21.36 -9.20 -22.73
CA GLU F 221 -20.28 -9.28 -21.76
C GLU F 221 -20.01 -10.74 -21.42
N ARG F 222 -18.93 -10.96 -20.66
CA ARG F 222 -18.51 -12.31 -20.26
C ARG F 222 -19.23 -12.69 -18.97
N MET F 223 -20.54 -12.90 -19.10
CA MET F 223 -21.43 -13.12 -17.98
C MET F 223 -21.33 -14.56 -17.46
N HIS F 224 -22.23 -14.94 -16.55
CA HIS F 224 -22.10 -16.23 -15.87
C HIS F 224 -22.38 -17.42 -16.77
N THR F 225 -22.81 -17.20 -18.02
CA THR F 225 -22.94 -18.26 -19.01
C THR F 225 -21.68 -18.44 -19.84
N THR F 226 -20.59 -17.73 -19.50
CA THR F 226 -19.39 -17.73 -20.33
C THR F 226 -18.08 -18.15 -19.65
N PRO F 227 -18.04 -18.35 -18.33
CA PRO F 227 -16.72 -18.41 -17.67
C PRO F 227 -15.79 -19.48 -18.23
N TRP F 228 -16.32 -20.65 -18.59
CA TRP F 228 -15.44 -21.74 -19.00
C TRP F 228 -15.00 -21.64 -20.45
N PHE F 229 -15.76 -20.92 -21.28
CA PHE F 229 -15.26 -20.56 -22.61
C PHE F 229 -13.94 -19.80 -22.49
N HIS F 230 -13.91 -18.81 -21.60
CA HIS F 230 -12.73 -17.96 -21.47
C HIS F 230 -11.67 -18.58 -20.57
N ALA F 231 -12.07 -19.40 -19.60
CA ALA F 231 -11.08 -20.10 -18.78
C ALA F 231 -10.30 -21.12 -19.61
N THR F 232 -11.00 -21.89 -20.47
CA THR F 232 -10.31 -22.90 -21.25
C THR F 232 -9.57 -22.33 -22.45
N ASN F 233 -9.68 -21.01 -22.69
CA ASN F 233 -8.76 -20.34 -23.60
C ASN F 233 -7.39 -20.12 -22.99
N ILE F 234 -7.28 -20.22 -21.66
CA ILE F 234 -5.97 -20.07 -21.02
C ILE F 234 -5.09 -21.28 -21.38
N PRO F 235 -3.83 -21.06 -21.76
CA PRO F 235 -3.03 -22.19 -22.27
C PRO F 235 -2.97 -23.41 -21.37
N ASN F 236 -2.88 -23.24 -20.05
CA ASN F 236 -2.73 -24.36 -19.13
C ASN F 236 -4.03 -24.73 -18.44
N VAL F 237 -5.17 -24.44 -19.07
CA VAL F 237 -6.48 -24.89 -18.59
C VAL F 237 -7.16 -25.67 -19.71
N PRO F 238 -6.97 -26.99 -19.77
CA PRO F 238 -7.46 -27.75 -20.93
C PRO F 238 -8.94 -28.08 -20.82
N ALA F 239 -9.72 -27.78 -21.86
CA ALA F 239 -11.17 -28.08 -21.89
C ALA F 239 -11.45 -29.57 -21.71
N LYS F 240 -10.51 -30.41 -22.08
CA LYS F 240 -10.67 -31.89 -22.00
C LYS F 240 -10.73 -32.32 -20.53
N ASN F 241 -10.22 -31.47 -19.63
CA ASN F 241 -10.19 -31.77 -18.18
C ASN F 241 -11.33 -31.04 -17.46
N LEU F 242 -12.24 -30.38 -18.20
CA LEU F 242 -13.41 -29.73 -17.63
C LEU F 242 -14.57 -30.73 -17.64
N VAL F 243 -14.97 -31.19 -16.45
CA VAL F 243 -16.02 -32.18 -16.28
C VAL F 243 -17.25 -31.45 -15.75
N GLN F 244 -18.33 -31.51 -16.52
CA GLN F 244 -19.54 -30.74 -16.26
C GLN F 244 -20.62 -31.70 -15.77
N ILE F 245 -20.97 -31.57 -14.50
CA ILE F 245 -21.74 -32.57 -13.77
C ILE F 245 -23.10 -31.97 -13.43
N GLY F 246 -24.15 -32.49 -14.06
CA GLY F 246 -25.51 -32.07 -13.77
C GLY F 246 -26.22 -31.30 -14.85
N ILE F 247 -25.57 -31.14 -16.00
CA ILE F 247 -26.15 -30.31 -17.09
C ILE F 247 -27.54 -30.82 -17.44
N GLY F 248 -28.49 -29.91 -17.58
CA GLY F 248 -29.83 -30.28 -18.03
C GLY F 248 -30.79 -29.13 -17.87
N GLY F 249 -32.00 -29.35 -18.38
CA GLY F 249 -33.06 -28.38 -18.26
C GLY F 249 -33.22 -27.47 -19.46
N TRP F 250 -33.73 -26.26 -19.26
CA TRP F 250 -34.05 -25.33 -20.33
C TRP F 250 -33.17 -24.10 -20.32
N GLN F 251 -32.09 -24.10 -19.56
CA GLN F 251 -31.19 -22.92 -19.41
C GLN F 251 -29.74 -23.28 -19.74
N ALA F 252 -29.48 -24.35 -20.47
CA ALA F 252 -28.12 -24.66 -20.99
C ALA F 252 -28.14 -24.13 -22.42
N PRO F 253 -27.62 -22.91 -22.71
CA PRO F 253 -27.83 -22.30 -24.04
C PRO F 253 -27.11 -23.04 -25.14
N ARG F 254 -27.71 -22.99 -26.33
CA ARG F 254 -27.15 -23.71 -27.47
C ARG F 254 -25.75 -23.26 -27.86
N PRO F 255 -25.40 -21.97 -27.85
CA PRO F 255 -24.01 -21.61 -28.17
C PRO F 255 -23.01 -22.16 -27.17
N GLY F 256 -23.44 -22.40 -25.93
CA GLY F 256 -22.57 -23.02 -24.94
C GLY F 256 -22.39 -24.50 -25.18
N VAL F 257 -23.46 -25.18 -25.59
CA VAL F 257 -23.37 -26.60 -25.91
C VAL F 257 -22.43 -26.81 -27.08
N LYS F 258 -22.56 -25.97 -28.12
CA LYS F 258 -21.70 -26.08 -29.31
C LYS F 258 -20.23 -25.90 -28.96
N ALA F 259 -19.91 -24.85 -28.20
CA ALA F 259 -18.51 -24.59 -27.88
C ALA F 259 -17.93 -25.71 -27.02
N GLY F 260 -18.70 -26.22 -26.06
CA GLY F 260 -18.24 -27.33 -25.26
C GLY F 260 -18.05 -28.61 -26.06
N ARG F 261 -18.89 -28.82 -27.08
CA ARG F 261 -18.69 -29.95 -27.98
C ARG F 261 -17.40 -29.82 -28.77
N GLU F 262 -17.16 -28.64 -29.34
CA GLU F 262 -15.97 -28.41 -30.15
C GLU F 262 -14.70 -28.56 -29.32
N ARG F 263 -14.76 -28.22 -28.04
CA ARG F 263 -13.60 -28.24 -27.15
C ARG F 263 -13.48 -29.55 -26.38
N GLN F 264 -14.46 -30.43 -26.52
CA GLN F 264 -14.44 -31.77 -25.94
C GLN F 264 -14.40 -31.75 -24.41
N THR F 265 -15.21 -30.88 -23.81
CA THR F 265 -15.53 -31.07 -22.41
C THR F 265 -16.29 -32.37 -22.24
N THR F 266 -16.38 -32.85 -21.00
CA THR F 266 -17.18 -34.00 -20.65
C THR F 266 -18.41 -33.54 -19.91
N ILE F 267 -19.58 -34.07 -20.28
CA ILE F 267 -20.84 -33.75 -19.63
C ILE F 267 -21.49 -35.03 -19.14
N MET F 268 -22.01 -34.97 -17.91
CA MET F 268 -22.86 -36.02 -17.35
C MET F 268 -24.09 -35.34 -16.78
N THR F 269 -25.26 -35.70 -17.28
CA THR F 269 -26.50 -35.13 -16.74
C THR F 269 -26.81 -35.71 -15.37
N VAL F 270 -27.75 -35.08 -14.67
CA VAL F 270 -28.24 -35.62 -13.41
C VAL F 270 -28.70 -37.07 -13.60
N THR F 271 -29.58 -37.30 -14.57
CA THR F 271 -30.08 -38.65 -14.79
C THR F 271 -28.94 -39.61 -15.10
N ASP F 272 -27.96 -39.18 -15.91
CA ASP F 272 -26.79 -40.03 -16.15
C ASP F 272 -26.17 -40.49 -14.84
N CYS F 273 -25.93 -39.57 -13.92
CA CYS F 273 -25.19 -39.85 -12.66
C CYS F 273 -25.98 -40.77 -11.73
N VAL F 274 -27.27 -40.49 -11.54
CA VAL F 274 -28.14 -41.32 -10.67
C VAL F 274 -28.33 -42.70 -11.29
N GLU F 275 -28.48 -42.78 -12.62
CA GLU F 275 -28.71 -44.06 -13.30
C GLU F 275 -27.47 -44.95 -13.17
N MET F 276 -26.28 -44.38 -13.32
CA MET F 276 -25.06 -45.20 -13.25
C MET F 276 -24.66 -45.50 -11.79
N GLY F 277 -25.17 -44.71 -10.84
CA GLY F 277 -24.77 -44.79 -9.46
C GLY F 277 -23.78 -43.69 -9.15
N ILE F 278 -23.96 -43.01 -8.02
CA ILE F 278 -23.13 -41.84 -7.70
C ILE F 278 -21.67 -42.26 -7.54
N GLU F 279 -21.42 -43.41 -6.94
CA GLU F 279 -20.03 -43.84 -6.78
C GLU F 279 -19.37 -44.04 -8.14
N ASN F 280 -20.08 -44.63 -9.09
CA ASN F 280 -19.53 -44.78 -10.43
C ASN F 280 -19.40 -43.43 -11.13
N ALA F 281 -20.36 -42.53 -10.93
CA ALA F 281 -20.28 -41.21 -11.54
C ALA F 281 -19.04 -40.46 -11.04
N ALA F 282 -18.79 -40.53 -9.73
CA ALA F 282 -17.63 -39.84 -9.17
C ALA F 282 -16.32 -40.45 -9.69
N LYS F 283 -16.27 -41.77 -9.83
CA LYS F 283 -15.08 -42.41 -10.40
C LYS F 283 -14.78 -41.86 -11.79
N GLN F 284 -15.82 -41.80 -12.64
CA GLN F 284 -15.67 -41.32 -13.99
C GLN F 284 -15.25 -39.86 -14.04
N ALA F 285 -15.87 -39.03 -13.20
CA ALA F 285 -15.53 -37.61 -13.17
C ALA F 285 -14.09 -37.41 -12.72
N LEU F 286 -13.65 -38.14 -11.70
CA LEU F 286 -12.27 -38.02 -11.25
C LEU F 286 -11.29 -38.46 -12.34
N GLU F 287 -11.57 -39.57 -13.01
CA GLU F 287 -10.66 -40.04 -14.05
C GLU F 287 -10.49 -38.99 -15.14
N VAL F 288 -11.59 -38.36 -15.56
CA VAL F 288 -11.49 -37.38 -16.64
C VAL F 288 -10.80 -36.11 -16.15
N ALA F 289 -11.22 -35.60 -14.98
CA ALA F 289 -10.69 -34.30 -14.54
C ALA F 289 -9.20 -34.36 -14.26
N PHE F 290 -8.72 -35.47 -13.69
CA PHE F 290 -7.33 -35.59 -13.28
C PHE F 290 -6.44 -36.26 -14.33
N ASP F 291 -6.97 -36.52 -15.53
CA ASP F 291 -6.22 -37.20 -16.57
C ASP F 291 -5.09 -36.31 -17.05
N GLY F 292 -3.86 -36.62 -16.64
CA GLY F 292 -2.67 -35.86 -17.07
C GLY F 292 -2.59 -34.50 -16.41
N VAL F 293 -3.30 -34.30 -15.31
CA VAL F 293 -3.27 -33.04 -14.54
C VAL F 293 -3.28 -33.41 -13.07
N ASP F 294 -2.55 -32.68 -12.23
CA ASP F 294 -2.58 -32.92 -10.77
C ASP F 294 -3.40 -31.84 -10.07
N ALA F 295 -3.46 -30.62 -10.58
CA ALA F 295 -4.27 -29.60 -9.93
C ALA F 295 -5.66 -29.58 -10.54
N VAL F 296 -6.68 -29.64 -9.68
CA VAL F 296 -8.07 -29.60 -10.12
C VAL F 296 -8.84 -28.66 -9.21
N TRP F 297 -9.63 -27.79 -9.83
CA TRP F 297 -10.44 -26.79 -9.14
C TRP F 297 -11.88 -27.30 -9.07
N LEU F 298 -12.53 -27.08 -7.93
CA LEU F 298 -13.92 -27.46 -7.75
C LEU F 298 -14.80 -26.21 -7.83
N SER F 299 -15.72 -26.19 -8.81
CA SER F 299 -16.64 -25.09 -9.02
C SER F 299 -18.06 -25.59 -8.84
N PHE F 300 -18.70 -25.18 -7.74
CA PHE F 300 -19.99 -25.72 -7.35
C PHE F 300 -21.05 -24.63 -7.44
N ASP F 301 -21.96 -24.83 -8.37
CA ASP F 301 -23.13 -23.94 -8.52
C ASP F 301 -24.24 -24.56 -7.65
N VAL F 302 -24.79 -23.79 -6.74
CA VAL F 302 -25.85 -24.33 -5.90
C VAL F 302 -27.06 -24.73 -6.73
N ASP F 303 -27.17 -24.20 -7.93
CA ASP F 303 -28.33 -24.50 -8.80
C ASP F 303 -28.33 -25.97 -9.25
N CYS F 304 -27.24 -26.72 -9.06
CA CYS F 304 -27.27 -28.12 -9.47
C CYS F 304 -28.19 -28.95 -8.59
N LEU F 305 -28.53 -28.47 -7.40
CA LEU F 305 -29.61 -29.07 -6.62
C LEU F 305 -30.97 -28.72 -7.22
N ASP F 306 -31.92 -29.62 -7.06
CA ASP F 306 -33.29 -29.28 -7.40
C ASP F 306 -33.71 -27.99 -6.72
N ALA F 307 -34.48 -27.18 -7.44
CA ALA F 307 -34.84 -25.84 -6.97
C ALA F 307 -35.40 -25.83 -5.56
N ALA F 308 -36.14 -26.87 -5.16
CA ALA F 308 -36.76 -26.86 -3.84
C ALA F 308 -35.73 -26.79 -2.72
N PHE F 309 -34.53 -27.33 -2.96
CA PHE F 309 -33.46 -27.30 -1.97
C PHE F 309 -32.63 -26.02 -2.01
N VAL F 310 -32.69 -25.28 -3.13
CA VAL F 310 -31.88 -24.08 -3.30
C VAL F 310 -32.74 -22.96 -3.89
N PRO F 311 -33.82 -22.57 -3.22
CA PRO F 311 -34.69 -21.53 -3.79
C PRO F 311 -33.99 -20.20 -3.95
N GLY F 312 -32.97 -19.94 -3.15
CA GLY F 312 -32.28 -18.66 -3.19
C GLY F 312 -31.16 -18.69 -4.21
N THR F 313 -31.53 -18.67 -5.48
CA THR F 313 -30.58 -18.68 -6.58
C THR F 313 -31.20 -17.96 -7.77
N GLY F 314 -30.39 -17.43 -8.67
CA GLY F 314 -30.91 -16.61 -9.77
C GLY F 314 -31.45 -17.43 -10.92
N TRP F 315 -31.06 -18.69 -11.06
CA TRP F 315 -31.43 -19.53 -12.23
C TRP F 315 -31.78 -20.93 -11.76
N PRO F 316 -32.86 -21.05 -10.97
CA PRO F 316 -33.28 -22.35 -10.49
C PRO F 316 -33.82 -23.27 -11.60
N GLU F 317 -33.74 -24.57 -11.39
CA GLU F 317 -34.25 -25.55 -12.34
C GLU F 317 -34.76 -26.80 -11.63
N PRO F 318 -35.90 -27.33 -12.04
CA PRO F 318 -36.34 -28.62 -11.51
C PRO F 318 -35.51 -29.78 -12.07
N GLY F 319 -35.61 -30.92 -11.38
CA GLY F 319 -34.96 -32.13 -11.85
C GLY F 319 -33.50 -32.25 -11.53
N GLY F 320 -33.00 -31.45 -10.60
CA GLY F 320 -31.59 -31.49 -10.23
C GLY F 320 -31.28 -32.60 -9.26
N PHE F 321 -30.08 -32.52 -8.69
CA PHE F 321 -29.66 -33.48 -7.69
C PHE F 321 -30.48 -33.33 -6.42
N LEU F 322 -30.62 -34.42 -5.68
CA LEU F 322 -31.05 -34.40 -4.29
C LEU F 322 -29.83 -34.29 -3.37
N PRO F 323 -30.00 -33.69 -2.19
CA PRO F 323 -28.82 -33.44 -1.34
C PRO F 323 -27.93 -34.65 -1.08
N ARG F 324 -28.50 -35.80 -0.73
CA ARG F 324 -27.66 -36.95 -0.37
C ARG F 324 -26.90 -37.46 -1.60
N GLU F 325 -27.45 -37.25 -2.79
CA GLU F 325 -26.74 -37.64 -4.01
C GLU F 325 -25.51 -36.75 -4.20
N VAL F 326 -25.68 -35.44 -4.14
CA VAL F 326 -24.55 -34.57 -4.43
C VAL F 326 -23.56 -34.55 -3.28
N LEU F 327 -24.01 -34.73 -2.03
CA LEU F 327 -23.07 -34.76 -0.92
C LEU F 327 -22.21 -36.01 -0.97
N LYS F 328 -22.78 -37.16 -1.35
CA LYS F 328 -21.97 -38.35 -1.58
C LYS F 328 -20.98 -38.14 -2.72
N PHE F 329 -21.43 -37.54 -3.83
CA PHE F 329 -20.55 -37.23 -4.95
C PHE F 329 -19.35 -36.42 -4.50
N LEU F 330 -19.61 -35.32 -3.77
CA LEU F 330 -18.55 -34.47 -3.28
C LEU F 330 -17.62 -35.17 -2.31
N GLN F 331 -18.20 -35.98 -1.40
CA GLN F 331 -17.38 -36.70 -0.42
C GLN F 331 -16.40 -37.64 -1.09
N ILE F 332 -16.85 -38.38 -2.10
CA ILE F 332 -15.97 -39.29 -2.82
C ILE F 332 -14.86 -38.50 -3.52
N ILE F 333 -15.21 -37.41 -4.21
CA ILE F 333 -14.20 -36.58 -4.85
C ILE F 333 -13.17 -36.12 -3.82
N ALA F 334 -13.65 -35.56 -2.70
CA ALA F 334 -12.77 -34.90 -1.77
C ALA F 334 -12.00 -35.89 -0.91
N ASP F 335 -12.44 -37.15 -0.84
CA ASP F 335 -11.64 -38.17 -0.17
C ASP F 335 -10.56 -38.74 -1.08
N THR F 336 -10.84 -38.81 -2.38
CA THR F 336 -9.97 -39.55 -3.30
C THR F 336 -8.77 -38.72 -3.76
N LYS F 337 -8.96 -37.42 -3.97
CA LYS F 337 -7.93 -36.60 -4.59
C LYS F 337 -7.81 -35.29 -3.83
N PRO F 338 -6.61 -34.69 -3.83
CA PRO F 338 -6.48 -33.31 -3.35
C PRO F 338 -7.10 -32.34 -4.34
N LEU F 339 -7.63 -31.24 -3.82
CA LEU F 339 -8.16 -30.17 -4.64
C LEU F 339 -7.30 -28.91 -4.48
N ALA F 340 -7.19 -28.15 -5.58
CA ALA F 340 -6.46 -26.89 -5.54
C ALA F 340 -7.22 -25.81 -4.78
N GLY F 341 -8.54 -25.95 -4.70
CA GLY F 341 -9.38 -24.94 -4.10
C GLY F 341 -10.80 -25.14 -4.59
N MET F 342 -11.70 -24.31 -4.06
CA MET F 342 -13.10 -24.45 -4.44
C MET F 342 -13.79 -23.09 -4.42
N GLU F 343 -14.85 -22.99 -5.19
CA GLU F 343 -15.76 -21.86 -5.14
C GLU F 343 -17.18 -22.40 -5.07
N ILE F 344 -18.02 -21.72 -4.33
CA ILE F 344 -19.44 -22.06 -4.28
C ILE F 344 -20.20 -20.79 -4.68
N VAL F 345 -20.96 -20.89 -5.77
CA VAL F 345 -21.49 -19.70 -6.44
C VAL F 345 -23.00 -19.78 -6.57
N GLU F 346 -23.61 -18.60 -6.71
CA GLU F 346 -24.98 -18.33 -7.11
C GLU F 346 -25.96 -18.44 -5.95
N CYS F 347 -25.48 -18.48 -4.71
CA CYS F 347 -26.39 -18.32 -3.57
C CYS F 347 -26.90 -16.89 -3.54
N ALA F 348 -28.22 -16.73 -3.53
CA ALA F 348 -28.86 -15.42 -3.58
C ALA F 348 -29.81 -15.24 -2.41
N PRO F 349 -29.34 -14.70 -1.29
CA PRO F 349 -30.17 -14.67 -0.06
C PRO F 349 -31.49 -13.95 -0.23
N PRO F 350 -31.60 -12.92 -1.07
CA PRO F 350 -32.90 -12.24 -1.19
C PRO F 350 -34.02 -13.15 -1.68
N TYR F 351 -33.70 -14.30 -2.25
CA TYR F 351 -34.71 -15.26 -2.74
C TYR F 351 -34.76 -16.50 -1.87
N ASP F 352 -34.03 -16.53 -0.75
N ASP F 352 -34.06 -16.44 -0.72
CA ASP F 352 -33.83 -17.77 -0.03
CA ASP F 352 -33.89 -17.59 0.22
C ASP F 352 -34.92 -17.96 1.02
C ASP F 352 -34.42 -17.25 1.62
N ALA F 353 -35.47 -19.16 1.07
N ALA F 353 -35.73 -17.24 1.84
CA ALA F 353 -36.55 -19.51 1.98
CA ALA F 353 -36.33 -16.81 3.13
C ALA F 353 -35.87 -20.03 3.24
C ALA F 353 -35.82 -17.60 4.35
N ALA F 354 -35.85 -19.20 4.28
N ALA F 354 -35.78 -18.94 4.36
CA ALA F 354 -35.38 -19.67 5.58
CA ALA F 354 -35.40 -19.73 5.56
C ALA F 354 -33.91 -20.05 5.55
C ALA F 354 -33.90 -20.02 5.57
N GLU F 355 -33.16 -19.46 4.62
CA GLU F 355 -31.71 -19.62 4.54
C GLU F 355 -31.27 -21.03 4.18
N ILE F 356 -32.15 -21.86 3.64
CA ILE F 356 -31.74 -23.24 3.36
C ILE F 356 -30.76 -23.31 2.19
N THR F 357 -30.72 -22.32 1.31
CA THR F 357 -29.73 -22.34 0.24
C THR F 357 -28.34 -22.06 0.79
N SER F 358 -28.21 -21.01 1.58
CA SER F 358 -26.94 -20.73 2.25
C SER F 358 -26.52 -21.88 3.14
N LEU F 359 -27.50 -22.56 3.77
CA LEU F 359 -27.21 -23.74 4.58
C LEU F 359 -26.60 -24.86 3.75
N MET F 360 -27.21 -25.16 2.59
CA MET F 360 -26.63 -26.13 1.66
C MET F 360 -25.20 -25.74 1.26
N ALA F 361 -24.98 -24.47 0.93
CA ALA F 361 -23.64 -24.04 0.53
C ALA F 361 -22.63 -24.26 1.66
N THR F 362 -23.04 -23.94 2.89
CA THR F 362 -22.18 -24.18 4.04
C THR F 362 -21.87 -25.66 4.21
N ARG F 363 -22.88 -26.51 4.04
CA ARG F 363 -22.67 -27.95 4.20
C ARG F 363 -21.72 -28.47 3.15
N VAL F 364 -21.86 -28.01 1.90
CA VAL F 364 -20.96 -28.45 0.85
C VAL F 364 -19.51 -28.11 1.21
N ILE F 365 -19.28 -26.88 1.65
CA ILE F 365 -17.93 -26.47 2.03
C ILE F 365 -17.40 -27.38 3.14
N CYS F 366 -18.19 -27.54 4.20
CA CYS F 366 -17.69 -28.26 5.37
C CYS F 366 -17.43 -29.73 5.06
N ASP F 367 -18.26 -30.35 4.23
CA ASP F 367 -18.02 -31.75 3.87
C ASP F 367 -16.77 -31.87 3.01
N VAL F 368 -16.56 -30.94 2.07
CA VAL F 368 -15.37 -31.01 1.23
C VAL F 368 -14.12 -30.86 2.08
N LEU F 369 -14.14 -29.89 3.00
CA LEU F 369 -12.96 -29.68 3.85
C LEU F 369 -12.71 -30.88 4.73
N ALA F 370 -13.77 -31.43 5.32
CA ALA F 370 -13.62 -32.57 6.21
C ALA F 370 -13.03 -33.78 5.50
N CYS F 371 -13.46 -34.01 4.25
CA CYS F 371 -12.94 -35.16 3.51
C CYS F 371 -11.50 -34.93 3.05
N GLN F 372 -11.19 -33.70 2.65
CA GLN F 372 -9.81 -33.35 2.37
C GLN F 372 -8.93 -33.61 3.59
N VAL F 373 -9.42 -33.27 4.78
CA VAL F 373 -8.63 -33.42 5.99
C VAL F 373 -8.44 -34.90 6.34
N ARG F 374 -9.56 -35.64 6.43
CA ARG F 374 -9.46 -37.01 6.91
C ARG F 374 -8.67 -37.89 5.94
N SER F 375 -8.66 -37.54 4.66
CA SER F 375 -7.92 -38.30 3.66
C SER F 375 -6.50 -37.80 3.45
N GLY F 376 -6.04 -36.84 4.25
CA GLY F 376 -4.65 -36.41 4.23
C GLY F 376 -4.29 -35.40 3.16
N HIS F 377 -5.28 -34.76 2.54
CA HIS F 377 -5.02 -33.78 1.49
C HIS F 377 -4.94 -32.36 2.04
N LEU F 378 -5.23 -32.16 3.31
CA LEU F 378 -5.32 -30.83 3.90
C LEU F 378 -5.09 -30.98 5.40
N GLY F 379 -4.38 -30.01 5.99
CA GLY F 379 -4.13 -30.01 7.41
C GLY F 379 -3.06 -31.00 7.85
N MET G 3 24.71 47.04 24.14
CA MET G 3 25.17 46.91 22.72
C MET G 3 26.70 47.04 22.67
N ALA G 4 27.40 46.18 21.94
CA ALA G 4 28.87 46.10 21.99
C ALA G 4 29.64 47.37 21.62
N LYS G 5 30.66 47.67 22.41
CA LYS G 5 31.55 48.83 22.18
C LYS G 5 32.40 48.60 20.93
N LYS G 6 32.63 49.66 20.15
CA LYS G 6 33.55 49.58 18.98
C LYS G 6 34.97 49.59 19.53
N ARG G 7 35.78 48.60 19.17
CA ARG G 7 37.17 48.46 19.66
C ARG G 7 38.06 49.37 18.82
N THR G 8 38.70 50.34 19.46
CA THR G 8 39.53 51.33 18.76
C THR G 8 40.82 51.61 19.53
N TYR G 9 41.79 52.20 18.86
CA TYR G 9 42.97 52.73 19.54
C TYR G 9 42.55 53.65 20.68
N GLN G 10 43.25 53.53 21.81
CA GLN G 10 42.89 54.24 23.07
C GLN G 10 43.90 55.33 23.45
N GLY G 11 45.05 55.40 22.79
CA GLY G 11 46.09 56.40 23.10
C GLY G 11 46.90 56.05 24.33
N LYS G 12 46.81 54.82 24.81
CA LYS G 12 47.53 54.35 26.03
C LYS G 12 48.93 53.92 25.64
N VAL G 13 49.10 53.41 24.43
CA VAL G 13 50.44 53.02 23.88
C VAL G 13 50.71 53.90 22.67
N PRO G 14 51.65 54.84 22.72
CA PRO G 14 51.88 55.71 21.57
C PRO G 14 52.16 54.94 20.27
N LEU G 15 51.48 55.30 19.19
CA LEU G 15 51.67 54.66 17.86
C LEU G 15 51.60 55.70 16.75
N HIS G 16 52.36 55.49 15.68
CA HIS G 16 52.26 56.35 14.50
C HIS G 16 50.87 56.19 13.87
N ASP G 17 50.55 57.09 12.92
CA ASP G 17 49.20 57.17 12.40
C ASP G 17 49.02 56.57 11.01
N ASN G 18 49.97 55.75 10.55
CA ASN G 18 49.79 55.06 9.29
C ASN G 18 49.10 53.70 9.45
N TYR G 19 48.86 53.26 10.69
CA TYR G 19 48.13 52.03 10.93
C TYR G 19 46.69 52.16 10.43
N GLY G 20 46.15 51.07 9.89
CA GLY G 20 44.72 50.97 9.74
C GLY G 20 44.06 51.01 11.11
N PRO G 21 42.77 51.39 11.17
CA PRO G 21 42.13 51.51 12.50
C PRO G 21 42.12 50.22 13.30
N GLU G 22 41.71 49.11 12.70
CA GLU G 22 41.71 47.84 13.40
C GLU G 22 43.12 47.42 13.78
N ALA G 23 44.09 47.65 12.89
CA ALA G 23 45.47 47.31 13.20
C ALA G 23 45.99 48.15 14.37
N LYS G 24 45.60 49.43 14.42
CA LYS G 24 46.07 50.29 15.50
C LYS G 24 45.52 49.83 16.84
N TYR G 25 44.22 49.52 16.88
CA TYR G 25 43.66 48.88 18.05
C TYR G 25 44.45 47.64 18.43
N ALA G 26 44.77 46.80 17.44
CA ALA G 26 45.38 45.50 17.71
C ALA G 26 46.79 45.65 18.24
N VAL G 27 47.59 46.51 17.61
CA VAL G 27 48.98 46.65 18.02
C VAL G 27 49.09 47.19 19.43
N GLU G 28 48.23 48.15 19.77
CA GLU G 28 48.18 48.71 21.14
C GLU G 28 47.73 47.62 22.11
N ALA G 29 46.67 46.89 21.77
CA ALA G 29 46.13 45.88 22.67
C ALA G 29 47.17 44.84 23.03
N GLU G 30 47.97 44.41 22.06
CA GLU G 30 48.97 43.37 22.34
C GLU G 30 49.98 43.87 23.36
N ALA G 31 50.35 45.15 23.27
CA ALA G 31 51.37 45.69 24.15
C ALA G 31 50.90 45.73 25.61
N LEU G 32 49.60 45.63 25.83
CA LEU G 32 49.02 45.72 27.19
C LEU G 32 48.68 44.32 27.75
N LEU G 33 48.89 43.25 26.99
CA LEU G 33 48.55 41.93 27.48
C LEU G 33 49.66 41.38 28.39
N PRO G 34 49.29 40.62 29.42
CA PRO G 34 50.28 40.00 30.29
C PRO G 34 50.96 38.83 29.60
N THR G 35 51.96 38.27 30.29
CA THR G 35 52.70 37.10 29.80
C THR G 35 52.80 36.03 30.87
N THR G 36 52.04 36.13 31.95
CA THR G 36 52.20 35.24 33.10
C THR G 36 51.96 33.78 32.73
N LYS G 37 50.85 33.50 32.05
CA LYS G 37 50.55 32.11 31.71
C LYS G 37 51.51 31.56 30.67
N PHE G 38 51.97 32.39 29.74
CA PHE G 38 53.03 31.94 28.84
C PHE G 38 54.24 31.47 29.62
N GLU G 39 54.69 32.29 30.58
CA GLU G 39 55.86 31.92 31.37
C GLU G 39 55.63 30.64 32.17
N GLU G 40 54.42 30.44 32.69
CA GLU G 40 54.10 29.22 33.41
C GLU G 40 54.16 28.01 32.50
N GLU G 41 53.60 28.10 31.29
CA GLU G 41 53.66 26.99 30.36
C GLU G 41 55.10 26.63 30.00
N ILE G 42 55.93 27.64 29.74
CA ILE G 42 57.34 27.38 29.42
C ILE G 42 58.00 26.60 30.56
N ALA G 43 57.82 27.06 31.79
CA ALA G 43 58.45 26.40 32.93
C ALA G 43 57.94 24.98 33.09
N ARG G 44 56.63 24.79 32.96
CA ARG G 44 56.05 23.46 33.06
C ARG G 44 56.61 22.54 31.99
N GLY G 45 56.72 23.05 30.76
CA GLY G 45 57.22 22.23 29.67
C GLY G 45 58.65 21.75 29.89
N LEU G 46 59.50 22.62 30.44
CA LEU G 46 60.88 22.20 30.70
C LEU G 46 60.94 21.14 31.80
N GLU G 47 60.03 21.20 32.78
CA GLU G 47 59.98 20.19 33.83
C GLU G 47 59.49 18.86 33.28
N LEU G 48 58.36 18.87 32.58
CA LEU G 48 57.73 17.64 32.15
C LEU G 48 58.35 17.07 30.89
N GLY G 49 58.92 17.91 30.03
CA GLY G 49 59.51 17.45 28.79
C GLY G 49 61.02 17.46 28.73
N LEU G 50 61.68 17.78 29.86
CA LEU G 50 63.13 17.85 30.01
C LEU G 50 63.71 19.10 29.34
N PRO G 51 64.82 19.64 29.85
CA PRO G 51 65.53 20.69 29.12
C PRO G 51 65.92 20.19 27.73
N GLY G 52 65.90 21.10 26.77
CA GLY G 52 66.36 20.76 25.43
C GLY G 52 67.83 20.41 25.40
N ALA G 53 68.25 19.82 24.27
CA ALA G 53 69.64 19.44 24.10
C ALA G 53 70.54 20.67 24.15
N ASP G 54 71.84 20.42 24.36
CA ASP G 54 72.79 21.51 24.56
C ASP G 54 72.84 22.44 23.36
N SER G 55 72.70 21.90 22.15
CA SER G 55 72.86 22.74 20.95
C SER G 55 71.68 23.67 20.71
N ILE G 56 70.59 23.52 21.46
CA ILE G 56 69.44 24.42 21.31
C ILE G 56 69.75 25.74 22.01
N LYS G 57 69.70 26.83 21.24
CA LYS G 57 70.04 28.14 21.80
C LYS G 57 68.91 28.67 22.70
N ASP G 58 67.66 28.51 22.28
CA ASP G 58 66.50 29.00 23.00
C ASP G 58 66.20 28.09 24.18
N ARG G 59 66.51 28.55 25.40
CA ARG G 59 66.42 27.65 26.54
C ARG G 59 64.99 27.46 27.03
N ARG G 60 64.01 28.07 26.36
CA ARG G 60 62.60 27.77 26.59
C ARG G 60 62.14 26.49 25.91
N ILE G 61 62.99 25.83 25.13
CA ILE G 61 62.61 24.69 24.31
C ILE G 61 62.96 23.41 25.06
N PRO G 62 62.00 22.55 25.34
CA PRO G 62 62.29 21.25 25.98
C PRO G 62 62.75 20.22 24.95
N THR G 63 63.10 19.02 25.45
CA THR G 63 63.38 17.90 24.56
C THR G 63 62.10 17.35 23.94
N PHE G 64 61.05 17.18 24.76
CA PHE G 64 59.74 16.71 24.32
C PHE G 64 58.78 17.89 24.26
N SER G 65 58.03 17.99 23.15
CA SER G 65 57.03 19.03 23.00
C SER G 65 55.99 18.95 24.10
N ARG G 66 55.81 20.07 24.82
CA ARG G 66 54.90 20.17 25.96
C ARG G 66 54.41 21.61 25.98
N GLY G 67 53.27 21.84 25.35
CA GLY G 67 52.72 23.17 25.23
C GLY G 67 52.30 23.47 23.80
N GLU G 68 52.30 24.75 23.46
CA GLU G 68 51.87 25.17 22.13
C GLU G 68 52.76 24.57 21.05
N LEU G 69 54.08 24.59 21.24
CA LEU G 69 55.02 24.40 20.15
C LEU G 69 55.69 23.03 20.18
N PRO G 70 56.04 22.49 19.01
CA PRO G 70 55.69 22.96 17.65
C PRO G 70 54.23 22.73 17.33
N HIS G 71 53.65 23.53 16.42
CA HIS G 71 52.24 23.37 16.11
C HIS G 71 51.93 22.03 15.46
N PHE G 72 52.86 21.48 14.67
CA PHE G 72 52.66 20.20 14.00
C PHE G 72 52.86 19.02 14.93
N ALA G 73 53.21 19.26 16.19
CA ALA G 73 53.52 18.19 17.12
C ALA G 73 52.48 18.11 18.22
N GLY G 74 52.48 16.98 18.90
CA GLY G 74 51.75 16.82 20.14
C GLY G 74 50.44 16.07 19.97
N ILE G 75 49.91 15.62 21.10
CA ILE G 75 48.60 14.97 21.12
C ILE G 75 47.53 16.02 20.83
N ASN G 76 46.60 15.66 19.94
CA ASN G 76 45.63 16.65 19.42
C ASN G 76 44.39 16.84 20.30
N THR G 77 44.45 17.69 21.31
CA THR G 77 43.25 18.15 22.06
C THR G 77 42.82 19.43 21.35
N PHE G 78 41.66 20.00 21.64
CA PHE G 78 41.27 21.27 21.01
C PHE G 78 42.25 22.35 21.45
N ILE G 79 42.85 23.07 20.50
CA ILE G 79 43.90 24.07 20.71
C ILE G 79 44.86 23.64 21.80
N LYS G 80 45.17 22.34 21.84
CA LYS G 80 46.14 21.76 22.77
C LYS G 80 45.79 22.05 24.22
N ALA G 81 44.52 22.29 24.51
CA ALA G 81 44.08 22.40 25.90
C ALA G 81 44.33 21.09 26.63
N PRO G 82 44.43 21.14 27.96
CA PRO G 82 44.63 19.89 28.71
C PRO G 82 43.44 18.97 28.59
N TYR G 83 43.71 17.69 28.39
CA TYR G 83 42.68 16.64 28.44
C TYR G 83 42.31 16.38 29.89
N VAL G 84 41.03 16.51 30.22
CA VAL G 84 40.54 16.29 31.58
C VAL G 84 39.81 14.95 31.55
N GLU G 85 40.53 13.91 31.94
CA GLU G 85 40.03 12.55 31.89
C GLU G 85 38.91 12.32 32.90
N ASP G 86 39.01 12.94 34.06
CA ASP G 86 37.99 12.88 35.10
C ASP G 86 37.00 14.01 34.83
N VAL G 87 35.92 13.71 34.12
CA VAL G 87 34.94 14.74 33.65
C VAL G 87 34.31 15.47 34.83
N ARG G 88 34.35 14.87 36.02
CA ARG G 88 33.81 15.52 37.23
C ARG G 88 34.66 16.73 37.62
N LYS G 89 35.83 16.92 37.01
CA LYS G 89 36.65 18.09 37.27
C LYS G 89 36.43 19.24 36.30
N CYS G 90 35.50 19.12 35.35
CA CYS G 90 35.38 20.13 34.30
C CYS G 90 34.97 21.49 34.85
N GLY G 91 34.31 21.52 36.01
CA GLY G 91 33.91 22.80 36.60
C GLY G 91 35.09 23.64 37.08
N GLN G 92 36.28 23.05 37.14
CA GLN G 92 37.47 23.82 37.49
C GLN G 92 37.92 24.76 36.38
N TYR G 93 37.32 24.67 35.19
CA TYR G 93 37.74 25.42 34.02
C TYR G 93 36.66 26.38 33.56
N ASP G 94 37.07 27.51 32.98
CA ASP G 94 36.08 28.45 32.45
C ASP G 94 35.34 27.86 31.26
N VAL G 95 36.04 27.11 30.43
CA VAL G 95 35.50 26.58 29.19
C VAL G 95 35.81 25.10 29.12
N ALA G 96 34.84 24.31 28.67
CA ALA G 96 35.02 22.87 28.47
C ALA G 96 34.61 22.50 27.06
N ILE G 97 35.54 21.94 26.31
CA ILE G 97 35.29 21.42 24.97
C ILE G 97 34.90 19.95 25.09
N LEU G 98 33.81 19.56 24.42
CA LEU G 98 33.44 18.16 24.32
C LEU G 98 32.96 17.89 22.91
N GLY G 99 33.19 16.68 22.44
CA GLY G 99 32.70 16.25 21.15
C GLY G 99 31.49 15.36 21.25
N ALA G 100 30.68 15.39 20.19
CA ALA G 100 29.54 14.48 20.03
C ALA G 100 29.66 13.80 18.68
N PRO G 101 30.49 12.75 18.58
CA PRO G 101 30.79 12.15 17.27
C PRO G 101 29.69 11.22 16.77
N PHE G 102 28.75 11.80 16.03
CA PHE G 102 27.52 11.12 15.67
C PHE G 102 27.02 11.65 14.33
N ASP G 103 26.65 10.76 13.42
CA ASP G 103 26.06 11.16 12.15
C ASP G 103 24.86 10.29 11.78
N GLY G 104 24.23 9.62 12.75
CA GLY G 104 22.99 8.90 12.47
C GLY G 104 21.80 9.77 12.18
N GLY G 105 21.92 11.07 12.39
CA GLY G 105 20.88 12.03 12.10
C GLY G 105 20.98 12.63 10.72
N THR G 106 21.91 12.18 9.88
CA THR G 106 22.15 12.83 8.60
C THR G 106 21.23 12.23 7.54
N THR G 107 20.68 13.09 6.69
CA THR G 107 19.73 12.71 5.66
C THR G 107 20.36 12.65 4.26
N TYR G 108 21.63 13.05 4.12
CA TYR G 108 22.35 12.82 2.87
C TYR G 108 23.70 12.17 3.16
N ARG G 109 24.77 12.93 3.25
CA ARG G 109 26.07 12.35 3.57
C ARG G 109 26.25 12.17 5.07
N ALA G 110 26.92 11.08 5.45
CA ALA G 110 27.47 10.92 6.78
C ALA G 110 28.89 11.46 6.77
N GLY G 111 29.64 11.24 7.85
CA GLY G 111 31.01 11.69 7.98
C GLY G 111 31.23 12.67 9.12
N THR G 112 30.18 13.34 9.59
CA THR G 112 30.34 14.28 10.67
C THR G 112 30.56 13.58 12.00
N ARG G 113 30.56 12.25 12.06
CA ARG G 113 31.05 11.60 13.27
C ARG G 113 32.50 11.97 13.56
N PHE G 114 33.25 12.34 12.53
CA PHE G 114 34.65 12.72 12.68
C PHE G 114 34.81 14.21 12.83
N GLY G 115 33.72 14.97 12.91
CA GLY G 115 33.81 16.40 13.07
C GLY G 115 34.70 16.81 14.23
N PRO G 116 34.46 16.20 15.40
CA PRO G 116 35.31 16.56 16.55
C PRO G 116 36.79 16.30 16.31
N GLN G 117 37.14 15.17 15.72
CA GLN G 117 38.53 14.83 15.46
C GLN G 117 39.17 15.79 14.45
N GLY G 118 38.44 16.12 13.38
CA GLY G 118 38.97 17.04 12.40
C GLY G 118 39.16 18.44 12.95
N ILE G 119 38.22 18.90 13.77
CA ILE G 119 38.35 20.22 14.38
C ILE G 119 39.53 20.23 15.35
N ARG G 120 39.65 19.19 16.17
CA ARG G 120 40.78 19.13 17.09
C ARG G 120 42.10 19.17 16.35
N LYS G 121 42.20 18.38 15.28
CA LYS G 121 43.46 18.23 14.56
C LYS G 121 43.93 19.58 14.01
N ILE G 122 43.08 20.25 13.22
CA ILE G 122 43.51 21.48 12.58
C ILE G 122 43.67 22.62 13.56
N SER G 123 43.02 22.52 14.72
CA SER G 123 43.11 23.59 15.71
C SER G 123 44.53 23.76 16.24
N ALA G 124 45.40 22.77 16.08
CA ALA G 124 46.80 22.91 16.47
C ALA G 124 47.50 24.00 15.69
N LEU G 125 47.00 24.35 14.50
CA LEU G 125 47.64 25.37 13.69
C LEU G 125 47.66 26.70 14.42
N TYR G 126 46.64 26.95 15.24
CA TYR G 126 46.45 28.25 15.85
C TYR G 126 47.41 28.50 17.01
N GLY G 127 47.80 29.76 17.16
CA GLY G 127 48.34 30.22 18.42
C GLY G 127 47.22 30.50 19.41
N THR G 128 47.57 31.10 20.52
CA THR G 128 46.61 31.39 21.58
C THR G 128 46.05 32.81 21.49
N TYR G 129 46.45 33.58 20.49
CA TYR G 129 46.24 35.02 20.46
C TYR G 129 45.66 35.46 19.12
N SER G 130 44.62 36.28 19.18
CA SER G 130 44.00 36.86 18.01
C SER G 130 44.46 38.31 17.83
N PHE G 131 45.05 38.61 16.68
CA PHE G 131 45.55 39.95 16.42
C PHE G 131 44.44 40.99 16.46
N GLU G 132 43.43 40.86 15.60
CA GLU G 132 42.44 41.92 15.49
C GLU G 132 41.46 41.95 16.65
N LEU G 133 41.27 40.83 17.36
CA LEU G 133 40.41 40.88 18.55
C LEU G 133 41.15 41.32 19.81
N GLY G 134 42.47 41.29 19.80
CA GLY G 134 43.26 41.77 20.93
C GLY G 134 43.17 40.90 22.17
N VAL G 135 43.07 39.58 22.00
CA VAL G 135 42.82 38.66 23.09
C VAL G 135 43.82 37.52 23.04
N ASP G 136 44.39 37.19 24.18
CA ASP G 136 45.26 36.01 24.33
C ASP G 136 44.54 35.05 25.26
N LEU G 137 43.95 34.01 24.68
CA LEU G 137 43.16 33.07 25.48
C LEU G 137 44.00 32.43 26.58
N ARG G 138 45.27 32.14 26.27
CA ARG G 138 46.13 31.51 27.26
C ARG G 138 46.20 32.34 28.54
N GLU G 139 46.15 33.68 28.41
CA GLU G 139 46.28 34.56 29.57
C GLU G 139 44.95 34.83 30.26
N SER G 140 43.82 34.65 29.58
CA SER G 140 42.55 35.20 30.04
C SER G 140 41.48 34.17 30.39
N VAL G 141 41.61 32.92 29.94
CA VAL G 141 40.60 31.91 30.27
C VAL G 141 41.28 30.56 30.42
N SER G 142 40.71 29.72 31.27
CA SER G 142 41.13 28.33 31.40
C SER G 142 40.21 27.45 30.56
N ILE G 143 40.81 26.64 29.70
CA ILE G 143 40.09 25.80 28.74
C ILE G 143 40.52 24.36 28.97
N CYS G 144 39.55 23.45 29.02
CA CYS G 144 39.85 22.03 29.06
C CYS G 144 39.08 21.31 27.95
N ASP G 145 39.57 20.11 27.63
CA ASP G 145 38.97 19.24 26.63
C ASP G 145 38.62 17.95 27.37
N VAL G 146 37.33 17.65 27.48
CA VAL G 146 36.87 16.44 28.16
C VAL G 146 36.62 15.30 27.20
N GLY G 147 37.10 15.42 25.96
CA GLY G 147 36.96 14.32 25.04
C GLY G 147 35.55 14.22 24.49
N ASP G 148 35.05 13.00 24.29
CA ASP G 148 33.83 12.80 23.53
C ASP G 148 32.75 12.06 24.33
N ILE G 149 31.50 12.45 24.05
CA ILE G 149 30.35 11.63 24.41
C ILE G 149 30.47 10.26 23.75
N PHE G 150 30.12 9.22 24.51
CA PHE G 150 30.00 7.86 24.00
C PHE G 150 28.68 7.81 23.26
N THR G 151 28.73 8.03 21.94
CA THR G 151 27.56 8.05 21.11
C THR G 151 27.18 6.62 20.70
N ILE G 152 25.97 6.50 20.18
CA ILE G 152 25.33 5.21 19.88
C ILE G 152 24.88 5.27 18.42
N PRO G 153 25.77 4.91 17.48
CA PRO G 153 25.44 5.09 16.04
C PRO G 153 24.16 4.43 15.57
N GLY G 154 23.75 3.33 16.20
CA GLY G 154 22.57 2.59 15.78
C GLY G 154 21.25 3.10 16.31
N ASN G 155 21.26 4.14 17.15
CA ASN G 155 20.05 4.56 17.86
C ASN G 155 20.18 6.04 18.17
N ILE G 156 19.49 6.86 17.39
CA ILE G 156 19.58 8.31 17.60
C ILE G 156 19.01 8.71 18.96
N GLU G 157 17.98 8.01 19.45
CA GLU G 157 17.38 8.38 20.72
C GLU G 157 18.31 8.08 21.88
N LYS G 158 18.97 6.92 21.87
CA LYS G 158 19.99 6.65 22.89
C LYS G 158 21.11 7.67 22.80
N THR G 159 21.52 8.05 21.59
CA THR G 159 22.54 9.08 21.46
C THR G 159 22.07 10.39 22.08
N PHE G 160 20.82 10.78 21.82
CA PHE G 160 20.30 12.00 22.44
C PHE G 160 20.42 11.92 23.96
N ASP G 161 20.12 10.76 24.54
CA ASP G 161 20.14 10.64 25.99
C ASP G 161 21.56 10.79 26.51
N GLN G 162 22.53 10.24 25.79
CA GLN G 162 23.93 10.38 26.16
C GLN G 162 24.37 11.83 26.07
N VAL G 163 24.01 12.50 24.97
CA VAL G 163 24.44 13.88 24.76
C VAL G 163 23.80 14.81 25.79
N SER G 164 22.49 14.67 26.01
CA SER G 164 21.83 15.49 27.02
C SER G 164 22.48 15.33 28.39
N LYS G 165 22.87 14.11 28.73
CA LYS G 165 23.45 13.85 30.07
C LYS G 165 24.83 14.51 30.15
N GLY G 166 25.66 14.32 29.13
CA GLY G 166 27.02 14.88 29.15
C GLY G 166 27.01 16.40 29.10
N VAL G 167 26.25 16.98 28.18
CA VAL G 167 26.19 18.46 28.02
C VAL G 167 25.57 19.06 29.29
N GLY G 168 24.51 18.44 29.78
CA GLY G 168 23.92 18.88 31.05
C GLY G 168 24.93 18.87 32.18
N HIS G 169 25.81 17.87 32.24
CA HIS G 169 26.83 17.76 33.31
C HIS G 169 27.81 18.93 33.20
N VAL G 170 28.29 19.18 31.99
CA VAL G 170 29.28 20.26 31.78
C VAL G 170 28.58 21.60 32.05
N PHE G 171 27.38 21.80 31.62
CA PHE G 171 26.68 23.10 31.79
C PHE G 171 26.48 23.34 33.28
N ALA G 172 26.07 22.32 34.02
CA ALA G 172 25.75 22.44 35.45
C ALA G 172 27.01 22.70 36.26
N SER G 173 28.16 22.36 35.71
CA SER G 173 29.48 22.53 36.37
C SER G 173 29.87 24.01 36.43
N GLY G 174 29.27 24.85 35.58
CA GLY G 174 29.68 26.23 35.48
C GLY G 174 30.65 26.51 34.35
N ALA G 175 31.25 25.47 33.78
CA ALA G 175 32.05 25.63 32.58
C ALA G 175 31.18 25.97 31.38
N PHE G 176 31.68 26.87 30.54
CA PHE G 176 31.05 27.20 29.26
C PHE G 176 31.23 26.02 28.31
N PRO G 177 30.17 25.31 27.92
CA PRO G 177 30.34 24.14 27.04
C PRO G 177 30.47 24.56 25.59
N VAL G 178 31.48 24.01 24.93
CA VAL G 178 31.63 24.08 23.47
C VAL G 178 31.45 22.66 22.95
N VAL G 179 30.37 22.41 22.22
CA VAL G 179 30.07 21.07 21.72
C VAL G 179 30.51 20.96 20.27
N LEU G 180 31.41 20.03 19.97
CA LEU G 180 31.83 19.77 18.61
C LEU G 180 30.98 18.65 18.03
N GLY G 181 30.20 18.95 17.00
CA GLY G 181 29.39 17.95 16.34
C GLY G 181 30.17 17.24 15.24
N GLY G 182 29.55 16.21 14.65
CA GLY G 182 28.20 15.77 14.90
C GLY G 182 27.15 16.52 14.13
N ASP G 183 26.08 15.84 13.73
CA ASP G 183 25.01 16.43 12.91
C ASP G 183 24.05 17.27 13.76
N HIS G 184 23.24 18.08 13.10
CA HIS G 184 22.40 19.08 13.79
C HIS G 184 21.28 18.44 14.62
N SER G 185 20.99 17.15 14.46
CA SER G 185 20.01 16.47 15.33
C SER G 185 20.40 16.70 16.78
N LEU G 186 21.69 16.76 17.05
CA LEU G 186 22.21 16.86 18.44
C LEU G 186 21.80 18.18 19.09
N GLY G 187 21.44 19.19 18.30
CA GLY G 187 20.97 20.49 18.84
C GLY G 187 19.81 20.29 19.78
N PHE G 188 18.94 19.33 19.47
CA PHE G 188 17.84 19.01 20.39
C PHE G 188 18.37 18.51 21.72
N ALA G 189 19.31 17.56 21.67
CA ALA G 189 19.82 16.95 22.89
C ALA G 189 20.64 17.91 23.71
N THR G 190 21.43 18.77 23.07
CA THR G 190 22.24 19.73 23.83
C THR G 190 21.33 20.73 24.55
N VAL G 191 20.36 21.29 23.81
CA VAL G 191 19.42 22.23 24.40
C VAL G 191 18.58 21.57 25.48
N ARG G 192 18.18 20.31 25.25
CA ARG G 192 17.41 19.60 26.28
C ARG G 192 18.21 19.46 27.57
N GLY G 193 19.49 19.11 27.44
CA GLY G 193 20.34 19.01 28.62
C GLY G 193 20.52 20.34 29.34
N VAL G 194 20.77 21.40 28.58
CA VAL G 194 20.95 22.72 29.17
C VAL G 194 19.66 23.19 29.85
N ALA G 195 18.53 23.05 29.16
CA ALA G 195 17.27 23.53 29.70
C ALA G 195 16.89 22.81 30.99
N GLN G 196 17.36 21.57 31.17
CA GLN G 196 17.13 20.84 32.41
C GLN G 196 17.76 21.53 33.61
N HIS G 197 18.77 22.38 33.40
CA HIS G 197 19.53 22.96 34.50
C HIS G 197 19.39 24.48 34.57
N LEU G 198 18.28 25.02 34.08
CA LEU G 198 18.02 26.44 34.17
C LEU G 198 17.06 26.80 35.30
N ASN G 199 16.71 25.84 36.15
CA ASN G 199 15.71 26.03 37.19
C ASN G 199 14.51 26.82 36.69
N GLY G 200 13.93 26.32 35.59
CA GLY G 200 12.70 26.87 35.07
C GLY G 200 12.83 28.14 34.27
N LYS G 201 13.99 28.80 34.30
CA LYS G 201 14.17 29.95 33.43
C LYS G 201 14.17 29.52 31.96
N LYS G 202 14.01 30.49 31.07
CA LYS G 202 13.79 30.25 29.65
C LYS G 202 15.10 30.37 28.87
N LEU G 203 15.15 29.64 27.76
CA LEU G 203 16.34 29.53 26.91
C LEU G 203 15.99 29.96 25.50
N GLY G 204 16.66 31.00 25.01
CA GLY G 204 16.60 31.36 23.61
C GLY G 204 17.67 30.66 22.79
N ILE G 205 17.55 30.76 21.48
CA ILE G 205 18.45 30.03 20.58
C ILE G 205 18.80 30.91 19.40
N LEU G 206 20.10 31.04 19.15
CA LEU G 206 20.59 31.75 17.95
C LEU G 206 21.05 30.63 17.03
N HIS G 207 20.33 30.39 15.94
CA HIS G 207 20.58 29.25 15.03
C HIS G 207 21.16 29.71 13.69
N PHE G 208 22.41 29.43 13.38
CA PHE G 208 23.03 29.75 12.08
C PHE G 208 22.85 28.54 11.17
N ASP G 209 22.19 28.70 10.05
CA ASP G 209 21.85 27.55 9.18
C ASP G 209 21.12 27.98 7.92
N ARG G 210 21.27 27.22 6.85
CA ARG G 210 20.48 27.43 5.61
C ARG G 210 19.19 26.62 5.76
N HIS G 211 19.16 25.70 6.72
CA HIS G 211 18.01 24.78 6.89
C HIS G 211 17.23 25.07 8.20
N VAL G 212 15.91 25.08 8.12
CA VAL G 212 15.01 25.42 9.26
C VAL G 212 15.13 24.39 10.39
N ASP G 213 15.32 23.11 10.08
CA ASP G 213 15.55 22.09 11.13
C ASP G 213 14.37 22.13 12.11
N THR G 214 13.17 22.31 11.58
CA THR G 214 11.98 22.48 12.43
C THR G 214 10.81 21.56 12.05
N GLN G 215 11.05 20.38 11.47
CA GLN G 215 9.97 19.45 11.19
C GLN G 215 9.95 18.32 12.23
N ASP G 216 8.87 17.54 12.21
CA ASP G 216 8.64 16.56 13.28
C ASP G 216 9.50 15.30 13.13
N THR G 217 9.37 14.60 11.98
CA THR G 217 10.23 13.46 11.77
C THR G 217 10.86 13.59 10.36
N ASP G 218 11.85 12.74 10.11
CA ASP G 218 12.47 12.62 8.79
C ASP G 218 12.99 11.21 8.74
N LEU G 219 12.60 10.44 7.71
CA LEU G 219 12.94 9.02 7.64
C LEU G 219 12.59 8.31 8.94
N ASP G 220 11.45 8.70 9.52
CA ASP G 220 10.82 8.05 10.68
C ASP G 220 11.54 8.31 12.00
N GLU G 221 12.48 9.24 12.04
CA GLU G 221 13.20 9.54 13.28
C GLU G 221 13.41 11.05 13.40
N ARG G 222 13.91 11.45 14.57
CA ARG G 222 14.14 12.86 14.89
C ARG G 222 15.54 13.26 14.42
N MET G 223 15.67 13.32 13.09
CA MET G 223 16.95 13.55 12.42
C MET G 223 17.31 15.05 12.41
N HIS G 224 18.39 15.42 11.71
CA HIS G 224 18.95 16.81 11.77
C HIS G 224 18.00 17.86 11.20
N THR G 225 16.93 17.45 10.53
CA THR G 225 15.92 18.38 10.08
C THR G 225 14.83 18.64 11.12
N THR G 226 14.92 18.04 12.30
CA THR G 226 13.84 18.13 13.31
C THR G 226 14.23 18.70 14.67
N PRO G 227 15.51 19.02 14.96
CA PRO G 227 15.88 19.32 16.33
C PRO G 227 15.05 20.44 16.97
N TRP G 228 14.77 21.52 16.25
CA TRP G 228 14.11 22.69 16.88
C TRP G 228 12.62 22.48 17.07
N PHE G 229 11.97 21.60 16.31
CA PHE G 229 10.56 21.24 16.54
C PHE G 229 10.46 20.67 17.96
N HIS G 230 11.35 19.75 18.28
CA HIS G 230 11.31 19.05 19.56
C HIS G 230 11.93 19.85 20.69
N ALA G 231 12.95 20.67 20.39
CA ALA G 231 13.49 21.53 21.44
C ALA G 231 12.45 22.54 21.89
N THR G 232 11.74 23.18 20.94
CA THR G 232 10.76 24.19 21.32
C THR G 232 9.48 23.58 21.90
N ASN G 233 9.34 22.26 21.88
CA ASN G 233 8.30 21.62 22.67
C ASN G 233 8.62 21.65 24.16
N ILE G 234 9.88 21.86 24.53
CA ILE G 234 10.23 21.90 25.95
C ILE G 234 9.64 23.14 26.58
N PRO G 235 9.00 23.04 27.75
CA PRO G 235 8.22 24.18 28.26
C PRO G 235 9.03 25.46 28.41
N ASN G 236 10.31 25.40 28.77
CA ASN G 236 11.10 26.60 28.98
C ASN G 236 12.03 26.90 27.80
N VAL G 237 11.72 26.40 26.61
CA VAL G 237 12.41 26.77 25.38
C VAL G 237 11.40 27.38 24.42
N PRO G 238 11.17 28.69 24.45
CA PRO G 238 10.11 29.29 23.63
C PRO G 238 10.53 29.44 22.17
N ALA G 239 9.64 29.00 21.27
CA ALA G 239 9.91 29.11 19.85
C ALA G 239 10.05 30.56 19.41
N LYS G 240 9.39 31.49 20.11
CA LYS G 240 9.49 32.89 19.72
C LYS G 240 10.90 33.44 19.91
N ASN G 241 11.73 32.77 20.71
CA ASN G 241 13.10 33.19 20.93
C ASN G 241 14.09 32.38 20.11
N LEU G 242 13.60 31.59 19.15
CA LEU G 242 14.44 30.86 18.20
C LEU G 242 14.64 31.74 16.97
N VAL G 243 15.85 32.23 16.77
CA VAL G 243 16.20 33.12 15.68
C VAL G 243 17.04 32.33 14.68
N GLN G 244 16.56 32.24 13.44
CA GLN G 244 17.12 31.37 12.41
C GLN G 244 17.77 32.27 11.37
N ILE G 245 19.09 32.19 11.29
CA ILE G 245 19.91 33.15 10.57
C ILE G 245 20.54 32.41 9.39
N GLY G 246 20.12 32.76 8.18
CA GLY G 246 20.72 32.24 6.98
C GLY G 246 19.85 31.30 6.17
N ILE G 247 18.61 31.12 6.57
CA ILE G 247 17.73 30.14 5.89
C ILE G 247 17.64 30.44 4.40
N GLY G 248 17.79 29.42 3.56
CA GLY G 248 17.59 29.59 2.13
C GLY G 248 18.03 28.36 1.37
N GLY G 249 17.83 28.42 0.06
CA GLY G 249 18.25 27.34 -0.80
C GLY G 249 17.16 26.34 -1.10
N TRP G 250 17.55 25.09 -1.41
CA TRP G 250 16.62 24.06 -1.84
C TRP G 250 16.54 22.89 -0.85
N GLN G 251 16.97 23.10 0.39
CA GLN G 251 17.01 22.02 1.40
C GLN G 251 16.32 22.44 2.71
N ALA G 252 15.57 23.54 2.73
CA ALA G 252 14.74 23.94 3.90
C ALA G 252 13.37 23.32 3.63
N PRO G 253 13.03 22.16 4.22
CA PRO G 253 11.81 21.42 3.83
C PRO G 253 10.53 22.13 4.23
N ARG G 254 9.50 21.93 3.41
CA ARG G 254 8.22 22.59 3.64
C ARG G 254 7.58 22.27 4.98
N PRO G 255 7.55 21.02 5.46
CA PRO G 255 6.98 20.79 6.79
C PRO G 255 7.71 21.56 7.88
N GLY G 256 9.02 21.76 7.75
CA GLY G 256 9.73 22.58 8.72
C GLY G 256 9.34 24.04 8.63
N VAL G 257 9.17 24.56 7.42
CA VAL G 257 8.75 25.95 7.26
C VAL G 257 7.38 26.16 7.92
N LYS G 258 6.45 25.25 7.65
CA LYS G 258 5.11 25.37 8.20
C LYS G 258 5.14 25.37 9.73
N ALA G 259 5.81 24.40 10.34
CA ALA G 259 5.87 24.35 11.79
C ALA G 259 6.51 25.60 12.37
N GLY G 260 7.58 26.10 11.74
CA GLY G 260 8.20 27.32 12.26
C GLY G 260 7.28 28.51 12.16
N ARG G 261 6.54 28.62 11.05
CA ARG G 261 5.54 29.67 10.92
C ARG G 261 4.51 29.62 12.04
N GLU G 262 3.99 28.43 12.31
CA GLU G 262 2.96 28.28 13.34
C GLU G 262 3.50 28.67 14.71
N ARG G 263 4.75 28.33 14.99
CA ARG G 263 5.38 28.61 16.27
C ARG G 263 6.00 29.99 16.36
N GLN G 264 6.03 30.73 15.24
CA GLN G 264 6.49 32.11 15.20
C GLN G 264 7.98 32.23 15.54
N THR G 265 8.78 31.34 14.96
CA THR G 265 10.22 31.58 14.95
C THR G 265 10.53 32.79 14.06
N THR G 266 11.72 33.35 14.24
CA THR G 266 12.19 34.45 13.42
C THR G 266 13.17 33.90 12.41
N ILE G 267 13.03 34.32 11.15
CA ILE G 267 13.94 33.90 10.08
C ILE G 267 14.45 35.14 9.38
N MET G 268 15.76 35.15 9.12
CA MET G 268 16.41 36.14 8.28
C MET G 268 17.28 35.36 7.30
N THR G 269 17.03 35.54 6.01
CA THR G 269 17.86 34.87 5.00
C THR G 269 19.24 35.51 4.93
N VAL G 270 20.14 34.88 4.18
CA VAL G 270 21.45 35.46 3.93
C VAL G 270 21.31 36.81 3.27
N THR G 271 20.49 36.89 2.22
CA THR G 271 20.31 38.16 1.52
C THR G 271 19.67 39.21 2.44
N ASP G 272 18.70 38.80 3.27
CA ASP G 272 18.17 39.73 4.28
C ASP G 272 19.28 40.34 5.12
N CYS G 273 20.18 39.49 5.63
CA CYS G 273 21.20 39.97 6.56
C CYS G 273 22.21 40.87 5.86
N VAL G 274 22.68 40.46 4.70
CA VAL G 274 23.68 41.25 3.97
C VAL G 274 23.08 42.57 3.50
N GLU G 275 21.82 42.56 3.08
CA GLU G 275 21.20 43.78 2.56
C GLU G 275 20.95 44.80 3.66
N MET G 276 20.54 44.34 4.84
CA MET G 276 20.26 45.27 5.95
C MET G 276 21.54 45.75 6.61
N GLY G 277 22.63 45.01 6.43
CA GLY G 277 23.88 45.30 7.09
C GLY G 277 24.06 44.33 8.25
N ILE G 278 25.25 43.75 8.37
CA ILE G 278 25.47 42.73 9.39
C ILE G 278 25.26 43.33 10.78
N GLU G 279 25.67 44.55 11.04
CA GLU G 279 25.52 45.10 12.39
C GLU G 279 24.03 45.14 12.75
N ASN G 280 23.19 45.54 11.81
CA ASN G 280 21.74 45.69 12.04
C ASN G 280 21.10 44.31 12.21
N ALA G 281 21.57 43.32 11.45
CA ALA G 281 21.03 41.96 11.52
C ALA G 281 21.34 41.38 12.91
N ALA G 282 22.55 41.57 13.41
CA ALA G 282 22.96 41.08 14.73
C ALA G 282 22.09 41.76 15.81
N LYS G 283 21.89 43.05 15.67
CA LYS G 283 21.08 43.80 16.66
C LYS G 283 19.67 43.21 16.69
N GLN G 284 19.09 42.99 15.52
CA GLN G 284 17.73 42.44 15.39
C GLN G 284 17.73 41.02 15.96
N ALA G 285 18.72 40.22 15.62
CA ALA G 285 18.79 38.81 16.05
C ALA G 285 18.94 38.75 17.57
N LEU G 286 19.77 39.60 18.15
CA LEU G 286 20.00 39.64 19.62
C LEU G 286 18.71 40.08 20.32
N GLU G 287 18.04 41.10 19.79
CA GLU G 287 16.82 41.65 20.41
C GLU G 287 15.80 40.53 20.53
N VAL G 288 15.62 39.74 19.47
CA VAL G 288 14.57 38.69 19.45
C VAL G 288 15.00 37.53 20.33
N ALA G 289 16.27 37.10 20.25
CA ALA G 289 16.66 35.92 20.99
C ALA G 289 16.64 36.16 22.50
N PHE G 290 16.97 37.38 22.94
CA PHE G 290 17.07 37.69 24.35
C PHE G 290 15.81 38.36 24.91
N ASP G 291 14.76 38.47 24.12
CA ASP G 291 13.52 39.13 24.54
C ASP G 291 12.85 38.30 25.63
N GLY G 292 12.97 38.76 26.87
CA GLY G 292 12.35 38.06 27.99
C GLY G 292 13.08 36.83 28.44
N VAL G 293 14.33 36.65 28.04
CA VAL G 293 15.13 35.50 28.47
C VAL G 293 16.55 35.99 28.73
N ASP G 294 17.22 35.37 29.69
CA ASP G 294 18.61 35.68 29.99
C ASP G 294 19.59 34.73 29.33
N ALA G 295 19.24 33.44 29.23
CA ALA G 295 20.13 32.43 28.69
C ALA G 295 19.82 32.21 27.21
N VAL G 296 20.86 32.26 26.38
CA VAL G 296 20.72 32.00 24.96
C VAL G 296 21.83 31.05 24.53
N TRP G 297 21.45 30.07 23.71
CA TRP G 297 22.34 29.03 23.21
C TRP G 297 22.67 29.34 21.76
N LEU G 298 23.95 29.21 21.40
CA LEU G 298 24.40 29.44 20.02
C LEU G 298 24.57 28.10 19.31
N SER G 299 23.77 27.86 18.27
CA SER G 299 23.86 26.63 17.44
C SER G 299 24.33 27.05 16.04
N PHE G 300 25.56 26.68 15.70
CA PHE G 300 26.16 27.12 14.45
C PHE G 300 26.38 25.90 13.55
N ASP G 301 25.69 25.89 12.42
CA ASP G 301 25.88 24.86 11.39
C ASP G 301 26.87 25.44 10.38
N VAL G 302 27.95 24.73 10.12
CA VAL G 302 29.01 25.22 9.18
C VAL G 302 28.41 25.45 7.79
N ASP G 303 27.27 24.81 7.49
CA ASP G 303 26.68 24.89 6.14
C ASP G 303 26.08 26.27 5.85
N CYS G 304 25.96 27.12 6.86
CA CYS G 304 25.45 28.50 6.64
C CYS G 304 26.47 29.28 5.82
N LEU G 305 27.72 28.81 5.75
CA LEU G 305 28.71 29.43 4.85
C LEU G 305 28.55 28.85 3.45
N ASP G 306 28.78 29.67 2.42
CA ASP G 306 28.76 29.17 1.06
C ASP G 306 29.60 27.90 0.96
N ALA G 307 29.06 26.91 0.25
CA ALA G 307 29.70 25.61 0.08
C ALA G 307 31.20 25.65 -0.16
N ALA G 308 31.68 26.64 -0.93
CA ALA G 308 33.11 26.69 -1.26
C ALA G 308 33.99 26.82 -0.02
N PHE G 309 33.49 27.47 1.03
CA PHE G 309 34.26 27.64 2.25
C PHE G 309 34.10 26.46 3.20
N VAL G 310 33.08 25.65 3.00
CA VAL G 310 32.76 24.52 3.92
C VAL G 310 32.44 23.27 3.10
N PRO G 311 33.36 22.83 2.21
CA PRO G 311 33.07 21.70 1.34
C PRO G 311 32.83 20.42 2.18
N GLY G 312 33.39 20.37 3.37
CA GLY G 312 33.29 19.20 4.22
C GLY G 312 32.06 19.22 5.10
N THR G 313 30.91 19.10 4.46
CA THR G 313 29.61 19.12 5.16
C THR G 313 28.65 18.18 4.43
N GLY G 314 27.61 17.72 5.10
CA GLY G 314 26.71 16.72 4.48
C GLY G 314 25.62 17.34 3.63
N TRP G 315 25.35 18.62 3.81
CA TRP G 315 24.24 19.32 3.10
C TRP G 315 24.71 20.70 2.65
N PRO G 316 25.71 20.74 1.75
CA PRO G 316 26.22 22.01 1.25
C PRO G 316 25.21 22.79 0.40
N GLU G 317 25.29 24.11 0.42
CA GLU G 317 24.39 24.95 -0.40
C GLU G 317 25.13 26.19 -0.92
N PRO G 318 24.97 26.54 -2.21
CA PRO G 318 25.51 27.81 -2.69
C PRO G 318 24.71 28.99 -2.16
N GLY G 319 25.33 30.17 -2.20
CA GLY G 319 24.65 31.39 -1.82
C GLY G 319 24.58 31.64 -0.34
N GLY G 320 25.48 31.02 0.44
CA GLY G 320 25.52 31.25 1.86
C GLY G 320 26.35 32.46 2.21
N PHE G 321 26.60 32.60 3.51
CA PHE G 321 27.45 33.68 4.00
C PHE G 321 28.87 33.55 3.50
N LEU G 322 29.55 34.70 3.34
CA LEU G 322 30.99 34.73 3.22
C LEU G 322 31.63 34.83 4.61
N PRO G 323 32.86 34.33 4.76
CA PRO G 323 33.47 34.29 6.10
C PRO G 323 33.46 35.61 6.86
N ARG G 324 33.88 36.71 6.23
CA ARG G 324 33.93 37.97 6.98
C ARG G 324 32.55 38.40 7.43
N GLU G 325 31.52 38.04 6.67
CA GLU G 325 30.16 38.40 7.06
C GLU G 325 29.74 37.66 8.32
N VAL G 326 29.90 36.34 8.33
CA VAL G 326 29.42 35.58 9.49
C VAL G 326 30.34 35.77 10.69
N LEU G 327 31.64 36.00 10.49
CA LEU G 327 32.52 36.25 11.64
C LEU G 327 32.20 37.59 12.30
N LYS G 328 31.90 38.62 11.52
CA LYS G 328 31.45 39.88 12.10
C LYS G 328 30.15 39.68 12.88
N PHE G 329 29.22 38.93 12.30
CA PHE G 329 27.95 38.64 12.97
C PHE G 329 28.20 37.99 14.33
N LEU G 330 29.01 36.94 14.34
CA LEU G 330 29.32 36.23 15.58
C LEU G 330 30.06 37.10 16.59
N GLN G 331 30.98 37.94 16.11
CA GLN G 331 31.74 38.80 17.02
C GLN G 331 30.83 39.79 17.72
N ILE G 332 29.88 40.37 16.98
CA ILE G 332 28.94 41.31 17.58
C ILE G 332 28.07 40.61 18.62
N ILE G 333 27.50 39.47 18.26
CA ILE G 333 26.72 38.68 19.22
C ILE G 333 27.53 38.43 20.49
N ALA G 334 28.72 37.87 20.33
CA ALA G 334 29.49 37.41 21.48
C ALA G 334 30.12 38.55 22.27
N ASP G 335 30.27 39.73 21.67
CA ASP G 335 30.66 40.91 22.44
C ASP G 335 29.51 41.50 23.24
N THR G 336 28.29 41.41 22.73
CA THR G 336 27.16 42.15 23.29
C THR G 336 26.48 41.44 24.45
N LYS G 337 26.40 40.12 24.42
CA LYS G 337 25.64 39.37 25.40
C LYS G 337 26.42 38.15 25.84
N PRO G 338 26.22 37.71 27.08
CA PRO G 338 26.73 36.39 27.49
C PRO G 338 25.97 35.29 26.80
N LEU G 339 26.66 34.19 26.51
CA LEU G 339 26.03 33.02 25.94
C LEU G 339 26.07 31.87 26.96
N ALA G 340 25.06 31.01 26.89
CA ALA G 340 25.00 29.84 27.78
C ALA G 340 25.94 28.75 27.34
N GLY G 341 26.29 28.74 26.08
CA GLY G 341 27.17 27.73 25.51
C GLY G 341 27.03 27.77 24.01
N MET G 342 27.72 26.86 23.34
CA MET G 342 27.65 26.83 21.89
C MET G 342 27.94 25.42 21.38
N GLU G 343 27.40 25.14 20.20
CA GLU G 343 27.71 23.93 19.47
C GLU G 343 28.03 24.33 18.03
N ILE G 344 28.98 23.63 17.42
CA ILE G 344 29.31 23.81 16.02
C ILE G 344 29.14 22.45 15.35
N VAL G 345 28.20 22.37 14.43
CA VAL G 345 27.81 21.05 13.89
C VAL G 345 27.94 20.91 12.38
N GLU G 346 27.98 19.66 11.91
CA GLU G 346 27.93 19.30 10.47
C GLU G 346 29.29 19.34 9.80
N CYS G 347 30.39 19.57 10.52
CA CYS G 347 31.70 19.42 9.89
C CYS G 347 31.94 17.93 9.58
N ALA G 348 32.22 17.61 8.32
CA ALA G 348 32.40 16.24 7.85
C ALA G 348 33.75 16.07 7.18
N PRO G 349 34.78 15.70 7.94
CA PRO G 349 36.16 15.70 7.41
C PRO G 349 36.34 14.83 6.18
N PRO G 350 35.66 13.70 6.01
CA PRO G 350 35.86 12.90 4.81
C PRO G 350 35.57 13.65 3.50
N TYR G 351 34.81 14.74 3.53
CA TYR G 351 34.49 15.58 2.35
C TYR G 351 35.29 16.89 2.39
N ASP G 352 36.22 17.01 3.31
CA ASP G 352 36.89 18.31 3.52
C ASP G 352 38.08 18.43 2.57
N ALA G 353 38.27 19.63 2.04
CA ALA G 353 39.38 19.90 1.10
C ALA G 353 40.42 20.63 1.91
N ALA G 354 41.52 19.96 2.27
CA ALA G 354 42.63 20.66 2.93
C ALA G 354 42.15 21.15 4.29
N GLU G 355 41.11 20.54 4.84
CA GLU G 355 40.64 20.82 6.23
C GLU G 355 40.13 22.25 6.41
N ILE G 356 39.67 22.92 5.36
CA ILE G 356 39.27 24.33 5.49
C ILE G 356 37.93 24.41 6.22
N THR G 357 37.12 23.34 6.20
CA THR G 357 35.87 23.36 6.95
C THR G 357 36.12 23.24 8.44
N SER G 358 36.97 22.29 8.83
CA SER G 358 37.36 22.22 10.25
C SER G 358 38.09 23.49 10.71
N LEU G 359 38.87 24.10 9.82
CA LEU G 359 39.48 25.39 10.10
C LEU G 359 38.42 26.47 10.38
N MET G 360 37.41 26.55 9.51
CA MET G 360 36.33 27.52 9.74
C MET G 360 35.67 27.29 11.10
N ALA G 361 35.41 26.04 11.44
CA ALA G 361 34.76 25.72 12.72
C ALA G 361 35.64 26.14 13.89
N THR G 362 36.94 25.90 13.77
CA THR G 362 37.87 26.31 14.82
C THR G 362 37.89 27.82 14.98
N ARG G 363 37.85 28.52 13.85
CA ARG G 363 37.86 29.97 13.89
C ARG G 363 36.60 30.52 14.54
N VAL G 364 35.44 29.97 14.21
CA VAL G 364 34.19 30.41 14.82
C VAL G 364 34.25 30.25 16.33
N ILE G 365 34.71 29.09 16.79
CA ILE G 365 34.82 28.88 18.24
C ILE G 365 35.72 29.93 18.87
N CYS G 366 36.93 30.07 18.34
CA CYS G 366 37.92 30.92 19.00
C CYS G 366 37.50 32.39 18.98
N ASP G 367 36.88 32.86 17.88
CA ASP G 367 36.38 34.23 17.86
C ASP G 367 35.27 34.43 18.91
N VAL G 368 34.37 33.45 19.04
CA VAL G 368 33.27 33.59 20.00
C VAL G 368 33.83 33.62 21.43
N LEU G 369 34.78 32.72 21.72
CA LEU G 369 35.39 32.72 23.05
C LEU G 369 36.14 34.02 23.32
N ALA G 370 36.90 34.50 22.33
CA ALA G 370 37.67 35.73 22.53
C ALA G 370 36.75 36.91 22.80
N CYS G 371 35.63 36.98 22.10
CA CYS G 371 34.72 38.11 22.29
C CYS G 371 34.00 38.00 23.63
N GLN G 372 33.60 36.79 24.02
CA GLN G 372 33.03 36.59 25.35
C GLN G 372 34.00 37.08 26.43
N VAL G 373 35.29 36.81 26.24
CA VAL G 373 36.29 37.13 27.25
C VAL G 373 36.53 38.63 27.32
N ARG G 374 36.77 39.26 26.16
CA ARG G 374 37.12 40.68 26.18
C ARG G 374 35.94 41.55 26.58
N SER G 375 34.72 41.05 26.44
CA SER G 375 33.53 41.78 26.84
C SER G 375 33.04 41.40 28.22
N GLY G 376 33.80 40.59 28.96
CA GLY G 376 33.51 40.32 30.36
C GLY G 376 32.46 39.27 30.62
N HIS G 377 32.08 38.48 29.61
CA HIS G 377 31.08 37.44 29.76
C HIS G 377 31.69 36.09 30.12
N LEU G 378 33.01 36.00 30.11
CA LEU G 378 33.72 34.74 30.34
C LEU G 378 35.11 35.10 30.82
N GLY G 379 35.64 34.27 31.72
CA GLY G 379 37.01 34.44 32.20
C GLY G 379 37.15 35.53 33.24
N LYS H 6 72.99 -15.59 -17.38
CA LYS H 6 72.22 -14.73 -16.49
C LYS H 6 73.16 -13.86 -15.65
N ARG H 7 72.58 -13.07 -14.75
CA ARG H 7 73.31 -12.05 -14.00
C ARG H 7 73.60 -12.60 -12.61
N THR H 8 74.85 -12.99 -12.39
CA THR H 8 75.26 -13.56 -11.11
C THR H 8 76.61 -12.94 -10.73
N TYR H 9 76.91 -13.00 -9.44
CA TYR H 9 78.21 -12.57 -8.89
C TYR H 9 79.29 -13.25 -9.71
N GLN H 10 80.33 -12.51 -10.07
CA GLN H 10 81.34 -13.01 -11.01
C GLN H 10 82.68 -13.27 -10.32
N GLY H 11 82.86 -12.78 -9.09
CA GLY H 11 84.13 -12.92 -8.37
C GLY H 11 85.15 -11.88 -8.77
N LYS H 12 84.77 -10.90 -9.58
CA LYS H 12 85.69 -9.81 -10.02
C LYS H 12 85.92 -8.88 -8.83
N VAL H 13 84.88 -8.64 -8.05
CA VAL H 13 84.97 -7.76 -6.84
C VAL H 13 84.76 -8.64 -5.62
N PRO H 14 85.77 -8.86 -4.75
CA PRO H 14 85.61 -9.76 -3.63
C PRO H 14 84.51 -9.29 -2.68
N LEU H 15 83.57 -10.18 -2.34
CA LEU H 15 82.44 -9.84 -1.44
C LEU H 15 82.19 -11.01 -0.49
N HIS H 16 81.86 -10.72 0.75
CA HIS H 16 81.50 -11.74 1.75
C HIS H 16 80.29 -12.53 1.26
N ASP H 17 79.97 -13.60 2.00
CA ASP H 17 79.02 -14.59 1.51
C ASP H 17 77.63 -14.47 2.13
N ASN H 18 77.35 -13.39 2.86
CA ASN H 18 76.03 -13.23 3.45
C ASN H 18 75.06 -12.44 2.57
N TYR H 19 75.54 -11.90 1.44
CA TYR H 19 74.67 -11.27 0.48
C TYR H 19 73.68 -12.26 -0.13
N GLY H 20 72.48 -11.79 -0.41
CA GLY H 20 71.59 -12.52 -1.29
C GLY H 20 72.15 -12.52 -2.69
N PRO H 21 71.74 -13.48 -3.53
CA PRO H 21 72.37 -13.59 -4.87
C PRO H 21 72.22 -12.35 -5.74
N GLU H 22 71.00 -11.82 -5.84
CA GLU H 22 70.80 -10.62 -6.65
C GLU H 22 71.56 -9.44 -6.06
N ALA H 23 71.56 -9.32 -4.73
CA ALA H 23 72.32 -8.24 -4.09
C ALA H 23 73.81 -8.40 -4.35
N LYS H 24 74.31 -9.63 -4.35
CA LYS H 24 75.74 -9.85 -4.56
C LYS H 24 76.14 -9.43 -5.97
N TYR H 25 75.36 -9.84 -6.97
CA TYR H 25 75.56 -9.33 -8.32
C TYR H 25 75.56 -7.81 -8.33
N ALA H 26 74.59 -7.20 -7.65
CA ALA H 26 74.41 -5.76 -7.74
C ALA H 26 75.59 -5.01 -7.14
N VAL H 27 76.05 -5.43 -5.96
CA VAL H 27 77.11 -4.70 -5.28
C VAL H 27 78.40 -4.79 -6.08
N GLU H 28 78.70 -5.96 -6.63
CA GLU H 28 79.85 -6.10 -7.52
C GLU H 28 79.70 -5.23 -8.76
N ALA H 29 78.52 -5.26 -9.40
CA ALA H 29 78.35 -4.53 -10.65
C ALA H 29 78.53 -3.03 -10.45
N GLU H 30 78.05 -2.50 -9.33
CA GLU H 30 78.20 -1.07 -9.08
C GLU H 30 79.68 -0.69 -9.00
N ALA H 31 80.49 -1.52 -8.35
CA ALA H 31 81.90 -1.21 -8.17
C ALA H 31 82.66 -1.12 -9.49
N LEU H 32 82.12 -1.72 -10.56
CA LEU H 32 82.76 -1.72 -11.86
C LEU H 32 82.26 -0.63 -12.77
N LEU H 33 81.22 0.13 -12.37
CA LEU H 33 80.66 1.17 -13.24
C LEU H 33 81.55 2.41 -13.26
N PRO H 34 81.66 3.08 -14.40
CA PRO H 34 82.43 4.33 -14.48
C PRO H 34 81.68 5.50 -13.85
N THR H 35 82.41 6.63 -13.75
CA THR H 35 81.88 7.87 -13.19
C THR H 35 82.10 9.06 -14.11
N THR H 36 82.52 8.82 -15.35
CA THR H 36 82.87 9.91 -16.26
C THR H 36 81.70 10.87 -16.47
N LYS H 37 80.54 10.33 -16.81
CA LYS H 37 79.42 11.20 -17.17
C LYS H 37 78.89 11.93 -15.94
N PHE H 38 78.96 11.32 -14.76
CA PHE H 38 78.65 12.04 -13.52
C PHE H 38 79.55 13.26 -13.36
N GLU H 39 80.86 13.08 -13.53
CA GLU H 39 81.79 14.20 -13.38
C GLU H 39 81.55 15.28 -14.42
N GLU H 40 81.13 14.92 -15.62
CA GLU H 40 80.83 15.93 -16.67
C GLU H 40 79.60 16.75 -16.27
N GLU H 41 78.60 16.10 -15.71
CA GLU H 41 77.35 16.78 -15.28
C GLU H 41 77.65 17.74 -14.13
N ILE H 42 78.46 17.32 -13.16
CA ILE H 42 78.85 18.22 -12.04
C ILE H 42 79.53 19.46 -12.64
N ALA H 43 80.49 19.29 -13.53
CA ALA H 43 81.24 20.40 -14.12
C ALA H 43 80.29 21.37 -14.84
N ARG H 44 79.42 20.83 -15.68
CA ARG H 44 78.50 21.68 -16.49
C ARG H 44 77.57 22.41 -15.53
N GLY H 45 77.14 21.71 -14.48
CA GLY H 45 76.23 22.30 -13.49
C GLY H 45 76.83 23.52 -12.83
N LEU H 46 78.12 23.48 -12.50
CA LEU H 46 78.77 24.61 -11.81
C LEU H 46 78.99 25.75 -12.79
N GLU H 47 79.26 25.44 -14.05
CA GLU H 47 79.47 26.47 -15.08
C GLU H 47 78.15 27.17 -15.38
N LEU H 48 77.09 26.41 -15.59
CA LEU H 48 75.79 27.00 -16.00
C LEU H 48 75.00 27.51 -14.78
N GLY H 49 75.13 26.90 -13.61
CA GLY H 49 74.34 27.27 -12.46
C GLY H 49 75.09 28.06 -11.42
N LEU H 50 76.35 28.41 -11.66
CA LEU H 50 77.22 29.09 -10.74
C LEU H 50 77.70 28.16 -9.64
N PRO H 51 78.91 28.39 -9.10
CA PRO H 51 79.29 27.69 -7.86
C PRO H 51 78.33 28.05 -6.75
N GLY H 52 78.13 27.12 -5.84
CA GLY H 52 77.26 27.36 -4.70
C GLY H 52 77.84 28.42 -3.78
N ALA H 53 77.03 28.85 -2.82
CA ALA H 53 77.47 29.83 -1.85
C ALA H 53 78.62 29.26 -1.01
N ASP H 54 79.35 30.17 -0.37
CA ASP H 54 80.56 29.79 0.37
C ASP H 54 80.26 28.86 1.54
N SER H 55 79.04 28.93 2.11
CA SER H 55 78.73 28.05 3.24
C SER H 55 78.50 26.60 2.83
N ILE H 56 78.38 26.32 1.53
CA ILE H 56 78.16 24.95 1.06
C ILE H 56 79.49 24.23 1.03
N LYS H 57 79.65 23.15 1.63
CA LYS H 57 80.88 22.39 1.78
C LYS H 57 81.14 21.50 0.57
N ASP H 58 80.10 20.91 0.13
CA ASP H 58 80.22 20.05 -1.05
C ASP H 58 80.36 20.96 -2.26
N ARG H 59 81.56 20.99 -2.84
CA ARG H 59 81.87 21.89 -3.94
C ARG H 59 81.33 21.41 -5.28
N ARG H 60 80.64 20.28 -5.32
CA ARG H 60 79.90 19.86 -6.49
C ARG H 60 78.54 20.55 -6.62
N ILE H 61 78.12 21.34 -5.64
CA ILE H 61 76.76 21.88 -5.59
C ILE H 61 76.78 23.28 -6.18
N PRO H 62 75.98 23.56 -7.22
CA PRO H 62 75.88 24.91 -7.78
C PRO H 62 74.88 25.77 -7.01
N THR H 63 74.73 27.03 -7.45
CA THR H 63 73.71 27.88 -6.85
C THR H 63 72.33 27.53 -7.43
N PHE H 64 72.25 27.36 -8.75
CA PHE H 64 71.03 26.94 -9.42
C PHE H 64 71.11 25.45 -9.74
N SER H 65 70.00 24.76 -9.48
CA SER H 65 69.93 23.35 -9.80
C SER H 65 70.10 23.12 -11.29
N ARG H 66 71.09 22.30 -11.64
CA ARG H 66 71.43 22.00 -13.05
C ARG H 66 71.95 20.57 -13.08
N GLY H 67 71.05 19.62 -13.24
CA GLY H 67 71.39 18.22 -13.24
C GLY H 67 70.39 17.42 -12.43
N GLU H 68 70.84 16.28 -11.92
CA GLU H 68 69.97 15.40 -11.17
C GLU H 68 69.39 16.07 -9.93
N LEU H 69 70.25 16.79 -9.17
CA LEU H 69 69.85 17.19 -7.82
C LEU H 69 69.50 18.68 -7.74
N PRO H 70 68.61 19.05 -6.81
CA PRO H 70 67.79 18.16 -5.96
C PRO H 70 66.69 17.48 -6.78
N HIS H 71 66.24 16.30 -6.36
CA HIS H 71 65.21 15.61 -7.11
C HIS H 71 63.91 16.40 -7.17
N PHE H 72 63.59 17.16 -6.12
CA PHE H 72 62.33 17.90 -6.08
C PHE H 72 62.39 19.20 -6.87
N ALA H 73 63.52 19.48 -7.51
CA ALA H 73 63.75 20.74 -8.17
C ALA H 73 63.91 20.55 -9.68
N GLY H 74 63.75 21.66 -10.38
CA GLY H 74 64.15 21.74 -11.78
C GLY H 74 62.97 21.62 -12.74
N ILE H 75 63.25 21.96 -14.00
CA ILE H 75 62.27 21.80 -15.05
C ILE H 75 62.09 20.31 -15.33
N ASN H 76 60.84 19.88 -15.39
CA ASN H 76 60.55 18.42 -15.46
C ASN H 76 60.60 17.86 -16.89
N THR H 77 61.75 17.40 -17.34
CA THR H 77 61.88 16.61 -18.58
C THR H 77 61.82 15.16 -18.08
N PHE H 78 61.62 14.16 -18.93
CA PHE H 78 61.67 12.74 -18.48
C PHE H 78 63.04 12.46 -17.87
N ILE H 79 63.10 11.96 -16.63
CA ILE H 79 64.31 11.74 -15.82
C ILE H 79 65.33 12.86 -16.01
N LYS H 80 64.83 14.08 -16.12
CA LYS H 80 65.63 15.29 -16.24
C LYS H 80 66.63 15.21 -17.40
N ALA H 81 66.28 14.47 -18.44
CA ALA H 81 67.08 14.46 -19.65
C ALA H 81 67.04 15.84 -20.31
N PRO H 82 68.03 16.15 -21.16
CA PRO H 82 67.99 17.44 -21.85
C PRO H 82 66.78 17.54 -22.77
N TYR H 83 66.16 18.71 -22.75
CA TYR H 83 65.14 19.07 -23.73
C TYR H 83 65.81 19.42 -25.05
N VAL H 84 65.39 18.77 -26.13
CA VAL H 84 65.92 19.02 -27.46
C VAL H 84 64.83 19.75 -28.23
N GLU H 85 64.93 21.09 -28.23
CA GLU H 85 63.93 21.92 -28.88
C GLU H 85 63.89 21.69 -30.40
N ASP H 86 65.06 21.51 -31.01
CA ASP H 86 65.14 21.27 -32.45
C ASP H 86 65.02 19.78 -32.68
N VAL H 87 63.83 19.32 -33.08
CA VAL H 87 63.59 17.88 -33.16
C VAL H 87 64.42 17.25 -34.29
N ARG H 88 64.93 18.05 -35.22
CA ARG H 88 65.82 17.55 -36.26
C ARG H 88 67.14 17.03 -35.71
N LYS H 89 67.45 17.30 -34.44
CA LYS H 89 68.68 16.84 -33.80
C LYS H 89 68.50 15.59 -32.96
N CYS H 90 67.29 15.00 -32.97
CA CYS H 90 67.02 13.90 -32.04
C CYS H 90 67.86 12.67 -32.37
N GLY H 91 68.27 12.52 -33.63
CA GLY H 91 69.16 11.41 -34.00
C GLY H 91 70.53 11.44 -33.35
N GLN H 92 70.88 12.54 -32.69
CA GLN H 92 72.16 12.60 -31.99
C GLN H 92 72.16 11.82 -30.69
N TYR H 93 71.00 11.27 -30.28
CA TYR H 93 70.82 10.61 -29.00
C TYR H 93 70.44 9.15 -29.20
N ASP H 94 70.87 8.31 -28.26
CA ASP H 94 70.50 6.89 -28.32
C ASP H 94 68.99 6.70 -28.14
N VAL H 95 68.38 7.50 -27.28
CA VAL H 95 66.99 7.36 -26.88
C VAL H 95 66.35 8.74 -26.95
N ALA H 96 65.14 8.81 -27.50
CA ALA H 96 64.37 10.05 -27.53
C ALA H 96 62.99 9.80 -26.92
N ILE H 97 62.67 10.54 -25.85
CA ILE H 97 61.36 10.50 -25.22
C ILE H 97 60.47 11.51 -25.91
N LEU H 98 59.24 11.10 -26.25
CA LEU H 98 58.25 12.03 -26.78
C LEU H 98 56.89 11.64 -26.21
N GLY H 99 56.07 12.66 -25.96
CA GLY H 99 54.71 12.47 -25.48
C GLY H 99 53.66 12.61 -26.58
N ALA H 100 52.56 11.90 -26.40
CA ALA H 100 51.40 11.97 -27.27
C ALA H 100 50.19 12.27 -26.39
N PRO H 101 50.02 13.54 -25.99
CA PRO H 101 48.95 13.88 -25.04
C PRO H 101 47.58 13.95 -25.68
N PHE H 102 46.88 12.82 -25.64
CA PHE H 102 45.61 12.66 -26.34
C PHE H 102 44.75 11.65 -25.62
N ASP H 103 43.46 11.99 -25.46
CA ASP H 103 42.50 11.05 -24.88
C ASP H 103 41.17 11.03 -25.64
N GLY H 104 41.15 11.44 -26.90
CA GLY H 104 39.94 11.33 -27.68
C GLY H 104 39.60 9.93 -28.15
N GLY H 105 40.50 8.99 -27.91
CA GLY H 105 40.24 7.59 -28.15
C GLY H 105 39.69 6.83 -26.96
N THR H 106 39.35 7.51 -25.87
CA THR H 106 38.96 6.81 -24.65
C THR H 106 37.46 6.56 -24.64
N THR H 107 37.08 5.35 -24.23
CA THR H 107 35.67 4.94 -24.22
C THR H 107 35.03 5.02 -22.84
N TYR H 108 35.81 5.29 -21.80
CA TYR H 108 35.25 5.55 -20.47
C TYR H 108 35.84 6.86 -19.95
N ARG H 109 36.87 6.82 -19.12
CA ARG H 109 37.43 8.06 -18.58
C ARG H 109 38.43 8.67 -19.54
N ALA H 110 38.43 10.00 -19.64
CA ALA H 110 39.53 10.75 -20.22
C ALA H 110 40.52 11.11 -19.10
N GLY H 111 41.52 11.92 -19.43
CA GLY H 111 42.58 12.30 -18.51
C GLY H 111 43.96 11.80 -18.90
N THR H 112 44.05 10.80 -19.76
CA THR H 112 45.37 10.35 -20.19
C THR H 112 46.05 11.33 -21.15
N ARG H 113 45.39 12.44 -21.48
CA ARG H 113 46.10 13.52 -22.17
C ARG H 113 47.22 14.09 -21.29
N PHE H 114 47.12 13.96 -19.97
CA PHE H 114 48.18 14.41 -19.07
C PHE H 114 49.16 13.30 -18.68
N GLY H 115 49.02 12.10 -19.24
CA GLY H 115 49.95 11.01 -19.02
C GLY H 115 51.41 11.43 -19.14
N PRO H 116 51.77 12.06 -20.26
CA PRO H 116 53.18 12.48 -20.42
C PRO H 116 53.66 13.41 -19.32
N GLN H 117 52.83 14.39 -18.95
CA GLN H 117 53.24 15.35 -17.91
C GLN H 117 53.37 14.66 -16.56
N GLY H 118 52.48 13.72 -16.24
CA GLY H 118 52.55 13.04 -14.97
C GLY H 118 53.74 12.10 -14.86
N ILE H 119 54.04 11.40 -15.95
CA ILE H 119 55.21 10.54 -16.00
C ILE H 119 56.48 11.38 -15.86
N ARG H 120 56.60 12.46 -16.63
CA ARG H 120 57.77 13.32 -16.49
C ARG H 120 57.93 13.86 -15.07
N LYS H 121 56.82 14.26 -14.45
CA LYS H 121 56.91 14.88 -13.13
C LYS H 121 57.46 13.91 -12.10
N ILE H 122 56.89 12.72 -12.01
CA ILE H 122 57.32 11.80 -10.98
C ILE H 122 58.67 11.20 -11.31
N SER H 123 59.04 11.20 -12.59
CA SER H 123 60.32 10.62 -12.98
C SER H 123 61.51 11.35 -12.36
N ALA H 124 61.33 12.58 -11.90
CA ALA H 124 62.38 13.31 -11.19
C ALA H 124 62.82 12.61 -9.89
N LEU H 125 61.97 11.77 -9.32
CA LEU H 125 62.29 11.09 -8.08
C LEU H 125 63.46 10.14 -8.24
N TYR H 126 63.64 9.59 -9.43
CA TYR H 126 64.61 8.54 -9.67
C TYR H 126 66.02 9.09 -9.78
N GLY H 127 66.98 8.29 -9.31
CA GLY H 127 68.35 8.45 -9.71
C GLY H 127 68.56 7.91 -11.11
N THR H 128 69.82 7.88 -11.54
CA THR H 128 70.20 7.35 -12.85
C THR H 128 70.62 5.89 -12.83
N TYR H 129 70.58 5.25 -11.67
CA TYR H 129 71.22 3.95 -11.48
C TYR H 129 70.24 2.98 -10.83
N SER H 130 70.17 1.77 -11.39
CA SER H 130 69.36 0.70 -10.85
C SER H 130 70.26 -0.29 -10.10
N PHE H 131 69.95 -0.53 -8.83
CA PHE H 131 70.74 -1.45 -8.02
C PHE H 131 70.73 -2.86 -8.59
N GLU H 132 69.55 -3.48 -8.69
CA GLU H 132 69.52 -4.89 -9.04
C GLU H 132 69.82 -5.15 -10.53
N LEU H 133 69.60 -4.17 -11.41
CA LEU H 133 69.98 -4.38 -12.80
C LEU H 133 71.45 -4.06 -13.06
N GLY H 134 72.10 -3.31 -12.18
CA GLY H 134 73.51 -3.01 -12.31
C GLY H 134 73.85 -2.08 -13.45
N VAL H 135 73.00 -1.09 -13.70
CA VAL H 135 73.10 -0.20 -14.84
C VAL H 135 73.00 1.24 -14.36
N ASP H 136 73.89 2.10 -14.87
CA ASP H 136 73.79 3.54 -14.65
C ASP H 136 73.53 4.17 -16.02
N LEU H 137 72.27 4.56 -16.25
CA LEU H 137 71.90 5.10 -17.55
C LEU H 137 72.71 6.34 -17.90
N ARG H 138 73.04 7.16 -16.91
CA ARG H 138 73.83 8.37 -17.19
C ARG H 138 75.17 8.02 -17.82
N GLU H 139 75.74 6.87 -17.46
CA GLU H 139 77.06 6.50 -17.97
C GLU H 139 77.00 5.76 -19.30
N SER H 140 75.87 5.13 -19.63
CA SER H 140 75.84 4.14 -20.69
C SER H 140 74.96 4.48 -21.88
N VAL H 141 74.08 5.47 -21.79
CA VAL H 141 73.24 5.85 -22.92
C VAL H 141 72.97 7.35 -22.87
N SER H 142 72.79 7.93 -24.05
CA SER H 142 72.37 9.32 -24.18
C SER H 142 70.85 9.34 -24.39
N ILE H 143 70.16 10.13 -23.57
CA ILE H 143 68.71 10.24 -23.59
C ILE H 143 68.36 11.71 -23.77
N CYS H 144 67.37 11.98 -24.63
CA CYS H 144 66.83 13.32 -24.78
C CYS H 144 65.32 13.26 -24.68
N ASP H 145 64.71 14.41 -24.42
CA ASP H 145 63.27 14.58 -24.37
C ASP H 145 62.92 15.63 -25.40
N VAL H 146 62.16 15.24 -26.43
CA VAL H 146 61.77 16.15 -27.51
C VAL H 146 60.39 16.75 -27.29
N GLY H 147 59.84 16.64 -26.09
CA GLY H 147 58.55 17.24 -25.82
C GLY H 147 57.42 16.40 -26.38
N ASP H 148 56.35 17.08 -26.80
CA ASP H 148 55.10 16.44 -27.14
C ASP H 148 54.70 16.66 -28.59
N ILE H 149 54.08 15.64 -29.18
CA ILE H 149 53.30 15.81 -30.41
C ILE H 149 52.17 16.82 -30.18
N PHE H 150 51.94 17.66 -31.19
CA PHE H 150 50.81 18.60 -31.22
C PHE H 150 49.57 17.80 -31.61
N THR H 151 48.88 17.27 -30.61
CA THR H 151 47.70 16.44 -30.82
C THR H 151 46.48 17.33 -31.11
N ILE H 152 45.41 16.69 -31.62
CA ILE H 152 44.22 17.36 -32.13
C ILE H 152 43.02 16.76 -31.40
N PRO H 153 42.60 17.32 -30.26
CA PRO H 153 41.59 16.64 -29.43
C PRO H 153 40.26 16.40 -30.13
N GLY H 154 39.88 17.24 -31.07
CA GLY H 154 38.59 17.11 -31.72
C GLY H 154 38.55 16.14 -32.87
N ASN H 155 39.67 15.50 -33.21
CA ASN H 155 39.75 14.70 -34.43
C ASN H 155 40.82 13.62 -34.28
N ILE H 156 40.38 12.40 -33.98
CA ILE H 156 41.33 11.32 -33.73
C ILE H 156 42.17 11.04 -34.97
N GLU H 157 41.61 11.21 -36.15
CA GLU H 157 42.36 10.88 -37.37
C GLU H 157 43.49 11.86 -37.62
N LYS H 158 43.23 13.16 -37.40
CA LYS H 158 44.31 14.14 -37.50
C LYS H 158 45.37 13.87 -36.43
N THR H 159 44.95 13.51 -35.22
CA THR H 159 45.93 13.14 -34.20
C THR H 159 46.79 11.98 -34.64
N PHE H 160 46.18 10.94 -35.23
CA PHE H 160 46.96 9.82 -35.74
C PHE H 160 48.01 10.31 -36.74
N ASP H 161 47.61 11.21 -37.65
CA ASP H 161 48.55 11.68 -38.66
C ASP H 161 49.72 12.42 -38.03
N GLN H 162 49.44 13.27 -37.04
CA GLN H 162 50.49 13.95 -36.30
C GLN H 162 51.42 12.96 -35.62
N VAL H 163 50.85 11.96 -34.95
CA VAL H 163 51.67 11.00 -34.20
C VAL H 163 52.52 10.14 -35.13
N SER H 164 51.93 9.66 -36.24
CA SER H 164 52.71 8.89 -37.19
C SER H 164 53.88 9.69 -37.76
N LYS H 165 53.65 10.98 -38.04
CA LYS H 165 54.71 11.79 -38.61
C LYS H 165 55.85 12.02 -37.61
N GLY H 166 55.50 12.31 -36.35
CA GLY H 166 56.52 12.56 -35.36
C GLY H 166 57.26 11.30 -34.94
N VAL H 167 56.52 10.23 -34.67
CA VAL H 167 57.16 8.97 -34.30
C VAL H 167 58.01 8.45 -35.44
N GLY H 168 57.47 8.49 -36.66
CA GLY H 168 58.27 8.14 -37.84
C GLY H 168 59.56 8.93 -37.91
N HIS H 169 59.46 10.25 -37.70
CA HIS H 169 60.66 11.08 -37.71
C HIS H 169 61.69 10.61 -36.69
N VAL H 170 61.25 10.39 -35.45
CA VAL H 170 62.20 9.97 -34.43
C VAL H 170 62.77 8.59 -34.76
N PHE H 171 61.90 7.65 -35.16
CA PHE H 171 62.39 6.31 -35.50
C PHE H 171 63.38 6.35 -36.65
N ALA H 172 63.08 7.14 -37.69
CA ALA H 172 63.97 7.23 -38.84
C ALA H 172 65.31 7.84 -38.49
N SER H 173 65.36 8.63 -37.40
CA SER H 173 66.59 9.29 -36.99
C SER H 173 67.61 8.35 -36.38
N GLY H 174 67.20 7.12 -36.03
CA GLY H 174 68.07 6.18 -35.38
C GLY H 174 67.92 6.12 -33.87
N ALA H 175 67.31 7.14 -33.27
CA ALA H 175 67.04 7.10 -31.84
C ALA H 175 65.95 6.07 -31.51
N PHE H 176 66.08 5.44 -30.35
CA PHE H 176 65.08 4.55 -29.80
C PHE H 176 63.92 5.38 -29.28
N PRO H 177 62.75 5.34 -29.91
CA PRO H 177 61.63 6.17 -29.44
C PRO H 177 60.94 5.55 -28.24
N VAL H 178 60.67 6.38 -27.23
CA VAL H 178 59.86 6.02 -26.06
C VAL H 178 58.67 6.96 -26.10
N VAL H 179 57.48 6.41 -26.41
CA VAL H 179 56.29 7.24 -26.57
C VAL H 179 55.50 7.18 -25.27
N LEU H 180 55.26 8.36 -24.67
CA LEU H 180 54.43 8.50 -23.49
C LEU H 180 53.01 8.85 -23.95
N GLY H 181 52.07 7.94 -23.70
CA GLY H 181 50.68 8.21 -23.98
C GLY H 181 49.98 8.87 -22.82
N GLY H 182 48.71 9.23 -23.03
CA GLY H 182 47.96 9.05 -24.25
C GLY H 182 47.30 7.69 -24.29
N ASP H 183 46.14 7.62 -24.90
CA ASP H 183 45.32 6.39 -24.94
C ASP H 183 45.85 5.40 -25.98
N HIS H 184 45.40 4.14 -25.87
CA HIS H 184 45.97 3.05 -26.70
C HIS H 184 45.63 3.20 -28.18
N SER H 185 44.69 4.06 -28.54
CA SER H 185 44.37 4.31 -29.97
C SER H 185 45.66 4.70 -30.68
N LEU H 186 46.55 5.39 -29.97
CA LEU H 186 47.80 5.91 -30.56
C LEU H 186 48.74 4.79 -31.00
N GLY H 187 48.59 3.58 -30.49
CA GLY H 187 49.40 2.43 -30.90
C GLY H 187 49.30 2.18 -32.38
N PHE H 188 48.11 2.37 -32.96
CA PHE H 188 48.00 2.32 -34.42
C PHE H 188 48.91 3.34 -35.08
N ALA H 189 48.85 4.58 -34.61
CA ALA H 189 49.59 5.67 -35.24
C ALA H 189 51.09 5.53 -35.05
N THR H 190 51.53 5.00 -33.89
CA THR H 190 52.95 4.85 -33.65
C THR H 190 53.49 3.74 -34.55
N VAL H 191 52.80 2.59 -34.57
CA VAL H 191 53.23 1.47 -35.41
C VAL H 191 53.17 1.86 -36.88
N ARG H 192 52.11 2.58 -37.28
CA ARG H 192 52.03 3.03 -38.67
C ARG H 192 53.24 3.87 -39.04
N GLY H 193 53.68 4.75 -38.14
CA GLY H 193 54.82 5.60 -38.45
C GLY H 193 56.12 4.81 -38.50
N VAL H 194 56.27 3.84 -37.60
CA VAL H 194 57.47 2.99 -37.62
C VAL H 194 57.48 2.14 -38.88
N ALA H 195 56.34 1.52 -39.20
CA ALA H 195 56.26 0.62 -40.35
C ALA H 195 56.58 1.35 -41.65
N GLN H 196 56.26 2.64 -41.74
CA GLN H 196 56.56 3.46 -42.91
C GLN H 196 58.05 3.58 -43.16
N HIS H 197 58.90 3.28 -42.16
CA HIS H 197 60.35 3.45 -42.28
C HIS H 197 61.12 2.15 -42.11
N LEU H 198 60.48 1.00 -42.32
CA LEU H 198 61.15 -0.28 -42.23
C LEU H 198 61.56 -0.83 -43.60
N ASN H 199 61.35 -0.07 -44.68
CA ASN H 199 61.70 -0.48 -46.03
C ASN H 199 61.25 -1.91 -46.31
N GLY H 200 60.00 -2.19 -45.96
CA GLY H 200 59.37 -3.47 -46.24
C GLY H 200 59.64 -4.56 -45.24
N LYS H 201 60.57 -4.36 -44.31
CA LYS H 201 60.76 -5.35 -43.25
C LYS H 201 59.52 -5.41 -42.35
N LYS H 202 59.35 -6.56 -41.69
CA LYS H 202 58.14 -6.85 -40.94
C LYS H 202 58.32 -6.54 -39.46
N LEU H 203 57.22 -6.19 -38.81
CA LEU H 203 57.21 -5.68 -37.45
C LEU H 203 56.27 -6.50 -36.59
N GLY H 204 56.83 -7.15 -35.55
CA GLY H 204 56.02 -7.79 -34.53
C GLY H 204 55.63 -6.82 -33.42
N ILE H 205 54.69 -7.24 -32.59
CA ILE H 205 54.19 -6.40 -31.51
C ILE H 205 54.04 -7.21 -30.24
N LEU H 206 54.67 -6.75 -29.16
CA LEU H 206 54.47 -7.34 -27.81
C LEU H 206 53.48 -6.39 -27.13
N HIS H 207 52.25 -6.82 -26.91
CA HIS H 207 51.17 -5.95 -26.39
C HIS H 207 50.79 -6.34 -24.97
N PHE H 208 51.14 -5.56 -23.95
CA PHE H 208 50.74 -5.82 -22.54
C PHE H 208 49.41 -5.10 -22.29
N ASP H 209 48.38 -5.82 -21.88
CA ASP H 209 47.04 -5.22 -21.74
C ASP H 209 46.04 -6.25 -21.23
N ARG H 210 44.98 -5.78 -20.60
CA ARG H 210 43.83 -6.65 -20.24
C ARG H 210 42.85 -6.63 -21.42
N HIS H 211 43.01 -5.68 -22.34
CA HIS H 211 42.06 -5.46 -23.46
C HIS H 211 42.67 -5.87 -24.81
N VAL H 212 41.89 -6.54 -25.66
CA VAL H 212 42.42 -7.07 -26.93
C VAL H 212 42.70 -5.93 -27.92
N ASP H 213 41.92 -4.86 -27.88
CA ASP H 213 42.20 -3.66 -28.72
C ASP H 213 42.28 -4.04 -30.20
N THR H 214 41.40 -4.91 -30.65
CA THR H 214 41.47 -5.44 -32.01
C THR H 214 40.12 -5.41 -32.77
N GLN H 215 39.22 -4.49 -32.44
CA GLN H 215 37.97 -4.37 -33.20
C GLN H 215 38.09 -3.21 -34.20
N ASP H 216 37.10 -3.11 -35.10
CA ASP H 216 37.22 -2.19 -36.23
C ASP H 216 36.92 -0.74 -35.82
N THR H 217 35.71 -0.48 -35.34
CA THR H 217 35.35 0.84 -34.84
C THR H 217 34.67 0.70 -33.48
N ASP H 218 34.60 1.84 -32.78
CA ASP H 218 33.98 1.91 -31.47
C ASP H 218 33.44 3.34 -31.36
N LEU H 219 32.15 3.48 -31.07
CA LEU H 219 31.52 4.81 -31.11
C LEU H 219 31.86 5.51 -32.43
N ASP H 220 31.81 4.74 -33.52
CA ASP H 220 31.96 5.18 -34.91
C ASP H 220 33.36 5.62 -35.29
N GLU H 221 34.38 5.39 -34.46
CA GLU H 221 35.74 5.85 -34.77
C GLU H 221 36.76 4.79 -34.38
N ARG H 222 38.01 5.04 -34.75
CA ARG H 222 39.11 4.11 -34.48
C ARG H 222 39.71 4.43 -33.11
N MET H 223 38.95 4.06 -32.09
CA MET H 223 39.29 4.40 -30.71
C MET H 223 40.24 3.36 -30.11
N HIS H 224 40.50 3.46 -28.79
CA HIS H 224 41.54 2.64 -28.11
C HIS H 224 41.25 1.15 -28.12
N THR H 225 40.03 0.77 -28.49
CA THR H 225 39.71 -0.64 -28.65
C THR H 225 40.00 -1.16 -30.05
N THR H 226 40.56 -0.33 -30.95
CA THR H 226 40.74 -0.70 -32.38
C THR H 226 42.17 -0.62 -32.93
N PRO H 227 43.21 -0.22 -32.18
CA PRO H 227 44.51 0.06 -32.79
C PRO H 227 45.12 -1.12 -33.57
N TRP H 228 45.01 -2.31 -33.03
CA TRP H 228 45.69 -3.49 -33.61
C TRP H 228 44.91 -4.05 -34.78
N PHE H 229 43.60 -3.83 -34.88
CA PHE H 229 42.84 -4.22 -36.09
C PHE H 229 43.43 -3.46 -37.28
N HIS H 230 43.64 -2.16 -37.13
CA HIS H 230 44.11 -1.32 -38.23
C HIS H 230 45.61 -1.39 -38.42
N ALA H 231 46.37 -1.59 -37.34
CA ALA H 231 47.80 -1.77 -37.49
C ALA H 231 48.11 -3.04 -38.28
N THR H 232 47.43 -4.14 -37.96
CA THR H 232 47.73 -5.40 -38.66
C THR H 232 47.13 -5.45 -40.07
N ASN H 233 46.36 -4.44 -40.46
CA ASN H 233 46.03 -4.28 -41.87
C ASN H 233 47.20 -3.75 -42.69
N ILE H 234 48.21 -3.20 -42.03
CA ILE H 234 49.39 -2.70 -42.77
C ILE H 234 50.18 -3.89 -43.31
N PRO H 235 50.59 -3.87 -44.57
CA PRO H 235 51.15 -5.10 -45.17
C PRO H 235 52.34 -5.69 -44.42
N ASN H 236 53.20 -4.88 -43.83
CA ASN H 236 54.39 -5.41 -43.14
C ASN H 236 54.20 -5.46 -41.62
N VAL H 237 52.95 -5.49 -41.14
CA VAL H 237 52.66 -5.71 -39.73
C VAL H 237 51.80 -6.97 -39.60
N PRO H 238 52.40 -8.15 -39.45
CA PRO H 238 51.60 -9.39 -39.49
C PRO H 238 50.92 -9.68 -38.15
N ALA H 239 49.62 -10.00 -38.23
CA ALA H 239 48.86 -10.25 -37.03
C ALA H 239 49.36 -11.48 -36.29
N LYS H 240 49.95 -12.44 -37.00
CA LYS H 240 50.46 -13.62 -36.32
C LYS H 240 51.58 -13.30 -35.36
N ASN H 241 52.21 -12.12 -35.51
CA ASN H 241 53.30 -11.69 -34.65
C ASN H 241 52.85 -10.69 -33.61
N LEU H 242 51.54 -10.53 -33.44
CA LEU H 242 50.96 -9.72 -32.37
C LEU H 242 50.71 -10.65 -31.18
N VAL H 243 51.45 -10.45 -30.11
CA VAL H 243 51.37 -11.25 -28.89
C VAL H 243 50.73 -10.40 -27.81
N GLN H 244 49.58 -10.85 -27.32
CA GLN H 244 48.72 -10.08 -26.43
C GLN H 244 48.79 -10.71 -25.05
N ILE H 245 49.38 -9.98 -24.11
CA ILE H 245 49.82 -10.53 -22.84
C ILE H 245 48.97 -9.88 -21.75
N GLY H 246 48.13 -10.68 -21.09
CA GLY H 246 47.37 -10.23 -19.95
C GLY H 246 45.88 -10.10 -20.17
N ILE H 247 45.37 -10.48 -21.35
CA ILE H 247 43.97 -10.28 -21.70
C ILE H 247 43.08 -10.94 -20.66
N GLY H 248 42.05 -10.21 -20.22
CA GLY H 248 41.09 -10.78 -19.30
C GLY H 248 40.18 -9.72 -18.73
N GLY H 249 39.21 -10.20 -17.95
CA GLY H 249 38.26 -9.31 -17.31
C GLY H 249 36.98 -9.11 -18.10
N TRP H 250 36.33 -7.96 -17.88
CA TRP H 250 35.01 -7.68 -18.42
C TRP H 250 35.03 -6.55 -19.45
N GLN H 251 36.22 -6.22 -19.96
CA GLN H 251 36.35 -5.14 -20.94
C GLN H 251 37.14 -5.55 -22.17
N ALA H 252 37.19 -6.85 -22.49
CA ALA H 252 37.74 -7.32 -23.76
C ALA H 252 36.56 -7.55 -24.69
N PRO H 253 36.24 -6.61 -25.59
CA PRO H 253 34.96 -6.71 -26.31
C PRO H 253 34.91 -7.86 -27.29
N ARG H 254 33.72 -8.43 -27.44
CA ARG H 254 33.55 -9.59 -28.30
C ARG H 254 34.00 -9.33 -29.74
N PRO H 255 33.66 -8.22 -30.38
CA PRO H 255 34.12 -8.05 -31.78
C PRO H 255 35.64 -7.99 -31.89
N GLY H 256 36.31 -7.54 -30.83
CA GLY H 256 37.76 -7.58 -30.81
C GLY H 256 38.28 -9.00 -30.68
N VAL H 257 37.62 -9.83 -29.88
CA VAL H 257 38.05 -11.21 -29.75
C VAL H 257 37.88 -11.93 -31.09
N LYS H 258 36.74 -11.72 -31.74
CA LYS H 258 36.46 -12.37 -33.01
C LYS H 258 37.52 -12.03 -34.05
N ALA H 259 37.84 -10.74 -34.18
CA ALA H 259 38.80 -10.32 -35.19
C ALA H 259 40.19 -10.86 -34.90
N GLY H 260 40.60 -10.89 -33.63
CA GLY H 260 41.90 -11.43 -33.31
C GLY H 260 41.99 -12.92 -33.60
N ARG H 261 40.89 -13.64 -33.34
CA ARG H 261 40.84 -15.07 -33.68
C ARG H 261 41.01 -15.27 -35.18
N GLU H 262 40.28 -14.50 -35.99
CA GLU H 262 40.35 -14.64 -37.44
C GLU H 262 41.76 -14.36 -37.94
N ARG H 263 42.45 -13.38 -37.33
CA ARG H 263 43.78 -12.97 -37.75
C ARG H 263 44.89 -13.76 -37.07
N GLN H 264 44.54 -14.64 -36.13
CA GLN H 264 45.49 -15.53 -35.47
C GLN H 264 46.56 -14.79 -34.69
N THR H 265 46.15 -13.76 -33.94
CA THR H 265 47.02 -13.25 -32.90
C THR H 265 47.19 -14.32 -31.81
N THR H 266 48.19 -14.13 -30.95
CA THR H 266 48.39 -14.98 -29.79
C THR H 266 47.95 -14.25 -28.53
N ILE H 267 47.23 -14.95 -27.65
CA ILE H 267 46.79 -14.40 -26.37
C ILE H 267 47.24 -15.31 -25.24
N MET H 268 47.74 -14.71 -24.17
CA MET H 268 48.05 -15.36 -22.91
C MET H 268 47.43 -14.48 -21.82
N THR H 269 46.54 -15.06 -21.03
CA THR H 269 45.92 -14.33 -19.93
C THR H 269 46.92 -14.16 -18.79
N VAL H 270 46.54 -13.33 -17.81
CA VAL H 270 47.36 -13.20 -16.61
C VAL H 270 47.53 -14.55 -15.95
N THR H 271 46.44 -15.27 -15.75
CA THR H 271 46.52 -16.58 -15.12
C THR H 271 47.39 -17.54 -15.93
N ASP H 272 47.25 -17.52 -17.27
CA ASP H 272 48.12 -18.33 -18.11
C ASP H 272 49.58 -18.09 -17.77
N CYS H 273 49.98 -16.80 -17.69
CA CYS H 273 51.38 -16.45 -17.53
C CYS H 273 51.88 -16.85 -16.15
N VAL H 274 51.07 -16.61 -15.11
CA VAL H 274 51.52 -16.86 -13.75
C VAL H 274 51.58 -18.35 -13.50
N GLU H 275 50.64 -19.11 -14.06
CA GLU H 275 50.64 -20.55 -13.85
C GLU H 275 51.80 -21.22 -14.58
N MET H 276 52.14 -20.75 -15.79
CA MET H 276 53.26 -21.39 -16.53
C MET H 276 54.60 -20.94 -15.99
N GLY H 277 54.62 -19.82 -15.27
CA GLY H 277 55.86 -19.23 -14.80
C GLY H 277 56.21 -18.06 -15.70
N ILE H 278 56.62 -16.93 -15.12
CA ILE H 278 56.90 -15.75 -15.92
C ILE H 278 58.06 -16.01 -16.87
N GLU H 279 59.09 -16.73 -16.42
CA GLU H 279 60.21 -17.01 -17.30
C GLU H 279 59.76 -17.79 -18.54
N ASN H 280 58.87 -18.77 -18.34
CA ASN H 280 58.37 -19.53 -19.48
C ASN H 280 57.44 -18.68 -20.35
N ALA H 281 56.62 -17.84 -19.71
CA ALA H 281 55.72 -16.95 -20.46
C ALA H 281 56.51 -16.01 -21.36
N ALA H 282 57.61 -15.45 -20.85
CA ALA H 282 58.42 -14.53 -21.66
C ALA H 282 59.08 -15.25 -22.84
N LYS H 283 59.57 -16.48 -22.62
CA LYS H 283 60.16 -17.26 -23.69
C LYS H 283 59.15 -17.50 -24.81
N GLN H 284 57.93 -17.88 -24.44
CA GLN H 284 56.89 -18.15 -25.40
C GLN H 284 56.51 -16.87 -26.16
N ALA H 285 56.36 -15.76 -25.43
CA ALA H 285 56.01 -14.49 -26.06
C ALA H 285 57.06 -14.05 -27.05
N LEU H 286 58.34 -14.15 -26.66
CA LEU H 286 59.43 -13.77 -27.55
C LEU H 286 59.45 -14.63 -28.80
N GLU H 287 59.30 -15.95 -28.63
CA GLU H 287 59.33 -16.84 -29.79
C GLU H 287 58.27 -16.44 -30.83
N VAL H 288 57.06 -16.16 -30.36
CA VAL H 288 55.97 -15.85 -31.29
C VAL H 288 56.16 -14.47 -31.91
N ALA H 289 56.48 -13.47 -31.09
CA ALA H 289 56.59 -12.10 -31.60
C ALA H 289 57.71 -11.97 -32.63
N PHE H 290 58.82 -12.67 -32.41
CA PHE H 290 59.98 -12.52 -33.28
C PHE H 290 60.03 -13.58 -34.39
N ASP H 291 59.03 -14.44 -34.50
CA ASP H 291 59.06 -15.55 -35.46
C ASP H 291 59.03 -14.99 -36.88
N GLY H 292 60.20 -15.00 -37.54
CA GLY H 292 60.26 -14.57 -38.92
C GLY H 292 60.14 -13.08 -39.15
N VAL H 293 60.42 -12.27 -38.14
CA VAL H 293 60.35 -10.82 -38.32
C VAL H 293 61.61 -10.15 -37.79
N ASP H 294 61.82 -8.94 -38.30
CA ASP H 294 63.06 -8.20 -38.19
C ASP H 294 63.10 -7.28 -37.00
N ALA H 295 61.96 -6.99 -36.39
CA ALA H 295 61.79 -5.86 -35.49
C ALA H 295 60.53 -6.10 -34.68
N VAL H 296 60.53 -5.65 -33.43
CA VAL H 296 59.37 -5.82 -32.56
C VAL H 296 59.15 -4.56 -31.74
N TRP H 297 57.92 -4.10 -31.71
CA TRP H 297 57.49 -2.92 -30.98
C TRP H 297 56.84 -3.35 -29.67
N LEU H 298 57.16 -2.66 -28.58
CA LEU H 298 56.60 -2.94 -27.26
C LEU H 298 55.53 -1.91 -26.95
N SER H 299 54.28 -2.37 -26.78
CA SER H 299 53.12 -1.51 -26.45
C SER H 299 52.63 -1.91 -25.06
N PHE H 300 52.85 -1.07 -24.07
CA PHE H 300 52.57 -1.39 -22.68
C PHE H 300 51.43 -0.50 -22.19
N ASP H 301 50.31 -1.14 -21.89
CA ASP H 301 49.15 -0.46 -21.28
C ASP H 301 49.31 -0.63 -19.77
N VAL H 302 49.28 0.45 -19.01
CA VAL H 302 49.49 0.39 -17.53
C VAL H 302 48.37 -0.45 -16.91
N ASP H 303 47.24 -0.59 -17.60
CA ASP H 303 46.06 -1.31 -17.06
C ASP H 303 46.32 -2.81 -16.93
N CYS H 304 47.42 -3.32 -17.49
CA CYS H 304 47.71 -4.77 -17.39
C CYS H 304 48.07 -5.08 -15.94
N LEU H 305 48.46 -4.07 -15.17
CA LEU H 305 48.67 -4.27 -13.71
C LEU H 305 47.34 -4.20 -12.99
N ASP H 306 47.19 -4.98 -11.93
CA ASP H 306 46.00 -4.89 -11.10
C ASP H 306 45.67 -3.45 -10.76
N ALA H 307 44.39 -3.12 -10.77
CA ALA H 307 43.95 -1.72 -10.61
C ALA H 307 44.61 -1.03 -9.41
N ALA H 308 44.81 -1.75 -8.30
CA ALA H 308 45.32 -1.09 -7.11
C ALA H 308 46.70 -0.50 -7.33
N PHE H 309 47.47 -1.00 -8.28
CA PHE H 309 48.83 -0.49 -8.56
C PHE H 309 48.77 0.63 -9.59
N VAL H 310 47.67 0.71 -10.32
CA VAL H 310 47.54 1.69 -11.44
C VAL H 310 46.17 2.32 -11.38
N PRO H 311 45.80 2.96 -10.24
CA PRO H 311 44.45 3.55 -10.15
C PRO H 311 44.23 4.63 -11.18
N GLY H 312 45.30 5.28 -11.62
CA GLY H 312 45.21 6.39 -12.55
C GLY H 312 45.15 5.93 -14.00
N THR H 313 44.04 5.29 -14.34
CA THR H 313 43.84 4.80 -15.72
C THR H 313 42.36 4.89 -16.06
N GLY H 314 42.03 4.92 -17.35
CA GLY H 314 40.64 5.09 -17.79
C GLY H 314 39.85 3.80 -17.77
N TRP H 315 40.51 2.65 -17.76
CA TRP H 315 39.82 1.32 -17.82
C TRP H 315 40.52 0.33 -16.87
N PRO H 316 40.46 0.60 -15.56
CA PRO H 316 41.06 -0.28 -14.59
C PRO H 316 40.34 -1.64 -14.50
N GLU H 317 41.06 -2.67 -14.11
CA GLU H 317 40.49 -4.03 -13.97
C GLU H 317 41.18 -4.79 -12.84
N PRO H 318 40.41 -5.48 -11.97
CA PRO H 318 41.06 -6.35 -10.98
C PRO H 318 41.64 -7.60 -11.62
N GLY H 319 42.51 -8.27 -10.87
CA GLY H 319 43.04 -9.53 -11.31
C GLY H 319 44.16 -9.44 -12.29
N GLY H 320 44.79 -8.28 -12.42
CA GLY H 320 45.91 -8.09 -13.32
C GLY H 320 47.21 -8.62 -12.77
N PHE H 321 48.30 -8.25 -13.45
CA PHE H 321 49.64 -8.59 -12.98
C PHE H 321 49.98 -7.83 -11.70
N LEU H 322 50.91 -8.41 -10.94
CA LEU H 322 51.51 -7.73 -9.77
C LEU H 322 52.82 -7.14 -10.29
N PRO H 323 53.32 -6.04 -9.72
CA PRO H 323 54.50 -5.35 -10.27
C PRO H 323 55.73 -6.25 -10.52
N ARG H 324 56.08 -7.09 -9.57
CA ARG H 324 57.30 -7.93 -9.71
C ARG H 324 57.10 -8.95 -10.83
N GLU H 325 55.87 -9.37 -11.09
CA GLU H 325 55.61 -10.28 -12.20
C GLU H 325 55.86 -9.59 -13.54
N VAL H 326 55.23 -8.44 -13.75
CA VAL H 326 55.37 -7.80 -15.05
C VAL H 326 56.76 -7.21 -15.25
N LEU H 327 57.42 -6.75 -14.17
CA LEU H 327 58.76 -6.22 -14.33
C LEU H 327 59.75 -7.33 -14.70
N LYS H 328 59.59 -8.51 -14.12
CA LYS H 328 60.42 -9.65 -14.53
C LYS H 328 60.17 -9.99 -15.99
N PHE H 329 58.88 -10.05 -16.39
CA PHE H 329 58.50 -10.28 -17.77
C PHE H 329 59.22 -9.31 -18.71
N LEU H 330 59.13 -8.02 -18.39
CA LEU H 330 59.74 -6.99 -19.24
C LEU H 330 61.25 -7.12 -19.27
N GLN H 331 61.86 -7.38 -18.12
CA GLN H 331 63.31 -7.49 -18.04
C GLN H 331 63.82 -8.62 -18.92
N ILE H 332 63.14 -9.76 -18.92
CA ILE H 332 63.55 -10.88 -19.76
C ILE H 332 63.42 -10.52 -21.23
N ILE H 333 62.27 -9.94 -21.60
CA ILE H 333 62.09 -9.49 -22.99
C ILE H 333 63.24 -8.60 -23.41
N ALA H 334 63.51 -7.55 -22.62
CA ALA H 334 64.44 -6.51 -23.00
C ALA H 334 65.90 -6.92 -22.86
N ASP H 335 66.17 -7.98 -22.09
CA ASP H 335 67.52 -8.55 -22.07
C ASP H 335 67.76 -9.45 -23.28
N THR H 336 66.73 -10.14 -23.75
CA THR H 336 66.92 -11.21 -24.72
C THR H 336 66.95 -10.70 -26.16
N LYS H 337 66.18 -9.66 -26.48
CA LYS H 337 66.05 -9.22 -27.86
C LYS H 337 66.12 -7.70 -27.91
N PRO H 338 66.62 -7.15 -29.01
CA PRO H 338 66.46 -5.71 -29.25
C PRO H 338 65.01 -5.38 -29.56
N LEU H 339 64.62 -4.16 -29.23
CA LEU H 339 63.28 -3.65 -29.49
C LEU H 339 63.36 -2.46 -30.44
N ALA H 340 62.35 -2.31 -31.30
CA ALA H 340 62.32 -1.17 -32.22
C ALA H 340 61.95 0.12 -31.52
N GLY H 341 61.35 0.02 -30.35
CA GLY H 341 60.84 1.18 -29.65
C GLY H 341 59.73 0.72 -28.71
N MET H 342 59.16 1.68 -28.00
CA MET H 342 58.15 1.27 -27.03
C MET H 342 57.21 2.44 -26.81
N GLU H 343 55.99 2.11 -26.36
CA GLU H 343 55.06 3.12 -25.91
C GLU H 343 54.43 2.65 -24.61
N ILE H 344 54.12 3.59 -23.73
CA ILE H 344 53.46 3.31 -22.46
C ILE H 344 52.23 4.20 -22.39
N VAL H 345 51.07 3.57 -22.41
CA VAL H 345 49.81 4.31 -22.60
C VAL H 345 48.78 4.14 -21.49
N GLU H 346 47.81 5.05 -21.45
CA GLU H 346 46.62 4.99 -20.57
C GLU H 346 46.92 5.52 -19.16
N CYS H 347 48.10 6.06 -18.89
CA CYS H 347 48.29 6.71 -17.61
C CYS H 347 47.46 7.99 -17.55
N ALA H 348 46.60 8.12 -16.54
CA ALA H 348 45.63 9.21 -16.43
C ALA H 348 45.80 9.88 -15.07
N PRO H 349 46.64 10.91 -15.01
CA PRO H 349 47.00 11.52 -13.70
C PRO H 349 45.81 12.03 -12.90
N PRO H 350 44.74 12.52 -13.53
CA PRO H 350 43.60 13.01 -12.73
C PRO H 350 42.97 11.96 -11.84
N TYR H 351 43.15 10.68 -12.15
CA TYR H 351 42.66 9.60 -11.31
C TYR H 351 43.75 8.94 -10.47
N ASP H 352 44.92 9.59 -10.38
N ASP H 352 44.95 9.50 -10.46
CA ASP H 352 46.16 9.05 -9.78
CA ASP H 352 46.07 8.80 -9.86
C ASP H 352 46.65 9.94 -8.66
C ASP H 352 46.09 9.09 -8.36
N ALA H 353 46.00 9.85 -7.49
N ALA H 353 46.36 8.05 -7.58
CA ALA H 353 46.23 10.90 -6.49
CA ALA H 353 46.49 8.17 -6.14
C ALA H 353 47.67 10.94 -5.99
C ALA H 353 47.98 8.36 -5.86
N ALA H 354 48.28 9.79 -5.69
N ALA H 354 48.37 9.60 -5.54
CA ALA H 354 49.63 9.73 -5.14
CA ALA H 354 49.74 9.89 -5.12
C ALA H 354 50.69 9.44 -6.20
C ALA H 354 50.74 9.51 -6.21
N GLU H 355 50.34 9.59 -7.47
CA GLU H 355 51.22 9.43 -8.61
C GLU H 355 51.81 8.03 -8.76
N ILE H 356 51.22 7.00 -8.17
CA ILE H 356 51.82 5.63 -8.21
C ILE H 356 51.71 5.04 -9.63
N THR H 357 50.73 5.45 -10.42
CA THR H 357 50.57 4.95 -11.81
C THR H 357 51.70 5.53 -12.67
N SER H 358 51.94 6.83 -12.59
CA SER H 358 53.02 7.47 -13.37
C SER H 358 54.37 6.91 -12.87
N LEU H 359 54.45 6.54 -11.59
CA LEU H 359 55.68 5.93 -11.03
C LEU H 359 55.89 4.55 -11.67
N MET H 360 54.83 3.75 -11.80
CA MET H 360 54.94 2.42 -12.44
C MET H 360 55.40 2.61 -13.88
N ALA H 361 54.82 3.57 -14.60
CA ALA H 361 55.14 3.79 -16.01
C ALA H 361 56.62 4.15 -16.13
N THR H 362 57.10 5.04 -15.26
CA THR H 362 58.51 5.46 -15.25
C THR H 362 59.40 4.24 -14.99
N ARG H 363 59.04 3.40 -14.04
CA ARG H 363 59.80 2.17 -13.71
C ARG H 363 59.84 1.21 -14.91
N VAL H 364 58.72 1.02 -15.60
CA VAL H 364 58.67 0.13 -16.78
C VAL H 364 59.66 0.65 -17.82
N ILE H 365 59.66 1.97 -18.09
CA ILE H 365 60.55 2.53 -19.10
C ILE H 365 62.00 2.33 -18.71
N CYS H 366 62.34 2.65 -17.46
CA CYS H 366 63.74 2.60 -17.04
C CYS H 366 64.25 1.16 -16.99
N ASP H 367 63.43 0.21 -16.52
CA ASP H 367 63.87 -1.19 -16.55
C ASP H 367 64.11 -1.67 -17.99
N VAL H 368 63.21 -1.33 -18.92
CA VAL H 368 63.39 -1.76 -20.30
C VAL H 368 64.67 -1.17 -20.88
N LEU H 369 64.89 0.14 -20.70
CA LEU H 369 66.10 0.76 -21.23
C LEU H 369 67.35 0.17 -20.59
N ALA H 370 67.34 -0.03 -19.27
CA ALA H 370 68.50 -0.61 -18.60
C ALA H 370 68.83 -2.00 -19.13
N CYS H 371 67.81 -2.82 -19.37
CA CYS H 371 68.05 -4.16 -19.88
C CYS H 371 68.53 -4.12 -21.32
N GLN H 372 67.95 -3.23 -22.13
CA GLN H 372 68.44 -3.08 -23.49
C GLN H 372 69.92 -2.70 -23.50
N VAL H 373 70.31 -1.83 -22.55
CA VAL H 373 71.68 -1.34 -22.50
C VAL H 373 72.62 -2.45 -22.06
N ARG H 374 72.33 -3.08 -20.93
CA ARG H 374 73.27 -4.06 -20.39
C ARG H 374 73.41 -5.28 -21.29
N SER H 375 72.40 -5.56 -22.13
CA SER H 375 72.44 -6.69 -23.04
C SER H 375 72.93 -6.32 -24.43
N GLY H 376 73.41 -5.10 -24.62
CA GLY H 376 74.05 -4.70 -25.87
C GLY H 376 73.12 -4.28 -26.98
N HIS H 377 71.83 -4.10 -26.71
CA HIS H 377 70.88 -3.73 -27.72
C HIS H 377 70.72 -2.21 -27.87
N LEU H 378 71.28 -1.42 -26.96
CA LEU H 378 71.14 0.02 -26.97
C LEU H 378 72.40 0.64 -26.36
N GLY H 379 72.77 1.80 -26.87
CA GLY H 379 73.97 2.45 -26.44
C GLY H 379 75.21 1.80 -27.06
N LYS I 5 59.60 -21.20 16.15
CA LYS I 5 58.73 -22.01 17.05
C LYS I 5 57.28 -21.83 16.61
N LYS I 6 56.74 -22.74 15.82
CA LYS I 6 55.38 -22.52 15.22
C LYS I 6 54.30 -22.61 16.28
N ARG I 7 53.30 -21.74 16.18
CA ARG I 7 52.20 -21.66 17.17
C ARG I 7 51.05 -22.52 16.65
N THR I 8 50.62 -23.50 17.44
CA THR I 8 49.62 -24.45 16.99
C THR I 8 48.63 -24.76 18.09
N TYR I 9 47.48 -25.31 17.67
CA TYR I 9 46.48 -25.82 18.59
C TYR I 9 47.13 -26.78 19.58
N GLN I 10 46.79 -26.60 20.85
CA GLN I 10 47.43 -27.35 21.94
C GLN I 10 46.54 -28.41 22.54
N GLY I 11 45.25 -28.44 22.20
CA GLY I 11 44.33 -29.39 22.80
C GLY I 11 43.84 -29.02 24.18
N LYS I 12 44.13 -27.81 24.66
CA LYS I 12 43.62 -27.40 25.96
C LYS I 12 42.13 -27.08 25.90
N VAL I 13 41.69 -26.53 24.78
CA VAL I 13 40.28 -26.17 24.57
C VAL I 13 39.75 -27.07 23.45
N PRO I 14 38.77 -27.92 23.70
CA PRO I 14 38.27 -28.79 22.63
C PRO I 14 37.66 -27.99 21.49
N LEU I 15 38.03 -28.34 20.26
CA LEU I 15 37.53 -27.69 19.06
C LEU I 15 37.31 -28.72 17.97
N HIS I 16 36.34 -28.45 17.08
CA HIS I 16 36.10 -29.32 15.94
C HIS I 16 37.24 -29.25 14.94
N ASP I 17 37.21 -30.14 13.95
CA ASP I 17 38.33 -30.40 13.06
C ASP I 17 38.30 -29.60 11.76
N ASN I 18 37.32 -28.75 11.57
CA ASN I 18 37.17 -28.03 10.30
C ASN I 18 37.87 -26.68 10.28
N TYR I 19 38.44 -26.26 11.40
CA TYR I 19 39.23 -25.04 11.47
C TYR I 19 40.50 -25.19 10.63
N GLY I 20 40.93 -24.09 10.00
CA GLY I 20 42.27 -24.01 9.47
C GLY I 20 43.28 -24.03 10.60
N PRO I 21 44.53 -24.38 10.30
CA PRO I 21 45.52 -24.53 11.39
C PRO I 21 45.73 -23.26 12.20
N GLU I 22 45.92 -22.12 11.52
CA GLU I 22 46.13 -20.87 12.24
C GLU I 22 44.87 -20.47 12.99
N ALA I 23 43.71 -20.69 12.37
CA ALA I 23 42.45 -20.36 13.04
C ALA I 23 42.25 -21.23 14.28
N LYS I 24 42.62 -22.52 14.20
CA LYS I 24 42.47 -23.40 15.35
C LYS I 24 43.35 -22.94 16.51
N TYR I 25 44.61 -22.61 16.24
CA TYR I 25 45.45 -21.99 17.24
C TYR I 25 44.82 -20.73 17.82
N ALA I 26 44.24 -19.89 16.95
CA ALA I 26 43.73 -18.60 17.39
C ALA I 26 42.49 -18.72 18.26
N VAL I 27 41.58 -19.63 17.89
CA VAL I 27 40.33 -19.74 18.62
C VAL I 27 40.59 -20.31 20.01
N GLU I 28 41.49 -21.28 20.11
CA GLU I 28 41.88 -21.80 21.42
C GLU I 28 42.59 -20.73 22.23
N ALA I 29 43.56 -20.03 21.62
CA ALA I 29 44.36 -19.06 22.35
C ALA I 29 43.48 -17.99 22.97
N GLU I 30 42.48 -17.50 22.23
CA GLU I 30 41.60 -16.47 22.77
C GLU I 30 40.93 -16.98 24.03
N ALA I 31 40.48 -18.23 24.02
CA ALA I 31 39.74 -18.78 25.16
C ALA I 31 40.59 -18.86 26.42
N LEU I 32 41.91 -18.85 26.27
CA LEU I 32 42.83 -18.93 27.39
C LEU I 32 43.32 -17.58 27.88
N LEU I 33 42.96 -16.50 27.21
CA LEU I 33 43.46 -15.19 27.59
C LEU I 33 42.66 -14.64 28.78
N PRO I 34 43.30 -13.92 29.69
CA PRO I 34 42.57 -13.32 30.80
C PRO I 34 41.75 -12.12 30.34
N THR I 35 40.93 -11.62 31.27
CA THR I 35 40.08 -10.46 31.03
C THR I 35 40.26 -9.41 32.12
N THR I 36 41.23 -9.59 33.00
CA THR I 36 41.43 -8.68 34.14
C THR I 36 41.53 -7.23 33.70
N LYS I 37 42.44 -6.94 32.77
CA LYS I 37 42.67 -5.55 32.39
C LYS I 37 41.49 -4.98 31.62
N PHE I 38 40.81 -5.79 30.81
CA PHE I 38 39.56 -5.34 30.21
C PHE I 38 38.58 -4.87 31.27
N GLU I 39 38.40 -5.69 32.32
CA GLU I 39 37.42 -5.36 33.36
C GLU I 39 37.84 -4.10 34.10
N GLU I 40 39.14 -3.92 34.33
CA GLU I 40 39.62 -2.72 35.01
C GLU I 40 39.34 -1.48 34.19
N GLU I 41 39.57 -1.54 32.87
CA GLU I 41 39.30 -0.39 32.01
C GLU I 41 37.81 -0.04 31.98
N ILE I 42 36.95 -1.05 31.89
CA ILE I 42 35.51 -0.77 31.94
C ILE I 42 35.16 -0.04 33.24
N ALA I 43 35.65 -0.54 34.37
CA ALA I 43 35.31 0.06 35.66
C ALA I 43 35.85 1.49 35.75
N ARG I 44 37.10 1.70 35.33
CA ARG I 44 37.69 3.04 35.34
C ARG I 44 36.90 3.98 34.46
N GLY I 45 36.51 3.53 33.26
CA GLY I 45 35.77 4.38 32.35
C GLY I 45 34.45 4.87 32.92
N LEU I 46 33.73 3.99 33.64
CA LEU I 46 32.51 4.43 34.29
C LEU I 46 32.79 5.44 35.39
N GLU I 47 33.90 5.25 36.11
CA GLU I 47 34.27 6.18 37.16
C GLU I 47 34.60 7.55 36.61
N LEU I 48 35.39 7.59 35.54
CA LEU I 48 35.86 8.84 34.95
C LEU I 48 34.83 9.47 34.03
N GLY I 49 34.02 8.66 33.34
CA GLY I 49 33.10 9.15 32.33
C GLY I 49 31.63 9.15 32.70
N LEU I 50 31.31 8.85 33.96
CA LEU I 50 29.93 8.81 34.45
C LEU I 50 29.18 7.58 33.93
N PRO I 51 28.22 7.03 34.70
CA PRO I 51 27.36 5.97 34.15
C PRO I 51 26.63 6.48 32.92
N GLY I 52 26.41 5.56 31.99
CA GLY I 52 25.66 5.91 30.81
C GLY I 52 24.22 6.31 31.14
N ALA I 53 23.57 6.95 30.18
CA ALA I 53 22.18 7.35 30.38
C ALA I 53 21.29 6.13 30.63
N ASP I 54 20.11 6.39 31.17
CA ASP I 54 19.25 5.31 31.66
C ASP I 54 18.81 4.37 30.54
N SER I 55 18.74 4.87 29.30
CA SER I 55 18.26 4.07 28.19
C SER I 55 19.29 3.10 27.65
N ILE I 56 20.55 3.24 28.05
CA ILE I 56 21.62 2.37 27.58
C ILE I 56 21.50 1.04 28.31
N LYS I 57 21.37 -0.05 27.54
CA LYS I 57 21.18 -1.36 28.15
C LYS I 57 22.49 -1.94 28.67
N ASP I 58 23.57 -1.80 27.90
CA ASP I 58 24.88 -2.26 28.31
C ASP I 58 25.45 -1.29 29.35
N ARG I 59 25.44 -1.70 30.62
CA ARG I 59 25.83 -0.80 31.70
C ARG I 59 27.34 -0.63 31.80
N ARG I 60 28.11 -1.26 30.91
CA ARG I 60 29.54 -0.99 30.78
C ARG I 60 29.83 0.31 30.03
N ILE I 61 28.80 0.94 29.46
CA ILE I 61 28.98 2.10 28.59
C ILE I 61 28.86 3.36 29.44
N PRO I 62 29.89 4.21 29.51
CA PRO I 62 29.78 5.47 30.24
C PRO I 62 29.12 6.54 29.37
N THR I 63 28.86 7.69 30.01
CA THR I 63 28.35 8.85 29.26
C THR I 63 29.43 9.42 28.34
N PHE I 64 30.64 9.54 28.87
CA PHE I 64 31.79 10.04 28.09
C PHE I 64 32.69 8.88 27.74
N SER I 65 33.11 8.83 26.49
CA SER I 65 34.04 7.79 26.05
C SER I 65 35.35 7.88 26.82
N ARG I 66 35.72 6.77 27.48
CA ARG I 66 36.92 6.69 28.33
C ARG I 66 37.45 5.26 28.21
N GLY I 67 38.25 5.03 27.18
CA GLY I 67 38.77 3.70 26.91
C GLY I 67 38.75 3.41 25.42
N GLU I 68 38.67 2.13 25.08
CA GLU I 68 38.77 1.72 23.68
C GLU I 68 37.60 2.25 22.87
N LEU I 69 36.37 2.21 23.42
CA LEU I 69 35.17 2.45 22.62
C LEU I 69 34.53 3.81 22.87
N PRO I 70 33.88 4.40 21.84
CA PRO I 70 33.87 3.95 20.43
C PRO I 70 35.23 4.19 19.75
N HIS I 71 35.57 3.39 18.74
CA HIS I 71 36.84 3.54 18.04
C HIS I 71 36.95 4.91 17.38
N PHE I 72 35.84 5.45 16.89
CA PHE I 72 35.86 6.73 16.19
C PHE I 72 35.92 7.92 17.13
N ALA I 73 36.01 7.69 18.42
CA ALA I 73 35.92 8.73 19.42
C ALA I 73 37.21 8.81 20.21
N GLY I 74 37.35 9.92 20.92
CA GLY I 74 38.38 10.03 21.93
C GLY I 74 39.60 10.78 21.43
N ILE I 75 40.45 11.13 22.40
CA ILE I 75 41.71 11.80 22.10
C ILE I 75 42.68 10.77 21.51
N ASN I 76 43.35 11.16 20.42
CA ASN I 76 44.15 10.20 19.63
C ASN I 76 45.58 10.00 20.11
N THR I 77 45.77 9.12 21.08
CA THR I 77 47.11 8.65 21.50
C THR I 77 47.32 7.39 20.66
N PHE I 78 48.54 6.87 20.53
CA PHE I 78 48.75 5.59 19.83
C PHE I 78 47.90 4.50 20.50
N ILE I 79 47.06 3.79 19.76
CA ILE I 79 46.10 2.77 20.22
C ILE I 79 45.45 3.17 21.54
N LYS I 80 45.20 4.46 21.70
CA LYS I 80 44.53 5.03 22.87
C LYS I 80 45.23 4.65 24.17
N ALA I 81 46.55 4.47 24.10
CA ALA I 81 47.33 4.31 25.30
C ALA I 81 47.31 5.59 26.13
N PRO I 82 47.54 5.49 27.43
CA PRO I 82 47.59 6.71 28.25
C PRO I 82 48.70 7.64 27.80
N TYR I 83 48.37 8.94 27.75
CA TYR I 83 49.35 9.98 27.57
C TYR I 83 50.11 10.20 28.87
N VAL I 84 51.42 10.16 28.81
CA VAL I 84 52.27 10.38 29.97
C VAL I 84 52.94 11.73 29.79
N GLU I 85 52.33 12.74 30.41
CA GLU I 85 52.79 14.12 30.26
C GLU I 85 54.16 14.33 30.89
N ASP I 86 54.43 13.68 32.02
CA ASP I 86 55.70 13.78 32.72
C ASP I 86 56.60 12.68 32.20
N VAL I 87 57.48 13.02 31.24
CA VAL I 87 58.24 11.97 30.56
C VAL I 87 59.24 11.29 31.46
N ARG I 88 59.52 11.86 32.65
CA ARG I 88 60.34 11.19 33.65
C ARG I 88 59.69 9.93 34.19
N LYS I 89 58.40 9.71 33.92
CA LYS I 89 57.66 8.54 34.38
C LYS I 89 57.57 7.43 33.34
N CYS I 90 58.21 7.60 32.16
CA CYS I 90 58.03 6.62 31.10
C CYS I 90 58.54 5.24 31.49
N GLY I 91 59.49 5.17 32.42
CA GLY I 91 60.00 3.87 32.86
C GLY I 91 58.99 3.03 33.63
N GLN I 92 57.85 3.60 33.99
CA GLN I 92 56.80 2.82 34.65
C GLN I 92 56.05 1.92 33.69
N TYR I 93 56.38 1.98 32.39
CA TYR I 93 55.66 1.24 31.35
C TYR I 93 56.59 0.30 30.63
N ASP I 94 56.03 -0.81 30.13
CA ASP I 94 56.83 -1.75 29.36
C ASP I 94 57.23 -1.16 28.02
N VAL I 95 56.34 -0.37 27.43
CA VAL I 95 56.51 0.17 26.09
C VAL I 95 56.16 1.65 26.14
N ALA I 96 56.96 2.46 25.44
CA ALA I 96 56.71 3.89 25.34
C ALA I 96 56.73 4.27 23.87
N ILE I 97 55.64 4.84 23.38
CA ILE I 97 55.53 5.36 22.02
C ILE I 97 55.97 6.82 22.05
N LEU I 98 56.82 7.21 21.11
CA LEU I 98 57.19 8.61 20.95
C LEU I 98 57.30 8.95 19.47
N GLY I 99 56.93 10.19 19.14
CA GLY I 99 56.99 10.67 17.77
C GLY I 99 58.20 11.56 17.55
N ALA I 100 58.68 11.57 16.31
CA ALA I 100 59.79 12.42 15.87
C ALA I 100 59.30 13.15 14.61
N PRO I 101 58.45 14.17 14.78
CA PRO I 101 57.82 14.82 13.62
C PRO I 101 58.79 15.71 12.86
N PHE I 102 59.52 15.13 11.90
CA PHE I 102 60.57 15.84 11.19
C PHE I 102 60.65 15.35 9.76
N ASP I 103 60.77 16.30 8.82
CA ASP I 103 60.99 15.91 7.42
C ASP I 103 62.07 16.77 6.75
N GLY I 104 62.93 17.42 7.52
CA GLY I 104 64.04 18.16 6.94
C GLY I 104 65.13 17.30 6.33
N GLY I 105 65.08 16.00 6.53
CA GLY I 105 65.99 15.07 5.89
C GLY I 105 65.51 14.48 4.58
N THR I 106 64.35 14.92 4.07
CA THR I 106 63.77 14.33 2.86
C THR I 106 64.37 14.94 1.61
N THR I 107 64.69 14.08 0.65
CA THR I 107 65.30 14.50 -0.61
C THR I 107 64.30 14.61 -1.78
N TYR I 108 63.04 14.20 -1.57
CA TYR I 108 61.99 14.45 -2.56
C TYR I 108 60.80 15.09 -1.88
N ARG I 109 59.76 14.32 -1.54
CA ARG I 109 58.60 14.91 -0.89
C ARG I 109 58.79 15.03 0.62
N ALA I 110 58.29 16.13 1.19
CA ALA I 110 58.14 16.25 2.63
C ALA I 110 56.77 15.70 3.01
N GLY I 111 56.35 15.94 4.26
CA GLY I 111 55.06 15.52 4.77
C GLY I 111 55.15 14.48 5.89
N THR I 112 56.26 13.76 5.97
CA THR I 112 56.41 12.79 7.04
C THR I 112 56.60 13.44 8.40
N ARG I 113 56.61 14.79 8.50
CA ARG I 113 56.49 15.39 9.81
C ARG I 113 55.17 15.03 10.46
N PHE I 114 54.16 14.66 9.67
CA PHE I 114 52.86 14.27 10.18
C PHE I 114 52.69 12.76 10.34
N GLY I 115 53.75 11.99 10.06
CA GLY I 115 53.74 10.57 10.29
C GLY I 115 53.18 10.18 11.65
N PRO I 116 53.73 10.75 12.73
CA PRO I 116 53.25 10.36 14.07
C PRO I 116 51.76 10.64 14.26
N GLN I 117 51.30 11.80 13.79
CA GLN I 117 49.88 12.14 13.92
C GLN I 117 49.01 11.18 13.11
N GLY I 118 49.43 10.87 11.88
CA GLY I 118 48.63 9.99 11.04
C GLY I 118 48.56 8.59 11.59
N ILE I 119 49.69 8.09 12.10
CA ILE I 119 49.71 6.76 12.69
C ILE I 119 48.81 6.72 13.92
N ARG I 120 48.97 7.69 14.81
CA ARG I 120 48.12 7.73 16.00
C ARG I 120 46.64 7.76 15.63
N LYS I 121 46.30 8.57 14.63
CA LYS I 121 44.90 8.73 14.25
C LYS I 121 44.29 7.41 13.83
N ILE I 122 44.91 6.71 12.87
CA ILE I 122 44.30 5.49 12.34
C ILE I 122 44.42 4.35 13.33
N SER I 123 45.38 4.41 14.26
CA SER I 123 45.54 3.33 15.22
C SER I 123 44.30 3.15 16.10
N ALA I 124 43.42 4.14 16.17
CA ALA I 124 42.18 4.00 16.94
C ALA I 124 41.27 2.92 16.38
N LEU I 125 41.40 2.60 15.09
CA LEU I 125 40.57 1.60 14.47
C LEU I 125 40.72 0.24 15.14
N TYR I 126 41.91 -0.03 15.66
CA TYR I 126 42.27 -1.35 16.15
C TYR I 126 41.66 -1.64 17.52
N GLY I 127 41.34 -2.91 17.75
CA GLY I 127 41.15 -3.43 19.09
C GLY I 127 42.51 -3.68 19.72
N THR I 128 42.49 -4.33 20.89
CA THR I 128 43.72 -4.60 21.62
C THR I 128 44.21 -6.03 21.39
N TYR I 129 43.57 -6.78 20.51
CA TYR I 129 43.75 -8.22 20.38
C TYR I 129 43.98 -8.62 18.95
N SER I 130 44.97 -9.46 18.72
CA SER I 130 45.26 -10.02 17.41
C SER I 130 44.75 -11.45 17.35
N PHE I 131 43.88 -11.72 16.38
CA PHE I 131 43.32 -13.06 16.24
C PHE I 131 44.41 -14.09 15.97
N GLU I 132 45.15 -13.93 14.86
CA GLU I 132 46.07 -15.00 14.49
C GLU I 132 47.32 -15.07 15.35
N LEU I 133 47.69 -13.98 16.02
CA LEU I 133 48.85 -14.06 16.91
C LEU I 133 48.47 -14.50 18.31
N GLY I 134 47.19 -14.42 18.66
CA GLY I 134 46.73 -14.94 19.95
C GLY I 134 47.18 -14.11 21.12
N VAL I 135 47.15 -12.79 20.99
CA VAL I 135 47.71 -11.89 21.98
C VAL I 135 46.72 -10.77 22.23
N ASP I 136 46.55 -10.39 23.48
CA ASP I 136 45.78 -9.21 23.87
C ASP I 136 46.76 -8.29 24.57
N LEU I 137 47.18 -7.22 23.87
CA LEU I 137 48.16 -6.31 24.43
C LEU I 137 47.67 -5.66 25.72
N ARG I 138 46.36 -5.44 25.81
CA ARG I 138 45.81 -4.80 27.01
C ARG I 138 46.06 -5.66 28.24
N GLU I 139 46.09 -6.98 28.06
CA GLU I 139 46.26 -7.88 29.19
C GLU I 139 47.72 -8.18 29.52
N SER I 140 48.63 -8.00 28.57
N SER I 140 48.64 -7.99 28.57
CA SER I 140 49.98 -8.56 28.68
CA SER I 140 49.98 -8.55 28.67
C SER I 140 51.11 -7.53 28.75
C SER I 140 51.10 -7.53 28.74
N VAL I 141 50.87 -6.28 28.39
CA VAL I 141 51.94 -5.29 28.37
C VAL I 141 51.35 -3.91 28.66
N SER I 142 52.12 -3.09 29.38
CA SER I 142 51.73 -1.72 29.67
C SER I 142 52.37 -0.80 28.64
N ILE I 143 51.53 0.00 27.98
CA ILE I 143 51.96 0.86 26.89
C ILE I 143 51.58 2.28 27.25
N CYS I 144 52.49 3.22 27.02
CA CYS I 144 52.20 4.64 27.17
C CYS I 144 52.61 5.39 25.91
N ASP I 145 52.09 6.60 25.79
CA ASP I 145 52.42 7.51 24.70
C ASP I 145 52.95 8.78 25.33
N VAL I 146 54.22 9.10 25.08
CA VAL I 146 54.86 10.28 25.66
C VAL I 146 54.84 11.47 24.69
N GLY I 147 54.07 11.38 23.61
CA GLY I 147 53.97 12.48 22.70
C GLY I 147 55.16 12.59 21.77
N ASP I 148 55.57 13.81 21.47
CA ASP I 148 56.53 14.05 20.41
C ASP I 148 57.78 14.77 20.91
N ILE I 149 58.91 14.42 20.26
CA ILE I 149 60.12 15.21 20.36
C ILE I 149 59.86 16.60 19.79
N PHE I 150 60.43 17.61 20.43
CA PHE I 150 60.39 18.99 19.95
C PHE I 150 61.46 19.10 18.88
N THR I 151 61.08 18.81 17.63
CA THR I 151 62.00 18.84 16.50
C THR I 151 62.23 20.25 16.01
N ILE I 152 63.27 20.41 15.19
CA ILE I 152 63.79 21.71 14.75
C ILE I 152 63.81 21.73 13.22
N PRO I 153 62.73 22.14 12.56
CA PRO I 153 62.65 21.97 11.09
C PRO I 153 63.77 22.62 10.30
N GLY I 154 64.32 23.73 10.79
CA GLY I 154 65.37 24.45 10.09
C GLY I 154 66.77 23.91 10.23
N ASN I 155 66.96 22.85 11.02
CA ASN I 155 68.31 22.44 11.39
C ASN I 155 68.29 20.95 11.72
N ILE I 156 68.73 20.13 10.76
CA ILE I 156 68.70 18.69 10.96
C ILE I 156 69.63 18.27 12.11
N GLU I 157 70.75 18.97 12.30
CA GLU I 157 71.67 18.58 13.37
C GLU I 157 71.08 18.82 14.75
N LYS I 158 70.42 19.97 14.94
CA LYS I 158 69.73 20.20 16.19
C LYS I 158 68.63 19.16 16.41
N THR I 159 67.92 18.80 15.33
CA THR I 159 66.88 17.77 15.46
C THR I 159 67.47 16.44 15.92
N PHE I 160 68.60 16.04 15.32
CA PHE I 160 69.26 14.83 15.79
C PHE I 160 69.54 14.90 17.28
N ASP I 161 70.05 16.04 17.75
CA ASP I 161 70.40 16.18 19.16
C ASP I 161 69.17 16.04 20.06
N GLN I 162 68.04 16.64 19.65
CA GLN I 162 66.79 16.47 20.39
C GLN I 162 66.34 15.01 20.39
N VAL I 163 66.37 14.38 19.22
CA VAL I 163 65.91 13.00 19.12
C VAL I 163 66.82 12.06 19.90
N SER I 164 68.14 12.24 19.80
CA SER I 164 69.05 11.38 20.56
C SER I 164 68.80 11.51 22.06
N LYS I 165 68.55 12.73 22.53
CA LYS I 165 68.34 12.93 23.96
C LYS I 165 67.03 12.29 24.41
N GLY I 166 65.96 12.50 23.64
CA GLY I 166 64.67 11.95 24.04
C GLY I 166 64.64 10.45 23.96
N VAL I 167 65.10 9.87 22.84
CA VAL I 167 65.12 8.42 22.69
C VAL I 167 66.08 7.79 23.69
N GLY I 168 67.25 8.42 23.91
CA GLY I 168 68.14 7.95 24.96
C GLY I 168 67.48 7.90 26.32
N HIS I 169 66.72 8.95 26.66
CA HIS I 169 66.00 8.97 27.93
C HIS I 169 65.01 7.83 28.03
N VAL I 170 64.21 7.61 26.99
CA VAL I 170 63.20 6.53 27.03
C VAL I 170 63.88 5.17 27.12
N PHE I 171 64.91 4.95 26.31
CA PHE I 171 65.60 3.68 26.33
C PHE I 171 66.27 3.43 27.67
N ALA I 172 66.91 4.46 28.24
CA ALA I 172 67.59 4.29 29.51
C ALA I 172 66.61 3.98 30.63
N SER I 173 65.34 4.36 30.46
CA SER I 173 64.33 4.13 31.49
C SER I 173 63.94 2.67 31.62
N GLY I 174 64.28 1.85 30.63
CA GLY I 174 63.87 0.47 30.59
C GLY I 174 62.65 0.19 29.74
N ALA I 175 61.92 1.22 29.36
CA ALA I 175 60.79 1.04 28.45
C ALA I 175 61.29 0.74 27.05
N PHE I 176 60.58 -0.13 26.34
CA PHE I 176 60.83 -0.47 24.95
C PHE I 176 60.38 0.71 24.10
N PRO I 177 61.28 1.43 23.43
CA PRO I 177 60.84 2.59 22.65
C PRO I 177 60.32 2.19 21.27
N VAL I 178 59.20 2.80 20.89
CA VAL I 178 58.67 2.71 19.52
C VAL I 178 58.64 4.14 19.00
N VAL I 179 59.53 4.45 18.05
CA VAL I 179 59.70 5.79 17.52
C VAL I 179 58.88 5.91 16.23
N LEU I 180 57.96 6.86 16.19
CA LEU I 180 57.17 7.13 15.00
C LEU I 180 57.84 8.25 14.24
N GLY I 181 58.32 7.97 13.03
CA GLY I 181 58.88 9.02 12.20
C GLY I 181 57.83 9.69 11.36
N GLY I 182 58.22 10.76 10.65
CA GLY I 182 59.60 11.25 10.54
C GLY I 182 60.42 10.52 9.50
N ASP I 183 61.38 11.21 8.88
CA ASP I 183 62.18 10.63 7.79
C ASP I 183 63.32 9.75 8.33
N HIS I 184 63.93 8.97 7.46
CA HIS I 184 64.92 7.94 7.88
C HIS I 184 66.22 8.56 8.40
N SER I 185 66.44 9.84 8.17
CA SER I 185 67.62 10.53 8.74
C SER I 185 67.61 10.31 10.25
N LEU I 186 66.42 10.26 10.84
CA LEU I 186 66.29 10.15 12.31
C LEU I 186 66.87 8.81 12.81
N GLY I 187 67.08 7.83 11.94
CA GLY I 187 67.67 6.54 12.32
C GLY I 187 69.06 6.71 12.89
N PHE I 188 69.82 7.66 12.36
CA PHE I 188 71.10 7.98 12.97
C PHE I 188 70.91 8.42 14.42
N ALA I 189 69.98 9.36 14.64
CA ALA I 189 69.84 9.98 15.95
C ALA I 189 69.28 8.99 16.98
N THR I 190 68.38 8.12 16.56
CA THR I 190 67.81 7.15 17.50
C THR I 190 68.87 6.15 17.92
N VAL I 191 69.63 5.61 16.95
CA VAL I 191 70.67 4.64 17.26
C VAL I 191 71.77 5.30 18.08
N ARG I 192 72.10 6.55 17.77
CA ARG I 192 73.11 7.26 18.54
C ARG I 192 72.68 7.38 20.00
N GLY I 193 71.41 7.64 20.25
CA GLY I 193 70.93 7.76 21.62
C GLY I 193 70.90 6.43 22.34
N VAL I 194 70.48 5.37 21.66
CA VAL I 194 70.47 4.03 22.25
C VAL I 194 71.89 3.57 22.53
N ALA I 195 72.80 3.72 21.59
CA ALA I 195 74.19 3.21 21.74
C ALA I 195 74.90 3.88 22.92
N GLN I 196 74.46 5.06 23.33
CA GLN I 196 75.03 5.81 24.47
C GLN I 196 74.72 5.09 25.79
N HIS I 197 73.71 4.26 25.83
CA HIS I 197 73.27 3.60 27.09
C HIS I 197 73.41 2.09 27.00
N LEU I 198 74.40 1.59 26.26
CA LEU I 198 74.61 0.15 26.17
C LEU I 198 75.82 -0.31 26.96
N ASN I 199 76.38 0.57 27.79
CA ASN I 199 77.58 0.26 28.58
C ASN I 199 78.65 -0.37 27.71
N GLY I 200 78.86 0.21 26.52
CA GLY I 200 79.90 -0.23 25.62
C GLY I 200 79.59 -1.46 24.79
N LYS I 201 78.49 -2.15 25.07
CA LYS I 201 78.10 -3.31 24.28
C LYS I 201 77.64 -2.87 22.88
N LYS I 202 77.63 -3.84 21.96
CA LYS I 202 77.43 -3.56 20.55
C LYS I 202 75.96 -3.63 20.17
N LEU I 203 75.61 -2.90 19.09
CA LEU I 203 74.24 -2.77 18.63
C LEU I 203 74.17 -3.15 17.16
N GLY I 204 73.38 -4.18 16.85
CA GLY I 204 73.08 -4.51 15.47
C GLY I 204 71.80 -3.83 14.99
N ILE I 205 71.61 -3.83 13.68
CA ILE I 205 70.50 -3.11 13.05
C ILE I 205 69.86 -3.99 12.00
N LEU I 206 68.56 -4.18 12.13
CA LEU I 206 67.75 -4.85 11.09
C LEU I 206 67.06 -3.72 10.35
N HIS I 207 67.46 -3.45 9.11
CA HIS I 207 66.99 -2.28 8.33
C HIS I 207 66.07 -2.73 7.19
N PHE I 208 64.78 -2.45 7.24
CA PHE I 208 63.83 -2.75 6.14
C PHE I 208 63.74 -1.50 5.27
N ASP I 209 64.10 -1.61 4.00
CA ASP I 209 64.15 -0.43 3.12
C ASP I 209 64.46 -0.81 1.68
N ARG I 210 64.04 0.00 0.72
CA ARG I 210 64.45 -0.20 -0.69
C ARG I 210 65.74 0.59 -0.89
N HIS I 211 66.06 1.52 0.04
CA HIS I 211 67.22 2.43 -0.09
C HIS I 211 68.32 2.09 0.92
N VAL I 212 69.58 2.11 0.48
CA VAL I 212 70.73 1.71 1.34
C VAL I 212 70.95 2.72 2.47
N ASP I 213 70.73 4.00 2.26
CA ASP I 213 70.79 5.01 3.34
C ASP I 213 72.18 4.96 3.99
N THR I 214 73.19 4.75 3.16
CA THR I 214 74.56 4.60 3.67
C THR I 214 75.59 5.52 3.01
N GLN I 215 75.20 6.68 2.50
CA GLN I 215 76.17 7.64 1.98
C GLN I 215 76.47 8.73 3.01
N ASP I 216 77.51 9.53 2.73
CA ASP I 216 78.01 10.47 3.72
C ASP I 216 77.14 11.72 3.84
N THR I 217 76.96 12.45 2.73
CA THR I 217 76.12 13.63 2.73
C THR I 217 75.22 13.61 1.50
N ASP I 218 74.15 14.40 1.57
CA ASP I 218 73.20 14.54 0.46
C ASP I 218 72.68 15.96 0.57
N LEU I 219 72.76 16.73 -0.53
CA LEU I 219 72.41 18.14 -0.50
C LEU I 219 73.09 18.84 0.68
N ASP I 220 74.35 18.46 0.91
CA ASP I 220 75.26 19.05 1.88
C ASP I 220 74.94 18.76 3.34
N GLU I 221 74.04 17.82 3.63
CA GLU I 221 73.68 17.52 5.01
C GLU I 221 73.50 16.01 5.18
N ARG I 222 73.32 15.60 6.43
CA ARG I 222 73.18 14.19 6.80
C ARG I 222 71.71 13.77 6.71
N MET I 223 71.21 13.75 5.48
CA MET I 223 69.79 13.50 5.23
C MET I 223 69.48 11.99 5.27
N HIS I 224 68.25 11.64 4.86
CA HIS I 224 67.72 10.25 5.03
C HIS I 224 68.49 9.21 4.21
N THR I 225 69.30 9.65 3.26
CA THR I 225 70.17 8.73 2.54
C THR I 225 71.49 8.47 3.27
N THR I 226 71.74 9.08 4.44
CA THR I 226 73.04 8.99 5.15
C THR I 226 73.01 8.40 6.56
N PRO I 227 71.85 8.04 7.15
CA PRO I 227 71.83 7.67 8.56
C PRO I 227 72.79 6.57 8.99
N TRP I 228 72.90 5.51 8.23
CA TRP I 228 73.68 4.31 8.64
C TRP I 228 75.17 4.52 8.38
N PHE I 229 75.57 5.44 7.52
CA PHE I 229 77.00 5.78 7.33
C PHE I 229 77.50 6.38 8.64
N HIS I 230 76.73 7.30 9.20
CA HIS I 230 77.11 7.97 10.43
C HIS I 230 76.86 7.13 11.65
N ALA I 231 75.81 6.30 11.63
CA ALA I 231 75.56 5.43 12.76
C ALA I 231 76.67 4.38 12.91
N THR I 232 77.12 3.81 11.80
CA THR I 232 78.15 2.77 11.87
C THR I 232 79.56 3.35 12.07
N ASN I 233 79.69 4.69 12.06
CA ASN I 233 80.91 5.31 12.55
C ASN I 233 81.00 5.29 14.07
N ILE I 234 79.89 5.07 14.77
CA ILE I 234 79.92 5.00 16.24
C ILE I 234 80.67 3.73 16.65
N PRO I 235 81.54 3.80 17.66
CA PRO I 235 82.43 2.64 17.93
C PRO I 235 81.69 1.35 18.24
N ASN I 236 80.54 1.39 18.91
CA ASN I 236 79.84 0.16 19.29
C ASN I 236 78.64 -0.13 18.39
N VAL I 237 78.64 0.40 17.16
CA VAL I 237 77.58 0.09 16.15
C VAL I 237 78.30 -0.54 14.94
N PRO I 238 78.51 -1.86 14.94
CA PRO I 238 79.22 -2.51 13.86
C PRO I 238 78.44 -2.60 12.55
N ALA I 239 79.04 -2.15 11.44
CA ALA I 239 78.39 -2.18 10.11
C ALA I 239 78.20 -3.62 9.64
N LYS I 240 79.00 -4.57 10.12
CA LYS I 240 78.84 -5.99 9.74
C LYS I 240 77.53 -6.52 10.32
N ASN I 241 76.99 -5.85 11.31
CA ASN I 241 75.73 -6.26 11.97
C ASN I 241 74.58 -5.42 11.41
N LEU I 242 74.81 -4.63 10.36
CA LEU I 242 73.73 -3.91 9.70
C LEU I 242 73.23 -4.77 8.54
N VAL I 243 71.99 -5.24 8.66
CA VAL I 243 71.35 -6.10 7.67
C VAL I 243 70.29 -5.27 6.97
N GLN I 244 70.41 -5.16 5.65
CA GLN I 244 69.59 -4.28 4.83
C GLN I 244 68.68 -5.16 3.98
N ILE I 245 67.39 -5.09 4.26
CA ILE I 245 66.40 -6.04 3.76
C ILE I 245 65.47 -5.30 2.82
N GLY I 246 65.55 -5.64 1.53
CA GLY I 246 64.65 -5.11 0.52
C GLY I 246 65.26 -4.15 -0.46
N ILE I 247 66.58 -3.94 -0.41
CA ILE I 247 67.23 -2.92 -1.26
C ILE I 247 66.93 -3.20 -2.74
N GLY I 248 66.55 -2.17 -3.48
CA GLY I 248 66.36 -2.30 -4.91
C GLY I 248 65.73 -1.06 -5.50
N GLY I 249 65.57 -1.10 -6.82
CA GLY I 249 64.96 -0.01 -7.54
C GLY I 249 65.97 0.99 -8.07
N TRP I 250 65.48 2.22 -8.29
CA TRP I 250 66.24 3.29 -8.94
C TRP I 250 66.59 4.42 -7.99
N GLN I 251 66.48 4.18 -6.69
CA GLN I 251 66.73 5.23 -5.67
C GLN I 251 67.75 4.73 -4.64
N ALA I 252 68.53 3.70 -4.91
CA ALA I 252 69.63 3.26 -4.02
C ALA I 252 70.87 3.96 -4.57
N PRO I 253 71.32 5.10 -4.01
CA PRO I 253 72.38 5.88 -4.66
C PRO I 253 73.71 5.15 -4.64
N ARG I 254 74.46 5.33 -5.73
CA ARG I 254 75.75 4.66 -5.85
C ARG I 254 76.70 4.95 -4.70
N PRO I 255 76.86 6.20 -4.23
CA PRO I 255 77.80 6.42 -3.11
C PRO I 255 77.40 5.65 -1.87
N GLY I 256 76.10 5.42 -1.68
CA GLY I 256 75.67 4.58 -0.57
C GLY I 256 76.01 3.12 -0.77
N VAL I 257 75.85 2.61 -2.01
CA VAL I 257 76.20 1.23 -2.27
C VAL I 257 77.69 1.02 -2.04
N LYS I 258 78.51 1.94 -2.54
CA LYS I 258 79.96 1.85 -2.35
C LYS I 258 80.33 1.81 -0.87
N ALA I 259 79.80 2.76 -0.08
CA ALA I 259 80.17 2.82 1.33
C ALA I 259 79.71 1.57 2.07
N GLY I 260 78.52 1.05 1.73
CA GLY I 260 78.08 -0.19 2.36
C GLY I 260 78.97 -1.36 2.01
N ARG I 261 79.42 -1.43 0.75
CA ARG I 261 80.35 -2.47 0.34
C ARG I 261 81.64 -2.41 1.15
N GLU I 262 82.23 -1.22 1.23
CA GLU I 262 83.48 -1.05 1.96
C GLU I 262 83.35 -1.44 3.43
N ARG I 263 82.18 -1.21 4.03
CA ARG I 263 81.96 -1.50 5.44
C ARG I 263 81.37 -2.89 5.66
N GLN I 264 81.05 -3.60 4.58
CA GLN I 264 80.58 -4.99 4.65
C GLN I 264 79.25 -5.14 5.39
N THR I 265 78.32 -4.25 5.09
CA THR I 265 76.93 -4.53 5.45
C THR I 265 76.43 -5.73 4.64
N THR I 266 75.31 -6.29 5.06
CA THR I 266 74.65 -7.38 4.35
C THR I 266 73.39 -6.85 3.70
N ILE I 267 73.20 -7.18 2.41
CA ILE I 267 72.03 -6.77 1.64
C ILE I 267 71.33 -8.01 1.08
N MET I 268 70.01 -8.05 1.24
CA MET I 268 69.14 -9.03 0.57
C MET I 268 68.04 -8.22 -0.12
N THR I 269 67.94 -8.35 -1.45
CA THR I 269 66.89 -7.67 -2.18
C THR I 269 65.54 -8.32 -1.91
N VAL I 270 64.48 -7.64 -2.34
CA VAL I 270 63.13 -8.23 -2.24
C VAL I 270 63.11 -9.58 -2.96
N THR I 271 63.63 -9.62 -4.18
CA THR I 271 63.61 -10.87 -4.94
C THR I 271 64.45 -11.94 -4.26
N ASP I 272 65.59 -11.57 -3.67
CA ASP I 272 66.38 -12.54 -2.91
C ASP I 272 65.54 -13.17 -1.81
N CYS I 273 64.78 -12.35 -1.08
CA CYS I 273 64.05 -12.84 0.08
C CYS I 273 62.89 -13.73 -0.36
N VAL I 274 62.16 -13.31 -1.39
CA VAL I 274 60.99 -14.08 -1.81
C VAL I 274 61.41 -15.38 -2.48
N GLU I 275 62.53 -15.36 -3.22
CA GLU I 275 62.97 -16.58 -3.89
C GLU I 275 63.49 -17.61 -2.88
N MET I 276 64.21 -17.16 -1.84
CA MET I 276 64.75 -18.11 -0.88
C MET I 276 63.67 -18.60 0.10
N GLY I 277 62.59 -17.84 0.24
CA GLY I 277 61.56 -18.12 1.22
C GLY I 277 61.71 -17.20 2.41
N ILE I 278 60.59 -16.59 2.85
CA ILE I 278 60.69 -15.57 3.89
C ILE I 278 61.25 -16.17 5.17
N GLU I 279 60.86 -17.41 5.49
CA GLU I 279 61.36 -18.03 6.71
C GLU I 279 62.88 -18.17 6.64
N ASN I 280 63.42 -18.54 5.48
CA ASN I 280 64.88 -18.64 5.33
C ASN I 280 65.53 -17.28 5.34
N ALA I 281 64.87 -16.28 4.74
CA ALA I 281 65.40 -14.93 4.74
C ALA I 281 65.52 -14.39 6.16
N ALA I 282 64.49 -14.60 6.97
CA ALA I 282 64.51 -14.13 8.36
C ALA I 282 65.62 -14.82 9.16
N LYS I 283 65.80 -16.12 8.96
CA LYS I 283 66.87 -16.83 9.65
C LYS I 283 68.23 -16.24 9.32
N GLN I 284 68.48 -15.99 8.02
CA GLN I 284 69.73 -15.42 7.58
C GLN I 284 69.92 -14.01 8.16
N ALA I 285 68.88 -13.19 8.11
CA ALA I 285 68.98 -11.83 8.63
C ALA I 285 69.27 -11.84 10.13
N LEU I 286 68.55 -12.67 10.88
CA LEU I 286 68.80 -12.79 12.32
C LEU I 286 70.23 -13.25 12.60
N GLU I 287 70.70 -14.26 11.88
CA GLU I 287 72.04 -14.78 12.11
C GLU I 287 73.08 -13.67 11.98
N VAL I 288 72.95 -12.84 10.94
CA VAL I 288 73.93 -11.79 10.69
C VAL I 288 73.79 -10.66 11.70
N ALA I 289 72.55 -10.23 11.96
CA ALA I 289 72.36 -9.06 12.82
C ALA I 289 72.79 -9.36 14.25
N PHE I 290 72.55 -10.56 14.74
CA PHE I 290 72.83 -10.93 16.11
C PHE I 290 74.20 -11.61 16.30
N ASP I 291 75.01 -11.68 15.24
CA ASP I 291 76.32 -12.32 15.33
C ASP I 291 77.23 -11.53 16.26
N GLY I 292 77.45 -12.05 17.47
CA GLY I 292 78.35 -11.40 18.41
C GLY I 292 77.80 -10.17 19.06
N VAL I 293 76.49 -9.95 19.00
CA VAL I 293 75.84 -8.83 19.66
C VAL I 293 74.52 -9.30 20.21
N ASP I 294 74.12 -8.76 21.36
CA ASP I 294 72.83 -9.08 21.95
C ASP I 294 71.74 -8.06 21.61
N ALA I 295 72.10 -6.78 21.49
CA ALA I 295 71.11 -5.73 21.26
C ALA I 295 70.99 -5.47 19.77
N VAL I 296 69.77 -5.46 19.26
CA VAL I 296 69.51 -5.19 17.86
C VAL I 296 68.33 -4.24 17.76
N TRP I 297 68.50 -3.22 16.91
CA TRP I 297 67.51 -2.16 16.69
C TRP I 297 66.79 -2.45 15.37
N LEU I 298 65.47 -2.29 15.38
CA LEU I 298 64.65 -2.51 14.19
C LEU I 298 64.31 -1.16 13.59
N SER I 299 64.75 -0.91 12.38
CA SER I 299 64.45 0.35 11.64
C SER I 299 63.64 -0.03 10.39
N PHE I 300 62.36 0.28 10.39
CA PHE I 300 61.43 -0.12 9.34
C PHE I 300 60.98 1.12 8.57
N ASP I 301 61.34 1.15 7.29
CA ASP I 301 60.91 2.23 6.35
C ASP I 301 59.68 1.69 5.64
N VAL I 302 58.58 2.40 5.68
CA VAL I 302 57.36 1.91 5.08
C VAL I 302 57.53 1.77 3.57
N ASP I 303 58.54 2.40 2.99
CA ASP I 303 58.72 2.31 1.52
C ASP I 303 59.22 0.90 1.10
N CYS I 304 59.56 0.01 2.03
CA CYS I 304 59.95 -1.32 1.58
C CYS I 304 58.76 -2.10 1.02
N LEU I 305 57.53 -1.72 1.38
CA LEU I 305 56.35 -2.24 0.72
C LEU I 305 56.22 -1.65 -0.68
N ASP I 306 55.68 -2.45 -1.60
CA ASP I 306 55.32 -1.92 -2.92
C ASP I 306 54.49 -0.66 -2.77
N ALA I 307 54.80 0.34 -3.61
CA ALA I 307 54.17 1.66 -3.53
C ALA I 307 52.66 1.63 -3.33
N ALA I 308 51.96 0.69 -3.97
CA ALA I 308 50.52 0.65 -3.88
C ALA I 308 50.02 0.43 -2.46
N PHE I 309 50.82 -0.22 -1.60
CA PHE I 309 50.40 -0.41 -0.22
C PHE I 309 50.81 0.75 0.67
N VAL I 310 51.72 1.60 0.21
CA VAL I 310 52.27 2.67 1.01
C VAL I 310 52.37 3.91 0.14
N PRO I 311 51.27 4.35 -0.48
CA PRO I 311 51.34 5.55 -1.34
C PRO I 311 51.77 6.79 -0.59
N GLY I 312 51.57 6.83 0.73
CA GLY I 312 51.86 8.00 1.53
C GLY I 312 53.27 7.99 2.03
N THR I 313 54.23 8.10 1.11
CA THR I 313 55.65 8.11 1.45
C THR I 313 56.36 9.06 0.49
N GLY I 314 57.56 9.50 0.86
CA GLY I 314 58.29 10.50 0.06
C GLY I 314 59.13 9.89 -1.04
N TRP I 315 59.41 8.61 -0.98
CA TRP I 315 60.29 7.91 -1.96
C TRP I 315 59.71 6.53 -2.26
N PRO I 316 58.51 6.51 -2.87
CA PRO I 316 57.88 5.26 -3.23
C PRO I 316 58.59 4.50 -4.37
N GLU I 317 58.46 3.18 -4.36
CA GLU I 317 59.09 2.34 -5.41
C GLU I 317 58.26 1.09 -5.72
N PRO I 318 58.05 0.76 -7.01
CA PRO I 318 57.40 -0.48 -7.36
C PRO I 318 58.30 -1.70 -7.10
N GLY I 319 57.69 -2.89 -7.04
CA GLY I 319 58.45 -4.15 -6.90
C GLY I 319 58.89 -4.43 -5.45
N GLY I 320 58.27 -3.79 -4.47
CA GLY I 320 58.62 -4.04 -3.09
C GLY I 320 57.94 -5.28 -2.54
N PHE I 321 58.05 -5.42 -1.23
CA PHE I 321 57.38 -6.52 -0.54
C PHE I 321 55.86 -6.39 -0.63
N LEU I 322 55.18 -7.51 -0.59
CA LEU I 322 53.76 -7.52 -0.29
C LEU I 322 53.54 -7.64 1.21
N PRO I 323 52.38 -7.18 1.69
CA PRO I 323 52.15 -7.16 3.16
C PRO I 323 52.35 -8.50 3.85
N ARG I 324 51.81 -9.59 3.30
CA ARG I 324 51.95 -10.86 4.01
C ARG I 324 53.40 -11.29 4.08
N GLU I 325 54.20 -10.90 3.09
CA GLU I 325 55.62 -11.26 3.07
C GLU I 325 56.37 -10.55 4.19
N VAL I 326 56.20 -9.23 4.31
CA VAL I 326 56.98 -8.48 5.30
C VAL I 326 56.42 -8.71 6.70
N LEU I 327 55.12 -8.93 6.85
CA LEU I 327 54.59 -9.18 8.17
C LEU I 327 55.07 -10.53 8.69
N LYS I 328 55.15 -11.54 7.83
CA LYS I 328 55.74 -12.82 8.23
C LYS I 328 57.19 -12.64 8.64
N PHE I 329 57.95 -11.90 7.82
CA PHE I 329 59.34 -11.61 8.11
C PHE I 329 59.47 -11.00 9.50
N LEU I 330 58.66 -9.97 9.78
CA LEU I 330 58.72 -9.30 11.07
C LEU I 330 58.32 -10.22 12.20
N GLN I 331 57.27 -11.03 12.00
CA GLN I 331 56.79 -11.91 13.05
C GLN I 331 57.90 -12.89 13.47
N ILE I 332 58.59 -13.47 12.50
CA ILE I 332 59.65 -14.42 12.81
C ILE I 332 60.76 -13.74 13.61
N ILE I 333 61.17 -12.55 13.16
CA ILE I 333 62.18 -11.78 13.87
C ILE I 333 61.77 -11.55 15.32
N ALA I 334 60.57 -11.01 15.52
CA ALA I 334 60.13 -10.58 16.84
C ALA I 334 59.72 -11.74 17.73
N ASP I 335 59.47 -12.92 17.15
CA ASP I 335 59.25 -14.10 17.98
C ASP I 335 60.58 -14.69 18.45
N THR I 336 61.61 -14.62 17.60
CA THR I 336 62.85 -15.36 17.82
C THR I 336 63.84 -14.64 18.73
N LYS I 337 63.89 -13.31 18.69
CA LYS I 337 64.91 -12.57 19.42
C LYS I 337 64.28 -11.37 20.10
N PRO I 338 64.82 -10.95 21.24
CA PRO I 338 64.41 -9.66 21.80
C PRO I 338 64.98 -8.53 20.96
N LEU I 339 64.28 -7.41 20.94
CA LEU I 339 64.69 -6.21 20.24
C LEU I 339 64.95 -5.09 21.24
N ALA I 340 65.96 -4.26 20.96
CA ALA I 340 66.24 -3.10 21.81
C ALA I 340 65.16 -2.04 21.66
N GLY I 341 64.51 -2.00 20.51
CA GLY I 341 63.54 -0.98 20.22
C GLY I 341 63.28 -0.97 18.73
N MET I 342 62.44 -0.04 18.31
CA MET I 342 62.11 0.04 16.91
C MET I 342 61.71 1.46 16.52
N GLU I 343 61.89 1.76 15.24
CA GLU I 343 61.38 2.99 14.66
C GLU I 343 60.70 2.62 13.34
N ILE I 344 59.61 3.34 13.04
CA ILE I 344 58.85 3.16 11.77
C ILE I 344 58.88 4.53 11.09
N VAL I 345 59.56 4.65 9.96
CA VAL I 345 59.80 5.98 9.34
C VAL I 345 59.25 6.14 7.93
N GLU I 346 59.09 7.40 7.52
CA GLU I 346 58.72 7.79 6.13
C GLU I 346 57.22 7.77 5.86
N CYS I 347 56.37 7.50 6.85
CA CYS I 347 54.95 7.69 6.61
C CYS I 347 54.63 9.16 6.40
N ALA I 348 54.01 9.50 5.26
CA ALA I 348 53.70 10.87 4.87
C ALA I 348 52.21 11.03 4.60
N PRO I 349 51.43 11.36 5.63
CA PRO I 349 49.96 11.39 5.48
C PRO I 349 49.45 12.31 4.39
N PRO I 350 50.12 13.42 4.07
CA PRO I 350 49.60 14.28 2.98
C PRO I 350 49.50 13.57 1.63
N TYR I 351 50.21 12.47 1.43
CA TYR I 351 50.18 11.71 0.19
C TYR I 351 49.43 10.39 0.33
N ASP I 352 48.77 10.17 1.45
N ASP I 352 48.76 10.22 1.48
CA ASP I 352 48.27 8.85 1.77
CA ASP I 352 48.06 8.96 1.84
C ASP I 352 46.84 8.71 1.26
C ASP I 352 46.56 9.21 2.06
N ALA I 353 46.57 7.56 0.64
N ALA I 353 45.77 9.38 1.01
CA ALA I 353 45.27 7.27 0.07
CA ALA I 353 44.33 9.74 1.13
C ALA I 353 44.48 6.55 1.16
C ALA I 353 43.50 8.82 2.05
N ALA I 354 43.55 7.28 1.79
N ALA I 354 43.52 7.49 1.88
CA ALA I 354 42.62 6.65 2.71
CA ALA I 354 42.64 6.57 2.66
C ALA I 354 43.34 6.05 3.91
C ALA I 354 43.36 6.05 3.91
N GLU I 355 44.50 6.63 4.26
CA GLU I 355 45.26 6.30 5.45
C GLU I 355 45.83 4.88 5.46
N ILE I 356 45.97 4.23 4.30
CA ILE I 356 46.44 2.85 4.30
C ILE I 356 47.93 2.76 4.63
N THR I 357 48.69 3.82 4.41
CA THR I 357 50.11 3.80 4.79
C THR I 357 50.27 3.86 6.31
N SER I 358 49.58 4.80 6.96
CA SER I 358 49.58 4.84 8.42
C SER I 358 49.01 3.54 9.00
N LEU I 359 48.02 2.96 8.33
CA LEU I 359 47.47 1.68 8.77
C LEU I 359 48.54 0.61 8.74
N MET I 360 49.29 0.53 7.64
CA MET I 360 50.35 -0.46 7.55
C MET I 360 51.37 -0.26 8.67
N ALA I 361 51.76 0.99 8.93
CA ALA I 361 52.71 1.27 10.00
C ALA I 361 52.17 0.82 11.35
N THR I 362 50.90 1.11 11.62
CA THR I 362 50.30 0.69 12.88
C THR I 362 50.33 -0.84 12.99
N ARG I 363 50.04 -1.53 11.89
CA ARG I 363 50.04 -3.00 11.91
C ARG I 363 51.43 -3.55 12.17
N VAL I 364 52.46 -2.96 11.55
CA VAL I 364 53.83 -3.39 11.80
C VAL I 364 54.16 -3.28 13.28
N ILE I 365 53.83 -2.14 13.90
CA ILE I 365 54.14 -1.93 15.31
C ILE I 365 53.45 -3.00 16.16
N CYS I 366 52.14 -3.18 15.96
CA CYS I 366 51.39 -4.08 16.81
C CYS I 366 51.83 -5.53 16.64
N ASP I 367 52.10 -5.95 15.40
CA ASP I 367 52.57 -7.33 15.21
C ASP I 367 53.90 -7.56 15.91
N VAL I 368 54.82 -6.59 15.82
CA VAL I 368 56.11 -6.74 16.48
C VAL I 368 55.94 -6.79 18.00
N LEU I 369 55.11 -5.89 18.55
CA LEU I 369 54.88 -5.93 20.00
C LEU I 369 54.22 -7.23 20.41
N ALA I 370 53.23 -7.69 19.66
CA ALA I 370 52.52 -8.91 20.03
C ALA I 370 53.48 -10.09 20.05
N CYS I 371 54.38 -10.16 19.07
CA CYS I 371 55.31 -11.28 19.00
C CYS I 371 56.35 -11.20 20.11
N GLN I 372 56.85 -9.99 20.38
CA GLN I 372 57.77 -9.80 21.49
C GLN I 372 57.15 -10.27 22.79
N VAL I 373 55.84 -10.03 22.95
CA VAL I 373 55.17 -10.37 24.20
C VAL I 373 54.94 -11.87 24.31
N ARG I 374 54.40 -12.48 23.25
CA ARG I 374 54.05 -13.89 23.34
C ARG I 374 55.28 -14.79 23.42
N SER I 375 56.42 -14.30 22.94
CA SER I 375 57.67 -15.04 22.99
C SER I 375 58.54 -14.68 24.19
N GLY I 376 58.01 -13.89 25.12
CA GLY I 376 58.66 -13.61 26.39
C GLY I 376 59.76 -12.58 26.36
N HIS I 377 59.86 -11.80 25.30
CA HIS I 377 60.87 -10.74 25.20
C HIS I 377 60.41 -9.41 25.76
N LEU I 378 59.11 -9.28 26.05
CA LEU I 378 58.55 -8.01 26.49
C LEU I 378 57.35 -8.32 27.38
N GLY I 379 57.14 -7.48 28.38
CA GLY I 379 56.08 -7.72 29.34
C GLY I 379 56.47 -8.84 30.30
N LYS J 6 43.60 56.12 -15.12
CA LYS J 6 42.52 55.15 -15.29
C LYS J 6 42.34 54.78 -16.76
N ARG J 7 42.04 53.51 -16.99
CA ARG J 7 42.03 52.92 -18.33
C ARG J 7 40.60 52.92 -18.86
N THR J 8 40.32 53.77 -19.84
CA THR J 8 38.99 53.86 -20.41
C THR J 8 39.06 53.86 -21.94
N TYR J 9 37.91 53.57 -22.54
CA TYR J 9 37.74 53.58 -24.00
C TYR J 9 38.17 54.96 -24.48
N GLN J 10 38.90 54.99 -25.58
CA GLN J 10 39.46 56.26 -26.03
C GLN J 10 38.83 56.82 -27.29
N GLY J 11 38.04 56.03 -27.99
CA GLY J 11 37.50 56.45 -29.28
C GLY J 11 38.42 56.26 -30.46
N LYS J 12 39.59 55.63 -30.27
CA LYS J 12 40.51 55.36 -31.41
C LYS J 12 39.88 54.26 -32.27
N VAL J 13 39.43 53.16 -31.66
CA VAL J 13 38.71 52.08 -32.38
C VAL J 13 37.21 52.30 -32.13
N PRO J 14 36.39 52.58 -33.15
CA PRO J 14 34.98 52.86 -32.93
C PRO J 14 34.26 51.59 -32.44
N LEU J 15 33.44 51.71 -31.41
CA LEU J 15 32.71 50.55 -30.80
C LEU J 15 31.30 51.00 -30.43
N HIS J 16 30.32 50.11 -30.49
CA HIS J 16 28.94 50.39 -30.10
C HIS J 16 28.86 50.64 -28.60
N ASP J 17 27.66 51.05 -28.17
CA ASP J 17 27.48 51.69 -26.88
C ASP J 17 27.06 50.74 -25.77
N ASN J 18 26.90 49.46 -26.08
CA ASN J 18 26.36 48.50 -25.13
C ASN J 18 27.43 47.78 -24.32
N TYR J 19 28.70 47.98 -24.66
CA TYR J 19 29.78 47.39 -23.86
C TYR J 19 29.79 47.97 -22.46
N GLY J 20 30.11 47.15 -21.47
CA GLY J 20 30.51 47.65 -20.18
C GLY J 20 31.79 48.46 -20.32
N PRO J 21 32.05 49.37 -19.37
CA PRO J 21 33.24 50.25 -19.53
C PRO J 21 34.55 49.51 -19.61
N GLU J 22 34.79 48.55 -18.72
CA GLU J 22 36.05 47.80 -18.78
C GLU J 22 36.13 46.99 -20.07
N ALA J 23 35.00 46.42 -20.49
CA ALA J 23 34.99 45.66 -21.73
C ALA J 23 35.29 46.55 -22.93
N LYS J 24 34.76 47.77 -22.91
CA LYS J 24 34.98 48.69 -24.03
C LYS J 24 36.45 49.09 -24.15
N TYR J 25 37.07 49.43 -23.02
CA TYR J 25 38.51 49.62 -23.01
C TYR J 25 39.23 48.40 -23.58
N ALA J 26 38.84 47.21 -23.13
CA ALA J 26 39.55 45.98 -23.48
C ALA J 26 39.44 45.68 -24.97
N VAL J 27 38.24 45.79 -25.53
CA VAL J 27 38.04 45.45 -26.93
C VAL J 27 38.80 46.41 -27.83
N GLU J 28 38.78 47.70 -27.49
CA GLU J 28 39.58 48.67 -28.22
C GLU J 28 41.07 48.37 -28.08
N ALA J 29 41.53 48.09 -26.85
CA ALA J 29 42.94 47.88 -26.61
C ALA J 29 43.46 46.69 -27.41
N GLU J 30 42.68 45.62 -27.49
CA GLU J 30 43.13 44.44 -28.23
C GLU J 30 43.34 44.76 -29.70
N ALA J 31 42.47 45.58 -30.27
CA ALA J 31 42.55 45.89 -31.69
C ALA J 31 43.81 46.67 -32.04
N LEU J 32 44.46 47.28 -31.05
CA LEU J 32 45.65 48.08 -31.26
C LEU J 32 46.94 47.31 -30.96
N LEU J 33 46.84 46.07 -30.50
CA LEU J 33 48.05 45.32 -30.17
C LEU J 33 48.70 44.75 -31.43
N PRO J 34 50.03 44.63 -31.44
CA PRO J 34 50.72 44.04 -32.59
C PRO J 34 50.67 42.51 -32.54
N THR J 35 51.17 41.90 -33.62
CA THR J 35 51.22 40.44 -33.75
C THR J 35 52.59 39.94 -34.17
N THR J 36 53.61 40.81 -34.17
CA THR J 36 54.96 40.43 -34.59
C THR J 36 55.47 39.18 -33.86
N LYS J 37 55.42 39.20 -32.54
CA LYS J 37 56.04 38.12 -31.79
C LYS J 37 55.26 36.82 -31.91
N PHE J 38 53.94 36.91 -32.02
CA PHE J 38 53.14 35.73 -32.37
C PHE J 38 53.63 35.09 -33.66
N GLU J 39 53.79 35.91 -34.71
CA GLU J 39 54.23 35.38 -35.99
C GLU J 39 55.64 34.79 -35.90
N GLU J 40 56.49 35.39 -35.07
CA GLU J 40 57.83 34.82 -34.87
C GLU J 40 57.75 33.46 -34.19
N GLU J 41 56.91 33.35 -33.15
CA GLU J 41 56.76 32.06 -32.47
C GLU J 41 56.21 31.00 -33.41
N ILE J 42 55.25 31.36 -34.26
CA ILE J 42 54.72 30.40 -35.23
C ILE J 42 55.82 29.90 -36.14
N ALA J 43 56.63 30.81 -36.69
CA ALA J 43 57.67 30.41 -37.63
C ALA J 43 58.72 29.54 -36.93
N ARG J 44 59.11 29.89 -35.71
CA ARG J 44 60.07 29.09 -34.97
C ARG J 44 59.53 27.70 -34.69
N GLY J 45 58.25 27.61 -34.31
CA GLY J 45 57.67 26.31 -34.01
C GLY J 45 57.69 25.38 -35.19
N LEU J 46 57.40 25.90 -36.38
CA LEU J 46 57.40 25.07 -37.58
C LEU J 46 58.80 24.60 -37.95
N GLU J 47 59.80 25.46 -37.75
CA GLU J 47 61.18 25.06 -38.00
C GLU J 47 61.64 23.99 -37.03
N LEU J 48 61.42 24.22 -35.74
CA LEU J 48 61.96 23.33 -34.72
C LEU J 48 61.09 22.10 -34.48
N GLY J 49 59.78 22.20 -34.74
CA GLY J 49 58.89 21.10 -34.47
C GLY J 49 58.35 20.41 -35.70
N LEU J 50 58.81 20.85 -36.89
CA LEU J 50 58.39 20.35 -38.19
C LEU J 50 57.02 20.89 -38.56
N PRO J 51 56.74 21.11 -39.85
CA PRO J 51 55.35 21.37 -40.26
C PRO J 51 54.46 20.20 -39.87
N GLY J 52 53.22 20.49 -39.54
CA GLY J 52 52.26 19.46 -39.22
C GLY J 52 51.95 18.57 -40.41
N ALA J 53 51.27 17.46 -40.10
CA ALA J 53 50.88 16.51 -41.13
C ALA J 53 50.00 17.18 -42.19
N ASP J 54 49.90 16.51 -43.34
CA ASP J 54 49.16 17.07 -44.47
C ASP J 54 47.69 17.28 -44.17
N SER J 55 47.12 16.50 -43.24
CA SER J 55 45.67 16.57 -42.89
C SER J 55 45.33 17.83 -42.09
N ILE J 56 46.32 18.50 -41.50
CA ILE J 56 46.08 19.71 -40.66
C ILE J 56 45.87 20.91 -41.58
N LYS J 57 44.75 21.61 -41.43
CA LYS J 57 44.43 22.74 -42.35
C LYS J 57 45.19 23.98 -41.89
N ASP J 58 45.21 24.19 -40.58
CA ASP J 58 45.91 25.33 -39.98
C ASP J 58 47.41 25.12 -40.21
N ARG J 59 47.99 25.88 -41.12
CA ARG J 59 49.41 25.72 -41.49
C ARG J 59 50.33 26.32 -40.43
N ARG J 60 49.79 26.88 -39.35
CA ARG J 60 50.60 27.35 -38.22
C ARG J 60 50.95 26.23 -37.25
N ILE J 61 50.42 25.03 -37.43
CA ILE J 61 50.51 23.95 -36.46
C ILE J 61 51.69 23.06 -36.84
N PRO J 62 52.67 22.86 -35.95
CA PRO J 62 53.77 21.94 -36.20
C PRO J 62 53.39 20.50 -35.87
N THR J 63 54.32 19.57 -36.15
CA THR J 63 54.11 18.20 -35.72
C THR J 63 54.33 18.07 -34.22
N PHE J 64 55.40 18.67 -33.71
CA PHE J 64 55.73 18.71 -32.29
C PHE J 64 55.36 20.07 -31.73
N SER J 65 54.68 20.06 -30.60
CA SER J 65 54.30 21.30 -29.93
C SER J 65 55.53 22.10 -29.57
N ARG J 66 55.55 23.36 -29.99
CA ARG J 66 56.68 24.27 -29.79
C ARG J 66 56.08 25.67 -29.68
N GLY J 67 55.80 26.09 -28.46
CA GLY J 67 55.17 27.37 -28.23
C GLY J 67 53.99 27.25 -27.28
N GLU J 68 53.05 28.17 -27.39
CA GLU J 68 51.91 28.19 -26.49
C GLU J 68 51.06 26.93 -26.59
N LEU J 69 50.83 26.44 -27.82
CA LEU J 69 49.77 25.44 -28.01
C LEU J 69 50.34 24.05 -28.28
N PRO J 70 49.64 22.99 -27.84
CA PRO J 70 48.42 23.04 -27.02
C PRO J 70 48.76 23.38 -25.57
N HIS J 71 47.80 23.92 -24.82
CA HIS J 71 48.04 24.30 -23.44
C HIS J 71 48.35 23.10 -22.57
N PHE J 72 47.77 21.93 -22.88
CA PHE J 72 47.97 20.73 -22.08
C PHE J 72 49.26 20.01 -22.41
N ALA J 73 50.05 20.54 -23.33
CA ALA J 73 51.24 19.88 -23.83
C ALA J 73 52.47 20.67 -23.47
N GLY J 74 53.61 20.01 -23.56
CA GLY J 74 54.89 20.68 -23.56
C GLY J 74 55.58 20.59 -22.22
N ILE J 75 56.89 20.88 -22.25
CA ILE J 75 57.69 21.00 -21.03
C ILE J 75 57.20 22.20 -20.23
N ASN J 76 57.04 22.01 -18.92
CA ASN J 76 56.41 23.04 -18.08
C ASN J 76 57.40 24.06 -17.53
N THR J 77 57.70 25.10 -18.29
CA THR J 77 58.42 26.28 -17.78
C THR J 77 57.29 27.21 -17.34
N PHE J 78 57.55 28.27 -16.59
CA PHE J 78 56.50 29.24 -16.22
C PHE J 78 55.94 29.87 -17.51
N ILE J 79 54.62 29.85 -17.70
CA ILE J 79 53.91 30.26 -18.90
C ILE J 79 54.67 29.90 -20.17
N LYS J 80 55.32 28.74 -20.15
CA LYS J 80 56.03 28.19 -21.29
C LYS J 80 57.09 29.14 -21.84
N ALA J 81 57.65 29.99 -20.98
CA ALA J 81 58.77 30.82 -21.33
C ALA J 81 59.99 29.94 -21.62
N PRO J 82 60.95 30.45 -22.40
CA PRO J 82 62.16 29.65 -22.66
C PRO J 82 62.92 29.37 -21.37
N TYR J 83 63.39 28.13 -21.25
CA TYR J 83 64.34 27.74 -20.20
C TYR J 83 65.73 28.27 -20.54
N VAL J 84 66.33 29.00 -19.60
CA VAL J 84 67.69 29.58 -19.76
C VAL J 84 68.65 28.79 -18.87
N GLU J 85 69.27 27.75 -19.42
CA GLU J 85 70.17 26.85 -18.66
C GLU J 85 71.44 27.60 -18.26
N ASP J 86 71.92 28.50 -19.10
CA ASP J 86 73.10 29.30 -18.70
C ASP J 86 72.56 30.50 -17.92
N VAL J 87 72.60 30.45 -16.58
CA VAL J 87 71.99 31.53 -15.83
C VAL J 87 72.75 32.85 -16.01
N ARG J 88 73.99 32.80 -16.52
CA ARG J 88 74.73 34.02 -16.83
C ARG J 88 74.11 34.80 -17.97
N LYS J 89 73.15 34.24 -18.69
CA LYS J 89 72.47 34.93 -19.78
C LYS J 89 71.14 35.53 -19.37
N CYS J 90 70.76 35.47 -18.09
CA CYS J 90 69.42 35.91 -17.70
C CYS J 90 69.22 37.40 -17.91
N GLY J 91 70.31 38.17 -17.91
CA GLY J 91 70.20 39.61 -18.14
C GLY J 91 69.75 39.98 -19.55
N GLN J 92 69.71 39.01 -20.46
CA GLN J 92 69.20 39.23 -21.81
C GLN J 92 67.69 39.35 -21.84
N TYR J 93 67.01 39.16 -20.71
CA TYR J 93 65.56 39.14 -20.67
C TYR J 93 65.06 40.22 -19.73
N ASP J 94 63.87 40.75 -20.04
CA ASP J 94 63.25 41.75 -19.18
C ASP J 94 62.87 41.15 -17.83
N VAL J 95 62.44 39.90 -17.83
CA VAL J 95 61.90 39.23 -16.65
C VAL J 95 62.54 37.85 -16.55
N ALA J 96 62.93 37.45 -15.33
CA ALA J 96 63.46 36.11 -15.10
C ALA J 96 62.70 35.46 -13.95
N ILE J 97 62.05 34.34 -14.25
CA ILE J 97 61.39 33.51 -13.25
C ILE J 97 62.43 32.57 -12.64
N LEU J 98 62.43 32.45 -11.31
CA LEU J 98 63.23 31.43 -10.64
C LEU J 98 62.44 30.88 -9.46
N GLY J 99 62.66 29.61 -9.16
CA GLY J 99 62.04 28.96 -8.03
C GLY J 99 63.00 28.79 -6.86
N ALA J 100 62.42 28.77 -5.65
CA ALA J 100 63.16 28.50 -4.41
C ALA J 100 62.42 27.38 -3.69
N PRO J 101 62.64 26.14 -4.12
CA PRO J 101 61.83 25.02 -3.57
C PRO J 101 62.30 24.60 -2.20
N PHE J 102 61.73 25.22 -1.18
CA PHE J 102 62.17 25.03 0.20
C PHE J 102 60.99 25.13 1.16
N ASP J 103 60.92 24.19 2.09
CA ASP J 103 59.91 24.29 3.15
C ASP J 103 60.49 23.97 4.53
N GLY J 104 61.80 24.12 4.71
CA GLY J 104 62.39 23.96 6.04
C GLY J 104 62.05 25.07 7.01
N GLY J 105 61.47 26.16 6.55
CA GLY J 105 61.05 27.25 7.39
C GLY J 105 59.61 27.20 7.82
N THR J 106 58.90 26.11 7.54
CA THR J 106 57.47 26.03 7.84
C THR J 106 57.25 25.56 9.27
N THR J 107 56.34 26.21 9.98
CA THR J 107 56.03 25.86 11.36
C THR J 107 54.80 24.96 11.49
N TYR J 108 54.08 24.69 10.40
CA TYR J 108 53.01 23.70 10.44
C TYR J 108 53.18 22.70 9.30
N ARG J 109 52.47 22.92 8.17
CA ARG J 109 52.61 21.99 7.06
C ARG J 109 53.81 22.32 6.19
N ALA J 110 54.48 21.27 5.69
CA ALA J 110 55.43 21.42 4.62
C ALA J 110 54.70 21.21 3.29
N GLY J 111 55.44 21.08 2.20
CA GLY J 111 54.85 20.93 0.89
C GLY J 111 55.12 22.09 -0.06
N THR J 112 55.41 23.28 0.45
CA THR J 112 55.69 24.41 -0.42
C THR J 112 57.06 24.29 -1.11
N ARG J 113 57.82 23.21 -0.86
CA ARG J 113 58.96 22.93 -1.73
C ARG J 113 58.53 22.67 -3.17
N PHE J 114 57.29 22.24 -3.38
CA PHE J 114 56.75 22.00 -4.72
C PHE J 114 55.96 23.19 -5.24
N GLY J 115 55.89 24.30 -4.51
CA GLY J 115 55.27 25.51 -5.00
C GLY J 115 55.70 25.89 -6.42
N PRO J 116 57.01 25.99 -6.67
CA PRO J 116 57.44 26.34 -8.04
C PRO J 116 56.91 25.38 -9.09
N GLN J 117 57.00 24.07 -8.84
CA GLN J 117 56.53 23.09 -9.79
C GLN J 117 55.03 23.22 -10.02
N GLY J 118 54.26 23.43 -8.95
CA GLY J 118 52.81 23.52 -9.12
C GLY J 118 52.41 24.78 -9.86
N ILE J 119 53.10 25.89 -9.59
CA ILE J 119 52.80 27.13 -10.30
C ILE J 119 53.15 26.99 -11.78
N ARG J 120 54.36 26.51 -12.08
CA ARG J 120 54.74 26.31 -13.48
C ARG J 120 53.73 25.42 -14.21
N LYS J 121 53.27 24.35 -13.58
CA LYS J 121 52.38 23.39 -14.22
C LYS J 121 51.07 24.03 -14.65
N ILE J 122 50.37 24.68 -13.72
CA ILE J 122 49.06 25.24 -14.04
C ILE J 122 49.20 26.49 -14.92
N SER J 123 50.34 27.15 -14.90
CA SER J 123 50.51 28.34 -15.70
C SER J 123 50.37 28.06 -17.20
N ALA J 124 50.48 26.79 -17.61
CA ALA J 124 50.28 26.44 -19.02
C ALA J 124 48.86 26.71 -19.48
N LEU J 125 47.90 26.77 -18.55
CA LEU J 125 46.52 27.00 -18.93
C LEU J 125 46.34 28.36 -19.59
N TYR J 126 47.20 29.31 -19.25
CA TYR J 126 47.01 30.69 -19.65
C TYR J 126 47.48 30.94 -21.09
N GLY J 127 46.80 31.86 -21.75
CA GLY J 127 47.34 32.50 -22.93
C GLY J 127 48.31 33.59 -22.54
N THR J 128 48.76 34.35 -23.52
CA THR J 128 49.74 35.40 -23.30
C THR J 128 49.11 36.77 -23.09
N TYR J 129 47.78 36.85 -23.11
CA TYR J 129 47.05 38.11 -23.24
C TYR J 129 45.99 38.21 -22.17
N SER J 130 45.89 39.37 -21.53
CA SER J 130 44.87 39.66 -20.54
C SER J 130 43.83 40.59 -21.13
N PHE J 131 42.57 40.15 -21.14
CA PHE J 131 41.49 40.92 -21.73
C PHE J 131 41.33 42.26 -21.05
N GLU J 132 41.03 42.27 -19.75
CA GLU J 132 40.66 43.54 -19.11
C GLU J 132 41.86 44.45 -18.87
N LEU J 133 43.08 43.91 -18.86
CA LEU J 133 44.26 44.77 -18.72
C LEU J 133 44.77 45.27 -20.07
N GLY J 134 44.37 44.64 -21.17
CA GLY J 134 44.75 45.09 -22.50
C GLY J 134 46.22 44.89 -22.82
N VAL J 135 46.80 43.79 -22.36
CA VAL J 135 48.24 43.56 -22.48
C VAL J 135 48.47 42.17 -23.05
N ASP J 136 49.36 42.08 -24.01
CA ASP J 136 49.84 40.81 -24.55
C ASP J 136 51.32 40.71 -24.19
N LEU J 137 51.65 39.90 -23.18
CA LEU J 137 53.02 39.81 -22.72
C LEU J 137 53.95 39.31 -23.81
N ARG J 138 53.46 38.44 -24.69
CA ARG J 138 54.32 37.92 -25.75
C ARG J 138 54.83 39.04 -26.64
N GLU J 139 54.04 40.10 -26.81
CA GLU J 139 54.42 41.19 -27.68
C GLU J 139 55.21 42.29 -26.99
N SER J 140 55.16 42.38 -25.66
CA SER J 140 55.63 43.55 -24.94
C SER J 140 56.80 43.32 -24.00
N VAL J 141 57.15 42.09 -23.68
CA VAL J 141 58.18 41.81 -22.68
C VAL J 141 58.78 40.45 -22.96
N SER J 142 60.08 40.33 -22.71
CA SER J 142 60.81 39.07 -22.84
C SER J 142 60.91 38.43 -21.47
N ILE J 143 60.48 37.17 -21.37
CA ILE J 143 60.41 36.44 -20.11
C ILE J 143 61.19 35.15 -20.29
N CYS J 144 62.00 34.80 -19.30
CA CYS J 144 62.69 33.53 -19.29
C CYS J 144 62.48 32.86 -17.93
N ASP J 145 62.74 31.55 -17.89
CA ASP J 145 62.67 30.75 -16.69
C ASP J 145 64.05 30.12 -16.49
N VAL J 146 64.70 30.45 -15.38
CA VAL J 146 66.04 29.95 -15.10
C VAL J 146 66.01 28.74 -14.16
N GLY J 147 64.85 28.17 -13.93
CA GLY J 147 64.78 26.99 -13.09
C GLY J 147 64.82 27.33 -11.61
N ASP J 148 65.46 26.45 -10.84
CA ASP J 148 65.37 26.50 -9.39
C ASP J 148 66.72 26.70 -8.72
N ILE J 149 66.70 27.44 -7.62
CA ILE J 149 67.81 27.45 -6.67
C ILE J 149 68.03 26.04 -6.14
N PHE J 150 69.29 25.64 -5.97
CA PHE J 150 69.66 24.39 -5.30
C PHE J 150 69.54 24.64 -3.80
N THR J 151 68.37 24.31 -3.26
CA THR J 151 68.08 24.54 -1.85
C THR J 151 68.64 23.38 -1.01
N ILE J 152 68.70 23.62 0.29
CA ILE J 152 69.37 22.74 1.27
C ILE J 152 68.36 22.43 2.36
N PRO J 153 67.58 21.35 2.22
CA PRO J 153 66.45 21.13 3.15
C PRO J 153 66.86 20.94 4.60
N GLY J 154 68.06 20.45 4.86
CA GLY J 154 68.50 20.22 6.22
C GLY J 154 69.08 21.41 6.94
N ASN J 155 69.13 22.58 6.30
CA ASN J 155 69.86 23.71 6.86
C ASN J 155 69.28 24.99 6.26
N ILE J 156 68.45 25.67 7.04
CA ILE J 156 67.80 26.87 6.55
C ILE J 156 68.82 27.97 6.25
N GLU J 157 69.90 28.06 7.02
CA GLU J 157 70.89 29.11 6.79
C GLU J 157 71.64 28.90 5.48
N LYS J 158 72.04 27.66 5.18
CA LYS J 158 72.66 27.38 3.89
C LYS J 158 71.69 27.64 2.74
N THR J 159 70.40 27.37 2.94
CA THR J 159 69.41 27.71 1.92
C THR J 159 69.31 29.22 1.73
N PHE J 160 69.29 30.00 2.81
CA PHE J 160 69.30 31.45 2.66
C PHE J 160 70.48 31.89 1.80
N ASP J 161 71.67 31.34 2.07
CA ASP J 161 72.86 31.76 1.34
C ASP J 161 72.73 31.44 -0.15
N GLN J 162 72.21 30.26 -0.48
CA GLN J 162 71.97 29.91 -1.87
C GLN J 162 70.97 30.85 -2.50
N VAL J 163 69.86 31.14 -1.80
CA VAL J 163 68.82 31.99 -2.38
C VAL J 163 69.31 33.43 -2.54
N SER J 164 70.04 33.95 -1.55
CA SER J 164 70.57 35.30 -1.67
C SER J 164 71.53 35.41 -2.86
N LYS J 165 72.35 34.39 -3.07
CA LYS J 165 73.33 34.45 -4.16
C LYS J 165 72.63 34.40 -5.52
N GLY J 166 71.64 33.51 -5.67
CA GLY J 166 70.96 33.38 -6.95
C GLY J 166 70.06 34.55 -7.26
N VAL J 167 69.26 34.99 -6.28
CA VAL J 167 68.40 36.14 -6.50
C VAL J 167 69.24 37.40 -6.73
N GLY J 168 70.31 37.57 -5.96
CA GLY J 168 71.21 38.68 -6.19
C GLY J 168 71.76 38.68 -7.60
N HIS J 169 72.16 37.50 -8.09
CA HIS J 169 72.66 37.39 -9.45
C HIS J 169 71.62 37.82 -10.46
N VAL J 170 70.38 37.34 -10.32
CA VAL J 170 69.33 37.70 -11.26
C VAL J 170 69.05 39.20 -11.18
N PHE J 171 68.91 39.72 -9.96
CA PHE J 171 68.61 41.14 -9.82
C PHE J 171 69.73 42.00 -10.42
N ALA J 172 70.98 41.64 -10.14
CA ALA J 172 72.12 42.42 -10.64
C ALA J 172 72.21 42.40 -12.17
N SER J 173 71.60 41.40 -12.80
CA SER J 173 71.64 41.27 -14.25
C SER J 173 70.77 42.30 -14.97
N GLY J 174 69.84 42.93 -14.25
CA GLY J 174 68.88 43.84 -14.83
C GLY J 174 67.52 43.23 -15.08
N ALA J 175 67.43 41.91 -15.10
CA ALA J 175 66.14 41.27 -15.25
C ALA J 175 65.30 41.43 -13.98
N PHE J 176 64.00 41.61 -14.17
CA PHE J 176 63.03 41.69 -13.09
C PHE J 176 62.83 40.29 -12.50
N PRO J 177 63.27 40.03 -11.27
CA PRO J 177 63.15 38.68 -10.70
C PRO J 177 61.73 38.43 -10.20
N VAL J 178 61.19 37.26 -10.56
CA VAL J 178 59.93 36.72 -10.00
C VAL J 178 60.31 35.44 -9.29
N VAL J 179 60.26 35.44 -7.96
CA VAL J 179 60.70 34.29 -7.19
C VAL J 179 59.48 33.48 -6.79
N LEU J 180 59.48 32.19 -7.18
CA LEU J 180 58.42 31.25 -6.82
C LEU J 180 58.90 30.50 -5.58
N GLY J 181 58.24 30.72 -4.44
CA GLY J 181 58.51 29.94 -3.24
C GLY J 181 57.68 28.68 -3.18
N GLY J 182 57.93 27.86 -2.16
CA GLY J 182 58.90 28.11 -1.10
C GLY J 182 58.26 28.90 0.02
N ASP J 183 58.70 28.71 1.26
CA ASP J 183 58.05 29.38 2.41
C ASP J 183 58.54 30.81 2.58
N HIS J 184 57.87 31.58 3.43
CA HIS J 184 58.15 33.04 3.57
C HIS J 184 59.48 33.32 4.27
N SER J 185 60.10 32.33 4.91
CA SER J 185 61.47 32.50 5.48
C SER J 185 62.37 33.06 4.38
N LEU J 186 62.13 32.62 3.15
CA LEU J 186 62.96 33.01 1.99
C LEU J 186 62.89 34.50 1.71
N GLY J 187 61.85 35.19 2.16
CA GLY J 187 61.74 36.65 2.02
C GLY J 187 62.97 37.34 2.56
N PHE J 188 63.53 36.84 3.65
CA PHE J 188 64.77 37.40 4.18
C PHE J 188 65.90 37.25 3.19
N ALA J 189 66.05 36.07 2.61
CA ALA J 189 67.16 35.77 1.72
C ALA J 189 67.03 36.47 0.38
N THR J 190 65.81 36.65 -0.13
CA THR J 190 65.65 37.37 -1.39
C THR J 190 65.95 38.84 -1.19
N VAL J 191 65.37 39.45 -0.15
CA VAL J 191 65.62 40.86 0.13
C VAL J 191 67.09 41.10 0.44
N ARG J 192 67.72 40.16 1.17
CA ARG J 192 69.14 40.31 1.46
C ARG J 192 69.97 40.33 0.17
N GLY J 193 69.65 39.43 -0.76
CA GLY J 193 70.35 39.42 -2.04
C GLY J 193 70.11 40.69 -2.84
N VAL J 194 68.87 41.18 -2.85
CA VAL J 194 68.57 42.39 -3.59
C VAL J 194 69.26 43.59 -2.95
N ALA J 195 69.11 43.74 -1.64
CA ALA J 195 69.72 44.86 -0.94
C ALA J 195 71.23 44.93 -1.17
N GLN J 196 71.90 43.79 -1.35
CA GLN J 196 73.34 43.76 -1.58
C GLN J 196 73.72 44.49 -2.87
N HIS J 197 72.78 44.67 -3.81
CA HIS J 197 73.09 45.23 -5.13
C HIS J 197 72.42 46.57 -5.39
N LEU J 198 72.03 47.28 -4.35
CA LEU J 198 71.38 48.58 -4.51
C LEU J 198 72.33 49.75 -4.30
N ASN J 199 73.64 49.49 -4.16
CA ASN J 199 74.62 50.56 -3.93
C ASN J 199 74.19 51.45 -2.78
N GLY J 200 73.71 50.81 -1.70
CA GLY J 200 73.30 51.49 -0.49
C GLY J 200 71.95 52.17 -0.55
N LYS J 201 71.28 52.19 -1.68
CA LYS J 201 69.96 52.81 -1.75
C LYS J 201 68.95 51.93 -1.01
N LYS J 202 67.91 52.57 -0.50
CA LYS J 202 67.01 51.93 0.45
C LYS J 202 65.91 51.16 -0.28
N LEU J 203 65.43 50.10 0.39
CA LEU J 203 64.48 49.15 -0.18
C LEU J 203 63.26 49.07 0.73
N GLY J 204 62.09 49.50 0.22
CA GLY J 204 60.83 49.27 0.90
C GLY J 204 60.25 47.91 0.55
N ILE J 205 59.26 47.50 1.34
CA ILE J 205 58.65 46.17 1.16
C ILE J 205 57.13 46.30 1.25
N LEU J 206 56.45 45.80 0.23
CA LEU J 206 54.97 45.69 0.25
C LEU J 206 54.72 44.21 0.59
N HIS J 207 54.26 43.92 1.80
CA HIS J 207 54.11 42.52 2.29
C HIS J 207 52.64 42.16 2.38
N PHE J 208 52.16 41.22 1.57
CA PHE J 208 50.75 40.73 1.62
C PHE J 208 50.76 39.43 2.41
N ASP J 209 50.04 39.39 3.52
CA ASP J 209 50.06 38.22 4.42
C ASP J 209 49.09 38.42 5.56
N ARG J 210 48.65 37.33 6.19
CA ARG J 210 47.84 37.43 7.42
C ARG J 210 48.80 37.36 8.61
N HIS J 211 50.06 37.01 8.37
CA HIS J 211 51.05 36.82 9.45
C HIS J 211 52.12 37.92 9.39
N VAL J 212 52.51 38.46 10.54
CA VAL J 212 53.46 39.60 10.66
C VAL J 212 54.87 39.18 10.23
N ASP J 213 55.31 37.99 10.55
CA ASP J 213 56.63 37.47 10.10
C ASP J 213 57.74 38.39 10.61
N THR J 214 57.59 38.94 11.81
CA THR J 214 58.53 39.96 12.35
C THR J 214 59.16 39.53 13.68
N GLN J 215 59.20 38.23 13.98
CA GLN J 215 59.79 37.75 15.26
C GLN J 215 61.23 37.30 15.01
N ASP J 216 62.00 37.12 16.07
CA ASP J 216 63.43 36.84 15.96
C ASP J 216 63.71 35.38 15.59
N THR J 217 63.28 34.44 16.43
CA THR J 217 63.44 33.02 16.15
C THR J 217 62.12 32.31 16.38
N ASP J 218 62.02 31.11 15.81
CA ASP J 218 60.84 30.26 15.95
C ASP J 218 61.38 28.83 15.85
N LEU J 219 61.09 28.01 16.86
CA LEU J 219 61.67 26.67 16.93
C LEU J 219 63.19 26.76 16.76
N ASP J 220 63.79 27.80 17.33
CA ASP J 220 65.23 28.02 17.45
C ASP J 220 65.92 28.41 16.15
N GLU J 221 65.17 28.72 15.09
CA GLU J 221 65.77 29.10 13.81
C GLU J 221 65.01 30.28 13.22
N ARG J 222 65.53 30.79 12.12
CA ARG J 222 64.96 31.96 11.43
C ARG J 222 63.93 31.50 10.40
N MET J 223 62.79 31.03 10.93
CA MET J 223 61.75 30.39 10.14
C MET J 223 60.82 31.42 9.50
N HIS J 224 59.73 30.97 8.89
CA HIS J 224 58.84 31.84 8.07
C HIS J 224 58.14 32.92 8.90
N THR J 225 58.20 32.84 10.21
CA THR J 225 57.67 33.88 11.07
C THR J 225 58.70 34.95 11.40
N THR J 226 59.89 34.87 10.81
CA THR J 226 61.01 35.81 11.19
C THR J 226 61.64 36.60 10.05
N PRO J 227 61.24 36.45 8.78
CA PRO J 227 61.99 37.06 7.69
C PRO J 227 62.19 38.57 7.84
N TRP J 228 61.16 39.29 8.24
CA TRP J 228 61.23 40.76 8.25
C TRP J 228 61.97 41.26 9.48
N PHE J 229 62.02 40.53 10.57
CA PHE J 229 62.87 40.94 11.72
C PHE J 229 64.32 41.04 11.23
N HIS J 230 64.77 40.04 10.48
CA HIS J 230 66.16 39.99 10.06
C HIS J 230 66.42 40.82 8.83
N ALA J 231 65.43 40.93 7.94
CA ALA J 231 65.59 41.79 6.77
C ALA J 231 65.71 43.26 7.16
N THR J 232 64.89 43.71 8.12
CA THR J 232 64.95 45.12 8.51
C THR J 232 66.13 45.43 9.42
N ASN J 233 66.91 44.41 9.82
CA ASN J 233 68.21 44.65 10.43
C ASN J 233 69.26 45.06 9.41
N ILE J 234 69.01 44.85 8.13
CA ILE J 234 69.96 45.25 7.10
C ILE J 234 69.97 46.77 7.00
N PRO J 235 71.14 47.40 6.87
CA PRO J 235 71.17 48.88 7.01
C PRO J 235 70.32 49.62 6.01
N ASN J 236 70.19 49.15 4.76
CA ASN J 236 69.42 49.87 3.76
C ASN J 236 68.03 49.27 3.53
N VAL J 237 67.49 48.54 4.52
CA VAL J 237 66.12 48.06 4.47
C VAL J 237 65.36 48.64 5.66
N PRO J 238 64.72 49.80 5.52
CA PRO J 238 64.12 50.46 6.68
C PRO J 238 62.76 49.87 7.04
N ALA J 239 62.60 49.54 8.32
CA ALA J 239 61.36 48.93 8.81
C ALA J 239 60.16 49.85 8.62
N LYS J 240 60.24 51.06 8.60
CA LYS J 240 59.15 52.01 8.37
C LYS J 240 58.59 51.93 6.96
N ASN J 241 59.40 51.43 6.13
CA ASN J 241 58.93 51.24 4.76
C ASN J 241 58.43 49.82 4.51
N LEU J 242 58.27 49.02 5.57
CA LEU J 242 57.67 47.70 5.50
C LEU J 242 56.17 47.83 5.77
N VAL J 243 55.37 47.63 4.73
CA VAL J 243 53.92 47.81 4.79
C VAL J 243 53.29 46.43 4.75
N GLN J 244 52.57 46.09 5.82
CA GLN J 244 52.04 44.74 6.05
C GLN J 244 50.53 44.78 5.82
N ILE J 245 50.08 44.09 4.79
CA ILE J 245 48.75 44.25 4.23
C ILE J 245 48.01 42.93 4.41
N GLY J 246 47.03 42.92 5.30
CA GLY J 246 46.17 41.78 5.52
C GLY J 246 46.31 41.10 6.86
N ILE J 247 47.16 41.63 7.72
CA ILE J 247 47.45 40.98 9.02
C ILE J 247 46.15 40.69 9.79
N GLY J 248 45.99 39.46 10.25
CA GLY J 248 44.83 39.13 11.08
C GLY J 248 44.76 37.65 11.37
N GLY J 249 43.82 37.31 12.24
CA GLY J 249 43.56 35.92 12.56
C GLY J 249 44.23 35.47 13.85
N TRP J 250 44.50 34.18 13.94
CA TRP J 250 45.03 33.56 15.15
C TRP J 250 46.45 33.04 14.97
N GLN J 251 47.16 33.48 13.94
CA GLN J 251 48.51 32.97 13.63
C GLN J 251 49.52 34.13 13.47
N ALA J 252 49.18 35.35 13.89
CA ALA J 252 50.15 36.46 13.92
C ALA J 252 50.75 36.43 15.32
N PRO J 253 51.96 35.90 15.52
CA PRO J 253 52.48 35.66 16.88
C PRO J 253 52.79 36.94 17.64
N ARG J 254 52.53 36.91 18.94
CA ARG J 254 52.76 38.08 19.77
C ARG J 254 54.18 38.63 19.71
N PRO J 255 55.24 37.80 19.75
CA PRO J 255 56.59 38.39 19.64
C PRO J 255 56.82 39.11 18.32
N GLY J 256 56.15 38.67 17.25
CA GLY J 256 56.26 39.39 15.98
C GLY J 256 55.51 40.71 16.00
N VAL J 257 54.36 40.75 16.68
CA VAL J 257 53.64 42.01 16.79
C VAL J 257 54.46 43.02 17.57
N LYS J 258 55.07 42.57 18.68
CA LYS J 258 55.87 43.47 19.50
C LYS J 258 57.06 44.03 18.72
N ALA J 259 57.79 43.17 18.02
CA ALA J 259 58.96 43.65 17.28
C ALA J 259 58.56 44.63 16.18
N GLY J 260 57.46 44.35 15.47
CA GLY J 260 57.03 45.27 14.44
C GLY J 260 56.60 46.61 15.01
N ARG J 261 55.93 46.59 16.18
CA ARG J 261 55.58 47.84 16.85
C ARG J 261 56.82 48.66 17.16
N GLU J 262 57.84 48.02 17.75
CA GLU J 262 59.05 48.73 18.12
C GLU J 262 59.76 49.32 16.90
N ARG J 263 59.72 48.61 15.77
CA ARG J 263 60.39 49.03 14.56
C ARG J 263 59.53 49.93 13.68
N GLN J 264 58.27 50.14 14.07
CA GLN J 264 57.35 51.07 13.40
C GLN J 264 57.05 50.66 11.97
N THR J 265 56.82 49.36 11.76
CA THR J 265 56.19 48.93 10.52
C THR J 265 54.75 49.44 10.49
N THR J 266 54.16 49.46 9.30
CA THR J 266 52.77 49.81 9.11
C THR J 266 51.96 48.55 8.87
N ILE J 267 50.81 48.45 9.53
CA ILE J 267 49.92 47.32 9.36
C ILE J 267 48.52 47.80 9.00
N MET J 268 47.89 47.05 8.10
CA MET J 268 46.54 47.33 7.59
C MET J 268 45.86 45.97 7.53
N THR J 269 44.80 45.77 8.30
CA THR J 269 44.14 44.46 8.29
C THR J 269 43.28 44.33 7.04
N VAL J 270 42.77 43.12 6.81
CA VAL J 270 41.84 42.90 5.72
C VAL J 270 40.62 43.81 5.87
N THR J 271 40.04 43.82 7.07
CA THR J 271 38.89 44.68 7.33
C THR J 271 39.23 46.16 7.13
N ASP J 272 40.41 46.59 7.58
CA ASP J 272 40.83 47.97 7.33
C ASP J 272 40.75 48.27 5.84
N CYS J 273 41.32 47.40 5.02
CA CYS J 273 41.43 47.69 3.60
C CYS J 273 40.06 47.69 2.93
N VAL J 274 39.22 46.72 3.29
CA VAL J 274 37.90 46.63 2.66
C VAL J 274 37.02 47.80 3.09
N GLU J 275 37.13 48.21 4.36
CA GLU J 275 36.28 49.29 4.83
C GLU J 275 36.69 50.63 4.23
N MET J 276 37.99 50.87 4.07
CA MET J 276 38.43 52.16 3.53
C MET J 276 38.26 52.22 2.01
N GLY J 277 38.19 51.06 1.36
CA GLY J 277 38.17 50.95 -0.09
C GLY J 277 39.53 50.54 -0.60
N ILE J 278 39.58 49.61 -1.55
CA ILE J 278 40.88 49.05 -2.05
C ILE J 278 41.69 50.18 -2.70
N GLU J 279 41.03 51.07 -3.42
CA GLU J 279 41.75 52.18 -4.08
C GLU J 279 42.44 53.03 -3.00
N ASN J 280 41.74 53.36 -1.93
CA ASN J 280 42.32 54.15 -0.86
C ASN J 280 43.40 53.37 -0.11
N ALA J 281 43.16 52.07 0.10
CA ALA J 281 44.16 51.24 0.78
C ALA J 281 45.45 51.19 -0.01
N ALA J 282 45.35 51.05 -1.33
CA ALA J 282 46.55 50.98 -2.17
C ALA J 282 47.29 52.31 -2.13
N LYS J 283 46.56 53.43 -2.17
CA LYS J 283 47.19 54.74 -2.10
C LYS J 283 48.01 54.89 -0.81
N GLN J 284 47.41 54.48 0.31
CA GLN J 284 48.07 54.56 1.61
C GLN J 284 49.30 53.66 1.66
N ALA J 285 49.14 52.41 1.19
CA ALA J 285 50.26 51.48 1.19
C ALA J 285 51.40 51.99 0.32
N LEU J 286 51.09 52.51 -0.87
CA LEU J 286 52.12 53.04 -1.74
C LEU J 286 52.85 54.21 -1.09
N GLU J 287 52.09 55.14 -0.51
CA GLU J 287 52.70 56.31 0.11
C GLU J 287 53.70 55.91 1.19
N VAL J 288 53.35 54.90 2.00
CA VAL J 288 54.24 54.51 3.08
C VAL J 288 55.43 53.73 2.55
N ALA J 289 55.20 52.80 1.62
CA ALA J 289 56.30 51.96 1.16
C ALA J 289 57.36 52.76 0.40
N PHE J 290 56.92 53.74 -0.39
CA PHE J 290 57.82 54.50 -1.23
C PHE J 290 58.29 55.81 -0.59
N ASP J 291 57.96 56.05 0.68
CA ASP J 291 58.30 57.31 1.34
C ASP J 291 59.80 57.39 1.55
N GLY J 292 60.47 58.19 0.73
CA GLY J 292 61.90 58.35 0.85
C GLY J 292 62.73 57.20 0.32
N VAL J 293 62.14 56.34 -0.50
CA VAL J 293 62.85 55.25 -1.15
C VAL J 293 62.33 55.13 -2.57
N ASP J 294 63.19 54.65 -3.48
CA ASP J 294 62.77 54.43 -4.86
C ASP J 294 62.50 52.97 -5.17
N ALA J 295 63.19 52.03 -4.51
CA ALA J 295 63.05 50.63 -4.80
C ALA J 295 62.13 49.99 -3.77
N VAL J 296 61.16 49.22 -4.24
CA VAL J 296 60.25 48.49 -3.35
C VAL J 296 60.11 47.08 -3.87
N TRP J 297 60.11 46.14 -2.95
CA TRP J 297 59.99 44.72 -3.22
C TRP J 297 58.61 44.25 -2.83
N LEU J 298 57.99 43.44 -3.69
CA LEU J 298 56.66 42.91 -3.45
C LEU J 298 56.80 41.48 -2.93
N SER J 299 56.31 41.21 -1.72
CA SER J 299 56.35 39.87 -1.10
C SER J 299 54.90 39.42 -0.88
N PHE J 300 54.44 38.48 -1.68
CA PHE J 300 53.04 38.07 -1.68
C PHE J 300 52.93 36.64 -1.14
N ASP J 301 52.29 36.52 0.02
CA ASP J 301 51.96 35.21 0.62
C ASP J 301 50.55 34.87 0.14
N VAL J 302 50.38 33.70 -0.44
CA VAL J 302 49.06 33.29 -1.00
C VAL J 302 48.05 33.21 0.13
N ASP J 303 48.53 33.10 1.37
CA ASP J 303 47.61 32.93 2.53
C ASP J 303 46.84 34.20 2.85
N CYS J 304 47.16 35.33 2.23
CA CYS J 304 46.41 36.58 2.48
C CYS J 304 45.01 36.42 1.88
N LEU J 305 44.83 35.50 0.94
CA LEU J 305 43.48 35.17 0.40
C LEU J 305 42.75 34.31 1.43
N ASP J 306 41.44 34.47 1.55
CA ASP J 306 40.65 33.56 2.37
C ASP J 306 40.97 32.12 2.01
N ALA J 307 41.07 31.27 3.03
CA ALA J 307 41.52 29.89 2.85
C ALA J 307 40.83 29.18 1.68
N ALA J 308 39.54 29.43 1.47
CA ALA J 308 38.80 28.71 0.43
C ALA J 308 39.41 28.92 -0.95
N PHE J 309 40.03 30.08 -1.20
CA PHE J 309 40.66 30.33 -2.49
C PHE J 309 42.08 29.81 -2.57
N VAL J 310 42.68 29.51 -1.43
CA VAL J 310 44.10 29.07 -1.38
C VAL J 310 44.22 27.89 -0.42
N PRO J 311 43.49 26.78 -0.63
CA PRO J 311 43.56 25.67 0.32
C PRO J 311 44.96 25.07 0.37
N GLY J 312 45.71 25.18 -0.72
CA GLY J 312 47.03 24.60 -0.79
C GLY J 312 48.10 25.50 -0.21
N THR J 313 48.05 25.69 1.10
CA THR J 313 49.02 26.55 1.81
C THR J 313 49.24 25.94 3.19
N GLY J 314 50.37 26.21 3.83
CA GLY J 314 50.70 25.57 5.12
C GLY J 314 50.05 26.22 6.32
N TRP J 315 49.58 27.46 6.21
CA TRP J 315 49.01 28.24 7.33
C TRP J 315 47.81 29.03 6.83
N PRO J 316 46.75 28.31 6.41
CA PRO J 316 45.55 28.94 5.93
C PRO J 316 44.75 29.63 7.04
N GLU J 317 44.00 30.68 6.70
CA GLU J 317 43.19 31.43 7.68
C GLU J 317 41.90 31.94 7.04
N PRO J 318 40.75 31.80 7.72
CA PRO J 318 39.50 32.44 7.25
C PRO J 318 39.55 33.96 7.39
N GLY J 319 38.64 34.62 6.68
CA GLY J 319 38.52 36.06 6.80
C GLY J 319 39.51 36.85 5.99
N GLY J 320 40.16 36.24 5.00
CA GLY J 320 41.13 36.94 4.20
C GLY J 320 40.49 37.73 3.07
N PHE J 321 41.37 38.21 2.18
CA PHE J 321 40.90 38.92 1.00
C PHE J 321 40.11 37.98 0.09
N LEU J 322 39.22 38.57 -0.68
CA LEU J 322 38.65 37.91 -1.84
C LEU J 322 39.48 38.24 -3.09
N PRO J 323 39.44 37.37 -4.10
CA PRO J 323 40.33 37.55 -5.27
C PRO J 323 40.23 38.90 -5.95
N ARG J 324 39.01 39.39 -6.20
CA ARG J 324 38.85 40.66 -6.95
C ARG J 324 39.45 41.81 -6.13
N GLU J 325 39.47 41.67 -4.81
CA GLU J 325 39.97 42.73 -3.89
C GLU J 325 41.49 42.82 -3.99
N VAL J 326 42.17 41.71 -3.81
CA VAL J 326 43.66 41.68 -3.80
C VAL J 326 44.19 41.96 -5.22
N LEU J 327 43.48 41.49 -6.24
CA LEU J 327 43.94 41.68 -7.64
C LEU J 327 43.83 43.17 -7.99
N LYS J 328 42.77 43.83 -7.54
CA LYS J 328 42.66 45.31 -7.74
C LYS J 328 43.80 45.99 -7.00
N PHE J 329 44.02 45.63 -5.74
CA PHE J 329 45.10 46.19 -4.91
C PHE J 329 46.42 46.06 -5.67
N LEU J 330 46.72 44.87 -6.15
CA LEU J 330 48.01 44.59 -6.85
C LEU J 330 48.08 45.38 -8.14
N GLN J 331 46.96 45.48 -8.85
CA GLN J 331 46.95 46.17 -10.17
C GLN J 331 47.24 47.65 -9.95
N ILE J 332 46.65 48.25 -8.92
CA ILE J 332 46.88 49.67 -8.62
C ILE J 332 48.37 49.82 -8.30
N ILE J 333 48.91 49.01 -7.42
CA ILE J 333 50.32 49.09 -7.05
C ILE J 333 51.21 49.03 -8.29
N ALA J 334 50.98 48.03 -9.13
CA ALA J 334 51.87 47.74 -10.24
C ALA J 334 51.66 48.69 -11.41
N ASP J 335 50.53 49.38 -11.47
CA ASP J 335 50.34 50.45 -12.44
C ASP J 335 51.02 51.76 -12.02
N THR J 336 51.07 52.02 -10.71
CA THR J 336 51.45 53.34 -10.19
C THR J 336 52.95 53.52 -10.00
N LYS J 337 53.67 52.46 -9.66
CA LYS J 337 55.08 52.54 -9.29
C LYS J 337 55.82 51.38 -9.92
N PRO J 338 57.10 51.58 -10.26
CA PRO J 338 57.94 50.44 -10.60
C PRO J 338 58.26 49.62 -9.37
N LEU J 339 58.45 48.32 -9.58
CA LEU J 339 58.84 47.40 -8.52
C LEU J 339 60.23 46.84 -8.82
N ALA J 340 60.98 46.59 -7.74
CA ALA J 340 62.31 45.99 -7.88
C ALA J 340 62.24 44.52 -8.24
N GLY J 341 61.13 43.86 -7.91
CA GLY J 341 61.00 42.43 -8.10
C GLY J 341 59.89 41.95 -7.20
N MET J 342 59.65 40.64 -7.24
CA MET J 342 58.54 40.11 -6.45
C MET J 342 58.82 38.65 -6.15
N GLU J 343 58.15 38.19 -5.09
CA GLU J 343 58.21 36.77 -4.68
C GLU J 343 56.77 36.34 -4.36
N ILE J 344 56.39 35.14 -4.74
CA ILE J 344 55.05 34.58 -4.42
C ILE J 344 55.34 33.34 -3.58
N VAL J 345 54.98 33.34 -2.30
CA VAL J 345 55.40 32.27 -1.38
C VAL J 345 54.26 31.49 -0.71
N GLU J 346 54.57 30.29 -0.24
CA GLU J 346 53.66 29.46 0.58
C GLU J 346 52.68 28.65 -0.25
N CYS J 347 52.78 28.61 -1.57
CA CYS J 347 51.93 27.66 -2.30
C CYS J 347 52.41 26.24 -2.02
N ALA J 348 51.50 25.38 -1.57
CA ALA J 348 51.80 24.00 -1.18
C ALA J 348 50.93 23.04 -1.98
N PRO J 349 51.39 22.57 -3.12
CA PRO J 349 50.55 21.76 -4.01
C PRO J 349 50.01 20.49 -3.36
N PRO J 350 50.72 19.86 -2.40
CA PRO J 350 50.18 18.66 -1.76
C PRO J 350 48.83 18.88 -1.07
N TYR J 351 48.50 20.11 -0.68
CA TYR J 351 47.22 20.46 -0.01
C TYR J 351 46.32 21.27 -0.94
N ASP J 352 46.64 21.31 -2.22
CA ASP J 352 45.88 22.15 -3.18
C ASP J 352 44.72 21.36 -3.77
N ALA J 353 43.62 22.05 -3.95
CA ALA J 353 42.43 21.40 -4.51
C ALA J 353 42.34 21.79 -5.98
N ALA J 354 42.55 20.85 -6.87
CA ALA J 354 42.35 21.20 -8.29
C ALA J 354 43.27 22.35 -8.66
N GLU J 355 44.41 22.48 -7.99
CA GLU J 355 45.47 23.47 -8.36
C GLU J 355 44.99 24.93 -8.31
N ILE J 356 43.96 25.25 -7.53
CA ILE J 356 43.40 26.63 -7.55
C ILE J 356 44.34 27.57 -6.80
N THR J 357 45.16 27.05 -5.89
CA THR J 357 46.13 27.92 -5.22
C THR J 357 47.25 28.31 -6.17
N SER J 358 47.82 27.34 -6.87
CA SER J 358 48.84 27.64 -7.88
C SER J 358 48.26 28.52 -8.99
N LEU J 359 46.98 28.35 -9.32
CA LEU J 359 46.33 29.21 -10.30
C LEU J 359 46.30 30.66 -9.82
N MET J 360 45.90 30.87 -8.56
CA MET J 360 45.92 32.20 -7.96
C MET J 360 47.31 32.83 -8.03
N ALA J 361 48.33 32.07 -7.63
CA ALA J 361 49.69 32.59 -7.68
C ALA J 361 50.08 33.01 -9.10
N THR J 362 49.75 32.17 -10.09
CA THR J 362 50.03 32.50 -11.48
C THR J 362 49.34 33.77 -11.89
N ARG J 363 48.06 33.91 -11.52
CA ARG J 363 47.30 35.10 -11.88
C ARG J 363 47.89 36.35 -11.24
N VAL J 364 48.30 36.26 -9.97
CA VAL J 364 48.95 37.40 -9.32
C VAL J 364 50.19 37.85 -10.10
N ILE J 365 51.04 36.89 -10.47
CA ILE J 365 52.26 37.23 -11.19
C ILE J 365 51.93 37.90 -12.51
N CYS J 366 51.00 37.33 -13.27
CA CYS J 366 50.70 37.85 -14.61
C CYS J 366 50.04 39.21 -14.56
N ASP J 367 49.13 39.44 -13.60
CA ASP J 367 48.55 40.76 -13.46
C ASP J 367 49.61 41.80 -13.09
N VAL J 368 50.54 41.45 -12.18
CA VAL J 368 51.58 42.39 -11.79
C VAL J 368 52.48 42.72 -12.98
N LEU J 369 52.91 41.69 -13.71
CA LEU J 369 53.77 41.93 -14.87
C LEU J 369 53.05 42.77 -15.91
N ALA J 370 51.79 42.43 -16.21
CA ALA J 370 51.05 43.17 -17.22
C ALA J 370 50.88 44.65 -16.85
N CYS J 371 50.65 44.93 -15.56
CA CYS J 371 50.48 46.32 -15.15
C CYS J 371 51.81 47.07 -15.17
N GLN J 372 52.89 46.41 -14.75
CA GLN J 372 54.21 47.00 -14.91
C GLN J 372 54.48 47.35 -16.37
N VAL J 373 54.08 46.47 -17.28
CA VAL J 373 54.37 46.68 -18.70
C VAL J 373 53.55 47.84 -19.24
N ARG J 374 52.22 47.80 -19.04
CA ARG J 374 51.37 48.81 -19.66
C ARG J 374 51.61 50.19 -19.07
N SER J 375 52.13 50.28 -17.84
CA SER J 375 52.42 51.57 -17.22
C SER J 375 53.86 52.01 -17.43
N GLY J 376 54.63 51.29 -18.25
CA GLY J 376 55.96 51.72 -18.63
C GLY J 376 57.06 51.42 -17.63
N HIS J 377 56.83 50.56 -16.65
CA HIS J 377 57.82 50.21 -15.66
C HIS J 377 58.62 48.98 -16.03
N LEU J 378 58.23 48.27 -17.08
CA LEU J 378 58.90 47.05 -17.50
C LEU J 378 58.73 46.90 -19.00
N GLY J 379 59.76 46.40 -19.68
CA GLY J 379 59.71 46.19 -21.10
C GLY J 379 59.90 47.49 -21.86
N ARG K 7 9.47 40.46 -5.53
CA ARG K 7 8.83 39.46 -4.67
C ARG K 7 8.91 39.87 -3.21
N THR K 8 7.80 40.35 -2.68
CA THR K 8 7.74 40.78 -1.29
C THR K 8 6.50 40.21 -0.63
N TYR K 9 6.45 40.29 0.69
CA TYR K 9 5.29 39.85 1.47
C TYR K 9 4.04 40.55 0.93
N GLN K 10 2.96 39.82 0.73
CA GLN K 10 1.71 40.35 0.13
C GLN K 10 0.69 40.74 1.18
N GLY K 11 0.80 40.21 2.40
CA GLY K 11 -0.14 40.50 3.49
C GLY K 11 -1.29 39.51 3.50
N LYS K 12 -1.26 38.49 2.65
CA LYS K 12 -2.35 37.50 2.54
C LYS K 12 -2.26 36.49 3.68
N VAL K 13 -1.04 36.18 4.11
CA VAL K 13 -0.81 35.22 5.22
C VAL K 13 -0.24 36.00 6.39
N PRO K 14 -1.04 36.47 7.37
CA PRO K 14 -0.51 37.33 8.43
C PRO K 14 0.75 36.77 9.10
N LEU K 15 1.75 37.63 9.33
CA LEU K 15 3.02 37.23 9.91
C LEU K 15 3.55 38.33 10.81
N HIS K 16 4.38 37.93 11.78
CA HIS K 16 4.97 38.91 12.71
C HIS K 16 6.04 39.74 12.00
N ASP K 17 6.49 40.78 12.69
CA ASP K 17 7.31 41.82 12.09
C ASP K 17 8.81 41.62 12.26
N ASN K 18 9.26 40.48 12.79
CA ASN K 18 10.67 40.26 13.00
C ASN K 18 11.32 39.47 11.87
N TYR K 19 10.56 39.05 10.86
CA TYR K 19 11.13 38.42 9.70
C TYR K 19 11.91 39.41 8.85
N GLY K 20 13.00 38.94 8.24
CA GLY K 20 13.61 39.68 7.16
C GLY K 20 12.66 39.74 5.98
N PRO K 21 12.84 40.70 5.08
CA PRO K 21 11.87 40.82 3.97
C PRO K 21 11.78 39.59 3.08
N GLU K 22 12.94 39.04 2.65
CA GLU K 22 12.91 37.84 1.83
C GLU K 22 12.32 36.67 2.60
N ALA K 23 12.68 36.53 3.87
CA ALA K 23 12.12 35.45 4.68
C ALA K 23 10.61 35.58 4.80
N LYS K 24 10.12 36.81 4.96
CA LYS K 24 8.69 37.06 5.11
C LYS K 24 7.93 36.67 3.84
N TYR K 25 8.46 37.08 2.68
CA TYR K 25 7.92 36.59 1.42
C TYR K 25 7.90 35.07 1.39
N ALA K 26 9.02 34.45 1.79
CA ALA K 26 9.18 33.01 1.66
C ALA K 26 8.21 32.25 2.55
N VAL K 27 8.03 32.70 3.80
CA VAL K 27 7.17 31.99 4.73
C VAL K 27 5.71 32.09 4.30
N GLU K 28 5.29 33.26 3.82
CA GLU K 28 3.93 33.43 3.29
C GLU K 28 3.77 32.56 2.03
N ALA K 29 4.75 32.61 1.14
CA ALA K 29 4.59 31.89 -0.13
C ALA K 29 4.41 30.40 0.09
N GLU K 30 5.15 29.85 1.05
CA GLU K 30 5.03 28.41 1.31
C GLU K 30 3.63 28.06 1.79
N ALA K 31 3.05 28.91 2.65
CA ALA K 31 1.73 28.63 3.19
C ALA K 31 0.66 28.56 2.12
N LEU K 32 0.92 29.15 0.96
CA LEU K 32 -0.10 29.21 -0.13
C LEU K 32 0.13 28.11 -1.16
N LEU K 33 1.20 27.30 -1.05
CA LEU K 33 1.48 26.29 -2.05
C LEU K 33 0.60 25.05 -1.84
N PRO K 34 0.19 24.39 -2.92
CA PRO K 34 -0.56 23.15 -2.79
C PRO K 34 0.33 21.97 -2.40
N THR K 35 -0.34 20.85 -2.07
CA THR K 35 0.34 19.62 -1.68
C THR K 35 -0.18 18.42 -2.48
N THR K 36 -0.87 18.68 -3.59
CA THR K 36 -1.51 17.60 -4.35
C THR K 36 -0.47 16.63 -4.92
N LYS K 37 0.55 17.16 -5.59
CA LYS K 37 1.54 16.29 -6.23
C LYS K 37 2.39 15.56 -5.20
N PHE K 38 2.64 16.19 -4.04
CA PHE K 38 3.29 15.47 -2.95
C PHE K 38 2.47 14.25 -2.56
N GLU K 39 1.18 14.44 -2.29
CA GLU K 39 0.34 13.31 -1.89
C GLU K 39 0.31 12.23 -2.96
N GLU K 40 0.29 12.61 -4.23
CA GLU K 40 0.25 11.61 -5.29
C GLU K 40 1.54 10.80 -5.33
N GLU K 41 2.70 11.45 -5.15
CA GLU K 41 3.97 10.72 -5.12
C GLU K 41 4.03 9.76 -3.93
N ILE K 42 3.59 10.20 -2.75
CA ILE K 42 3.56 9.30 -1.59
C ILE K 42 2.72 8.07 -1.90
N ALA K 43 1.51 8.28 -2.45
CA ALA K 43 0.63 7.15 -2.73
C ALA K 43 1.26 6.22 -3.77
N ARG K 44 1.81 6.79 -4.85
CA ARG K 44 2.44 5.98 -5.88
C ARG K 44 3.61 5.19 -5.31
N GLY K 45 4.43 5.83 -4.47
CA GLY K 45 5.58 5.15 -3.89
C GLY K 45 5.20 3.91 -3.10
N LEU K 46 4.13 3.98 -2.33
CA LEU K 46 3.71 2.82 -1.52
C LEU K 46 3.19 1.72 -2.44
N GLU K 47 2.55 2.09 -3.55
CA GLU K 47 2.01 1.12 -4.53
C GLU K 47 3.17 0.38 -5.21
N LEU K 48 4.19 1.12 -5.62
CA LEU K 48 5.31 0.51 -6.37
C LEU K 48 6.36 -0.07 -5.42
N GLY K 49 6.53 0.49 -4.23
CA GLY K 49 7.62 0.10 -3.36
C GLY K 49 7.23 -0.75 -2.17
N LEU K 50 5.94 -1.10 -2.07
CA LEU K 50 5.35 -1.87 -0.98
C LEU K 50 5.17 -1.02 0.26
N PRO K 51 4.18 -1.34 1.12
CA PRO K 51 4.13 -0.70 2.44
C PRO K 51 5.41 -0.96 3.19
N GLY K 52 5.79 0.01 4.02
CA GLY K 52 6.95 -0.18 4.88
C GLY K 52 6.74 -1.29 5.90
N ALA K 53 7.84 -1.71 6.51
CA ALA K 53 7.78 -2.71 7.57
C ALA K 53 6.89 -2.24 8.73
N ASP K 54 6.42 -3.21 9.52
CA ASP K 54 5.46 -2.94 10.57
C ASP K 54 5.99 -1.99 11.62
N SER K 55 7.31 -1.96 11.83
CA SER K 55 7.90 -1.12 12.87
C SER K 55 7.97 0.34 12.46
N ILE K 56 7.75 0.66 11.20
CA ILE K 56 7.84 2.05 10.74
C ILE K 56 6.57 2.79 11.16
N LYS K 57 6.74 3.88 11.93
CA LYS K 57 5.58 4.65 12.36
C LYS K 57 4.98 5.51 11.26
N ASP K 58 5.84 6.16 10.48
CA ASP K 58 5.39 7.01 9.37
C ASP K 58 4.95 6.09 8.24
N ARG K 59 3.63 5.95 8.05
CA ARG K 59 3.13 5.00 7.06
C ARG K 59 3.23 5.51 5.63
N ARG K 60 3.76 6.72 5.43
CA ARG K 60 4.10 7.19 4.08
C ARG K 60 5.37 6.54 3.55
N ILE K 61 6.07 5.77 4.37
CA ILE K 61 7.37 5.23 4.00
C ILE K 61 7.18 3.84 3.39
N PRO K 62 7.61 3.61 2.15
CA PRO K 62 7.55 2.26 1.56
C PRO K 62 8.73 1.41 2.01
N THR K 63 8.71 0.15 1.60
CA THR K 63 9.87 -0.71 1.83
C THR K 63 11.02 -0.32 0.91
N PHE K 64 10.73 -0.07 -0.37
CA PHE K 64 11.71 0.36 -1.35
C PHE K 64 11.53 1.86 -1.61
N SER K 65 12.65 2.57 -1.65
CA SER K 65 12.64 3.99 -1.97
C SER K 65 12.09 4.23 -3.37
N ARG K 66 11.07 5.08 -3.46
CA ARG K 66 10.34 5.38 -4.70
C ARG K 66 9.83 6.82 -4.55
N GLY K 67 10.64 7.76 -5.00
CA GLY K 67 10.37 9.17 -4.88
C GLY K 67 11.54 9.89 -4.28
N GLU K 68 11.26 11.03 -3.65
CA GLU K 68 12.31 11.92 -3.19
C GLU K 68 13.20 11.25 -2.15
N LEU K 69 12.60 10.45 -1.22
CA LEU K 69 13.33 10.05 -0.03
C LEU K 69 13.71 8.58 -0.08
N PRO K 70 14.83 8.19 0.56
CA PRO K 70 15.86 9.08 1.16
C PRO K 70 16.68 9.77 0.07
N HIS K 71 17.27 10.93 0.36
CA HIS K 71 18.04 11.65 -0.64
C HIS K 71 19.27 10.87 -1.09
N PHE K 72 19.87 10.09 -0.19
CA PHE K 72 21.07 9.32 -0.49
C PHE K 72 20.76 8.03 -1.22
N ALA K 73 19.50 7.78 -1.55
CA ALA K 73 19.08 6.54 -2.14
C ALA K 73 18.54 6.77 -3.54
N GLY K 74 18.47 5.67 -4.29
CA GLY K 74 17.73 5.63 -5.54
C GLY K 74 18.62 5.78 -6.75
N ILE K 75 18.01 5.48 -7.90
CA ILE K 75 18.70 5.61 -9.21
C ILE K 75 18.82 7.10 -9.45
N ASN K 76 19.97 7.55 -9.91
CA ASN K 76 20.21 9.00 -9.99
C ASN K 76 19.81 9.63 -11.31
N THR K 77 18.57 10.07 -11.45
CA THR K 77 18.13 10.92 -12.57
C THR K 77 18.29 12.34 -12.05
N PHE K 78 18.22 13.35 -12.88
CA PHE K 78 18.30 14.73 -12.38
C PHE K 78 17.12 15.02 -11.46
N ILE K 79 17.43 15.49 -10.25
CA ILE K 79 16.48 15.68 -9.14
C ILE K 79 15.44 14.57 -9.10
N LYS K 80 15.88 13.34 -9.35
CA LYS K 80 15.05 12.16 -9.28
C LYS K 80 13.78 12.28 -10.14
N ALA K 81 13.87 13.04 -11.22
CA ALA K 81 12.80 13.09 -12.20
C ALA K 81 12.66 11.74 -12.90
N PRO K 82 11.48 11.42 -13.43
CA PRO K 82 11.32 10.14 -14.15
C PRO K 82 12.24 10.07 -15.36
N TYR K 83 12.85 8.89 -15.54
CA TYR K 83 13.56 8.55 -16.76
C TYR K 83 12.55 8.21 -17.85
N VAL K 84 12.65 8.89 -18.98
CA VAL K 84 11.76 8.67 -20.11
C VAL K 84 12.59 7.96 -21.18
N GLU K 85 12.49 6.63 -21.21
CA GLU K 85 13.31 5.82 -22.11
C GLU K 85 12.93 6.07 -23.57
N ASP K 86 11.64 6.24 -23.84
CA ASP K 86 11.17 6.53 -25.21
C ASP K 86 11.23 8.03 -25.42
N VAL K 87 12.30 8.51 -26.06
CA VAL K 87 12.52 9.95 -26.16
C VAL K 87 11.46 10.61 -27.04
N ARG K 88 10.73 9.83 -27.83
CA ARG K 88 9.59 10.36 -28.57
C ARG K 88 8.48 10.87 -27.67
N LYS K 89 8.50 10.54 -26.38
CA LYS K 89 7.48 10.97 -25.42
C LYS K 89 7.87 12.22 -24.64
N CYS K 90 9.05 12.80 -24.92
CA CYS K 90 9.51 13.93 -24.12
C CYS K 90 8.58 15.13 -24.17
N GLY K 91 7.79 15.27 -25.24
CA GLY K 91 6.85 16.37 -25.35
C GLY K 91 5.71 16.33 -24.34
N GLN K 92 5.56 15.23 -23.62
CA GLN K 92 4.54 15.12 -22.58
C GLN K 92 4.92 15.88 -21.32
N TYR K 93 6.12 16.44 -21.25
CA TYR K 93 6.64 17.07 -20.05
C TYR K 93 6.97 18.53 -20.34
N ASP K 94 6.83 19.36 -19.29
CA ASP K 94 7.15 20.78 -19.43
C ASP K 94 8.65 20.99 -19.65
N VAL K 95 9.47 20.17 -19.01
CA VAL K 95 10.92 20.31 -18.98
C VAL K 95 11.52 18.94 -19.24
N ALA K 96 12.54 18.90 -20.09
CA ALA K 96 13.26 17.66 -20.39
C ALA K 96 14.75 17.89 -20.18
N ILE K 97 15.34 17.15 -19.24
CA ILE K 97 16.77 17.17 -18.98
C ILE K 97 17.43 16.17 -19.91
N LEU K 98 18.52 16.58 -20.56
CA LEU K 98 19.33 15.67 -21.36
C LEU K 98 20.80 16.04 -21.17
N GLY K 99 21.66 15.02 -21.26
CA GLY K 99 23.09 15.20 -21.12
C GLY K 99 23.80 15.12 -22.46
N ALA K 100 24.94 15.79 -22.55
CA ALA K 100 25.80 15.74 -23.74
C ALA K 100 27.21 15.42 -23.25
N PRO K 101 27.47 14.17 -22.91
CA PRO K 101 28.75 13.81 -22.27
C PRO K 101 29.91 13.79 -23.26
N PHE K 102 30.57 14.94 -23.40
CA PHE K 102 31.58 15.13 -24.43
C PHE K 102 32.63 16.11 -23.94
N ASP K 103 33.91 15.77 -24.14
CA ASP K 103 34.98 16.71 -23.81
C ASP K 103 36.07 16.76 -24.87
N GLY K 104 35.76 16.34 -26.11
CA GLY K 104 36.72 16.48 -27.20
C GLY K 104 36.90 17.91 -27.68
N GLY K 105 36.11 18.84 -27.17
CA GLY K 105 36.29 20.24 -27.47
C GLY K 105 37.14 20.99 -26.47
N THR K 106 37.76 20.29 -25.51
CA THR K 106 38.48 20.96 -24.43
C THR K 106 39.93 21.22 -24.84
N THR K 107 40.42 22.41 -24.52
CA THR K 107 41.77 22.82 -24.88
C THR K 107 42.75 22.70 -23.73
N TYR K 108 42.28 22.38 -22.52
CA TYR K 108 43.20 22.08 -21.42
C TYR K 108 42.85 20.75 -20.76
N ARG K 109 42.08 20.78 -19.68
CA ARG K 109 41.68 19.53 -19.03
C ARG K 109 40.45 18.92 -19.69
N ALA K 110 40.41 17.60 -19.76
CA ALA K 110 39.20 16.87 -20.09
C ALA K 110 38.48 16.53 -18.78
N GLY K 111 37.43 15.73 -18.85
CA GLY K 111 36.66 15.34 -17.67
C GLY K 111 35.21 15.80 -17.67
N THR K 112 34.88 16.80 -18.47
CA THR K 112 33.48 17.25 -18.49
C THR K 112 32.59 16.30 -19.27
N ARG K 113 33.13 15.20 -19.82
CA ARG K 113 32.25 14.15 -20.29
C ARG K 113 31.41 13.59 -19.15
N PHE K 114 31.87 13.74 -17.91
CA PHE K 114 31.14 13.25 -16.76
C PHE K 114 30.28 14.31 -16.09
N GLY K 115 30.25 15.53 -16.62
CA GLY K 115 29.42 16.56 -16.09
C GLY K 115 27.98 16.14 -15.87
N PRO K 116 27.33 15.54 -16.88
CA PRO K 116 25.93 15.13 -16.67
C PRO K 116 25.78 14.16 -15.51
N GLN K 117 26.69 13.19 -15.39
CA GLN K 117 26.63 12.22 -14.31
C GLN K 117 26.86 12.89 -12.95
N GLY K 118 27.83 13.80 -12.85
CA GLY K 118 28.10 14.44 -11.58
C GLY K 118 26.97 15.37 -11.15
N ILE K 119 26.38 16.08 -12.11
CA ILE K 119 25.24 16.94 -11.79
C ILE K 119 24.05 16.10 -11.32
N ARG K 120 23.71 15.06 -12.07
CA ARG K 120 22.61 14.19 -11.66
C ARG K 120 22.84 13.65 -10.25
N LYS K 121 24.07 13.21 -9.96
CA LYS K 121 24.35 12.56 -8.69
C LYS K 121 24.10 13.50 -7.51
N ILE K 122 24.70 14.70 -7.55
CA ILE K 122 24.57 15.61 -6.41
C ILE K 122 23.19 16.24 -6.36
N SER K 123 22.44 16.22 -7.47
CA SER K 123 21.11 16.81 -7.48
C SER K 123 20.13 16.09 -6.55
N ALA K 124 20.42 14.83 -6.17
CA ALA K 124 19.59 14.13 -5.21
C ALA K 124 19.54 14.81 -3.86
N LEU K 125 20.58 15.61 -3.54
CA LEU K 125 20.61 16.29 -2.26
C LEU K 125 19.44 17.23 -2.08
N TYR K 126 18.93 17.78 -3.17
CA TYR K 126 17.93 18.82 -3.11
C TYR K 126 16.54 18.25 -2.84
N GLY K 127 15.72 19.05 -2.17
CA GLY K 127 14.28 18.86 -2.18
C GLY K 127 13.70 19.48 -3.44
N THR K 128 12.38 19.49 -3.51
CA THR K 128 11.68 20.02 -4.67
C THR K 128 11.30 21.49 -4.51
N TYR K 129 11.63 22.09 -3.37
CA TYR K 129 11.08 23.38 -2.96
C TYR K 129 12.21 24.35 -2.62
N SER K 130 12.12 25.56 -3.15
CA SER K 130 13.06 26.64 -2.83
C SER K 130 12.41 27.62 -1.84
N PHE K 131 13.08 27.82 -0.71
CA PHE K 131 12.57 28.71 0.32
C PHE K 131 12.44 30.14 -0.18
N GLU K 132 13.56 30.77 -0.58
CA GLU K 132 13.49 32.20 -0.89
C GLU K 132 12.81 32.49 -2.23
N LEU K 133 12.73 31.51 -3.14
CA LEU K 133 12.00 31.73 -4.38
C LEU K 133 10.52 31.38 -4.26
N GLY K 134 10.12 30.65 -3.23
CA GLY K 134 8.72 30.34 -3.01
C GLY K 134 8.09 29.46 -4.06
N VAL K 135 8.84 28.48 -4.55
CA VAL K 135 8.39 27.62 -5.63
C VAL K 135 8.62 26.17 -5.25
N ASP K 136 7.63 25.34 -5.52
CA ASP K 136 7.74 23.89 -5.35
C ASP K 136 7.60 23.30 -6.74
N LEU K 137 8.73 22.89 -7.32
CA LEU K 137 8.72 22.37 -8.69
C LEU K 137 7.84 21.14 -8.82
N ARG K 138 7.77 20.32 -7.76
CA ARG K 138 6.96 19.11 -7.81
C ARG K 138 5.48 19.43 -8.03
N GLU K 139 5.03 20.57 -7.51
CA GLU K 139 3.66 20.97 -7.66
C GLU K 139 3.38 21.74 -8.96
N SER K 140 4.39 22.36 -9.57
CA SER K 140 4.13 23.36 -10.59
C SER K 140 4.60 23.02 -12.00
N VAL K 141 5.49 22.04 -12.17
CA VAL K 141 5.97 21.70 -13.51
C VAL K 141 6.27 20.21 -13.56
N SER K 142 6.09 19.63 -14.74
CA SER K 142 6.46 18.25 -15.00
C SER K 142 7.85 18.23 -15.63
N ILE K 143 8.77 17.47 -15.02
CA ILE K 143 10.16 17.38 -15.44
C ILE K 143 10.46 15.92 -15.72
N CYS K 144 11.18 15.67 -16.82
CA CYS K 144 11.66 14.32 -17.12
C CYS K 144 13.15 14.39 -17.47
N ASP K 145 13.78 13.22 -17.45
CA ASP K 145 15.18 13.04 -17.79
C ASP K 145 15.24 12.03 -18.93
N VAL K 146 15.70 12.48 -20.09
CA VAL K 146 15.77 11.59 -21.25
C VAL K 146 17.15 10.98 -21.42
N GLY K 147 17.99 11.11 -20.41
CA GLY K 147 19.32 10.50 -20.50
C GLY K 147 20.28 11.33 -21.32
N ASP K 148 21.16 10.67 -22.08
CA ASP K 148 22.29 11.33 -22.71
C ASP K 148 22.30 11.13 -24.23
N ILE K 149 22.75 12.16 -24.94
CA ILE K 149 23.14 12.03 -26.34
C ILE K 149 24.26 10.99 -26.45
N PHE K 150 24.20 10.20 -27.51
CA PHE K 150 25.27 9.26 -27.84
C PHE K 150 26.36 10.08 -28.53
N THR K 151 27.32 10.53 -27.74
CA THR K 151 28.40 11.37 -28.24
C THR K 151 29.49 10.51 -28.89
N ILE K 152 30.35 11.18 -29.66
CA ILE K 152 31.36 10.54 -30.49
C ILE K 152 32.71 11.12 -30.10
N PRO K 153 33.38 10.56 -29.08
CA PRO K 153 34.60 11.23 -28.55
C PRO K 153 35.68 11.50 -29.58
N GLY K 154 35.87 10.64 -30.57
CA GLY K 154 36.91 10.85 -31.56
C GLY K 154 36.63 11.86 -32.66
N ASN K 155 35.45 12.46 -32.67
CA ASN K 155 35.04 13.29 -33.80
C ASN K 155 34.05 14.34 -33.32
N ILE K 156 34.54 15.57 -33.16
CA ILE K 156 33.71 16.65 -32.65
C ILE K 156 32.56 16.98 -33.61
N GLU K 157 32.80 16.88 -34.92
CA GLU K 157 31.75 17.21 -35.90
C GLU K 157 30.60 16.19 -35.87
N LYS K 158 30.91 14.90 -35.75
CA LYS K 158 29.85 13.92 -35.58
C LYS K 158 29.11 14.13 -34.26
N THR K 159 29.84 14.53 -33.21
CA THR K 159 29.18 14.83 -31.95
C THR K 159 28.23 16.01 -32.09
N PHE K 160 28.67 17.07 -32.77
CA PHE K 160 27.77 18.19 -33.04
C PHE K 160 26.49 17.70 -33.72
N ASP K 161 26.64 16.83 -34.72
CA ASP K 161 25.48 16.38 -35.47
C ASP K 161 24.50 15.61 -34.58
N GLN K 162 25.02 14.73 -33.73
CA GLN K 162 24.20 14.02 -32.74
C GLN K 162 23.51 15.00 -31.80
N VAL K 163 24.25 15.99 -31.30
CA VAL K 163 23.68 16.90 -30.31
C VAL K 163 22.60 17.77 -30.95
N SER K 164 22.87 18.30 -32.15
CA SER K 164 21.87 19.11 -32.83
C SER K 164 20.59 18.31 -33.07
N LYS K 165 20.73 17.04 -33.44
CA LYS K 165 19.55 16.23 -33.74
C LYS K 165 18.76 15.95 -32.46
N GLY K 166 19.44 15.61 -31.37
CA GLY K 166 18.74 15.33 -30.13
C GLY K 166 18.15 16.56 -29.47
N VAL K 167 18.89 17.66 -29.43
CA VAL K 167 18.37 18.89 -28.85
C VAL K 167 17.27 19.47 -29.72
N GLY K 168 17.44 19.39 -31.05
CA GLY K 168 16.36 19.83 -31.92
C GLY K 168 15.08 19.05 -31.69
N HIS K 169 15.20 17.73 -31.53
CA HIS K 169 14.05 16.90 -31.23
C HIS K 169 13.36 17.36 -29.96
N VAL K 170 14.14 17.56 -28.88
CA VAL K 170 13.53 17.95 -27.62
C VAL K 170 12.89 19.33 -27.72
N PHE K 171 13.59 20.27 -28.36
CA PHE K 171 13.04 21.61 -28.49
C PHE K 171 11.77 21.59 -29.31
N ALA K 172 11.76 20.86 -30.41
CA ALA K 172 10.60 20.78 -31.28
C ALA K 172 9.41 20.14 -30.61
N SER K 173 9.64 19.29 -29.60
CA SER K 173 8.54 18.62 -28.91
C SER K 173 7.74 19.58 -28.04
N GLY K 174 8.28 20.76 -27.75
CA GLY K 174 7.62 21.71 -26.87
C GLY K 174 8.13 21.69 -25.45
N ALA K 175 8.90 20.67 -25.06
CA ALA K 175 9.53 20.66 -23.76
C ALA K 175 10.70 21.66 -23.71
N PHE K 176 10.88 22.27 -22.56
CA PHE K 176 11.98 23.18 -22.26
C PHE K 176 13.24 22.35 -22.06
N PRO K 177 14.20 22.43 -22.99
CA PRO K 177 15.41 21.60 -22.88
C PRO K 177 16.41 22.20 -21.88
N VAL K 178 16.91 21.35 -20.98
CA VAL K 178 18.03 21.66 -20.10
C VAL K 178 19.15 20.72 -20.50
N VAL K 179 20.19 21.26 -21.11
CA VAL K 179 21.31 20.46 -21.63
C VAL K 179 22.43 20.48 -20.61
N LEU K 180 22.81 19.29 -20.11
CA LEU K 180 23.94 19.16 -19.21
C LEU K 180 25.17 18.83 -20.03
N GLY K 181 26.15 19.72 -20.02
CA GLY K 181 27.42 19.45 -20.69
C GLY K 181 28.39 18.75 -19.76
N GLY K 182 29.55 18.38 -20.31
CA GLY K 182 29.93 18.63 -21.69
C GLY K 182 30.60 19.98 -21.87
N ASP K 183 31.56 20.07 -22.78
CA ASP K 183 32.31 21.31 -22.91
C ASP K 183 31.53 22.31 -23.77
N HIS K 184 31.96 23.57 -23.74
CA HIS K 184 31.21 24.67 -24.38
C HIS K 184 31.21 24.59 -25.90
N SER K 185 32.00 23.76 -26.55
CA SER K 185 31.83 23.63 -27.99
C SER K 185 30.41 23.20 -28.33
N LEU K 186 29.76 22.49 -27.42
CA LEU K 186 28.41 22.00 -27.65
C LEU K 186 27.39 23.11 -27.79
N GLY K 187 27.73 24.33 -27.31
CA GLY K 187 26.84 25.46 -27.51
C GLY K 187 26.51 25.73 -28.96
N PHE K 188 27.48 25.48 -29.87
CA PHE K 188 27.19 25.60 -31.29
C PHE K 188 26.12 24.59 -31.72
N ALA K 189 26.30 23.34 -31.30
CA ALA K 189 25.40 22.28 -31.75
C ALA K 189 24.01 22.43 -31.16
N THR K 190 23.91 22.91 -29.91
CA THR K 190 22.59 23.09 -29.30
C THR K 190 21.85 24.24 -29.99
N VAL K 191 22.53 25.36 -30.21
CA VAL K 191 21.89 26.49 -30.86
C VAL K 191 21.53 26.15 -32.30
N ARG K 192 22.41 25.44 -33.00
CA ARG K 192 22.10 25.02 -34.36
C ARG K 192 20.83 24.20 -34.41
N GLY K 193 20.66 23.28 -33.46
CA GLY K 193 19.46 22.45 -33.43
C GLY K 193 18.20 23.25 -33.12
N VAL K 194 18.31 24.17 -32.18
CA VAL K 194 17.16 25.01 -31.82
C VAL K 194 16.81 25.94 -32.98
N ALA K 195 17.82 26.61 -33.55
CA ALA K 195 17.55 27.57 -34.61
C ALA K 195 16.86 26.93 -35.80
N GLN K 196 17.03 25.62 -35.99
CA GLN K 196 16.40 24.90 -37.09
C GLN K 196 14.89 24.82 -36.92
N HIS K 197 14.38 25.06 -35.72
CA HIS K 197 12.96 24.87 -35.41
C HIS K 197 12.29 26.15 -34.95
N LEU K 198 12.74 27.31 -35.44
CA LEU K 198 12.17 28.59 -35.03
C LEU K 198 11.31 29.22 -36.12
N ASN K 199 10.90 28.44 -37.12
CA ASN K 199 10.18 28.99 -38.29
C ASN K 199 10.86 30.24 -38.84
N GLY K 200 12.19 30.24 -38.92
CA GLY K 200 12.91 31.39 -39.44
C GLY K 200 13.09 32.55 -38.48
N LYS K 201 12.45 32.53 -37.32
CA LYS K 201 12.60 33.62 -36.37
C LYS K 201 14.00 33.58 -35.75
N LYS K 202 14.41 34.72 -35.20
CA LYS K 202 15.77 34.94 -34.71
C LYS K 202 15.94 34.47 -33.28
N LEU K 203 17.18 34.10 -32.95
CA LEU K 203 17.56 33.57 -31.64
C LEU K 203 18.69 34.41 -31.06
N GLY K 204 18.44 34.99 -29.88
CA GLY K 204 19.49 35.62 -29.10
C GLY K 204 20.15 34.64 -28.14
N ILE K 205 21.26 35.07 -27.56
CA ILE K 205 22.04 34.21 -26.67
C ILE K 205 22.52 35.02 -25.47
N LEU K 206 22.25 34.51 -24.27
CA LEU K 206 22.80 35.07 -23.01
C LEU K 206 23.94 34.13 -22.61
N HIS K 207 25.19 34.54 -22.80
CA HIS K 207 26.37 33.67 -22.59
C HIS K 207 27.08 34.06 -21.30
N PHE K 208 27.05 33.26 -20.25
CA PHE K 208 27.79 33.51 -18.99
C PHE K 208 29.13 32.78 -19.11
N ASP K 209 30.23 33.50 -19.01
CA ASP K 209 31.56 32.91 -19.24
C ASP K 209 32.66 33.93 -19.01
N ARG K 210 33.87 33.48 -18.74
CA ARG K 210 35.06 34.37 -18.67
C ARG K 210 35.67 34.38 -20.08
N HIS K 211 35.36 33.36 -20.88
CA HIS K 211 35.97 33.18 -22.22
C HIS K 211 35.00 33.58 -23.32
N VAL K 212 35.48 34.31 -24.32
CA VAL K 212 34.67 34.84 -25.46
C VAL K 212 34.11 33.70 -26.31
N ASP K 213 34.86 32.63 -26.58
CA ASP K 213 34.34 31.45 -27.32
C ASP K 213 33.86 31.90 -28.70
N THR K 214 34.56 32.85 -29.29
CA THR K 214 34.13 33.41 -30.58
C THR K 214 35.23 33.41 -31.65
N GLN K 215 36.19 32.49 -31.60
CA GLN K 215 37.18 32.38 -32.67
C GLN K 215 36.80 31.26 -33.63
N ASP K 216 37.54 31.17 -34.74
CA ASP K 216 37.14 30.27 -35.84
C ASP K 216 37.52 28.82 -35.55
N THR K 217 38.81 28.54 -35.38
CA THR K 217 39.28 27.21 -35.04
C THR K 217 40.29 27.30 -33.91
N ASP K 218 40.49 26.16 -33.26
CA ASP K 218 41.43 26.03 -32.15
C ASP K 218 41.96 24.62 -32.25
N LEU K 219 43.29 24.47 -32.32
CA LEU K 219 43.89 23.15 -32.57
C LEU K 219 43.23 22.47 -33.78
N ASP K 220 42.96 23.28 -34.80
CA ASP K 220 42.45 22.88 -36.11
C ASP K 220 41.00 22.41 -36.12
N GLU K 221 40.24 22.62 -35.05
CA GLU K 221 38.86 22.14 -35.00
C GLU K 221 37.98 23.19 -34.33
N ARG K 222 36.68 22.94 -34.35
CA ARG K 222 35.68 23.88 -33.82
C ARG K 222 35.45 23.57 -32.34
N MET K 223 36.45 23.94 -31.54
CA MET K 223 36.53 23.55 -30.14
C MET K 223 35.76 24.55 -29.26
N HIS K 224 35.91 24.42 -27.93
CA HIS K 224 35.05 25.19 -27.02
C HIS K 224 35.38 26.68 -27.01
N THR K 225 36.42 27.10 -27.71
CA THR K 225 36.71 28.50 -27.95
C THR K 225 36.07 29.02 -29.23
N THR K 226 35.24 28.20 -29.92
CA THR K 226 34.72 28.61 -31.21
C THR K 226 33.20 28.62 -31.37
N PRO K 227 32.40 28.17 -30.41
CA PRO K 227 31.00 27.88 -30.74
C PRO K 227 30.23 29.08 -31.29
N TRP K 228 30.41 30.28 -30.72
CA TRP K 228 29.60 31.41 -31.12
C TRP K 228 30.07 32.05 -32.41
N PHE K 229 31.33 31.85 -32.82
CA PHE K 229 31.74 32.20 -34.17
C PHE K 229 30.86 31.47 -35.19
N HIS K 230 30.66 30.17 -34.98
CA HIS K 230 29.93 29.35 -35.92
C HIS K 230 28.44 29.45 -35.71
N ALA K 231 27.98 29.57 -34.46
CA ALA K 231 26.55 29.77 -34.22
C ALA K 231 26.05 31.04 -34.88
N THR K 232 26.78 32.15 -34.73
CA THR K 232 26.32 33.41 -35.31
C THR K 232 26.52 33.48 -36.81
N ASN K 233 27.18 32.48 -37.43
CA ASN K 233 27.14 32.36 -38.89
C ASN K 233 25.79 31.86 -39.39
N ILE K 234 24.97 31.29 -38.51
CA ILE K 234 23.65 30.81 -38.91
C ILE K 234 22.75 32.01 -39.21
N PRO K 235 22.01 31.99 -40.32
CA PRO K 235 21.28 33.21 -40.74
C PRO K 235 20.38 33.83 -39.70
N ASN K 236 19.72 33.03 -38.85
CA ASN K 236 18.77 33.56 -37.87
C ASN K 236 19.33 33.59 -36.46
N VAL K 237 20.66 33.58 -36.32
CA VAL K 237 21.32 33.77 -35.03
C VAL K 237 22.18 35.03 -35.10
N PRO K 238 21.62 36.21 -34.80
CA PRO K 238 22.38 37.44 -34.95
C PRO K 238 23.39 37.66 -33.81
N ALA K 239 24.63 37.98 -34.17
CA ALA K 239 25.71 38.22 -33.20
C ALA K 239 25.44 39.45 -32.33
N LYS K 240 24.58 40.36 -32.80
CA LYS K 240 24.27 41.61 -32.04
C LYS K 240 23.39 41.24 -30.85
N ASN K 241 22.81 40.04 -30.88
CA ASN K 241 21.93 39.57 -29.78
C ASN K 241 22.71 38.58 -28.91
N LEU K 242 24.02 38.42 -29.15
CA LEU K 242 24.86 37.59 -28.28
C LEU K 242 25.45 38.49 -27.19
N VAL K 243 25.03 38.26 -25.96
CA VAL K 243 25.47 39.05 -24.81
C VAL K 243 26.38 38.17 -23.97
N GLN K 244 27.63 38.63 -23.78
CA GLN K 244 28.69 37.85 -23.17
C GLN K 244 28.99 38.45 -21.80
N ILE K 245 28.66 37.72 -20.75
CA ILE K 245 28.57 38.22 -19.40
C ILE K 245 29.68 37.55 -18.58
N GLY K 246 30.68 38.35 -18.18
CA GLY K 246 31.73 37.89 -17.29
C GLY K 246 33.10 37.77 -17.92
N ILE K 247 33.25 38.21 -19.15
CA ILE K 247 34.51 37.99 -19.90
C ILE K 247 35.68 38.60 -19.12
N GLY K 248 36.77 37.88 -19.01
CA GLY K 248 37.97 38.43 -18.40
C GLY K 248 39.00 37.37 -18.12
N GLY K 249 40.16 37.85 -17.66
CA GLY K 249 41.25 36.97 -17.29
C GLY K 249 42.26 36.77 -18.40
N TRP K 250 42.93 35.63 -18.40
CA TRP K 250 44.05 35.36 -19.30
C TRP K 250 43.73 34.26 -20.31
N GLN K 251 42.46 33.92 -20.44
CA GLN K 251 42.02 32.83 -21.33
C GLN K 251 40.90 33.30 -22.28
N ALA K 252 40.79 34.59 -22.58
CA ALA K 252 39.89 35.11 -23.62
C ALA K 252 40.80 35.35 -24.83
N PRO K 253 40.91 34.43 -25.80
CA PRO K 253 41.93 34.55 -26.84
C PRO K 253 41.70 35.76 -27.74
N ARG K 254 42.80 36.36 -28.17
CA ARG K 254 42.74 37.51 -29.06
C ARG K 254 41.91 37.27 -30.31
N PRO K 255 42.07 36.15 -31.05
CA PRO K 255 41.26 35.98 -32.26
C PRO K 255 39.77 35.96 -31.97
N GLY K 256 39.37 35.49 -30.78
CA GLY K 256 37.97 35.56 -30.40
C GLY K 256 37.51 36.97 -30.10
N VAL K 257 38.36 37.75 -29.44
CA VAL K 257 38.01 39.14 -29.16
C VAL K 257 37.81 39.90 -30.47
N LYS K 258 38.73 39.71 -31.42
CA LYS K 258 38.64 40.39 -32.72
C LYS K 258 37.35 40.04 -33.44
N ALA K 259 37.05 38.74 -33.57
CA ALA K 259 35.84 38.33 -34.27
C ALA K 259 34.59 38.87 -33.60
N GLY K 260 34.54 38.85 -32.26
CA GLY K 260 33.39 39.40 -31.57
C GLY K 260 33.25 40.90 -31.78
N ARG K 261 34.37 41.61 -31.87
CA ARG K 261 34.34 43.03 -32.16
C ARG K 261 33.76 43.29 -33.55
N GLU K 262 34.21 42.52 -34.54
CA GLU K 262 33.76 42.69 -35.91
C GLU K 262 32.27 42.38 -36.04
N ARG K 263 31.76 41.45 -35.26
CA ARG K 263 30.37 41.02 -35.32
C ARG K 263 29.49 41.77 -34.34
N GLN K 264 30.07 42.63 -33.50
CA GLN K 264 29.33 43.52 -32.61
C GLN K 264 28.53 42.77 -31.55
N THR K 265 29.13 41.72 -30.98
CA THR K 265 28.58 41.19 -29.75
C THR K 265 28.69 42.24 -28.65
N THR K 266 27.97 42.00 -27.55
CA THR K 266 28.07 42.83 -26.35
C THR K 266 28.82 42.05 -25.29
N ILE K 267 29.78 42.72 -24.65
CA ILE K 267 30.55 42.14 -23.56
C ILE K 267 30.40 43.02 -22.32
N MET K 268 30.19 42.39 -21.17
CA MET K 268 30.28 43.03 -19.87
C MET K 268 31.15 42.16 -18.99
N THR K 269 32.24 42.71 -18.46
CA THR K 269 33.12 41.96 -17.59
C THR K 269 32.48 41.80 -16.21
N VAL K 270 33.06 40.90 -15.41
CA VAL K 270 32.63 40.75 -14.02
C VAL K 270 32.66 42.09 -13.30
N THR K 271 33.78 42.80 -13.41
CA THR K 271 33.90 44.09 -12.73
C THR K 271 32.86 45.08 -13.24
N ASP K 272 32.61 45.09 -14.56
CA ASP K 272 31.53 45.94 -15.10
C ASP K 272 30.21 45.64 -14.41
N CYS K 273 29.87 44.35 -14.29
CA CYS K 273 28.56 43.98 -13.77
C CYS K 273 28.44 44.30 -12.28
N VAL K 274 29.48 44.04 -11.50
CA VAL K 274 29.37 44.28 -10.06
C VAL K 274 29.42 45.77 -9.77
N GLU K 275 30.21 46.55 -10.53
CA GLU K 275 30.28 47.98 -10.27
C GLU K 275 28.98 48.68 -10.63
N MET K 276 28.32 48.26 -11.74
CA MET K 276 27.07 48.92 -12.12
C MET K 276 25.90 48.45 -11.28
N GLY K 277 26.04 47.31 -10.62
CA GLY K 277 24.96 46.70 -9.88
C GLY K 277 24.38 45.56 -10.68
N ILE K 278 24.10 44.43 -10.02
CA ILE K 278 23.63 43.24 -10.73
C ILE K 278 22.26 43.50 -11.35
N GLU K 279 21.38 44.19 -10.62
CA GLU K 279 20.09 44.56 -11.18
C GLU K 279 20.24 45.35 -12.48
N ASN K 280 21.15 46.32 -12.49
CA ASN K 280 21.34 47.12 -13.70
C ASN K 280 22.01 46.30 -14.79
N ALA K 281 22.96 45.44 -14.43
CA ALA K 281 23.60 44.58 -15.41
C ALA K 281 22.58 43.67 -16.09
N ALA K 282 21.68 43.07 -15.31
CA ALA K 282 20.67 42.18 -15.89
C ALA K 282 19.74 42.92 -16.84
N LYS K 283 19.33 44.13 -16.46
CA LYS K 283 18.48 44.95 -17.34
C LYS K 283 19.16 45.20 -18.68
N GLN K 284 20.43 45.59 -18.64
CA GLN K 284 21.18 45.85 -19.86
C GLN K 284 21.32 44.60 -20.71
N ALA K 285 21.65 43.47 -20.06
CA ALA K 285 21.83 42.23 -20.82
C ALA K 285 20.53 41.81 -21.48
N LEU K 286 19.40 41.93 -20.76
CA LEU K 286 18.11 41.55 -21.33
C LEU K 286 17.74 42.45 -22.50
N GLU K 287 17.92 43.76 -22.35
CA GLU K 287 17.61 44.69 -23.43
C GLU K 287 18.36 44.32 -24.70
N VAL K 288 19.64 43.97 -24.58
CA VAL K 288 20.44 43.66 -25.77
C VAL K 288 20.04 42.30 -26.33
N ALA K 289 19.90 41.29 -25.47
CA ALA K 289 19.66 39.94 -25.97
C ALA K 289 18.31 39.84 -26.68
N PHE K 290 17.30 40.51 -26.15
CA PHE K 290 15.94 40.42 -26.66
C PHE K 290 15.59 41.52 -27.66
N ASP K 291 16.55 42.34 -28.05
CA ASP K 291 16.28 43.46 -28.97
C ASP K 291 15.91 42.93 -30.34
N GLY K 292 14.62 42.97 -30.65
CA GLY K 292 14.15 42.51 -31.94
C GLY K 292 14.09 41.01 -32.09
N VAL K 293 14.10 40.26 -30.99
CA VAL K 293 14.00 38.80 -31.04
C VAL K 293 13.18 38.35 -29.84
N ASP K 294 12.38 37.30 -30.04
CA ASP K 294 11.58 36.74 -28.96
C ASP K 294 12.23 35.54 -28.27
N ALA K 295 12.99 34.73 -29.01
CA ALA K 295 13.59 33.52 -28.46
C ALA K 295 15.03 33.82 -28.05
N VAL K 296 15.38 33.46 -26.82
CA VAL K 296 16.73 33.64 -26.31
C VAL K 296 17.16 32.36 -25.61
N TRP K 297 18.40 31.96 -25.88
CA TRP K 297 19.00 30.75 -25.34
C TRP K 297 19.97 31.13 -24.24
N LEU K 298 19.91 30.41 -23.11
CA LEU K 298 20.81 30.65 -21.98
C LEU K 298 21.94 29.63 -22.00
N SER K 299 23.18 30.12 -22.12
CA SER K 299 24.37 29.28 -22.15
C SER K 299 25.25 29.64 -20.96
N PHE K 300 25.31 28.76 -19.96
CA PHE K 300 25.98 29.04 -18.70
C PHE K 300 27.22 28.17 -18.57
N ASP K 301 28.39 28.81 -18.56
CA ASP K 301 29.66 28.10 -18.33
C ASP K 301 29.95 28.23 -16.84
N VAL K 302 30.13 27.12 -16.17
CA VAL K 302 30.36 27.19 -14.72
C VAL K 302 31.62 27.96 -14.39
N ASP K 303 32.52 28.15 -15.34
CA ASP K 303 33.79 28.85 -15.07
C ASP K 303 33.56 30.35 -14.83
N CYS K 304 32.37 30.88 -15.09
CA CYS K 304 32.18 32.31 -14.82
C CYS K 304 32.20 32.60 -13.32
N LEU K 305 32.01 31.57 -12.49
CA LEU K 305 32.25 31.69 -11.08
C LEU K 305 33.75 31.72 -10.82
N ASP K 306 34.15 32.42 -9.77
CA ASP K 306 35.51 32.35 -9.30
C ASP K 306 35.91 30.90 -9.06
N ALA K 307 37.16 30.58 -9.43
CA ALA K 307 37.64 29.20 -9.40
C ALA K 307 37.31 28.47 -8.09
N ALA K 308 37.36 29.16 -6.95
CA ALA K 308 37.18 28.48 -5.67
C ALA K 308 35.79 27.86 -5.55
N PHE K 309 34.78 28.43 -6.25
CA PHE K 309 33.42 27.89 -6.19
C PHE K 309 33.20 26.80 -7.23
N VAL K 310 34.09 26.68 -8.22
CA VAL K 310 33.89 25.75 -9.33
C VAL K 310 35.22 25.08 -9.65
N PRO K 311 35.88 24.43 -8.68
CA PRO K 311 37.20 23.86 -8.95
C PRO K 311 37.13 22.77 -10.04
N GLY K 312 35.96 22.15 -10.17
CA GLY K 312 35.73 21.08 -11.14
C GLY K 312 35.43 21.64 -12.51
N THR K 313 36.44 22.21 -13.14
CA THR K 313 36.26 22.74 -14.49
C THR K 313 37.61 22.71 -15.21
N GLY K 314 37.60 22.74 -16.53
CA GLY K 314 38.83 22.58 -17.32
C GLY K 314 39.58 23.88 -17.55
N TRP K 315 38.95 25.02 -17.30
CA TRP K 315 39.56 26.34 -17.53
C TRP K 315 39.13 27.30 -16.42
N PRO K 316 39.54 27.01 -15.17
CA PRO K 316 39.23 27.88 -14.06
C PRO K 316 39.97 29.22 -14.15
N GLU K 317 39.39 30.25 -13.57
CA GLU K 317 40.00 31.58 -13.57
C GLU K 317 39.64 32.31 -12.29
N PRO K 318 40.60 32.95 -11.61
CA PRO K 318 40.25 33.80 -10.46
C PRO K 318 39.57 35.09 -10.92
N GLY K 319 38.91 35.74 -9.97
CA GLY K 319 38.27 37.02 -10.24
C GLY K 319 36.90 36.93 -10.89
N GLY K 320 36.28 35.76 -10.86
CA GLY K 320 34.94 35.59 -11.42
C GLY K 320 33.85 36.07 -10.48
N PHE K 321 32.62 35.72 -10.82
CA PHE K 321 31.46 36.09 -10.01
C PHE K 321 31.47 35.32 -8.69
N LEU K 322 30.85 35.91 -7.68
CA LEU K 322 30.51 35.15 -6.48
C LEU K 322 29.12 34.55 -6.63
N PRO K 323 28.83 33.45 -5.95
CA PRO K 323 27.52 32.79 -6.14
C PRO K 323 26.32 33.71 -5.99
N ARG K 324 26.28 34.58 -4.98
CA ARG K 324 25.09 35.40 -4.80
C ARG K 324 24.93 36.41 -5.92
N GLU K 325 26.04 36.85 -6.53
CA GLU K 325 25.97 37.78 -7.65
C GLU K 325 25.34 37.12 -8.87
N VAL K 326 25.84 35.94 -9.24
CA VAL K 326 25.38 35.33 -10.48
C VAL K 326 24.00 34.71 -10.30
N LEU K 327 23.67 34.22 -9.10
CA LEU K 327 22.32 33.69 -8.90
C LEU K 327 21.28 34.80 -8.97
N LYS K 328 21.58 35.98 -8.43
CA LYS K 328 20.67 37.12 -8.57
C LYS K 328 20.51 37.50 -10.03
N PHE K 329 21.63 37.57 -10.77
CA PHE K 329 21.61 37.84 -12.20
C PHE K 329 20.70 36.87 -12.93
N LEU K 330 20.87 35.58 -12.68
CA LEU K 330 20.06 34.57 -13.34
C LEU K 330 18.60 34.67 -12.93
N GLN K 331 18.33 34.95 -11.65
CA GLN K 331 16.95 35.05 -11.19
C GLN K 331 16.22 36.18 -11.89
N ILE K 332 16.90 37.33 -12.07
CA ILE K 332 16.25 38.45 -12.73
C ILE K 332 15.94 38.11 -14.18
N ILE K 333 16.93 37.54 -14.88
CA ILE K 333 16.73 37.12 -16.26
C ILE K 333 15.53 36.20 -16.37
N ALA K 334 15.51 35.14 -15.55
CA ALA K 334 14.49 34.10 -15.67
C ALA K 334 13.13 34.52 -15.13
N ASP K 335 13.08 35.56 -14.30
CA ASP K 335 11.80 36.12 -13.90
C ASP K 335 11.22 37.03 -14.97
N THR K 336 12.08 37.75 -15.70
CA THR K 336 11.64 38.83 -16.57
C THR K 336 11.22 38.37 -17.95
N LYS K 337 11.84 37.32 -18.49
CA LYS K 337 11.59 36.90 -19.86
C LYS K 337 11.51 35.38 -19.93
N PRO K 338 10.71 34.85 -20.86
CA PRO K 338 10.81 33.42 -21.15
C PRO K 338 12.13 33.09 -21.83
N LEU K 339 12.58 31.86 -21.62
CA LEU K 339 13.78 31.35 -22.28
C LEU K 339 13.39 30.18 -23.19
N ALA K 340 14.11 30.05 -24.29
CA ALA K 340 13.91 28.94 -25.19
C ALA K 340 14.46 27.64 -24.63
N GLY K 341 15.39 27.72 -23.69
CA GLY K 341 16.07 26.57 -23.17
C GLY K 341 17.38 27.02 -22.57
N MET K 342 18.16 26.05 -22.09
CA MET K 342 19.41 26.40 -21.45
C MET K 342 20.37 25.23 -21.50
N GLU K 343 21.65 25.55 -21.39
CA GLU K 343 22.72 24.57 -21.23
C GLU K 343 23.64 25.04 -20.13
N ILE K 344 24.18 24.10 -19.36
CA ILE K 344 25.16 24.37 -18.34
C ILE K 344 26.33 23.47 -18.64
N VAL K 345 27.48 24.08 -18.92
CA VAL K 345 28.61 23.37 -19.49
C VAL K 345 29.85 23.52 -18.62
N GLU K 346 30.79 22.62 -18.87
CA GLU K 346 32.19 22.61 -18.43
C GLU K 346 32.32 22.13 -16.99
N CYS K 347 31.28 21.54 -16.39
CA CYS K 347 31.47 20.86 -15.12
C CYS K 347 32.28 19.58 -15.33
N ALA K 348 33.41 19.47 -14.60
CA ALA K 348 34.36 18.35 -14.75
C ALA K 348 34.56 17.64 -13.41
N PRO K 349 33.70 16.67 -13.09
CA PRO K 349 33.76 16.00 -11.79
C PRO K 349 35.14 15.45 -11.38
N PRO K 350 35.99 14.97 -12.31
CA PRO K 350 37.29 14.48 -11.92
C PRO K 350 38.17 15.50 -11.20
N TYR K 351 37.87 16.80 -11.30
CA TYR K 351 38.66 17.88 -10.66
C TYR K 351 37.82 18.54 -9.56
N ASP K 352 36.69 17.93 -9.21
CA ASP K 352 35.75 18.58 -8.29
C ASP K 352 36.07 18.25 -6.84
N ALA K 353 36.01 19.28 -6.02
CA ALA K 353 36.26 19.14 -4.59
C ALA K 353 34.91 18.95 -3.91
N ALA K 354 34.58 17.73 -3.50
CA ALA K 354 33.33 17.50 -2.73
C ALA K 354 32.12 17.89 -3.56
N GLU K 355 32.21 17.75 -4.87
CA GLU K 355 31.05 17.94 -5.78
C GLU K 355 30.44 19.35 -5.72
N ILE K 356 31.18 20.36 -5.28
CA ILE K 356 30.63 21.73 -5.12
C ILE K 356 30.41 22.39 -6.49
N THR K 357 31.10 21.95 -7.53
CA THR K 357 30.94 22.48 -8.91
C THR K 357 29.64 21.91 -9.47
N SER K 358 29.44 20.62 -9.33
CA SER K 358 28.18 19.98 -9.80
C SER K 358 27.02 20.54 -8.97
N LEU K 359 27.23 20.85 -7.69
CA LEU K 359 26.21 21.49 -6.85
C LEU K 359 25.83 22.88 -7.37
N MET K 360 26.83 23.71 -7.68
CA MET K 360 26.57 25.02 -8.28
C MET K 360 25.73 24.88 -9.53
N ALA K 361 26.08 23.92 -10.40
CA ALA K 361 25.38 23.75 -11.66
C ALA K 361 23.93 23.36 -11.42
N THR K 362 23.70 22.43 -10.50
CA THR K 362 22.34 22.04 -10.14
C THR K 362 21.56 23.24 -9.63
N ARG K 363 22.18 24.06 -8.79
CA ARG K 363 21.49 25.22 -8.23
C ARG K 363 21.12 26.21 -9.32
N VAL K 364 22.00 26.42 -10.30
CA VAL K 364 21.71 27.32 -11.40
C VAL K 364 20.49 26.83 -12.18
N ILE K 365 20.46 25.54 -12.52
CA ILE K 365 19.32 24.98 -13.22
C ILE K 365 18.04 25.23 -12.43
N CYS K 366 18.06 24.89 -11.13
CA CYS K 366 16.83 24.91 -10.35
C CYS K 366 16.32 26.32 -10.11
N ASP K 367 17.23 27.28 -9.87
CA ASP K 367 16.78 28.66 -9.73
C ASP K 367 16.16 29.17 -11.04
N VAL K 368 16.78 28.84 -12.17
CA VAL K 368 16.25 29.30 -13.45
C VAL K 368 14.86 28.70 -13.69
N LEU K 369 14.72 27.40 -13.45
CA LEU K 369 13.41 26.77 -13.64
C LEU K 369 12.38 27.38 -12.70
N ALA K 370 12.74 27.55 -11.43
CA ALA K 370 11.79 28.08 -10.45
C ALA K 370 11.32 29.48 -10.84
N CYS K 371 12.23 30.29 -11.35
CA CYS K 371 11.86 31.65 -11.73
C CYS K 371 11.03 31.66 -13.00
N GLN K 372 11.37 30.80 -13.96
CA GLN K 372 10.53 30.63 -15.14
C GLN K 372 9.12 30.26 -14.73
N VAL K 373 8.97 29.38 -13.74
CA VAL K 373 7.66 28.90 -13.32
C VAL K 373 6.87 30.01 -12.61
N ARG K 374 7.48 30.65 -11.60
CA ARG K 374 6.72 31.59 -10.79
C ARG K 374 6.35 32.85 -11.58
N SER K 375 7.07 33.12 -12.67
CA SER K 375 6.79 34.29 -13.50
C SER K 375 5.93 33.96 -14.71
N GLY K 376 5.41 32.74 -14.80
CA GLY K 376 4.46 32.37 -15.83
C GLY K 376 5.05 31.97 -17.15
N HIS K 377 6.36 31.75 -17.23
CA HIS K 377 7.00 31.41 -18.50
C HIS K 377 7.11 29.92 -18.73
N LEU K 378 6.79 29.11 -17.72
CA LEU K 378 6.95 27.67 -17.81
C LEU K 378 5.93 27.02 -16.87
N GLY K 379 5.35 25.92 -17.31
CA GLY K 379 4.30 25.27 -16.56
C GLY K 379 2.99 26.06 -16.63
N LYS L 6 37.77 -28.95 -15.44
CA LYS L 6 37.32 -27.55 -15.42
C LYS L 6 37.10 -27.08 -16.87
N ARG L 7 37.36 -25.79 -17.13
CA ARG L 7 36.99 -25.16 -18.40
C ARG L 7 38.23 -25.11 -19.27
N THR L 8 38.25 -25.93 -20.32
CA THR L 8 39.39 -26.02 -21.22
C THR L 8 38.91 -25.97 -22.65
N TYR L 9 39.86 -25.68 -23.54
CA TYR L 9 39.62 -25.77 -24.98
C TYR L 9 39.07 -27.15 -25.34
N GLN L 10 38.03 -27.19 -26.16
CA GLN L 10 37.32 -28.46 -26.50
C GLN L 10 37.58 -28.91 -27.94
N GLY L 11 38.29 -28.13 -28.76
CA GLY L 11 38.59 -28.46 -30.16
C GLY L 11 37.41 -28.25 -31.08
N LYS L 12 36.34 -27.64 -30.59
CA LYS L 12 35.11 -27.37 -31.39
C LYS L 12 35.39 -26.25 -32.38
N VAL L 13 36.15 -25.24 -31.99
CA VAL L 13 36.56 -24.13 -32.89
C VAL L 13 38.07 -24.25 -33.09
N PRO L 14 38.54 -24.65 -34.28
CA PRO L 14 39.97 -24.78 -34.53
C PRO L 14 40.78 -23.55 -34.16
N LEU L 15 41.87 -23.74 -33.42
CA LEU L 15 42.74 -22.64 -33.00
C LEU L 15 44.19 -23.11 -32.99
N HIS L 16 45.10 -22.18 -33.22
CA HIS L 16 46.56 -22.47 -33.22
C HIS L 16 47.01 -22.85 -31.81
N ASP L 17 48.25 -23.29 -31.68
CA ASP L 17 48.78 -23.85 -30.41
C ASP L 17 49.55 -22.84 -29.56
N ASN L 18 49.62 -21.58 -29.94
CA ASN L 18 50.45 -20.62 -29.20
C ASN L 18 49.61 -19.93 -28.12
N TYR L 19 48.30 -20.14 -28.10
CA TYR L 19 47.47 -19.59 -27.03
C TYR L 19 47.82 -20.21 -25.68
N GLY L 20 47.73 -19.42 -24.63
CA GLY L 20 47.69 -19.96 -23.29
C GLY L 20 46.41 -20.75 -23.09
N PRO L 21 46.40 -21.66 -22.11
CA PRO L 21 45.23 -22.55 -21.98
C PRO L 21 43.94 -21.81 -21.70
N GLU L 22 43.95 -20.88 -20.73
CA GLU L 22 42.74 -20.11 -20.45
C GLU L 22 42.34 -19.27 -21.65
N ALA L 23 43.31 -18.62 -22.30
CA ALA L 23 43.02 -17.84 -23.50
C ALA L 23 42.40 -18.71 -24.59
N LYS L 24 42.90 -19.94 -24.75
CA LYS L 24 42.38 -20.82 -25.79
C LYS L 24 40.94 -21.20 -25.51
N TYR L 25 40.63 -21.54 -24.27
CA TYR L 25 39.24 -21.73 -23.88
C TYR L 25 38.42 -20.49 -24.21
N ALA L 26 38.95 -19.30 -23.90
CA ALA L 26 38.17 -18.07 -24.00
C ALA L 26 37.86 -17.73 -25.45
N VAL L 27 38.85 -17.84 -26.32
CA VAL L 27 38.66 -17.47 -27.72
C VAL L 27 37.66 -18.42 -28.37
N GLU L 28 37.75 -19.71 -28.09
CA GLU L 28 36.77 -20.68 -28.62
C GLU L 28 35.40 -20.37 -28.03
N ALA L 29 35.32 -20.14 -26.73
CA ALA L 29 34.00 -19.94 -26.10
C ALA L 29 33.27 -18.75 -26.70
N GLU L 30 34.01 -17.68 -27.01
CA GLU L 30 33.37 -16.49 -27.57
C GLU L 30 32.78 -16.80 -28.94
N ALA L 31 33.47 -17.61 -29.74
CA ALA L 31 33.00 -17.92 -31.08
C ALA L 31 31.69 -18.70 -31.05
N LEU L 32 31.37 -19.32 -29.93
CA LEU L 32 30.16 -20.16 -29.85
C LEU L 32 29.01 -19.37 -29.21
N LEU L 33 29.23 -18.16 -28.71
CA LEU L 33 28.17 -17.42 -28.05
C LEU L 33 27.18 -16.83 -29.05
N PRO L 34 25.91 -16.74 -28.69
CA PRO L 34 24.91 -16.12 -29.58
C PRO L 34 25.00 -14.61 -29.54
N THR L 35 24.27 -13.97 -30.46
CA THR L 35 24.22 -12.52 -30.55
C THR L 35 22.79 -12.00 -30.54
N THR L 36 21.81 -12.84 -30.23
CA THR L 36 20.41 -12.48 -30.35
C THR L 36 20.06 -11.28 -29.47
N LYS L 37 20.45 -11.31 -28.20
CA LYS L 37 20.05 -10.24 -27.30
C LYS L 37 20.80 -8.94 -27.62
N PHE L 38 22.04 -9.04 -28.10
CA PHE L 38 22.72 -7.86 -28.62
C PHE L 38 21.91 -7.21 -29.74
N GLU L 39 21.49 -8.02 -30.72
CA GLU L 39 20.72 -7.48 -31.83
C GLU L 39 19.41 -6.85 -31.35
N GLU L 40 18.76 -7.47 -30.36
CA GLU L 40 17.54 -6.89 -29.82
C GLU L 40 17.80 -5.53 -29.16
N GLU L 41 18.89 -5.42 -28.39
CA GLU L 41 19.18 -4.16 -27.73
C GLU L 41 19.47 -3.05 -28.74
N ILE L 42 20.21 -3.38 -29.80
CA ILE L 42 20.47 -2.42 -30.88
C ILE L 42 19.15 -1.95 -31.49
N ALA L 43 18.28 -2.89 -31.85
CA ALA L 43 17.01 -2.52 -32.48
C ALA L 43 16.18 -1.64 -31.55
N ARG L 44 16.12 -2.01 -30.26
CA ARG L 44 15.35 -1.22 -29.30
C ARG L 44 15.94 0.17 -29.14
N GLY L 45 17.27 0.27 -29.13
CA GLY L 45 17.91 1.55 -28.96
C GLY L 45 17.59 2.52 -30.09
N LEU L 46 17.57 2.03 -31.33
CA LEU L 46 17.22 2.89 -32.45
C LEU L 46 15.76 3.33 -32.39
N GLU L 47 14.87 2.49 -31.89
CA GLU L 47 13.47 2.89 -31.76
C GLU L 47 13.30 3.94 -30.67
N LEU L 48 13.84 3.68 -29.49
CA LEU L 48 13.62 4.55 -28.33
C LEU L 48 14.55 5.76 -28.34
N GLY L 49 15.73 5.65 -28.95
CA GLY L 49 16.70 6.74 -28.92
C GLY L 49 16.86 7.47 -30.23
N LEU L 50 16.05 7.09 -31.23
CA LEU L 50 16.06 7.64 -32.57
C LEU L 50 17.26 7.15 -33.37
N PRO L 51 17.14 7.00 -34.69
CA PRO L 51 18.34 6.74 -35.50
C PRO L 51 19.36 7.85 -35.29
N GLY L 52 20.63 7.48 -35.38
CA GLY L 52 21.69 8.47 -35.29
C GLY L 52 21.64 9.47 -36.42
N ALA L 53 22.42 10.53 -36.26
CA ALA L 53 22.55 11.54 -37.30
C ALA L 53 23.08 10.92 -38.59
N ASP L 54 22.84 11.62 -39.71
CA ASP L 54 23.22 11.10 -41.01
C ASP L 54 24.73 10.90 -41.14
N SER L 55 25.54 11.72 -40.47
CA SER L 55 26.99 11.58 -40.55
C SER L 55 27.54 10.36 -39.82
N ILE L 56 26.72 9.67 -39.04
CA ILE L 56 27.19 8.47 -38.34
C ILE L 56 27.15 7.28 -39.30
N LYS L 57 28.32 6.66 -39.50
CA LYS L 57 28.44 5.54 -40.43
C LYS L 57 27.89 4.25 -39.83
N ASP L 58 28.14 4.00 -38.54
CA ASP L 58 27.66 2.79 -37.87
C ASP L 58 26.15 2.96 -37.61
N ARG L 59 25.33 2.23 -38.38
CA ARG L 59 23.87 2.40 -38.28
C ARG L 59 23.26 1.76 -37.04
N ARG L 60 24.07 1.14 -36.18
CA ARG L 60 23.62 0.67 -34.89
C ARG L 60 23.55 1.78 -33.85
N ILE L 61 24.03 2.99 -34.14
CA ILE L 61 24.20 4.03 -33.15
C ILE L 61 22.96 4.93 -33.19
N PRO L 62 22.23 5.10 -32.08
CA PRO L 62 21.10 6.02 -32.03
C PRO L 62 21.56 7.44 -31.74
N THR L 63 20.59 8.36 -31.71
CA THR L 63 20.86 9.73 -31.30
C THR L 63 21.10 9.81 -29.79
N PHE L 64 20.18 9.22 -29.03
CA PHE L 64 20.28 9.15 -27.58
C PHE L 64 20.79 7.78 -27.16
N SER L 65 21.74 7.77 -26.24
CA SER L 65 22.30 6.52 -25.73
C SER L 65 21.21 5.69 -25.05
N ARG L 66 21.05 4.45 -25.53
CA ARG L 66 20.01 3.52 -25.06
C ARG L 66 20.61 2.12 -25.17
N GLY L 67 21.25 1.69 -24.12
CA GLY L 67 21.93 0.42 -24.12
C GLY L 67 23.30 0.57 -23.51
N GLU L 68 24.16 -0.39 -23.85
CA GLU L 68 25.49 -0.44 -23.24
C GLU L 68 26.27 0.84 -23.49
N LEU L 69 26.19 1.38 -24.72
CA LEU L 69 27.14 2.38 -25.19
C LEU L 69 26.53 3.78 -25.26
N PRO L 70 27.35 4.83 -25.04
CA PRO L 70 28.75 4.77 -24.57
C PRO L 70 28.81 4.39 -23.09
N HIS L 71 29.90 3.77 -22.66
CA HIS L 71 30.05 3.38 -21.26
C HIS L 71 29.98 4.56 -20.31
N PHE L 72 30.49 5.73 -20.72
CA PHE L 72 30.51 6.91 -19.86
C PHE L 72 29.17 7.64 -19.82
N ALA L 73 28.19 7.15 -20.57
CA ALA L 73 26.89 7.77 -20.70
C ALA L 73 25.82 6.94 -20.01
N GLY L 74 24.70 7.60 -19.75
CA GLY L 74 23.49 6.90 -19.39
C GLY L 74 23.19 6.98 -17.91
N ILE L 75 21.91 6.75 -17.58
CA ILE L 75 21.49 6.61 -16.19
C ILE L 75 22.17 5.40 -15.57
N ASN L 76 22.66 5.57 -14.35
CA ASN L 76 23.50 4.52 -13.73
C ASN L 76 22.71 3.49 -12.92
N THR L 77 22.21 2.44 -13.58
CA THR L 77 21.67 1.25 -12.89
C THR L 77 22.86 0.29 -12.85
N PHE L 78 22.83 -0.77 -12.05
CA PHE L 78 23.93 -1.76 -12.02
C PHE L 78 24.10 -2.35 -13.43
N ILE L 79 25.29 -2.28 -13.99
CA ILE L 79 25.63 -2.69 -15.35
C ILE L 79 24.54 -2.35 -16.34
N LYS L 80 23.93 -1.17 -16.17
CA LYS L 80 22.93 -0.64 -17.09
C LYS L 80 21.77 -1.61 -17.32
N ALA L 81 21.49 -2.42 -16.31
CA ALA L 81 20.28 -3.24 -16.34
C ALA L 81 19.05 -2.33 -16.27
N PRO L 82 17.91 -2.81 -16.76
CA PRO L 82 16.69 -2.00 -16.67
C PRO L 82 16.27 -1.77 -15.22
N TYR L 83 15.89 -0.53 -14.91
CA TYR L 83 15.28 -0.19 -13.64
C TYR L 83 13.85 -0.70 -13.60
N VAL L 84 13.52 -1.47 -12.58
CA VAL L 84 12.18 -2.02 -12.41
C VAL L 84 11.53 -1.25 -11.26
N GLU L 85 10.70 -0.28 -11.64
CA GLU L 85 10.12 0.64 -10.66
C GLU L 85 9.05 -0.06 -9.83
N ASP L 86 8.27 -0.91 -10.47
CA ASP L 86 7.28 -1.73 -9.78
C ASP L 86 7.97 -2.98 -9.27
N VAL L 87 8.30 -3.00 -7.97
CA VAL L 87 9.15 -4.06 -7.46
C VAL L 87 8.43 -5.39 -7.48
N ARG L 88 7.09 -5.38 -7.57
CA ARG L 88 6.32 -6.62 -7.66
C ARG L 88 6.62 -7.40 -8.94
N LYS L 89 7.28 -6.79 -9.91
CA LYS L 89 7.64 -7.46 -11.16
C LYS L 89 9.03 -8.09 -11.14
N CYS L 90 9.77 -8.01 -10.03
CA CYS L 90 11.15 -8.48 -10.05
C CYS L 90 11.26 -9.97 -10.32
N GLY L 91 10.20 -10.73 -10.04
CA GLY L 91 10.21 -12.16 -10.34
C GLY L 91 10.25 -12.48 -11.82
N GLN L 92 10.06 -11.50 -12.68
CA GLN L 92 10.18 -11.69 -14.12
C GLN L 92 11.63 -11.81 -14.60
N TYR L 93 12.59 -11.63 -13.70
CA TYR L 93 14.01 -11.57 -14.06
C TYR L 93 14.76 -12.67 -13.32
N ASP L 94 15.83 -13.16 -13.95
CA ASP L 94 16.65 -14.18 -13.30
C ASP L 94 17.37 -13.60 -12.08
N VAL L 95 17.80 -12.35 -12.18
CA VAL L 95 18.61 -11.67 -11.17
C VAL L 95 18.00 -10.31 -10.88
N ALA L 96 17.97 -9.93 -9.60
CA ALA L 96 17.50 -8.62 -9.20
C ALA L 96 18.54 -7.99 -8.28
N ILE L 97 19.07 -6.85 -8.71
CA ILE L 97 20.01 -6.07 -7.92
C ILE L 97 19.19 -5.13 -7.04
N LEU L 98 19.55 -5.05 -5.76
CA LEU L 98 18.96 -4.05 -4.87
C LEU L 98 20.03 -3.49 -3.96
N GLY L 99 19.88 -2.24 -3.57
CA GLY L 99 20.79 -1.61 -2.63
C GLY L 99 20.19 -1.52 -1.24
N ALA L 100 21.07 -1.54 -0.24
CA ALA L 100 20.72 -1.32 1.17
C ALA L 100 21.62 -0.20 1.67
N PRO L 101 21.30 1.07 1.31
CA PRO L 101 22.20 2.18 1.67
C PRO L 101 22.10 2.57 3.14
N PHE L 102 22.98 1.98 3.96
CA PHE L 102 22.93 2.15 5.40
C PHE L 102 24.32 2.04 5.98
N ASP L 103 24.64 2.94 6.92
CA ASP L 103 25.89 2.82 7.65
C ASP L 103 25.75 3.11 9.14
N GLY L 104 24.53 3.00 9.68
CA GLY L 104 24.33 3.10 11.12
C GLY L 104 24.88 1.94 11.92
N GLY L 105 25.30 0.88 11.25
CA GLY L 105 25.96 -0.24 11.88
C GLY L 105 27.47 -0.14 11.94
N THR L 106 28.07 0.97 11.51
CA THR L 106 29.52 1.05 11.42
C THR L 106 30.13 1.51 12.74
N THR L 107 31.21 0.83 13.14
CA THR L 107 31.90 1.12 14.39
C THR L 107 33.14 2.00 14.23
N TYR L 108 33.53 2.32 13.00
CA TYR L 108 34.61 3.29 12.78
C TYR L 108 34.14 4.31 11.75
N ARG L 109 34.49 4.16 10.47
CA ARG L 109 34.06 5.12 9.47
C ARG L 109 32.65 4.79 8.96
N ALA L 110 31.87 5.83 8.69
CA ALA L 110 30.63 5.71 7.92
C ALA L 110 30.99 5.96 6.45
N GLY L 111 30.00 6.05 5.58
CA GLY L 111 30.22 6.20 4.15
C GLY L 111 29.71 5.06 3.30
N THR L 112 29.53 3.87 3.88
CA THR L 112 29.02 2.76 3.08
C THR L 112 27.53 2.93 2.77
N ARG L 113 26.86 3.99 3.25
CA ARG L 113 25.53 4.27 2.74
C ARG L 113 25.57 4.51 1.23
N PHE L 114 26.69 5.00 0.70
CA PHE L 114 26.84 5.26 -0.72
C PHE L 114 27.43 4.08 -1.48
N GLY L 115 27.69 2.96 -0.80
CA GLY L 115 28.17 1.77 -1.46
C GLY L 115 27.38 1.44 -2.71
N PRO L 116 26.05 1.37 -2.59
CA PRO L 116 25.24 1.05 -3.79
C PRO L 116 25.45 2.02 -4.93
N GLN L 117 25.47 3.32 -4.64
CA GLN L 117 25.63 4.32 -5.70
C GLN L 117 27.00 4.20 -6.36
N GLY L 118 28.06 4.02 -5.57
CA GLY L 118 29.39 3.91 -6.14
C GLY L 118 29.58 2.65 -6.96
N ILE L 119 29.02 1.52 -6.50
CA ILE L 119 29.10 0.30 -7.30
C ILE L 119 28.33 0.46 -8.60
N ARG L 120 27.11 1.00 -8.54
CA ARG L 120 26.36 1.21 -9.78
C ARG L 120 27.14 2.11 -10.75
N LYS L 121 27.72 3.19 -10.23
CA LYS L 121 28.40 4.16 -11.08
C LYS L 121 29.54 3.50 -11.86
N ILE L 122 30.45 2.83 -11.15
CA ILE L 122 31.63 2.27 -11.82
C ILE L 122 31.29 1.04 -12.64
N SER L 123 30.15 0.41 -12.36
CA SER L 123 29.79 -0.78 -13.13
C SER L 123 29.52 -0.45 -14.59
N ALA L 124 29.31 0.83 -14.92
CA ALA L 124 29.12 1.20 -16.33
C ALA L 124 30.36 0.90 -17.17
N LEU L 125 31.53 0.87 -16.55
CA LEU L 125 32.77 0.63 -17.27
C LEU L 125 32.75 -0.71 -17.99
N TYR L 126 32.01 -1.67 -17.44
CA TYR L 126 32.06 -3.05 -17.90
C TYR L 126 31.22 -3.26 -19.16
N GLY L 127 31.68 -4.16 -20.00
CA GLY L 127 30.83 -4.77 -21.00
C GLY L 127 29.96 -5.84 -20.36
N THR L 128 29.29 -6.60 -21.21
CA THR L 128 28.41 -7.67 -20.76
C THR L 128 29.07 -9.04 -20.75
N TYR L 129 30.35 -9.10 -21.11
CA TYR L 129 31.02 -10.32 -21.51
C TYR L 129 32.35 -10.46 -20.79
N SER L 130 32.58 -11.63 -20.19
CA SER L 130 33.84 -11.95 -19.55
C SER L 130 34.68 -12.83 -20.45
N PHE L 131 35.88 -12.38 -20.77
CA PHE L 131 36.77 -13.13 -21.65
C PHE L 131 37.09 -14.50 -21.06
N GLU L 132 37.75 -14.53 -19.91
CA GLU L 132 38.28 -15.80 -19.44
C GLU L 132 37.19 -16.73 -18.90
N LEU L 133 36.05 -16.20 -18.47
CA LEU L 133 34.97 -17.07 -18.04
C LEU L 133 34.09 -17.53 -19.19
N GLY L 134 34.16 -16.88 -20.34
CA GLY L 134 33.43 -17.29 -21.54
C GLY L 134 31.95 -17.12 -21.43
N VAL L 135 31.49 -16.02 -20.81
CA VAL L 135 30.07 -15.80 -20.55
C VAL L 135 29.71 -14.41 -21.03
N ASP L 136 28.56 -14.29 -21.69
CA ASP L 136 27.96 -13.01 -22.05
C ASP L 136 26.64 -12.92 -21.29
N LEU L 137 26.62 -12.17 -20.18
CA LEU L 137 25.42 -12.10 -19.35
C LEU L 137 24.23 -11.60 -20.15
N ARG L 138 24.45 -10.67 -21.09
CA ARG L 138 23.34 -10.13 -21.89
C ARG L 138 22.63 -11.24 -22.66
N GLU L 139 23.35 -12.29 -23.05
CA GLU L 139 22.74 -13.37 -23.81
C GLU L 139 22.15 -14.48 -22.95
N SER L 140 22.59 -14.61 -21.69
N SER L 140 22.58 -14.61 -21.69
CA SER L 140 22.32 -15.80 -20.90
CA SER L 140 22.29 -15.81 -20.92
C SER L 140 21.45 -15.60 -19.67
C SER L 140 21.41 -15.59 -19.70
N VAL L 141 21.29 -14.37 -19.19
CA VAL L 141 20.49 -14.10 -18.01
C VAL L 141 19.83 -12.74 -18.13
N SER L 142 18.63 -12.63 -17.55
CA SER L 142 17.93 -11.37 -17.46
C SER L 142 18.22 -10.74 -16.10
N ILE L 143 18.63 -9.49 -16.10
CA ILE L 143 19.01 -8.79 -14.89
C ILE L 143 18.19 -7.53 -14.80
N CYS L 144 17.70 -7.22 -13.59
CA CYS L 144 17.04 -5.97 -13.32
C CYS L 144 17.62 -5.33 -12.08
N ASP L 145 17.39 -4.02 -11.96
CA ASP L 145 17.81 -3.22 -10.82
C ASP L 145 16.54 -2.60 -10.23
N VAL L 146 16.20 -2.97 -8.99
CA VAL L 146 15.01 -2.47 -8.33
C VAL L 146 15.32 -1.29 -7.41
N GLY L 147 16.51 -0.71 -7.54
CA GLY L 147 16.83 0.45 -6.70
C GLY L 147 17.16 0.03 -5.28
N ASP L 148 16.77 0.88 -4.32
CA ASP L 148 17.24 0.78 -2.95
C ASP L 148 16.11 0.58 -1.96
N ILE L 149 16.43 -0.19 -0.91
CA ILE L 149 15.62 -0.23 0.30
C ILE L 149 15.56 1.17 0.92
N PHE L 150 14.40 1.51 1.44
CA PHE L 150 14.21 2.76 2.18
C PHE L 150 14.75 2.52 3.59
N THR L 151 16.03 2.80 3.78
CA THR L 151 16.70 2.58 5.05
C THR L 151 16.39 3.72 6.01
N ILE L 152 16.66 3.47 7.30
CA ILE L 152 16.29 4.35 8.41
C ILE L 152 17.55 4.71 9.19
N PRO L 153 18.29 5.77 8.81
CA PRO L 153 19.62 5.98 9.40
C PRO L 153 19.62 6.11 10.92
N GLY L 154 18.53 6.59 11.52
CA GLY L 154 18.49 6.81 12.95
C GLY L 154 18.16 5.59 13.79
N ASN L 155 17.93 4.44 13.16
CA ASN L 155 17.41 3.28 13.87
C ASN L 155 17.79 2.02 13.11
N ILE L 156 18.80 1.31 13.61
CA ILE L 156 19.28 0.12 12.95
C ILE L 156 18.22 -0.99 12.95
N GLU L 157 17.39 -1.07 14.00
CA GLU L 157 16.38 -2.12 14.05
C GLU L 157 15.30 -1.89 12.99
N LYS L 158 14.85 -0.64 12.84
CA LYS L 158 13.89 -0.35 11.79
C LYS L 158 14.50 -0.60 10.42
N THR L 159 15.80 -0.29 10.26
CA THR L 159 16.47 -0.57 9.01
C THR L 159 16.49 -2.07 8.74
N PHE L 160 16.83 -2.87 9.75
CA PHE L 160 16.79 -4.33 9.58
C PHE L 160 15.41 -4.78 9.08
N ASP L 161 14.34 -4.24 9.67
CA ASP L 161 12.99 -4.67 9.31
C ASP L 161 12.69 -4.34 7.86
N GLN L 162 13.11 -3.15 7.41
CA GLN L 162 12.95 -2.78 6.00
C GLN L 162 13.74 -3.73 5.11
N VAL L 163 14.99 -4.02 5.48
CA VAL L 163 15.85 -4.85 4.63
C VAL L 163 15.34 -6.28 4.56
N SER L 164 14.97 -6.85 5.69
CA SER L 164 14.41 -8.20 5.67
C SER L 164 13.19 -8.27 4.76
N LYS L 165 12.33 -7.25 4.81
CA LYS L 165 11.09 -7.30 4.04
C LYS L 165 11.38 -7.20 2.54
N GLY L 166 12.27 -6.29 2.17
CA GLY L 166 12.58 -6.13 0.76
C GLY L 166 13.34 -7.30 0.19
N VAL L 167 14.40 -7.74 0.88
CA VAL L 167 15.17 -8.89 0.42
C VAL L 167 14.32 -10.15 0.42
N GLY L 168 13.47 -10.29 1.44
CA GLY L 168 12.56 -11.43 1.52
C GLY L 168 11.65 -11.44 0.32
N HIS L 169 11.08 -10.30 -0.03
CA HIS L 169 10.25 -10.17 -1.22
C HIS L 169 10.99 -10.61 -2.48
N VAL L 170 12.20 -10.08 -2.71
CA VAL L 170 12.94 -10.42 -3.93
C VAL L 170 13.25 -11.91 -3.94
N PHE L 171 13.72 -12.44 -2.82
CA PHE L 171 14.07 -13.85 -2.78
C PHE L 171 12.85 -14.72 -3.06
N ALA L 172 11.71 -14.38 -2.45
CA ALA L 172 10.50 -15.16 -2.62
C ALA L 172 9.98 -15.11 -4.05
N SER L 173 10.34 -14.07 -4.80
CA SER L 173 9.89 -13.92 -6.18
C SER L 173 10.55 -14.90 -7.14
N GLY L 174 11.64 -15.54 -6.74
CA GLY L 174 12.38 -16.45 -7.58
C GLY L 174 13.59 -15.86 -8.25
N ALA L 175 13.73 -14.54 -8.22
CA ALA L 175 14.93 -13.88 -8.71
C ALA L 175 16.08 -14.06 -7.74
N PHE L 176 17.27 -14.23 -8.28
CA PHE L 176 18.50 -14.30 -7.49
C PHE L 176 18.80 -12.91 -6.94
N PRO L 177 18.78 -12.69 -5.63
CA PRO L 177 19.02 -11.34 -5.11
C PRO L 177 20.50 -11.05 -5.00
N VAL L 178 20.90 -9.87 -5.47
CA VAL L 178 22.24 -9.34 -5.25
C VAL L 178 22.04 -8.06 -4.44
N VAL L 179 22.47 -8.07 -3.19
CA VAL L 179 22.29 -6.93 -2.30
C VAL L 179 23.59 -6.13 -2.27
N LEU L 180 23.49 -4.85 -2.62
CA LEU L 180 24.62 -3.93 -2.52
C LEU L 180 24.52 -3.21 -1.17
N GLY L 181 25.49 -3.48 -0.28
CA GLY L 181 25.60 -2.77 0.98
C GLY L 181 26.33 -1.44 0.81
N GLY L 182 26.36 -0.64 1.87
CA GLY L 182 25.81 -0.91 3.18
C GLY L 182 26.71 -1.73 4.09
N ASP L 183 26.67 -1.51 5.40
CA ASP L 183 27.58 -2.19 6.35
C ASP L 183 27.12 -3.63 6.61
N HIS L 184 27.98 -4.41 7.22
CA HIS L 184 27.74 -5.86 7.38
C HIS L 184 26.66 -6.19 8.41
N SER L 185 26.20 -5.23 9.18
CA SER L 185 25.06 -5.43 10.12
C SER L 185 23.90 -5.97 9.30
N LEU L 186 23.82 -5.55 8.05
CA LEU L 186 22.68 -5.90 7.16
C LEU L 186 22.70 -7.39 6.84
N GLY L 187 23.81 -8.09 6.98
CA GLY L 187 23.86 -9.55 6.78
C GLY L 187 22.86 -10.26 7.66
N PHE L 188 22.65 -9.80 8.88
CA PHE L 188 21.59 -10.35 9.73
C PHE L 188 20.22 -10.19 9.07
N ALA L 189 19.93 -8.99 8.58
CA ALA L 189 18.61 -8.69 8.06
C ALA L 189 18.35 -9.40 6.74
N THR L 190 19.39 -9.56 5.91
CA THR L 190 19.20 -10.22 4.62
C THR L 190 18.96 -11.71 4.84
N VAL L 191 19.79 -12.33 5.68
CA VAL L 191 19.61 -13.75 5.97
C VAL L 191 18.28 -13.99 6.66
N ARG L 192 17.87 -13.14 7.59
CA ARG L 192 16.59 -13.31 8.33
C ARG L 192 15.44 -13.34 7.31
N GLY L 193 15.49 -12.47 6.31
CA GLY L 193 14.43 -12.40 5.30
C GLY L 193 14.42 -13.64 4.42
N VAL L 194 15.59 -14.12 4.01
CA VAL L 194 15.69 -15.30 3.11
C VAL L 194 15.23 -16.52 3.88
N ALA L 195 15.70 -16.70 5.10
CA ALA L 195 15.37 -17.88 5.93
C ALA L 195 13.87 -17.98 6.16
N GLN L 196 13.17 -16.85 6.15
CA GLN L 196 11.70 -16.81 6.29
C GLN L 196 11.01 -17.44 5.07
N HIS L 197 11.71 -17.64 3.96
CA HIS L 197 11.07 -18.12 2.71
C HIS L 197 11.71 -19.43 2.24
N LEU L 198 12.23 -20.22 3.17
CA LEU L 198 12.88 -21.51 2.84
C LEU L 198 11.98 -22.68 3.26
N ASN L 199 10.77 -22.40 3.75
CA ASN L 199 9.84 -23.44 4.19
C ASN L 199 10.52 -24.40 5.17
N GLY L 200 11.21 -23.82 6.16
CA GLY L 200 11.82 -24.59 7.25
C GLY L 200 13.16 -25.21 6.89
N LYS L 201 13.51 -25.21 5.61
CA LYS L 201 14.80 -25.77 5.14
C LYS L 201 15.93 -24.90 5.67
N LYS L 202 17.13 -25.44 5.78
CA LYS L 202 18.25 -24.77 6.45
C LYS L 202 19.09 -23.94 5.48
N LEU L 203 19.78 -22.95 6.03
CA LEU L 203 20.57 -22.00 5.26
C LEU L 203 21.98 -21.95 5.81
N GLY L 204 22.95 -22.32 4.96
CA GLY L 204 24.35 -22.10 5.29
C GLY L 204 24.82 -20.75 4.78
N ILE L 205 26.01 -20.36 5.24
CA ILE L 205 26.55 -19.03 4.96
C ILE L 205 28.03 -19.16 4.66
N LEU L 206 28.47 -18.63 3.51
CA LEU L 206 29.90 -18.51 3.19
C LEU L 206 30.22 -17.04 3.45
N HIS L 207 31.02 -16.72 4.45
CA HIS L 207 31.23 -15.34 4.88
C HIS L 207 32.67 -14.91 4.65
N PHE L 208 32.96 -14.07 3.66
CA PHE L 208 34.31 -13.56 3.35
C PHE L 208 34.55 -12.28 4.15
N ASP L 209 35.54 -12.31 5.03
CA ASP L 209 35.75 -11.19 5.95
C ASP L 209 37.01 -11.38 6.77
N ARG L 210 37.58 -10.29 7.25
CA ARG L 210 38.71 -10.36 8.21
C ARG L 210 38.08 -10.39 9.60
N HIS L 211 36.82 -9.96 9.73
CA HIS L 211 36.17 -9.81 11.06
C HIS L 211 35.11 -10.89 11.26
N VAL L 212 35.04 -11.44 12.47
CA VAL L 212 34.15 -12.58 12.82
C VAL L 212 32.69 -12.15 12.84
N ASP L 213 32.37 -10.91 13.19
CA ASP L 213 30.99 -10.37 13.10
C ASP L 213 30.04 -11.29 13.86
N THR L 214 30.49 -11.84 14.98
CA THR L 214 29.68 -12.82 15.74
C THR L 214 29.48 -12.49 17.23
N GLN L 215 29.53 -11.23 17.62
CA GLN L 215 29.25 -10.86 19.02
C GLN L 215 27.81 -10.36 19.15
N ASP L 216 27.35 -10.26 20.40
CA ASP L 216 25.94 -9.96 20.65
C ASP L 216 25.59 -8.49 20.39
N THR L 217 26.26 -7.58 21.08
CA THR L 217 26.04 -6.16 20.84
C THR L 217 27.38 -5.41 20.78
N ASP L 218 27.31 -4.20 20.24
CA ASP L 218 28.46 -3.32 20.09
C ASP L 218 27.91 -1.89 20.15
N LEU L 219 28.44 -1.08 21.05
CA LEU L 219 27.90 0.26 21.30
C LEU L 219 26.39 0.19 21.52
N ASP L 220 25.96 -0.85 22.22
CA ASP L 220 24.58 -1.08 22.69
C ASP L 220 23.59 -1.47 21.59
N GLU L 221 24.05 -1.83 20.41
CA GLU L 221 23.14 -2.16 19.31
C GLU L 221 23.73 -3.33 18.53
N ARG L 222 22.91 -3.86 17.62
CA ARG L 222 23.28 -5.03 16.82
C ARG L 222 24.02 -4.56 15.56
N MET L 223 25.24 -4.08 15.78
CA MET L 223 26.04 -3.40 14.77
C MET L 223 26.74 -4.41 13.86
N HIS L 224 27.64 -3.95 12.97
CA HIS L 224 28.25 -4.82 11.93
C HIS L 224 29.15 -5.90 12.52
N THR L 225 29.47 -5.78 13.80
CA THR L 225 30.23 -6.83 14.46
C THR L 225 29.33 -7.92 15.04
N THR L 226 28.02 -7.85 14.86
CA THR L 226 27.06 -8.78 15.50
C THR L 226 26.11 -9.55 14.58
N PRO L 227 26.11 -9.38 13.25
CA PRO L 227 25.06 -9.95 12.40
C PRO L 227 24.89 -11.46 12.49
N TRP L 228 25.98 -12.20 12.59
CA TRP L 228 25.94 -13.67 12.57
C TRP L 228 25.64 -14.23 13.96
N PHE L 229 25.78 -13.48 15.03
CA PHE L 229 25.33 -13.92 16.37
C PHE L 229 23.81 -14.04 16.29
N HIS L 230 23.16 -13.03 15.75
CA HIS L 230 21.71 -12.99 15.67
C HIS L 230 21.16 -13.80 14.51
N ALA L 231 21.91 -13.93 13.41
CA ALA L 231 21.42 -14.75 12.31
C ALA L 231 21.41 -16.22 12.70
N THR L 232 22.44 -16.69 13.39
CA THR L 232 22.50 -18.10 13.76
C THR L 232 21.64 -18.43 14.97
N ASN L 233 21.02 -17.42 15.63
CA ASN L 233 19.93 -17.68 16.55
C ASN L 233 18.64 -18.10 15.83
N ILE L 234 18.53 -17.82 14.53
CA ILE L 234 17.32 -18.22 13.80
C ILE L 234 17.28 -19.74 13.69
N PRO L 235 16.14 -20.38 13.91
CA PRO L 235 16.13 -21.85 14.02
C PRO L 235 16.69 -22.59 12.81
N ASN L 236 16.47 -22.08 11.59
CA ASN L 236 16.91 -22.78 10.39
C ASN L 236 18.19 -22.15 9.78
N VAL L 237 18.98 -21.47 10.60
CA VAL L 237 20.30 -20.95 10.20
C VAL L 237 21.34 -21.55 11.14
N PRO L 238 21.86 -22.74 10.80
CA PRO L 238 22.85 -23.40 11.65
C PRO L 238 24.24 -22.77 11.64
N ALA L 239 24.75 -22.43 12.81
CA ALA L 239 26.08 -21.82 12.97
C ALA L 239 27.18 -22.76 12.46
N LYS L 240 26.92 -24.06 12.51
CA LYS L 240 27.91 -25.06 12.04
C LYS L 240 28.09 -24.95 10.53
N ASN L 241 27.15 -24.34 9.82
CA ASN L 241 27.22 -24.14 8.35
C ASN L 241 27.69 -22.71 8.05
N LEU L 242 28.10 -21.96 9.07
CA LEU L 242 28.69 -20.60 8.89
C LEU L 242 30.19 -20.78 8.71
N VAL L 243 30.68 -20.57 7.49
CA VAL L 243 32.10 -20.73 7.16
C VAL L 243 32.68 -19.34 6.99
N GLN L 244 33.67 -19.01 7.82
CA GLN L 244 34.22 -17.66 7.92
C GLN L 244 35.61 -17.67 7.30
N ILE L 245 35.73 -17.04 6.14
CA ILE L 245 36.90 -17.17 5.27
C ILE L 245 37.65 -15.84 5.30
N GLY L 246 38.85 -15.85 5.87
CA GLY L 246 39.73 -14.69 5.88
C GLY L 246 39.96 -14.05 7.22
N ILE L 247 39.40 -14.59 8.29
CA ILE L 247 39.47 -13.94 9.63
C ILE L 247 40.93 -13.67 10.01
N GLY L 248 41.20 -12.45 10.47
CA GLY L 248 42.53 -12.14 10.98
C GLY L 248 42.69 -10.66 11.26
N GLY L 249 43.88 -10.32 11.74
CA GLY L 249 44.20 -8.93 12.01
C GLY L 249 43.92 -8.50 13.42
N TRP L 250 43.66 -7.21 13.63
CA TRP L 250 43.49 -6.65 14.97
C TRP L 250 42.08 -6.15 15.21
N GLN L 251 41.13 -6.51 14.36
CA GLN L 251 39.73 -6.05 14.47
C GLN L 251 38.73 -7.21 14.55
N ALA L 252 39.16 -8.41 14.92
CA ALA L 252 38.24 -9.55 15.18
C ALA L 252 38.03 -9.55 16.68
N PRO L 253 36.94 -8.98 17.22
CA PRO L 253 36.82 -8.77 18.67
C PRO L 253 36.72 -10.08 19.44
N ARG L 254 37.28 -10.05 20.64
CA ARG L 254 37.28 -11.25 21.48
C ARG L 254 35.89 -11.78 21.78
N PRO L 255 34.89 -10.96 22.10
CA PRO L 255 33.54 -11.53 22.34
C PRO L 255 32.98 -12.21 21.10
N GLY L 256 33.34 -11.74 19.90
CA GLY L 256 32.92 -12.44 18.69
C GLY L 256 33.63 -13.77 18.52
N VAL L 257 34.90 -13.83 18.90
CA VAL L 257 35.62 -15.09 18.77
C VAL L 257 35.04 -16.11 19.73
N LYS L 258 34.75 -15.68 20.96
CA LYS L 258 34.18 -16.58 21.96
C LYS L 258 32.85 -17.13 21.49
N ALA L 259 31.95 -16.27 21.02
CA ALA L 259 30.62 -16.73 20.65
C ALA L 259 30.67 -17.67 19.45
N GLY L 260 31.56 -17.40 18.48
CA GLY L 260 31.70 -18.29 17.36
C GLY L 260 32.28 -19.64 17.76
N ARG L 261 33.18 -19.65 18.74
CA ARG L 261 33.70 -20.92 19.26
C ARG L 261 32.57 -21.73 19.90
N GLU L 262 31.75 -21.08 20.72
CA GLU L 262 30.66 -21.77 21.43
C GLU L 262 29.67 -22.36 20.44
N ARG L 263 29.40 -21.67 19.33
CA ARG L 263 28.39 -22.07 18.32
C ARG L 263 29.00 -22.97 17.24
N GLN L 264 30.31 -23.17 17.26
CA GLN L 264 31.00 -24.12 16.35
C GLN L 264 30.97 -23.63 14.91
N THR L 265 31.23 -22.35 14.68
CA THR L 265 31.41 -21.84 13.31
C THR L 265 32.76 -22.35 12.83
N THR L 266 33.02 -22.37 11.53
CA THR L 266 34.30 -22.74 10.97
C THR L 266 35.04 -21.49 10.51
N ILE L 267 36.32 -21.40 10.86
CA ILE L 267 37.16 -20.26 10.50
C ILE L 267 38.41 -20.76 9.78
N MET L 268 38.73 -20.13 8.67
CA MET L 268 39.98 -20.33 7.94
C MET L 268 40.57 -18.96 7.71
N THR L 269 41.80 -18.73 8.19
CA THR L 269 42.42 -17.43 8.01
C THR L 269 42.91 -17.29 6.56
N VAL L 270 43.31 -16.07 6.19
CA VAL L 270 43.93 -15.86 4.89
C VAL L 270 45.13 -16.78 4.71
N THR L 271 46.02 -16.79 5.69
CA THR L 271 47.21 -17.66 5.61
C THR L 271 46.81 -19.12 5.50
N ASP L 272 45.80 -19.56 6.27
CA ASP L 272 45.32 -20.94 6.11
C ASP L 272 44.98 -21.23 4.65
N CYS L 273 44.28 -20.33 3.99
CA CYS L 273 43.77 -20.59 2.62
C CYS L 273 44.91 -20.61 1.60
N VAL L 274 45.79 -19.63 1.66
CA VAL L 274 46.90 -19.53 0.67
C VAL L 274 47.88 -20.70 0.87
N GLU L 275 48.19 -21.05 2.11
CA GLU L 275 49.12 -22.16 2.42
C GLU L 275 48.54 -23.47 1.90
N MET L 276 47.26 -23.74 2.11
CA MET L 276 46.72 -25.02 1.67
C MET L 276 46.46 -25.05 0.17
N GLY L 277 46.38 -23.88 -0.46
CA GLY L 277 46.01 -23.78 -1.86
C GLY L 277 44.57 -23.34 -1.99
N ILE L 278 44.31 -22.33 -2.83
CA ILE L 278 42.96 -21.77 -2.91
C ILE L 278 41.96 -22.83 -3.36
N GLU L 279 42.35 -23.67 -4.32
CA GLU L 279 41.43 -24.71 -4.77
C GLU L 279 41.09 -25.69 -3.65
N ASN L 280 42.09 -26.07 -2.85
CA ASN L 280 41.82 -26.94 -1.72
C ASN L 280 40.99 -26.22 -0.65
N ALA L 281 41.26 -24.93 -0.44
CA ALA L 281 40.49 -24.16 0.52
C ALA L 281 39.02 -24.06 0.13
N ALA L 282 38.76 -23.85 -1.16
CA ALA L 282 37.38 -23.73 -1.63
C ALA L 282 36.64 -25.06 -1.46
N LYS L 283 37.30 -26.18 -1.72
CA LYS L 283 36.67 -27.48 -1.50
C LYS L 283 36.26 -27.67 -0.04
N GLN L 284 37.17 -27.34 0.87
CA GLN L 284 36.91 -27.46 2.29
C GLN L 284 35.74 -26.55 2.72
N ALA L 285 35.75 -25.30 2.27
CA ALA L 285 34.70 -24.36 2.65
C ALA L 285 33.34 -24.80 2.11
N LEU L 286 33.29 -25.24 0.85
CA LEU L 286 32.04 -25.76 0.31
C LEU L 286 31.51 -26.94 1.11
N GLU L 287 32.39 -27.89 1.44
CA GLU L 287 31.93 -29.10 2.12
C GLU L 287 31.31 -28.76 3.47
N VAL L 288 31.88 -27.80 4.19
CA VAL L 288 31.33 -27.40 5.51
C VAL L 288 30.04 -26.63 5.30
N ALA L 289 30.03 -25.65 4.40
CA ALA L 289 28.85 -24.78 4.28
C ALA L 289 27.62 -25.54 3.79
N PHE L 290 27.81 -26.53 2.92
CA PHE L 290 26.71 -27.26 2.32
C PHE L 290 26.41 -28.57 3.04
N ASP L 291 27.10 -28.86 4.14
CA ASP L 291 26.95 -30.13 4.83
C ASP L 291 25.54 -30.23 5.43
N GLY L 292 24.67 -31.01 4.78
CA GLY L 292 23.33 -31.19 5.26
C GLY L 292 22.39 -30.05 4.96
N VAL L 293 22.75 -29.15 4.06
CA VAL L 293 21.91 -28.03 3.69
C VAL L 293 22.05 -27.80 2.19
N ASP L 294 20.96 -27.36 1.56
CA ASP L 294 20.97 -27.10 0.13
C ASP L 294 21.16 -25.62 -0.19
N ALA L 295 20.58 -24.73 0.61
CA ALA L 295 20.66 -23.31 0.33
C ALA L 295 21.82 -22.70 1.10
N VAL L 296 22.64 -21.91 0.40
CA VAL L 296 23.78 -21.24 1.00
C VAL L 296 23.81 -19.80 0.51
N TRP L 297 24.00 -18.87 1.43
CA TRP L 297 24.05 -17.44 1.15
C TRP L 297 25.50 -17.00 1.16
N LEU L 298 25.86 -16.18 0.17
CA LEU L 298 27.21 -15.65 0.05
C LEU L 298 27.24 -14.21 0.59
N SER L 299 28.02 -14.00 1.65
CA SER L 299 28.17 -12.67 2.29
C SER L 299 29.61 -12.20 2.14
N PHE L 300 29.84 -11.25 1.25
CA PHE L 300 31.19 -10.84 0.88
C PHE L 300 31.47 -9.43 1.38
N ASP L 301 32.43 -9.32 2.29
CA ASP L 301 32.91 -8.02 2.81
C ASP L 301 34.15 -7.69 1.98
N VAL L 302 34.15 -6.53 1.33
CA VAL L 302 35.30 -6.08 0.50
C VAL L 302 36.55 -6.00 1.37
N ASP L 303 36.40 -5.88 2.68
CA ASP L 303 37.53 -5.75 3.61
C ASP L 303 38.41 -7.02 3.63
N CYS L 304 37.91 -8.13 3.11
CA CYS L 304 38.68 -9.41 3.11
C CYS L 304 39.87 -9.23 2.15
N LEU L 305 39.79 -8.29 1.22
CA LEU L 305 40.95 -7.96 0.35
C LEU L 305 41.93 -7.11 1.15
N ASP L 306 43.20 -7.27 0.88
CA ASP L 306 44.18 -6.35 1.46
C ASP L 306 43.78 -4.90 1.22
N ALA L 307 44.03 -4.07 2.24
CA ALA L 307 43.59 -2.68 2.26
C ALA L 307 43.89 -1.96 0.96
N ALA L 308 45.07 -2.21 0.37
CA ALA L 308 45.48 -1.47 -0.82
C ALA L 308 44.53 -1.67 -2.00
N PHE L 309 43.85 -2.81 -2.08
CA PHE L 309 42.90 -3.05 -3.14
C PHE L 309 41.50 -2.54 -2.81
N VAL L 310 41.23 -2.26 -1.55
CA VAL L 310 39.88 -1.82 -1.11
C VAL L 310 40.06 -0.65 -0.12
N PRO L 311 40.69 0.46 -0.53
CA PRO L 311 40.84 1.57 0.43
C PRO L 311 39.51 2.14 0.86
N GLY L 312 38.47 2.02 0.03
CA GLY L 312 37.21 2.62 0.34
C GLY L 312 36.35 1.72 1.20
N THR L 313 36.75 1.56 2.45
CA THR L 313 36.05 0.66 3.40
C THR L 313 36.21 1.23 4.79
N GLY L 314 35.27 0.97 5.68
CA GLY L 314 35.30 1.56 7.02
C GLY L 314 36.25 0.86 7.97
N TRP L 315 36.69 -0.36 7.66
CA TRP L 315 37.55 -1.16 8.57
C TRP L 315 38.61 -1.92 7.77
N PRO L 316 39.51 -1.19 7.09
CA PRO L 316 40.55 -1.82 6.31
C PRO L 316 41.59 -2.55 7.17
N GLU L 317 42.23 -3.56 6.60
CA GLU L 317 43.24 -4.35 7.33
C GLU L 317 44.31 -4.82 6.35
N PRO L 318 45.60 -4.67 6.69
CA PRO L 318 46.64 -5.29 5.86
C PRO L 318 46.62 -6.82 6.01
N GLY L 319 47.26 -7.49 5.04
CA GLY L 319 47.41 -8.92 5.13
C GLY L 319 46.23 -9.73 4.63
N GLY L 320 45.31 -9.12 3.89
CA GLY L 320 44.18 -9.84 3.35
C GLY L 320 44.50 -10.56 2.06
N PHE L 321 43.44 -10.99 1.40
CA PHE L 321 43.58 -11.68 0.12
C PHE L 321 44.06 -10.71 -0.96
N LEU L 322 44.79 -11.26 -1.93
CA LEU L 322 45.02 -10.58 -3.18
C LEU L 322 43.88 -10.88 -4.14
N PRO L 323 43.64 -10.02 -5.13
CA PRO L 323 42.47 -10.20 -6.00
C PRO L 323 42.38 -11.55 -6.70
N ARG L 324 43.47 -12.01 -7.31
CA ARG L 324 43.39 -13.28 -8.02
C ARG L 324 43.10 -14.44 -7.06
N GLU L 325 43.51 -14.33 -5.81
CA GLU L 325 43.22 -15.38 -4.84
C GLU L 325 41.72 -15.44 -4.55
N VAL L 326 41.12 -14.31 -4.20
CA VAL L 326 39.72 -14.36 -3.81
C VAL L 326 38.82 -14.57 -5.04
N LEU L 327 39.22 -14.07 -6.21
CA LEU L 327 38.40 -14.29 -7.39
C LEU L 327 38.38 -15.76 -7.80
N LYS L 328 39.53 -16.45 -7.67
CA LYS L 328 39.55 -17.90 -7.92
C LYS L 328 38.67 -18.64 -6.90
N PHE L 329 38.80 -18.26 -5.62
CA PHE L 329 37.97 -18.84 -4.57
C PHE L 329 36.49 -18.71 -4.93
N LEU L 330 36.07 -17.49 -5.26
CA LEU L 330 34.67 -17.26 -5.60
C LEU L 330 34.24 -18.02 -6.85
N GLN L 331 35.11 -18.09 -7.85
CA GLN L 331 34.76 -18.77 -9.09
C GLN L 331 34.52 -20.25 -8.85
N ILE L 332 35.36 -20.87 -8.03
CA ILE L 332 35.19 -22.29 -7.75
C ILE L 332 33.89 -22.52 -7.00
N ILE L 333 33.63 -21.68 -5.99
CA ILE L 333 32.37 -21.79 -5.24
C ILE L 333 31.18 -21.69 -6.20
N ALA L 334 31.16 -20.65 -7.04
CA ALA L 334 30.00 -20.34 -7.85
C ALA L 334 29.88 -21.25 -9.08
N ASP L 335 30.95 -21.96 -9.44
CA ASP L 335 30.85 -22.99 -10.46
C ASP L 335 30.31 -24.30 -9.88
N THR L 336 30.67 -24.61 -8.63
CA THR L 336 30.41 -25.92 -8.06
C THR L 336 29.00 -26.06 -7.52
N LYS L 337 28.45 -25.01 -6.92
CA LYS L 337 27.18 -25.11 -6.22
C LYS L 337 26.29 -23.94 -6.58
N PRO L 338 24.96 -24.13 -6.53
CA PRO L 338 24.06 -22.98 -6.60
C PRO L 338 24.12 -22.19 -5.31
N LEU L 339 23.88 -20.89 -5.43
CA LEU L 339 23.78 -19.99 -4.28
C LEU L 339 22.36 -19.46 -4.18
N ALA L 340 21.91 -19.24 -2.94
CA ALA L 340 20.59 -18.65 -2.71
C ALA L 340 20.57 -17.17 -3.04
N GLY L 341 21.73 -16.54 -3.02
CA GLY L 341 21.85 -15.11 -3.24
C GLY L 341 23.18 -14.65 -2.71
N MET L 342 23.40 -13.34 -2.78
CA MET L 342 24.64 -12.78 -2.32
C MET L 342 24.45 -11.34 -1.91
N GLU L 343 25.32 -10.88 -1.02
CA GLU L 343 25.44 -9.48 -0.64
C GLU L 343 26.91 -9.12 -0.70
N ILE L 344 27.20 -7.89 -1.09
CA ILE L 344 28.55 -7.35 -1.07
C ILE L 344 28.50 -6.08 -0.26
N VAL L 345 29.20 -6.10 0.87
CA VAL L 345 29.07 -5.02 1.88
C VAL L 345 30.36 -4.28 2.21
N GLU L 346 30.21 -3.11 2.81
CA GLU L 346 31.31 -2.28 3.37
C GLU L 346 32.01 -1.42 2.31
N CYS L 347 31.55 -1.40 1.06
CA CYS L 347 32.15 -0.45 0.13
C CYS L 347 31.76 0.96 0.58
N ALA L 348 32.77 1.83 0.79
CA ALA L 348 32.55 3.20 1.24
C ALA L 348 33.16 4.19 0.27
N PRO L 349 32.38 4.70 -0.69
CA PRO L 349 32.94 5.55 -1.76
C PRO L 349 33.65 6.80 -1.26
N PRO L 350 33.24 7.43 -0.15
CA PRO L 350 33.96 8.63 0.28
C PRO L 350 35.44 8.40 0.62
N TYR L 351 35.84 7.15 0.89
CA TYR L 351 37.25 6.80 1.18
C TYR L 351 37.90 6.05 0.03
N ASP L 352 37.28 6.15 -1.17
N ASP L 352 37.24 6.05 -1.11
CA ASP L 352 37.75 5.43 -2.39
CA ASP L 352 37.74 5.19 -2.21
C ASP L 352 37.89 6.40 -3.57
C ASP L 352 38.72 5.96 -3.08
N ALA L 353 38.93 7.23 -3.61
N ALA L 353 39.79 5.30 -3.49
CA ALA L 353 39.06 8.29 -4.67
CA ALA L 353 40.82 5.91 -4.35
C ALA L 353 39.06 7.76 -6.11
C ALA L 353 40.49 5.57 -5.80
N ALA L 354 39.74 6.66 -6.46
N ALA L 354 39.88 6.49 -6.56
CA ALA L 354 39.84 6.17 -7.87
CA ALA L 354 39.67 6.25 -7.99
C ALA L 354 38.76 5.11 -8.14
C ALA L 354 38.70 5.11 -8.23
N GLU L 355 37.85 4.91 -7.21
CA GLU L 355 36.75 3.96 -7.34
C GLU L 355 37.19 2.50 -7.47
N ILE L 356 38.42 2.17 -7.06
CA ILE L 356 38.86 0.78 -7.23
C ILE L 356 38.16 -0.18 -6.27
N THR L 357 37.62 0.31 -5.16
CA THR L 357 36.90 -0.57 -4.26
C THR L 357 35.55 -0.93 -4.83
N SER L 358 34.81 0.05 -5.33
CA SER L 358 33.57 -0.24 -6.03
C SER L 358 33.82 -1.08 -7.27
N LEU L 359 34.97 -0.89 -7.91
CA LEU L 359 35.35 -1.73 -9.05
C LEU L 359 35.49 -3.18 -8.63
N MET L 360 36.22 -3.40 -7.53
CA MET L 360 36.36 -4.77 -7.02
C MET L 360 35.00 -5.40 -6.71
N ALA L 361 34.10 -4.64 -6.10
CA ALA L 361 32.79 -5.19 -5.73
C ALA L 361 31.99 -5.55 -6.98
N THR L 362 32.04 -4.71 -8.01
CA THR L 362 31.40 -5.03 -9.27
C THR L 362 31.98 -6.30 -9.87
N ARG L 363 33.30 -6.43 -9.82
CA ARG L 363 33.96 -7.60 -10.40
C ARG L 363 33.53 -8.87 -9.69
N VAL L 364 33.49 -8.84 -8.35
CA VAL L 364 33.02 -10.00 -7.59
C VAL L 364 31.61 -10.39 -8.02
N ILE L 365 30.70 -9.42 -8.09
CA ILE L 365 29.33 -9.73 -8.50
C ILE L 365 29.31 -10.39 -9.87
N CYS L 366 30.02 -9.80 -10.83
CA CYS L 366 29.90 -10.29 -12.20
C CYS L 366 30.53 -11.66 -12.37
N ASP L 367 31.67 -11.90 -11.71
CA ASP L 367 32.26 -13.24 -11.77
C ASP L 367 31.36 -14.29 -11.14
N VAL L 368 30.73 -13.96 -10.00
CA VAL L 368 29.85 -14.92 -9.35
C VAL L 368 28.66 -15.23 -10.24
N LEU L 369 28.04 -14.18 -10.81
CA LEU L 369 26.92 -14.41 -11.73
C LEU L 369 27.32 -15.24 -12.92
N ALA L 370 28.48 -14.94 -13.51
CA ALA L 370 28.91 -15.64 -14.71
C ALA L 370 29.15 -17.10 -14.43
N CYS L 371 29.75 -17.42 -13.30
CA CYS L 371 30.00 -18.82 -12.96
C CYS L 371 28.70 -19.55 -12.63
N GLN L 372 27.77 -18.88 -11.95
CA GLN L 372 26.46 -19.48 -11.73
C GLN L 372 25.78 -19.82 -13.05
N VAL L 373 25.91 -18.93 -14.03
CA VAL L 373 25.26 -19.13 -15.33
C VAL L 373 25.90 -20.28 -16.10
N ARG L 374 27.22 -20.23 -16.25
CA ARG L 374 27.89 -21.20 -17.11
C ARG L 374 27.86 -22.60 -16.51
N SER L 375 27.63 -22.71 -15.21
CA SER L 375 27.56 -24.00 -14.54
C SER L 375 26.13 -24.47 -14.32
N GLY L 376 25.15 -23.75 -14.87
CA GLY L 376 23.78 -24.21 -14.88
C GLY L 376 22.97 -23.91 -13.62
N HIS L 377 23.48 -23.06 -12.75
CA HIS L 377 22.80 -22.73 -11.52
C HIS L 377 21.87 -21.53 -11.65
N LEU L 378 21.95 -20.80 -12.76
CA LEU L 378 21.23 -19.55 -12.96
C LEU L 378 21.03 -19.37 -14.45
N GLY L 379 19.89 -18.82 -14.84
CA GLY L 379 19.58 -18.61 -16.23
C GLY L 379 19.31 -19.87 -17.02
N ASN L 380 19.09 -21.00 -16.36
CA ASN L 380 18.65 -22.22 -17.04
C ASN L 380 17.14 -22.20 -17.20
#